data_4EJ0
#
_entry.id   4EJ0
#
_cell.length_a   158.317
_cell.length_b   160.923
_cell.length_c   169.628
_cell.angle_alpha   90.00
_cell.angle_beta   90.00
_cell.angle_gamma   90.00
#
_symmetry.space_group_name_H-M   'P 21 21 21'
#
loop_
_entity.id
_entity.type
_entity.pdbx_description
1 polymer ADP-L-glycero-D-manno-heptose-6-epimerase
2 non-polymer 'NADP NICOTINAMIDE-ADENINE-DINUCLEOTIDE PHOSPHATE'
3 water water
#
_entity_poly.entity_id   1
_entity_poly.type   'polypeptide(L)'
_entity_poly.pdbx_seq_one_letter_code
;MHHHHHHGGGGGMTLIVTGAAGFIGANLVKALNERGETRIIAVDNLTRADKFKNLVDCEIDDYLDKTEFVERFARGDFGK
VRAVFHEGACSDTMETDGRYMMDNNFRYSRAVLDACLAQGAQFLYASSAAIYGGSSRFVEEREVEAPLNVYGYSKFLFDQ
VIRRVMPGAKSQIAGFRYFNVYGPRESHKGRMASVAFHNFNQFRAEGKVKLFGEYSGYGPGEQTRDFVSVEDVAKVNLYF
FDHPEKSGIFNLGTGRAQPFNDIAATVVNTLRALEGQPALTLAEQVEQGLVEYVPFPDALRGKYQCFTQADQTKLRAAGY
DAPFLTVQEGVDRYVRWLFGQL
;
_entity_poly.pdbx_strand_id   A,B,C,D,E,F,G,H,I,J
#
# COMPACT_ATOMS: atom_id res chain seq x y z
N MET A 13 20.91 55.31 18.74
CA MET A 13 20.13 54.64 19.79
C MET A 13 19.42 53.37 19.31
N THR A 14 19.14 53.26 18.01
CA THR A 14 18.54 52.03 17.46
C THR A 14 19.53 50.86 17.35
N LEU A 15 19.16 49.69 17.86
CA LEU A 15 20.01 48.51 17.76
C LEU A 15 19.34 47.39 16.95
N ILE A 16 20.12 46.62 16.21
CA ILE A 16 19.54 45.49 15.48
C ILE A 16 20.12 44.16 15.94
N VAL A 17 19.25 43.21 16.27
CA VAL A 17 19.73 41.87 16.63
C VAL A 17 19.11 40.85 15.70
N THR A 18 19.93 40.23 14.85
CA THR A 18 19.47 39.17 13.97
C THR A 18 19.68 37.88 14.73
N GLY A 19 18.82 36.88 14.51
CA GLY A 19 18.81 35.68 15.34
C GLY A 19 18.16 35.98 16.68
N ALA A 20 17.33 37.02 16.70
CA ALA A 20 16.79 37.58 17.94
C ALA A 20 15.85 36.66 18.70
N ALA A 21 15.15 35.77 18.00
CA ALA A 21 14.26 34.81 18.64
C ALA A 21 15.01 33.53 18.98
N GLY A 22 16.27 33.45 18.53
CA GLY A 22 17.13 32.31 18.81
C GLY A 22 17.77 32.33 20.20
N PHE A 23 18.57 31.31 20.50
CA PHE A 23 19.18 31.12 21.82
C PHE A 23 20.05 32.31 22.27
N ILE A 24 21.11 32.59 21.51
CA ILE A 24 22.07 33.62 21.85
C ILE A 24 21.49 35.02 21.63
N GLY A 25 20.78 35.24 20.53
CA GLY A 25 20.20 36.54 20.24
C GLY A 25 19.21 37.06 21.27
N ALA A 26 18.36 36.17 21.77
CA ALA A 26 17.34 36.56 22.75
C ALA A 26 18.03 36.95 24.06
N ASN A 27 19.13 36.26 24.37
CA ASN A 27 19.93 36.62 25.53
C ASN A 27 20.56 38.01 25.37
N LEU A 28 21.07 38.30 24.17
CA LEU A 28 21.55 39.64 23.87
C LEU A 28 20.41 40.65 24.05
N VAL A 29 19.26 40.36 23.46
CA VAL A 29 18.10 41.22 23.62
C VAL A 29 17.73 41.47 25.09
N LYS A 30 17.64 40.40 25.87
CA LYS A 30 17.29 40.52 27.29
C LYS A 30 18.34 41.32 28.06
N ALA A 31 19.61 41.12 27.70
CA ALA A 31 20.70 41.82 28.36
C ALA A 31 20.74 43.31 27.96
N LEU A 32 20.56 43.61 26.68
CA LEU A 32 20.42 45.01 26.22
C LEU A 32 19.27 45.68 26.95
N ASN A 33 18.16 44.95 27.12
CA ASN A 33 17.05 45.47 27.90
C ASN A 33 17.44 45.77 29.35
N GLU A 34 18.26 44.92 29.96
CA GLU A 34 18.57 45.08 31.38
C GLU A 34 19.44 46.31 31.67
N ARG A 35 20.16 46.77 30.65
CA ARG A 35 20.90 48.03 30.79
C ARG A 35 20.13 49.19 30.15
N GLY A 36 18.83 49.02 29.98
CA GLY A 36 18.00 50.10 29.47
C GLY A 36 17.91 50.31 27.97
N GLU A 37 18.65 49.53 27.17
CA GLU A 37 18.55 49.63 25.72
C GLU A 37 17.33 48.85 25.22
N THR A 38 16.36 49.55 24.63
CA THR A 38 15.10 48.93 24.21
C THR A 38 14.69 49.23 22.78
N ARG A 39 15.41 50.13 22.11
CA ARG A 39 15.10 50.50 20.73
C ARG A 39 15.67 49.47 19.74
N ILE A 40 15.16 48.25 19.83
CA ILE A 40 15.76 47.10 19.16
C ILE A 40 14.92 46.58 18.01
N ILE A 41 15.56 46.35 16.87
CA ILE A 41 14.93 45.69 15.73
C ILE A 41 15.30 44.23 15.71
N ALA A 42 14.29 43.37 15.84
CA ALA A 42 14.49 41.93 15.95
C ALA A 42 14.28 41.20 14.61
N VAL A 43 15.27 40.41 14.22
CA VAL A 43 15.19 39.69 12.97
C VAL A 43 15.38 38.21 13.23
N ASP A 44 14.46 37.39 12.73
CA ASP A 44 14.59 35.94 12.86
C ASP A 44 13.70 35.25 11.82
N ASN A 45 13.33 34.02 12.14
CA ASN A 45 12.50 33.18 11.28
C ASN A 45 11.58 32.36 12.18
N LEU A 46 10.34 32.79 12.33
CA LEU A 46 9.45 32.09 13.28
C LEU A 46 8.65 30.93 12.69
N THR A 47 9.12 30.38 11.58
CA THR A 47 8.46 29.24 10.97
C THR A 47 8.26 28.13 11.99
N ARG A 48 9.29 27.88 12.80
CA ARG A 48 9.11 27.11 14.03
C ARG A 48 8.70 28.07 15.13
N ALA A 49 7.40 28.14 15.35
CA ALA A 49 6.78 29.21 16.14
C ALA A 49 7.25 29.35 17.58
N ASP A 50 7.61 28.21 18.19
CA ASP A 50 7.92 28.17 19.61
C ASP A 50 9.01 29.14 20.07
N LYS A 51 9.95 29.45 19.18
CA LYS A 51 10.98 30.44 19.44
C LYS A 51 10.44 31.71 20.08
N PHE A 52 9.20 32.08 19.77
CA PHE A 52 8.64 33.36 20.22
C PHE A 52 8.73 33.52 21.74
N LYS A 53 8.56 32.40 22.46
CA LYS A 53 8.70 32.40 23.92
C LYS A 53 9.99 33.09 24.41
N ASN A 54 11.06 33.02 23.62
CA ASN A 54 12.33 33.69 23.94
C ASN A 54 12.26 35.23 23.93
N LEU A 55 11.17 35.80 23.43
CA LEU A 55 11.09 37.25 23.31
C LEU A 55 9.96 37.85 24.13
N VAL A 56 9.21 37.00 24.83
CA VAL A 56 8.00 37.44 25.54
C VAL A 56 8.29 38.38 26.73
N ASP A 57 9.42 38.17 27.40
CA ASP A 57 9.83 39.06 28.49
C ASP A 57 10.76 40.18 28.00
N CYS A 58 10.85 40.33 26.69
CA CYS A 58 11.74 41.32 26.10
C CYS A 58 11.04 42.58 25.62
N GLU A 59 11.84 43.57 25.25
CA GLU A 59 11.33 44.83 24.72
C GLU A 59 12.02 45.10 23.39
N ILE A 60 11.24 45.08 22.32
CA ILE A 60 11.77 45.34 20.99
C ILE A 60 10.84 46.29 20.25
N ASP A 61 11.36 46.99 19.24
CA ASP A 61 10.56 47.99 18.53
C ASP A 61 9.97 47.41 17.29
N ASP A 62 10.52 46.32 16.80
CA ASP A 62 10.05 45.75 15.56
C ASP A 62 10.51 44.33 15.36
N TYR A 63 9.72 43.54 14.63
CA TYR A 63 10.12 42.21 14.23
C TYR A 63 10.06 42.04 12.71
N LEU A 64 11.09 41.42 12.14
CA LEU A 64 11.08 41.07 10.71
C LEU A 64 11.62 39.67 10.47
N ASP A 65 11.03 39.01 9.48
CA ASP A 65 11.61 37.80 8.96
C ASP A 65 12.96 38.08 8.28
N LYS A 66 13.88 37.13 8.42
CA LYS A 66 15.18 37.23 7.79
C LYS A 66 15.13 37.55 6.30
N THR A 67 14.06 37.13 5.62
CA THR A 67 14.00 37.27 4.16
C THR A 67 13.61 38.66 3.70
N GLU A 68 13.20 39.52 4.62
CA GLU A 68 12.87 40.90 4.26
C GLU A 68 13.88 41.92 4.80
N PHE A 69 14.76 41.50 5.70
CA PHE A 69 15.55 42.47 6.47
C PHE A 69 16.69 43.17 5.72
N VAL A 70 17.48 42.41 4.97
CA VAL A 70 18.63 42.96 4.28
C VAL A 70 18.27 44.14 3.38
N GLU A 71 17.31 43.93 2.49
CA GLU A 71 16.88 44.97 1.58
C GLU A 71 16.40 46.22 2.32
N ARG A 72 15.68 46.01 3.42
CA ARG A 72 15.16 47.12 4.21
C ARG A 72 16.26 47.88 4.96
N PHE A 73 17.30 47.16 5.36
CA PHE A 73 18.42 47.75 6.12
C PHE A 73 19.33 48.59 5.18
N ALA A 74 19.61 48.04 4.00
CA ALA A 74 20.43 48.74 3.03
C ALA A 74 19.75 50.02 2.54
N ARG A 75 18.42 50.01 2.56
CA ARG A 75 17.61 51.13 2.08
C ARG A 75 17.56 52.25 3.11
N GLY A 76 17.91 51.93 4.35
CA GLY A 76 17.90 52.90 5.44
C GLY A 76 16.57 53.07 6.14
N ASP A 77 15.74 52.02 6.10
CA ASP A 77 14.39 52.08 6.67
C ASP A 77 14.37 52.23 8.19
N PHE A 78 15.43 51.78 8.84
CA PHE A 78 15.46 51.78 10.31
C PHE A 78 16.10 53.05 10.87
N GLY A 79 16.46 53.96 9.97
CA GLY A 79 17.09 55.20 10.35
C GLY A 79 18.49 54.95 10.87
N LYS A 80 18.89 55.79 11.84
CA LYS A 80 20.24 55.80 12.40
C LYS A 80 20.46 54.58 13.28
N VAL A 81 21.34 53.69 12.86
CA VAL A 81 21.58 52.47 13.62
C VAL A 81 22.99 52.42 14.20
N ARG A 82 23.09 52.42 15.52
CA ARG A 82 24.38 52.32 16.18
C ARG A 82 25.09 51.00 15.92
N ALA A 83 24.42 49.90 16.25
CA ALA A 83 25.05 48.58 16.19
C ALA A 83 24.12 47.49 15.64
N VAL A 84 24.72 46.53 14.95
CA VAL A 84 24.01 45.31 14.58
C VAL A 84 24.66 44.11 15.26
N PHE A 85 23.84 43.34 15.98
CA PHE A 85 24.30 42.11 16.60
C PHE A 85 23.84 40.94 15.75
N HIS A 86 24.72 40.49 14.85
CA HIS A 86 24.36 39.50 13.84
C HIS A 86 24.52 38.08 14.34
N GLU A 87 23.46 37.57 14.98
CA GLU A 87 23.48 36.23 15.54
C GLU A 87 22.76 35.22 14.65
N GLY A 88 21.94 35.71 13.72
CA GLY A 88 21.15 34.88 12.83
C GLY A 88 21.95 34.02 11.87
N ALA A 89 21.71 32.71 11.90
CA ALA A 89 22.36 31.77 11.00
C ALA A 89 21.66 30.44 11.10
N CYS A 90 21.84 29.59 10.08
CA CYS A 90 21.44 28.21 10.20
C CYS A 90 22.48 27.58 11.10
N SER A 91 22.06 27.18 12.31
CA SER A 91 23.00 26.66 13.29
C SER A 91 23.05 25.14 13.36
N ASP A 92 22.45 24.48 12.37
CA ASP A 92 22.39 23.02 12.30
C ASP A 92 23.62 22.45 11.59
N THR A 93 24.52 21.83 12.36
CA THR A 93 25.76 21.27 11.82
C THR A 93 25.53 20.03 10.95
N MET A 94 24.29 19.56 10.93
CA MET A 94 23.96 18.33 10.22
C MET A 94 23.23 18.59 8.90
N GLU A 95 22.84 19.85 8.69
CA GLU A 95 22.23 20.32 7.46
C GLU A 95 23.12 19.98 6.25
N THR A 96 22.52 19.42 5.19
CA THR A 96 23.28 18.87 4.05
C THR A 96 23.26 19.73 2.78
N ASP A 97 22.45 20.78 2.78
CA ASP A 97 22.31 21.63 1.61
C ASP A 97 23.33 22.76 1.68
N GLY A 98 24.48 22.55 1.05
CA GLY A 98 25.57 23.52 1.12
C GLY A 98 25.18 24.85 0.50
N ARG A 99 24.39 24.80 -0.56
CA ARG A 99 23.95 26.00 -1.27
C ARG A 99 23.16 26.91 -0.36
N TYR A 100 22.17 26.36 0.33
CA TYR A 100 21.40 27.09 1.32
C TYR A 100 22.31 27.59 2.44
N MET A 101 23.26 26.75 2.85
CA MET A 101 24.14 27.11 3.95
C MET A 101 25.02 28.34 3.61
N MET A 102 25.65 28.31 2.44
CA MET A 102 26.46 29.43 1.98
C MET A 102 25.62 30.68 1.74
N ASP A 103 24.38 30.48 1.31
CA ASP A 103 23.50 31.58 1.01
C ASP A 103 22.99 32.25 2.29
N ASN A 104 22.47 31.43 3.19
CA ASN A 104 21.87 31.90 4.44
C ASN A 104 22.89 32.37 5.49
N ASN A 105 24.10 31.82 5.44
CA ASN A 105 25.18 32.24 6.33
C ASN A 105 26.17 33.19 5.67
N PHE A 106 27.01 32.67 4.76
CA PHE A 106 28.04 33.48 4.10
C PHE A 106 27.53 34.73 3.34
N ARG A 107 26.69 34.56 2.32
CA ARG A 107 26.25 35.71 1.51
C ARG A 107 25.42 36.67 2.37
N TYR A 108 24.59 36.14 3.24
CA TYR A 108 23.75 36.98 4.09
C TYR A 108 24.62 37.85 4.97
N SER A 109 25.59 37.22 5.61
CA SER A 109 26.55 37.95 6.46
C SER A 109 27.31 39.07 5.71
N ARG A 110 27.79 38.76 4.51
CA ARG A 110 28.40 39.80 3.68
C ARG A 110 27.46 40.96 3.36
N ALA A 111 26.19 40.66 3.11
CA ALA A 111 25.23 41.71 2.75
C ALA A 111 25.00 42.63 3.95
N VAL A 112 25.03 42.04 5.13
CA VAL A 112 24.86 42.80 6.38
C VAL A 112 26.13 43.62 6.66
N LEU A 113 27.29 42.99 6.46
CA LEU A 113 28.59 43.65 6.60
C LEU A 113 28.66 44.92 5.75
N ASP A 114 28.17 44.82 4.51
CA ASP A 114 28.21 45.95 3.59
C ASP A 114 27.37 47.14 4.05
N ALA A 115 26.11 46.88 4.40
CA ALA A 115 25.22 47.91 4.93
C ALA A 115 25.78 48.55 6.20
N CYS A 116 26.30 47.73 7.11
CA CYS A 116 26.95 48.24 8.31
C CYS A 116 28.13 49.15 7.98
N LEU A 117 28.96 48.69 7.04
CA LEU A 117 30.08 49.48 6.57
C LEU A 117 29.61 50.75 5.87
N ALA A 118 28.55 50.66 5.07
CA ALA A 118 28.07 51.85 4.37
C ALA A 118 27.46 52.89 5.31
N GLN A 119 27.09 52.48 6.52
CA GLN A 119 26.41 53.39 7.42
C GLN A 119 27.27 53.66 8.62
N GLY A 120 28.43 53.00 8.66
CA GLY A 120 29.31 53.08 9.80
C GLY A 120 28.63 52.62 11.08
N ALA A 121 27.88 51.53 11.00
CA ALA A 121 27.34 50.93 12.21
C ALA A 121 28.31 49.88 12.73
N GLN A 122 28.41 49.77 14.05
CA GLN A 122 29.18 48.69 14.66
C GLN A 122 28.62 47.36 14.14
N PHE A 123 29.53 46.45 13.83
CA PHE A 123 29.15 45.13 13.38
C PHE A 123 29.75 44.10 14.35
N LEU A 124 28.89 43.49 15.16
CA LEU A 124 29.31 42.40 16.03
C LEU A 124 28.58 41.16 15.55
N TYR A 125 29.33 40.17 15.11
CA TYR A 125 28.74 38.99 14.48
C TYR A 125 29.19 37.70 15.15
N ALA A 126 28.38 36.66 14.98
CA ALA A 126 28.66 35.35 15.55
C ALA A 126 29.48 34.52 14.59
N SER A 127 30.63 34.06 15.06
CA SER A 127 31.39 33.03 14.37
C SER A 127 31.29 31.72 15.20
N SER A 128 32.28 30.84 15.13
CA SER A 128 32.15 29.52 15.75
C SER A 128 33.47 28.75 15.79
N ALA A 129 33.71 28.09 16.91
CA ALA A 129 34.89 27.23 17.05
C ALA A 129 34.88 26.01 16.11
N ALA A 130 33.76 25.79 15.43
CA ALA A 130 33.68 24.73 14.42
C ALA A 130 34.65 25.01 13.29
N ILE A 131 35.07 26.27 13.20
CA ILE A 131 36.00 26.73 12.17
C ILE A 131 37.34 26.04 12.33
N TYR A 132 37.65 25.66 13.57
CA TYR A 132 38.93 25.03 13.82
C TYR A 132 39.01 23.59 13.29
N GLY A 133 37.85 22.97 13.04
CA GLY A 133 37.82 21.59 12.61
C GLY A 133 38.62 20.67 13.54
N GLY A 134 39.41 19.79 12.92
CA GLY A 134 40.15 18.78 13.67
C GLY A 134 41.51 19.22 14.17
N SER A 135 41.69 20.52 14.28
CA SER A 135 42.97 21.10 14.65
C SER A 135 43.27 20.95 16.14
N SER A 136 44.55 21.10 16.47
CA SER A 136 45.05 20.93 17.84
C SER A 136 45.40 22.27 18.45
N ARG A 137 45.44 23.30 17.61
CA ARG A 137 45.67 24.68 18.07
C ARG A 137 44.44 25.55 17.82
N PHE A 138 44.16 26.46 18.74
CA PHE A 138 42.94 27.25 18.64
C PHE A 138 43.22 28.73 18.73
N VAL A 139 44.08 29.21 17.83
CA VAL A 139 44.40 30.61 17.73
C VAL A 139 43.77 31.22 16.48
N GLU A 140 43.31 32.45 16.62
CA GLU A 140 42.67 33.14 15.51
C GLU A 140 43.66 33.36 14.34
N GLU A 141 44.02 32.26 13.69
CA GLU A 141 44.97 32.27 12.58
C GLU A 141 44.56 31.29 11.49
N ARG A 142 44.65 31.73 10.25
CA ARG A 142 44.35 30.92 9.08
C ARG A 142 45.09 29.56 9.01
N GLU A 143 46.32 29.55 9.48
CA GLU A 143 47.19 28.35 9.47
C GLU A 143 46.52 27.13 10.12
N VAL A 144 45.72 27.39 11.16
CA VAL A 144 45.13 26.34 11.97
C VAL A 144 43.63 26.21 11.78
N GLU A 145 43.13 26.69 10.64
CA GLU A 145 41.69 26.71 10.41
C GLU A 145 41.27 25.75 9.29
N ALA A 146 40.56 24.68 9.67
CA ALA A 146 40.09 23.69 8.70
C ALA A 146 38.80 22.98 9.14
N PRO A 147 37.65 23.60 8.87
CA PRO A 147 36.35 23.07 9.29
C PRO A 147 36.00 21.73 8.64
N LEU A 148 35.25 20.91 9.37
CA LEU A 148 34.94 19.55 8.97
C LEU A 148 33.57 19.43 8.30
N ASN A 149 32.70 20.41 8.55
CA ASN A 149 31.39 20.42 7.90
C ASN A 149 31.14 21.70 7.14
N VAL A 150 30.05 21.72 6.37
CA VAL A 150 29.75 22.87 5.52
C VAL A 150 29.20 24.03 6.34
N TYR A 151 28.60 23.72 7.49
CA TYR A 151 28.32 24.72 8.49
C TYR A 151 29.60 25.50 8.83
N GLY A 152 30.61 24.78 9.31
CA GLY A 152 31.88 25.39 9.67
C GLY A 152 32.52 26.15 8.50
N TYR A 153 32.47 25.56 7.32
CA TYR A 153 33.00 26.23 6.14
C TYR A 153 32.37 27.59 5.91
N SER A 154 31.05 27.67 6.06
CA SER A 154 30.32 28.92 5.89
C SER A 154 30.81 30.01 6.84
N LYS A 155 31.07 29.63 8.09
CA LYS A 155 31.62 30.57 9.07
C LYS A 155 33.08 30.95 8.73
N PHE A 156 33.85 29.92 8.42
CA PHE A 156 35.27 30.03 8.09
C PHE A 156 35.53 31.00 6.95
N LEU A 157 34.76 30.85 5.87
CA LEU A 157 34.96 31.69 4.71
C LEU A 157 34.61 33.14 5.05
N PHE A 158 33.61 33.34 5.88
CA PHE A 158 33.25 34.69 6.20
C PHE A 158 34.39 35.34 6.98
N ASP A 159 35.02 34.59 7.87
CA ASP A 159 36.14 35.11 8.64
C ASP A 159 37.32 35.46 7.73
N GLN A 160 37.47 34.74 6.62
CA GLN A 160 38.49 35.06 5.62
C GLN A 160 38.18 36.40 4.94
N VAL A 161 36.89 36.66 4.71
CA VAL A 161 36.45 37.93 4.15
C VAL A 161 36.68 39.06 5.13
N ILE A 162 36.31 38.83 6.39
CA ILE A 162 36.46 39.83 7.43
C ILE A 162 37.91 40.29 7.56
N ARG A 163 38.85 39.35 7.44
CA ARG A 163 40.28 39.67 7.49
C ARG A 163 40.79 40.62 6.40
N ARG A 164 40.35 40.40 5.16
CA ARG A 164 40.68 41.29 4.06
C ARG A 164 40.07 42.68 4.25
N VAL A 165 38.90 42.72 4.89
CA VAL A 165 38.11 43.95 4.96
C VAL A 165 38.52 44.85 6.13
N MET A 166 38.88 44.21 7.24
CA MET A 166 39.13 44.91 8.49
C MET A 166 40.16 46.08 8.47
N PRO A 167 41.32 45.92 7.78
CA PRO A 167 42.28 47.03 7.70
C PRO A 167 41.71 48.31 7.08
N GLY A 168 40.90 48.18 6.04
CA GLY A 168 40.31 49.35 5.42
C GLY A 168 38.96 49.84 5.94
N ALA A 169 38.65 49.59 7.22
CA ALA A 169 37.31 49.95 7.72
C ALA A 169 37.35 50.87 8.92
N LYS A 170 36.47 51.87 8.93
CA LYS A 170 36.48 52.86 9.99
C LYS A 170 35.53 52.51 11.13
N SER A 171 34.49 51.72 10.83
CA SER A 171 33.54 51.31 11.85
C SER A 171 33.93 49.95 12.42
N GLN A 172 33.48 49.68 13.64
CA GLN A 172 33.85 48.46 14.35
C GLN A 172 33.34 47.18 13.67
N ILE A 173 34.21 46.17 13.64
CA ILE A 173 33.87 44.84 13.20
C ILE A 173 34.41 43.88 14.25
N ALA A 174 33.50 43.19 14.93
CA ALA A 174 33.90 42.26 16.00
C ALA A 174 33.24 40.90 15.81
N GLY A 175 34.05 39.89 15.52
CA GLY A 175 33.57 38.53 15.39
C GLY A 175 33.94 37.70 16.59
N PHE A 176 33.02 36.82 16.99
CA PHE A 176 33.26 35.94 18.15
C PHE A 176 33.15 34.47 17.76
N ARG A 177 34.24 33.74 17.94
CA ARG A 177 34.17 32.30 17.78
C ARG A 177 33.66 31.69 19.06
N TYR A 178 32.35 31.59 19.16
CA TYR A 178 31.70 30.92 20.27
C TYR A 178 32.14 29.46 20.32
N PHE A 179 32.29 28.92 21.53
CA PHE A 179 32.60 27.50 21.69
C PHE A 179 31.31 26.68 21.99
N ASN A 180 31.28 25.88 23.03
CA ASN A 180 30.01 25.21 23.35
C ASN A 180 29.19 26.04 24.32
N VAL A 181 28.27 26.83 23.78
CA VAL A 181 27.44 27.71 24.58
C VAL A 181 26.28 26.90 25.20
N TYR A 182 25.98 27.14 26.48
CA TYR A 182 24.82 26.56 27.16
C TYR A 182 24.12 27.65 27.97
N GLY A 183 22.96 27.35 28.54
CA GLY A 183 22.21 28.34 29.28
C GLY A 183 20.79 28.48 28.76
N PRO A 184 19.98 29.30 29.43
CA PRO A 184 18.56 29.54 29.15
C PRO A 184 18.27 30.08 27.74
N ARG A 185 17.03 29.86 27.29
CA ARG A 185 16.53 30.23 25.96
C ARG A 185 17.02 29.33 24.81
N GLU A 186 17.44 28.11 25.14
CA GLU A 186 17.81 27.17 24.08
C GLU A 186 16.80 26.01 23.87
N SER A 187 15.65 26.06 24.54
CA SER A 187 14.61 25.00 24.46
C SER A 187 14.06 24.69 23.05
N HIS A 188 14.17 25.63 22.15
CA HIS A 188 13.61 25.47 20.82
C HIS A 188 14.63 24.76 19.90
N LYS A 189 15.87 24.61 20.36
CA LYS A 189 16.91 24.14 19.45
C LYS A 189 16.89 22.65 19.11
N GLY A 190 16.07 21.88 19.82
CA GLY A 190 15.99 20.46 19.54
C GLY A 190 17.31 19.70 19.66
N ARG A 191 17.74 19.09 18.56
CA ARG A 191 18.96 18.30 18.56
C ARG A 191 20.23 19.16 18.56
N MET A 192 20.09 20.47 18.41
CA MET A 192 21.25 21.36 18.44
C MET A 192 21.42 22.08 19.78
N ALA A 193 20.48 21.89 20.71
CA ALA A 193 20.63 22.43 22.06
C ALA A 193 21.84 21.83 22.73
N SER A 194 22.35 22.48 23.77
CA SER A 194 23.53 22.00 24.49
C SER A 194 23.30 20.61 25.07
N VAL A 195 24.39 19.91 25.33
CA VAL A 195 24.33 18.61 26.00
C VAL A 195 23.72 18.73 27.40
N ALA A 196 24.05 19.82 28.09
CA ALA A 196 23.46 20.06 29.40
C ALA A 196 21.95 20.00 29.34
N PHE A 197 21.36 20.65 28.33
CA PHE A 197 19.90 20.68 28.16
C PHE A 197 19.32 19.30 27.76
N HIS A 198 19.93 18.66 26.78
CA HIS A 198 19.60 17.26 26.45
C HIS A 198 19.57 16.37 27.69
N ASN A 199 20.66 16.35 28.45
CA ASN A 199 20.75 15.52 29.65
C ASN A 199 19.64 15.80 30.64
N PHE A 200 19.34 17.08 30.83
CA PHE A 200 18.30 17.46 31.75
C PHE A 200 16.96 16.82 31.36
N ASN A 201 16.64 16.83 30.07
CA ASN A 201 15.36 16.26 29.60
C ASN A 201 15.36 14.76 29.58
N GLN A 202 16.51 14.19 29.23
CA GLN A 202 16.65 12.76 29.28
C GLN A 202 16.37 12.31 30.72
N PHE A 203 16.87 13.07 31.69
CA PHE A 203 16.65 12.69 33.08
C PHE A 203 15.21 12.85 33.53
N ARG A 204 14.53 13.88 33.03
CA ARG A 204 13.13 14.08 33.34
C ARG A 204 12.27 12.95 32.79
N ALA A 205 12.51 12.58 31.54
CA ALA A 205 11.74 11.52 30.90
C ALA A 205 12.02 10.18 31.56
N GLU A 206 13.30 9.83 31.67
CA GLU A 206 13.68 8.43 31.91
C GLU A 206 14.54 8.15 33.15
N GLY A 207 14.86 9.19 33.93
CA GLY A 207 15.74 9.03 35.08
C GLY A 207 17.19 8.67 34.76
N LYS A 208 17.69 9.13 33.62
CA LYS A 208 19.08 8.87 33.24
C LYS A 208 19.48 9.77 32.07
N VAL A 209 20.76 9.95 31.85
CA VAL A 209 21.20 10.86 30.80
C VAL A 209 22.03 10.07 29.79
N LYS A 210 22.18 10.58 28.58
CA LYS A 210 22.89 9.88 27.51
C LYS A 210 24.04 10.66 26.87
N LEU A 211 25.16 10.00 26.61
CA LEU A 211 26.23 10.59 25.82
C LEU A 211 26.68 9.64 24.70
N PHE A 212 27.50 10.14 23.77
CA PHE A 212 28.00 9.29 22.71
C PHE A 212 29.11 8.42 23.28
N GLY A 213 29.19 7.18 22.79
CA GLY A 213 30.21 6.27 23.25
C GLY A 213 31.55 6.54 22.56
N GLU A 214 32.37 5.51 22.45
CA GLU A 214 33.70 5.61 21.88
C GLU A 214 33.69 6.06 20.43
N TYR A 215 34.54 7.02 20.12
CA TYR A 215 34.75 7.45 18.76
C TYR A 215 36.15 8.04 18.54
N SER A 216 36.86 7.46 17.57
CA SER A 216 38.12 8.04 17.05
C SER A 216 39.22 8.12 18.10
N GLY A 217 39.24 7.18 19.04
CA GLY A 217 40.31 7.13 20.03
C GLY A 217 39.91 7.76 21.35
N TYR A 218 38.82 8.51 21.33
CA TYR A 218 38.21 8.95 22.58
C TYR A 218 37.22 7.88 23.07
N GLY A 219 37.37 7.49 24.33
CA GLY A 219 36.43 6.58 24.96
C GLY A 219 35.10 7.26 25.27
N PRO A 220 34.13 6.48 25.79
CA PRO A 220 32.77 6.95 26.12
C PRO A 220 32.71 8.26 26.92
N GLY A 221 32.13 9.28 26.29
CA GLY A 221 31.95 10.59 26.89
C GLY A 221 33.22 11.42 27.02
N GLU A 222 34.30 10.93 26.45
CA GLU A 222 35.61 11.55 26.67
C GLU A 222 35.95 12.61 25.66
N GLN A 223 35.13 12.76 24.62
CA GLN A 223 35.29 13.87 23.70
C GLN A 223 35.18 15.13 24.54
N THR A 224 35.97 16.15 24.22
CA THR A 224 36.05 17.32 25.11
C THR A 224 35.85 18.66 24.38
N ARG A 225 35.18 19.58 25.07
CA ARG A 225 34.91 20.89 24.53
C ARG A 225 35.14 21.99 25.56
N ASP A 226 35.18 23.22 25.06
CA ASP A 226 35.18 24.40 25.90
C ASP A 226 33.73 24.86 26.12
N PHE A 227 33.18 24.55 27.28
CA PHE A 227 31.83 25.01 27.60
C PHE A 227 31.78 26.42 28.20
N VAL A 228 31.06 27.33 27.54
CA VAL A 228 30.85 28.70 28.01
C VAL A 228 29.37 29.00 28.19
N SER A 229 29.00 29.66 29.28
CA SER A 229 27.61 30.07 29.48
C SER A 229 27.20 31.25 28.58
N VAL A 230 25.91 31.37 28.26
CA VAL A 230 25.45 32.53 27.49
C VAL A 230 25.69 33.80 28.24
N GLU A 231 25.58 33.74 29.57
CA GLU A 231 25.83 34.91 30.38
C GLU A 231 27.16 35.54 29.96
N ASP A 232 28.20 34.71 29.85
CA ASP A 232 29.50 35.23 29.47
C ASP A 232 29.55 35.69 28.01
N VAL A 233 28.84 34.98 27.14
CA VAL A 233 28.71 35.40 25.75
C VAL A 233 28.08 36.81 25.71
N ALA A 234 27.03 37.00 26.51
CA ALA A 234 26.34 38.28 26.61
C ALA A 234 27.30 39.38 27.05
N LYS A 235 28.06 39.10 28.10
CA LYS A 235 29.01 40.03 28.66
C LYS A 235 30.06 40.49 27.63
N VAL A 236 30.70 39.54 26.97
CA VAL A 236 31.72 39.86 25.98
C VAL A 236 31.17 40.73 24.83
N ASN A 237 30.01 40.36 24.30
CA ASN A 237 29.34 41.15 23.26
C ASN A 237 29.13 42.57 23.74
N LEU A 238 28.58 42.71 24.95
CA LEU A 238 28.36 44.03 25.52
C LEU A 238 29.65 44.84 25.71
N TYR A 239 30.74 44.17 26.09
CA TYR A 239 31.99 44.86 26.33
C TYR A 239 32.49 45.50 25.03
N PHE A 240 32.41 44.74 23.94
CA PHE A 240 32.82 45.28 22.64
C PHE A 240 31.85 46.30 22.11
N PHE A 241 30.60 46.20 22.55
CA PHE A 241 29.59 47.15 22.16
C PHE A 241 29.91 48.53 22.77
N ASP A 242 30.58 48.49 23.92
CA ASP A 242 30.96 49.70 24.62
C ASP A 242 32.31 50.27 24.14
N HIS A 243 32.99 49.56 23.25
CA HIS A 243 34.30 49.96 22.78
C HIS A 243 34.41 49.88 21.27
N PRO A 244 33.75 50.79 20.54
CA PRO A 244 33.71 50.74 19.08
C PRO A 244 35.10 50.77 18.45
N GLU A 245 36.07 51.27 19.21
CA GLU A 245 37.46 51.33 18.76
C GLU A 245 38.12 49.95 18.66
N LYS A 246 37.56 48.95 19.35
CA LYS A 246 38.11 47.59 19.30
C LYS A 246 37.48 46.74 18.19
N SER A 247 38.32 46.25 17.28
CA SER A 247 37.90 45.36 16.21
C SER A 247 38.68 44.05 16.25
N GLY A 248 38.24 43.06 15.48
CA GLY A 248 38.95 41.81 15.39
C GLY A 248 38.08 40.58 15.53
N ILE A 249 38.66 39.44 15.17
CA ILE A 249 38.08 38.13 15.39
C ILE A 249 38.63 37.51 16.68
N PHE A 250 37.76 37.24 17.64
CA PHE A 250 38.17 36.76 18.96
C PHE A 250 37.51 35.42 19.31
N ASN A 251 38.31 34.48 19.82
CA ASN A 251 37.78 33.28 20.43
C ASN A 251 36.87 33.72 21.56
N LEU A 252 35.77 33.00 21.78
CA LEU A 252 34.94 33.25 22.95
C LEU A 252 34.69 31.90 23.63
N GLY A 253 35.57 31.59 24.58
CA GLY A 253 35.49 30.38 25.35
C GLY A 253 36.16 30.63 26.68
N THR A 254 36.20 29.62 27.53
CA THR A 254 36.78 29.75 28.86
C THR A 254 38.27 29.39 28.89
N GLY A 255 38.78 28.83 27.80
CA GLY A 255 40.16 28.35 27.75
C GLY A 255 40.36 27.10 28.58
N ARG A 256 39.26 26.59 29.13
CA ARG A 256 39.26 25.42 30.01
C ARG A 256 38.44 24.26 29.38
N ALA A 257 39.14 23.24 28.88
CA ALA A 257 38.47 22.15 28.16
C ALA A 257 37.93 21.05 29.08
N GLN A 258 36.74 20.54 28.80
CA GLN A 258 36.20 19.46 29.58
C GLN A 258 35.55 18.33 28.75
N PRO A 259 35.69 17.07 29.20
CA PRO A 259 35.00 15.94 28.56
C PRO A 259 33.49 16.05 28.76
N PHE A 260 32.72 15.48 27.83
CA PHE A 260 31.26 15.48 27.94
C PHE A 260 30.81 14.78 29.23
N ASN A 261 31.59 13.82 29.69
CA ASN A 261 31.30 13.18 30.95
C ASN A 261 31.12 14.19 32.10
N ASP A 262 31.86 15.30 32.05
CA ASP A 262 31.72 16.30 33.10
C ASP A 262 30.36 17.01 33.10
N ILE A 263 29.81 17.24 31.91
CA ILE A 263 28.49 17.84 31.81
C ILE A 263 27.45 16.88 32.39
N ALA A 264 27.47 15.64 31.92
CA ALA A 264 26.49 14.64 32.36
C ALA A 264 26.58 14.39 33.86
N ALA A 265 27.79 14.22 34.35
CA ALA A 265 27.98 13.99 35.78
C ALA A 265 27.55 15.21 36.58
N THR A 266 27.84 16.39 36.08
CA THR A 266 27.41 17.61 36.77
C THR A 266 25.88 17.67 36.80
N VAL A 267 25.24 17.32 35.69
CA VAL A 267 23.78 17.35 35.63
C VAL A 267 23.13 16.37 36.62
N VAL A 268 23.66 15.16 36.65
CA VAL A 268 23.12 14.13 37.54
C VAL A 268 23.30 14.51 39.00
N ASN A 269 24.51 14.93 39.37
CA ASN A 269 24.76 15.38 40.74
C ASN A 269 23.90 16.58 41.19
N THR A 270 23.71 17.55 40.30
CA THR A 270 22.87 18.71 40.62
C THR A 270 21.45 18.29 40.92
N LEU A 271 20.86 17.50 40.03
CA LEU A 271 19.53 16.96 40.24
C LEU A 271 19.51 16.07 41.49
N ARG A 272 20.62 15.39 41.76
CA ARG A 272 20.70 14.59 43.00
C ARG A 272 20.72 15.47 44.25
N ALA A 273 21.54 16.51 44.23
CA ALA A 273 21.59 17.47 45.32
C ALA A 273 20.23 18.11 45.57
N LEU A 274 19.44 18.29 44.50
CA LEU A 274 18.14 18.92 44.64
C LEU A 274 17.14 18.04 45.41
N GLU A 275 17.44 16.75 45.52
CA GLU A 275 16.52 15.82 46.18
C GLU A 275 17.17 15.18 47.39
N GLY A 276 18.32 15.71 47.78
CA GLY A 276 18.97 15.29 49.01
C GLY A 276 20.05 14.25 48.78
N GLN A 277 20.04 13.64 47.59
CA GLN A 277 21.01 12.59 47.29
C GLN A 277 22.42 13.15 47.12
N PRO A 278 23.44 12.43 47.61
CA PRO A 278 24.81 12.92 47.56
C PRO A 278 25.52 12.68 46.22
N ALA A 279 26.50 13.53 45.93
CA ALA A 279 27.23 13.46 44.66
C ALA A 279 27.91 12.12 44.41
N LEU A 280 27.72 11.59 43.22
CA LEU A 280 28.37 10.33 42.84
C LEU A 280 29.52 10.65 41.88
N THR A 281 30.49 9.74 41.76
CA THR A 281 31.48 9.84 40.70
C THR A 281 30.92 9.31 39.37
N LEU A 282 31.63 9.67 38.30
CA LEU A 282 31.30 9.23 36.96
C LEU A 282 31.11 7.73 36.97
N ALA A 283 32.13 7.03 37.45
CA ALA A 283 32.10 5.57 37.52
C ALA A 283 30.89 5.06 38.31
N GLU A 284 30.59 5.67 39.46
CA GLU A 284 29.43 5.23 40.23
C GLU A 284 28.14 5.49 39.45
N GLN A 285 28.07 6.67 38.83
CA GLN A 285 26.93 7.02 37.99
C GLN A 285 26.74 6.02 36.84
N VAL A 286 27.84 5.68 36.13
CA VAL A 286 27.77 4.70 35.05
C VAL A 286 27.33 3.31 35.57
N GLU A 287 27.76 2.95 36.76
CA GLU A 287 27.42 1.65 37.33
C GLU A 287 25.96 1.59 37.81
N GLN A 288 25.45 2.70 38.31
CA GLN A 288 24.05 2.75 38.75
C GLN A 288 23.06 2.92 37.59
N GLY A 289 23.61 3.22 36.42
CA GLY A 289 22.83 3.37 35.21
C GLY A 289 22.28 4.77 34.99
N LEU A 290 22.77 5.74 35.77
CA LEU A 290 22.31 7.12 35.67
C LEU A 290 22.96 7.80 34.47
N VAL A 291 24.07 7.24 34.00
CA VAL A 291 24.70 7.70 32.78
C VAL A 291 24.84 6.49 31.86
N GLU A 292 24.47 6.66 30.59
CA GLU A 292 24.61 5.59 29.59
C GLU A 292 25.06 6.11 28.22
N TYR A 293 25.67 5.23 27.43
CA TYR A 293 26.28 5.65 26.18
C TYR A 293 25.56 5.12 24.94
N VAL A 294 25.20 6.03 24.05
CA VAL A 294 24.61 5.67 22.77
C VAL A 294 25.75 5.51 21.78
N PRO A 295 25.63 4.56 20.86
CA PRO A 295 26.72 4.45 19.86
C PRO A 295 26.84 5.71 19.02
N PHE A 296 28.06 6.02 18.60
CA PHE A 296 28.31 7.24 17.83
C PHE A 296 27.63 7.18 16.45
N PRO A 297 26.82 8.20 16.13
CA PRO A 297 25.98 8.20 14.91
C PRO A 297 26.84 8.25 13.66
N ASP A 298 26.50 7.43 12.68
CA ASP A 298 27.30 7.33 11.46
C ASP A 298 27.28 8.64 10.65
N ALA A 299 26.22 9.42 10.83
CA ALA A 299 26.09 10.70 10.16
C ALA A 299 27.12 11.73 10.61
N LEU A 300 27.84 11.45 11.68
CA LEU A 300 28.76 12.44 12.22
C LEU A 300 30.21 12.04 12.03
N ARG A 301 30.43 10.83 11.51
CA ARG A 301 31.80 10.35 11.33
C ARG A 301 32.61 11.21 10.35
N GLY A 302 33.66 11.83 10.87
CA GLY A 302 34.52 12.67 10.05
C GLY A 302 34.12 14.12 10.07
N LYS A 303 32.99 14.42 10.69
CA LYS A 303 32.46 15.78 10.70
C LYS A 303 32.35 16.34 12.11
N TYR A 304 33.07 15.73 13.05
CA TYR A 304 32.84 16.03 14.46
C TYR A 304 34.14 16.44 15.13
N GLN A 305 34.09 17.50 15.93
CA GLN A 305 35.24 17.90 16.72
C GLN A 305 35.27 17.12 18.02
N CYS A 306 36.38 16.43 18.25
CA CYS A 306 36.56 15.60 19.41
C CYS A 306 37.21 16.38 20.54
N PHE A 307 37.81 17.52 20.17
CA PHE A 307 38.53 18.36 21.12
C PHE A 307 38.47 19.83 20.75
N THR A 308 38.05 20.67 21.69
CA THR A 308 38.19 22.12 21.53
C THR A 308 38.59 22.75 22.85
N GLN A 309 39.36 23.83 22.75
CA GLN A 309 39.75 24.60 23.92
C GLN A 309 40.20 25.96 23.41
N ALA A 310 39.59 27.02 23.91
CA ALA A 310 39.90 28.35 23.40
C ALA A 310 41.25 28.87 23.89
N ASP A 311 42.06 29.39 22.96
CA ASP A 311 43.19 30.22 23.34
C ASP A 311 42.68 31.64 23.57
N GLN A 312 42.86 32.14 24.79
CA GLN A 312 42.23 33.39 25.23
C GLN A 312 43.11 34.62 25.11
N THR A 313 44.33 34.44 24.59
CA THR A 313 45.33 35.51 24.52
C THR A 313 44.77 36.80 23.91
N LYS A 314 44.33 36.69 22.67
CA LYS A 314 43.88 37.83 21.89
C LYS A 314 42.69 38.53 22.55
N LEU A 315 41.76 37.75 23.10
CA LEU A 315 40.60 38.30 23.80
C LEU A 315 41.03 39.15 25.00
N ARG A 316 41.92 38.61 25.85
CA ARG A 316 42.46 39.34 27.00
C ARG A 316 43.30 40.54 26.56
N ALA A 317 44.13 40.32 25.54
CA ALA A 317 44.93 41.38 24.93
C ALA A 317 44.08 42.56 24.44
N ALA A 318 42.81 42.31 24.16
CA ALA A 318 41.92 43.37 23.73
C ALA A 318 41.25 44.00 24.92
N GLY A 319 41.53 43.47 26.11
CA GLY A 319 41.09 44.13 27.32
C GLY A 319 39.95 43.50 28.08
N TYR A 320 39.41 42.40 27.58
CA TYR A 320 38.38 41.70 28.35
C TYR A 320 39.07 40.74 29.33
N ASP A 321 39.06 41.10 30.61
CA ASP A 321 39.81 40.34 31.61
C ASP A 321 38.93 39.79 32.71
N ALA A 322 37.61 39.86 32.51
CA ALA A 322 36.67 39.24 33.45
C ALA A 322 36.87 37.72 33.52
N PRO A 323 36.53 37.11 34.67
CA PRO A 323 36.57 35.65 34.77
C PRO A 323 35.33 34.97 34.18
N PHE A 324 35.51 33.80 33.60
CA PHE A 324 34.40 33.02 33.06
C PHE A 324 33.86 32.03 34.08
N LEU A 325 32.55 31.83 34.06
CA LEU A 325 31.91 30.79 34.86
C LEU A 325 32.43 29.42 34.45
N THR A 326 32.72 28.57 35.41
CA THR A 326 33.17 27.23 35.09
C THR A 326 31.97 26.33 34.92
N VAL A 327 32.19 25.19 34.28
CA VAL A 327 31.18 24.15 34.17
C VAL A 327 30.51 23.86 35.51
N GLN A 328 31.32 23.75 36.55
CA GLN A 328 30.78 23.47 37.86
C GLN A 328 29.79 24.56 38.33
N GLU A 329 30.11 25.83 38.13
CA GLU A 329 29.18 26.88 38.56
C GLU A 329 28.02 27.02 37.59
N GLY A 330 28.37 27.11 36.30
CA GLY A 330 27.42 27.47 35.25
C GLY A 330 26.40 26.39 34.94
N VAL A 331 26.89 25.21 34.59
CA VAL A 331 26.00 24.10 34.31
C VAL A 331 25.10 23.85 35.50
N ASP A 332 25.67 23.89 36.69
CA ASP A 332 24.88 23.66 37.91
C ASP A 332 23.74 24.67 38.07
N ARG A 333 24.05 25.94 37.84
CA ARG A 333 23.05 27.00 37.93
C ARG A 333 21.96 26.84 36.86
N TYR A 334 22.38 26.46 35.65
CA TYR A 334 21.48 26.19 34.54
C TYR A 334 20.46 25.13 34.93
N VAL A 335 20.97 24.01 35.45
CA VAL A 335 20.12 22.89 35.84
C VAL A 335 19.11 23.23 36.93
N ARG A 336 19.53 24.03 37.91
CA ARG A 336 18.60 24.59 38.90
C ARG A 336 17.48 25.42 38.25
N TRP A 337 17.86 26.30 37.31
CA TRP A 337 16.89 27.12 36.60
C TRP A 337 15.92 26.17 35.92
N LEU A 338 16.46 25.15 35.28
CA LEU A 338 15.63 24.15 34.59
C LEU A 338 14.69 23.42 35.53
N PHE A 339 15.20 22.92 36.65
CA PHE A 339 14.39 22.18 37.61
C PHE A 339 13.22 22.99 38.22
N GLY A 340 13.38 24.29 38.42
CA GLY A 340 12.22 25.13 38.78
C GLY A 340 11.25 25.25 37.63
N GLN A 341 10.40 24.24 37.47
CA GLN A 341 9.37 24.22 36.43
C GLN A 341 8.02 23.80 37.00
N LEU A 342 8.04 23.05 38.11
CA LEU A 342 6.84 22.79 38.92
C LEU A 342 7.08 23.12 40.42
N MET B 13 44.96 41.36 -11.58
CA MET B 13 45.33 40.45 -10.50
C MET B 13 44.11 39.66 -9.98
N THR B 14 42.91 40.14 -10.29
CA THR B 14 41.68 39.45 -9.89
C THR B 14 41.30 38.33 -10.84
N LEU B 15 41.26 37.11 -10.30
CA LEU B 15 40.98 35.89 -11.07
C LEU B 15 39.65 35.20 -10.72
N ILE B 16 38.98 34.65 -11.73
CA ILE B 16 37.74 33.92 -11.52
C ILE B 16 37.86 32.44 -11.92
N VAL B 17 37.44 31.55 -11.02
CA VAL B 17 37.35 30.12 -11.36
C VAL B 17 35.94 29.56 -11.12
N THR B 18 35.21 29.25 -12.19
CA THR B 18 33.93 28.54 -12.07
C THR B 18 34.16 27.04 -11.94
N GLY B 19 33.24 26.35 -11.25
CA GLY B 19 33.45 24.96 -10.92
C GLY B 19 34.56 24.83 -9.91
N ALA B 20 34.76 25.88 -9.12
CA ALA B 20 35.88 25.94 -8.16
C ALA B 20 35.88 24.89 -7.08
N ALA B 21 34.69 24.40 -6.70
CA ALA B 21 34.65 23.43 -5.62
C ALA B 21 34.70 22.04 -6.20
N GLY B 22 34.72 21.98 -7.53
CA GLY B 22 34.72 20.71 -8.23
C GLY B 22 36.11 20.11 -8.27
N PHE B 23 36.24 19.03 -9.04
CA PHE B 23 37.52 18.34 -9.19
C PHE B 23 38.63 19.17 -9.84
N ILE B 24 38.46 19.51 -11.11
CA ILE B 24 39.51 20.24 -11.82
C ILE B 24 39.69 21.69 -11.36
N GLY B 25 38.57 22.40 -11.24
CA GLY B 25 38.58 23.78 -10.76
C GLY B 25 39.20 24.00 -9.39
N ALA B 26 39.11 23.03 -8.48
CA ALA B 26 39.73 23.20 -7.16
C ALA B 26 41.25 22.98 -7.22
N ASN B 27 41.68 22.11 -8.13
CA ASN B 27 43.11 21.95 -8.35
C ASN B 27 43.67 23.19 -9.05
N LEU B 28 42.89 23.79 -9.94
CA LEU B 28 43.28 25.08 -10.51
C LEU B 28 43.40 26.18 -9.42
N VAL B 29 42.50 26.19 -8.46
CA VAL B 29 42.59 27.14 -7.34
C VAL B 29 43.86 26.92 -6.50
N LYS B 30 44.12 25.68 -6.13
CA LYS B 30 45.33 25.38 -5.36
C LYS B 30 46.60 25.74 -6.14
N ALA B 31 46.65 25.36 -7.41
CA ALA B 31 47.82 25.64 -8.23
C ALA B 31 48.01 27.14 -8.44
N LEU B 32 46.91 27.88 -8.51
CA LEU B 32 47.02 29.33 -8.56
C LEU B 32 47.50 29.85 -7.23
N ASN B 33 47.17 29.14 -6.15
CA ASN B 33 47.55 29.57 -4.82
C ASN B 33 49.04 29.39 -4.62
N GLU B 34 49.54 28.24 -5.05
CA GLU B 34 50.94 27.90 -4.81
C GLU B 34 51.89 28.86 -5.54
N ARG B 35 51.42 29.44 -6.63
CA ARG B 35 52.23 30.44 -7.32
C ARG B 35 51.87 31.86 -6.86
N GLY B 36 51.17 31.96 -5.73
CA GLY B 36 50.94 33.24 -5.10
C GLY B 36 49.71 34.02 -5.53
N GLU B 37 48.98 33.53 -6.53
CA GLU B 37 47.70 34.15 -6.88
C GLU B 37 46.61 33.74 -5.85
N THR B 38 45.96 34.73 -5.22
CA THR B 38 44.98 34.45 -4.16
C THR B 38 43.69 35.29 -4.26
N ARG B 39 43.72 36.34 -5.07
CA ARG B 39 42.52 37.12 -5.33
C ARG B 39 41.64 36.37 -6.33
N ILE B 40 41.00 35.32 -5.83
CA ILE B 40 40.22 34.40 -6.64
C ILE B 40 38.73 34.42 -6.28
N ILE B 41 37.90 34.68 -7.28
CA ILE B 41 36.47 34.54 -7.12
C ILE B 41 36.12 33.11 -7.49
N ALA B 42 35.67 32.34 -6.49
CA ALA B 42 35.21 30.96 -6.68
C ALA B 42 33.72 30.90 -6.98
N VAL B 43 33.37 30.20 -8.07
CA VAL B 43 31.97 29.98 -8.43
C VAL B 43 31.68 28.49 -8.50
N ASP B 44 30.58 28.07 -7.88
CA ASP B 44 30.16 26.67 -7.91
C ASP B 44 28.71 26.50 -7.43
N ASN B 45 28.36 25.27 -7.06
CA ASN B 45 27.03 24.92 -6.57
C ASN B 45 27.25 23.94 -5.43
N LEU B 46 26.92 24.37 -4.21
CA LEU B 46 27.26 23.57 -3.05
C LEU B 46 26.10 22.73 -2.50
N THR B 47 25.00 22.66 -3.24
CA THR B 47 23.86 21.81 -2.87
C THR B 47 24.30 20.46 -2.32
N ARG B 48 25.16 19.76 -3.06
CA ARG B 48 25.87 18.62 -2.52
C ARG B 48 27.09 19.13 -1.75
N ALA B 49 26.93 19.24 -0.44
CA ALA B 49 27.80 20.04 0.41
C ALA B 49 29.24 19.54 0.59
N ASP B 50 29.47 18.24 0.44
CA ASP B 50 30.79 17.70 0.75
C ASP B 50 31.92 18.23 -0.16
N LYS B 51 31.55 18.82 -1.30
CA LYS B 51 32.48 19.52 -2.19
C LYS B 51 33.28 20.61 -1.47
N PHE B 52 32.74 21.14 -0.37
CA PHE B 52 33.40 22.24 0.32
C PHE B 52 34.85 21.87 0.70
N LYS B 53 35.07 20.60 1.04
CA LYS B 53 36.39 20.14 1.46
C LYS B 53 37.47 20.49 0.44
N ASN B 54 37.12 20.43 -0.85
CA ASN B 54 38.05 20.79 -1.91
C ASN B 54 38.66 22.22 -1.81
N LEU B 55 38.05 23.08 -0.99
CA LEU B 55 38.46 24.48 -0.90
C LEU B 55 38.97 24.88 0.50
N VAL B 56 39.00 23.92 1.42
CA VAL B 56 39.36 24.19 2.79
C VAL B 56 40.84 24.54 2.93
N ASP B 57 41.69 23.93 2.09
CA ASP B 57 43.12 24.24 2.14
C ASP B 57 43.50 25.30 1.11
N CYS B 58 42.48 26.01 0.61
CA CYS B 58 42.72 27.04 -0.38
C CYS B 58 42.53 28.46 0.16
N GLU B 59 42.84 29.43 -0.69
CA GLU B 59 42.71 30.83 -0.36
C GLU B 59 41.92 31.51 -1.45
N ILE B 60 40.70 31.94 -1.12
CA ILE B 60 39.88 32.68 -2.08
C ILE B 60 39.36 33.97 -1.47
N ASP B 61 38.77 34.80 -2.33
CA ASP B 61 38.29 36.13 -1.96
C ASP B 61 36.78 36.20 -1.76
N ASP B 62 36.05 35.44 -2.57
CA ASP B 62 34.59 35.38 -2.50
C ASP B 62 34.11 34.01 -2.94
N TYR B 63 32.84 33.72 -2.66
CA TYR B 63 32.17 32.53 -3.17
C TYR B 63 30.76 32.88 -3.66
N LEU B 64 30.42 32.48 -4.87
CA LEU B 64 29.07 32.65 -5.38
C LEU B 64 28.48 31.33 -5.85
N ASP B 65 27.16 31.24 -5.84
CA ASP B 65 26.51 30.13 -6.49
C ASP B 65 26.50 30.38 -7.99
N LYS B 66 26.49 29.30 -8.78
CA LYS B 66 26.49 29.44 -10.22
C LYS B 66 25.31 30.26 -10.75
N THR B 67 24.23 30.37 -9.98
CA THR B 67 23.02 31.05 -10.43
C THR B 67 23.06 32.57 -10.25
N GLU B 68 24.01 33.07 -9.48
CA GLU B 68 24.08 34.50 -9.27
C GLU B 68 25.29 35.15 -9.97
N PHE B 69 26.17 34.31 -10.52
CA PHE B 69 27.47 34.78 -11.00
C PHE B 69 27.48 35.61 -12.29
N VAL B 70 26.86 35.10 -13.34
CA VAL B 70 26.92 35.71 -14.66
C VAL B 70 26.48 37.19 -14.65
N GLU B 71 25.23 37.44 -14.27
CA GLU B 71 24.70 38.80 -14.20
C GLU B 71 25.62 39.77 -13.45
N ARG B 72 26.29 39.27 -12.41
CA ARG B 72 27.20 40.09 -11.62
C ARG B 72 28.53 40.31 -12.31
N PHE B 73 28.89 39.39 -13.20
CA PHE B 73 30.17 39.46 -13.87
C PHE B 73 30.09 40.48 -14.98
N ALA B 74 29.08 40.31 -15.82
CA ALA B 74 28.76 41.20 -16.93
C ALA B 74 28.33 42.60 -16.49
N ARG B 75 28.56 42.91 -15.22
CA ARG B 75 28.14 44.18 -14.67
C ARG B 75 29.32 44.84 -13.98
N GLY B 76 30.43 44.12 -13.90
CA GLY B 76 31.68 44.67 -13.38
C GLY B 76 31.80 44.63 -11.87
N ASP B 77 30.84 43.98 -11.23
CA ASP B 77 30.79 43.85 -9.76
C ASP B 77 32.12 43.38 -9.17
N PHE B 78 32.93 42.70 -9.99
CA PHE B 78 34.20 42.15 -9.54
C PHE B 78 35.41 43.00 -9.98
N GLY B 79 35.13 44.19 -10.52
CA GLY B 79 36.18 45.10 -10.95
C GLY B 79 36.96 44.61 -12.15
N LYS B 80 38.28 44.74 -12.10
CA LYS B 80 39.13 44.44 -13.23
C LYS B 80 39.57 42.97 -13.19
N VAL B 81 39.21 42.21 -14.24
CA VAL B 81 39.42 40.76 -14.24
C VAL B 81 40.42 40.29 -15.31
N ARG B 82 41.51 39.67 -14.86
CA ARG B 82 42.46 39.16 -15.83
C ARG B 82 41.91 37.91 -16.53
N ALA B 83 41.75 36.83 -15.77
CA ALA B 83 41.40 35.55 -16.36
C ALA B 83 40.20 34.86 -15.70
N VAL B 84 39.43 34.16 -16.52
CA VAL B 84 38.35 33.33 -16.05
C VAL B 84 38.66 31.88 -16.47
N PHE B 85 38.87 31.02 -15.47
CA PHE B 85 39.02 29.60 -15.71
C PHE B 85 37.65 28.95 -15.59
N HIS B 86 37.01 28.70 -16.72
CA HIS B 86 35.66 28.19 -16.70
C HIS B 86 35.55 26.66 -16.66
N GLU B 87 35.63 26.09 -15.45
CA GLU B 87 35.52 24.65 -15.25
C GLU B 87 34.08 24.16 -14.96
N GLY B 88 33.21 25.07 -14.56
CA GLY B 88 31.85 24.71 -14.17
C GLY B 88 31.01 24.12 -15.28
N ALA B 89 30.49 22.92 -15.03
CA ALA B 89 29.55 22.32 -15.96
C ALA B 89 28.89 21.13 -15.29
N CYS B 90 27.81 20.66 -15.89
CA CYS B 90 27.24 19.39 -15.48
C CYS B 90 28.10 18.29 -16.10
N SER B 91 28.87 17.59 -15.27
CA SER B 91 29.72 16.51 -15.74
C SER B 91 29.06 15.15 -15.50
N ASP B 92 27.81 14.99 -15.93
CA ASP B 92 27.08 13.76 -15.69
C ASP B 92 26.57 13.19 -16.99
N THR B 93 27.27 12.17 -17.49
CA THR B 93 26.99 11.59 -18.80
C THR B 93 25.63 10.92 -18.88
N MET B 94 25.05 10.61 -17.73
CA MET B 94 23.78 9.90 -17.71
C MET B 94 22.60 10.83 -17.42
N GLU B 95 22.88 12.13 -17.31
CA GLU B 95 21.85 13.14 -17.11
C GLU B 95 20.94 13.25 -18.33
N THR B 96 19.64 13.12 -18.11
CA THR B 96 18.67 12.95 -19.19
C THR B 96 17.87 14.20 -19.55
N ASP B 97 18.06 15.28 -18.77
CA ASP B 97 17.43 16.56 -19.04
C ASP B 97 18.35 17.39 -19.95
N GLY B 98 18.03 17.38 -21.24
CA GLY B 98 18.84 18.04 -22.25
C GLY B 98 18.70 19.55 -22.24
N ARG B 99 17.49 20.03 -21.96
CA ARG B 99 17.28 21.45 -21.74
C ARG B 99 18.19 21.95 -20.62
N TYR B 100 18.20 21.27 -19.48
CA TYR B 100 19.12 21.64 -18.39
C TYR B 100 20.59 21.59 -18.85
N MET B 101 20.93 20.60 -19.68
CA MET B 101 22.33 20.42 -20.04
C MET B 101 22.80 21.54 -20.96
N MET B 102 22.01 21.85 -21.98
CA MET B 102 22.31 22.95 -22.89
C MET B 102 22.33 24.30 -22.18
N ASP B 103 21.47 24.46 -21.17
CA ASP B 103 21.37 25.72 -20.46
C ASP B 103 22.51 25.93 -19.47
N ASN B 104 22.82 24.89 -18.71
CA ASN B 104 23.83 24.95 -17.66
C ASN B 104 25.26 24.87 -18.21
N ASN B 105 25.38 24.33 -19.41
CA ASN B 105 26.69 24.18 -20.05
C ASN B 105 26.85 25.14 -21.22
N PHE B 106 26.14 24.87 -22.31
CA PHE B 106 26.28 25.65 -23.54
C PHE B 106 25.94 27.16 -23.43
N ARG B 107 24.71 27.49 -23.01
CA ARG B 107 24.32 28.90 -22.85
C ARG B 107 25.16 29.62 -21.78
N TYR B 108 25.48 28.91 -20.70
CA TYR B 108 26.16 29.53 -19.58
C TYR B 108 27.56 29.92 -20.04
N SER B 109 28.19 29.00 -20.76
CA SER B 109 29.53 29.23 -21.24
C SER B 109 29.56 30.40 -22.24
N ARG B 110 28.57 30.47 -23.13
CA ARG B 110 28.46 31.60 -24.05
C ARG B 110 28.36 32.93 -23.32
N ALA B 111 27.51 32.96 -22.29
CA ALA B 111 27.35 34.14 -21.45
C ALA B 111 28.65 34.52 -20.74
N VAL B 112 29.36 33.54 -20.20
CA VAL B 112 30.64 33.82 -19.56
C VAL B 112 31.65 34.33 -20.59
N LEU B 113 31.51 33.85 -21.82
CA LEU B 113 32.43 34.21 -22.90
C LEU B 113 32.22 35.66 -23.35
N ASP B 114 30.97 36.01 -23.66
CA ASP B 114 30.61 37.36 -24.07
C ASP B 114 31.10 38.42 -23.09
N ALA B 115 31.15 38.04 -21.82
CA ALA B 115 31.58 38.95 -20.79
C ALA B 115 33.11 39.08 -20.74
N CYS B 116 33.80 37.98 -20.99
CA CYS B 116 35.27 37.95 -21.00
C CYS B 116 35.83 38.72 -22.20
N LEU B 117 35.11 38.63 -23.31
CA LEU B 117 35.46 39.36 -24.52
C LEU B 117 35.28 40.87 -24.29
N ALA B 118 34.03 41.26 -24.02
CA ALA B 118 33.68 42.65 -23.73
C ALA B 118 34.58 43.33 -22.69
N GLN B 119 35.36 42.56 -21.94
CA GLN B 119 36.24 43.14 -20.93
C GLN B 119 37.67 42.75 -21.22
N GLY B 120 37.86 42.06 -22.34
CA GLY B 120 39.19 41.59 -22.72
C GLY B 120 39.86 40.74 -21.64
N ALA B 121 39.08 39.89 -20.98
CA ALA B 121 39.64 38.97 -20.01
C ALA B 121 39.98 37.65 -20.69
N GLN B 122 41.01 36.98 -20.20
CA GLN B 122 41.41 35.68 -20.74
C GLN B 122 40.35 34.63 -20.43
N PHE B 123 39.91 33.90 -21.45
CA PHE B 123 38.87 32.89 -21.28
C PHE B 123 39.42 31.48 -21.45
N LEU B 124 39.72 30.81 -20.34
CA LEU B 124 40.15 29.43 -20.38
C LEU B 124 39.06 28.46 -19.89
N TYR B 125 38.42 27.77 -20.82
CA TYR B 125 37.32 26.88 -20.49
C TYR B 125 37.67 25.40 -20.67
N ALA B 126 36.80 24.54 -20.14
CA ALA B 126 37.00 23.11 -20.21
C ALA B 126 36.14 22.50 -21.30
N SER B 127 36.76 21.73 -22.19
CA SER B 127 36.04 21.00 -23.21
C SER B 127 36.10 19.55 -22.77
N SER B 128 35.85 18.62 -23.67
CA SER B 128 35.84 17.22 -23.27
C SER B 128 36.13 16.29 -24.41
N ALA B 129 36.94 15.26 -24.13
CA ALA B 129 37.22 14.23 -25.12
C ALA B 129 35.94 13.48 -25.49
N ALA B 130 34.88 13.67 -24.70
CA ALA B 130 33.59 13.09 -25.03
C ALA B 130 33.08 13.57 -26.40
N ILE B 131 33.57 14.73 -26.84
CA ILE B 131 33.27 15.28 -28.15
C ILE B 131 33.63 14.30 -29.28
N TYR B 132 34.72 13.55 -29.08
CA TYR B 132 35.19 12.61 -30.08
C TYR B 132 34.25 11.44 -30.15
N GLY B 133 33.91 10.89 -28.99
CA GLY B 133 32.97 9.79 -28.90
C GLY B 133 33.32 8.69 -29.88
N GLY B 134 32.35 8.31 -30.72
CA GLY B 134 32.50 7.22 -31.67
C GLY B 134 33.54 7.41 -32.76
N SER B 135 34.38 8.44 -32.61
CA SER B 135 35.43 8.76 -33.57
C SER B 135 36.62 7.77 -33.54
N SER B 136 37.33 7.65 -34.65
CA SER B 136 38.52 6.80 -34.73
C SER B 136 39.81 7.62 -34.64
N ARG B 137 39.70 8.93 -34.94
CA ARG B 137 40.81 9.89 -34.79
C ARG B 137 40.49 10.92 -33.72
N PHE B 138 41.49 11.31 -32.94
CA PHE B 138 41.29 12.23 -31.83
C PHE B 138 42.04 13.54 -32.04
N VAL B 139 41.70 14.24 -33.12
CA VAL B 139 42.31 15.54 -33.45
C VAL B 139 41.26 16.66 -33.52
N GLU B 140 41.70 17.89 -33.25
CA GLU B 140 40.78 19.02 -33.11
C GLU B 140 40.20 19.49 -34.43
N GLU B 141 39.38 18.64 -35.05
CA GLU B 141 38.81 18.94 -36.35
C GLU B 141 37.35 18.53 -36.43
N ARG B 142 36.48 19.44 -36.85
CA ARG B 142 35.04 19.17 -36.96
C ARG B 142 34.69 17.84 -37.67
N GLU B 143 35.58 17.39 -38.56
CA GLU B 143 35.33 16.18 -39.37
C GLU B 143 35.31 14.87 -38.54
N VAL B 144 35.99 14.85 -37.40
CA VAL B 144 36.04 13.66 -36.55
C VAL B 144 35.34 13.89 -35.21
N GLU B 145 34.29 14.69 -35.21
CA GLU B 145 33.65 15.09 -33.97
C GLU B 145 32.21 14.63 -33.88
N ALA B 146 31.99 13.56 -33.11
CA ALA B 146 30.66 12.99 -32.94
C ALA B 146 30.42 12.55 -31.50
N PRO B 147 29.84 13.45 -30.69
CA PRO B 147 29.51 13.14 -29.31
C PRO B 147 28.35 12.13 -29.28
N LEU B 148 28.36 11.24 -28.30
CA LEU B 148 27.39 10.15 -28.27
C LEU B 148 26.26 10.42 -27.29
N ASN B 149 26.47 11.41 -26.43
CA ASN B 149 25.43 11.83 -25.48
C ASN B 149 25.35 13.36 -25.32
N VAL B 150 24.23 13.84 -24.78
CA VAL B 150 23.94 15.26 -24.72
C VAL B 150 24.96 16.05 -23.90
N TYR B 151 25.61 15.39 -22.96
CA TYR B 151 26.69 16.05 -22.25
C TYR B 151 27.74 16.40 -23.27
N GLY B 152 28.07 15.45 -24.14
CA GLY B 152 29.09 15.63 -25.13
C GLY B 152 28.66 16.70 -26.12
N TYR B 153 27.41 16.64 -26.53
CA TYR B 153 26.89 17.60 -27.49
C TYR B 153 26.99 19.02 -26.97
N SER B 154 26.82 19.17 -25.67
CA SER B 154 26.90 20.50 -25.08
C SER B 154 28.31 21.05 -25.17
N LYS B 155 29.31 20.18 -25.01
CA LYS B 155 30.69 20.64 -25.15
C LYS B 155 31.01 20.94 -26.61
N PHE B 156 30.80 19.92 -27.44
CA PHE B 156 30.92 19.99 -28.89
C PHE B 156 30.37 21.27 -29.55
N LEU B 157 29.15 21.65 -29.22
CA LEU B 157 28.55 22.81 -29.85
C LEU B 157 29.23 24.09 -29.41
N PHE B 158 29.66 24.14 -28.15
CA PHE B 158 30.31 25.33 -27.66
C PHE B 158 31.60 25.56 -28.42
N ASP B 159 32.34 24.48 -28.65
CA ASP B 159 33.57 24.53 -29.46
C ASP B 159 33.30 25.00 -30.90
N GLN B 160 32.30 24.43 -31.56
CA GLN B 160 31.84 24.93 -32.85
C GLN B 160 31.57 26.44 -32.83
N VAL B 161 31.10 26.94 -31.70
CA VAL B 161 30.86 28.37 -31.54
C VAL B 161 32.17 29.10 -31.23
N ILE B 162 33.07 28.45 -30.53
CA ILE B 162 34.39 29.03 -30.31
C ILE B 162 35.13 29.22 -31.64
N ARG B 163 34.87 28.33 -32.59
CA ARG B 163 35.57 28.34 -33.88
C ARG B 163 35.13 29.45 -34.84
N ARG B 164 34.09 30.20 -34.46
CA ARG B 164 33.59 31.29 -35.29
C ARG B 164 33.84 32.68 -34.67
N VAL B 165 34.35 32.69 -33.43
CA VAL B 165 34.56 33.91 -32.65
C VAL B 165 36.04 34.29 -32.59
N MET B 166 36.89 33.28 -32.43
CA MET B 166 38.34 33.43 -32.29
C MET B 166 39.11 34.20 -33.39
N PRO B 167 38.76 34.02 -34.70
CA PRO B 167 39.37 34.85 -35.75
C PRO B 167 39.20 36.36 -35.49
N GLY B 168 37.97 36.77 -35.22
CA GLY B 168 37.68 38.14 -34.88
C GLY B 168 38.00 38.53 -33.43
N ALA B 169 38.24 37.52 -32.59
CA ALA B 169 38.49 37.75 -31.17
C ALA B 169 39.84 38.43 -30.93
N LYS B 170 39.91 39.20 -29.86
CA LYS B 170 41.11 40.00 -29.59
C LYS B 170 41.81 39.65 -28.29
N SER B 171 41.07 39.06 -27.35
CA SER B 171 41.64 38.55 -26.12
C SER B 171 41.71 37.02 -26.17
N GLN B 172 42.38 36.43 -25.18
CA GLN B 172 42.61 34.99 -25.17
C GLN B 172 41.32 34.15 -25.10
N ILE B 173 41.30 33.06 -25.87
CA ILE B 173 40.27 32.04 -25.77
C ILE B 173 40.96 30.67 -25.87
N ALA B 174 41.11 29.98 -24.74
CA ALA B 174 41.81 28.69 -24.71
C ALA B 174 40.94 27.54 -24.17
N GLY B 175 40.49 26.65 -25.05
CA GLY B 175 39.67 25.52 -24.64
C GLY B 175 40.47 24.24 -24.51
N PHE B 176 40.11 23.40 -23.54
CA PHE B 176 40.87 22.17 -23.31
C PHE B 176 40.01 20.90 -23.25
N ARG B 177 40.15 20.06 -24.27
CA ARG B 177 39.44 18.79 -24.33
C ARG B 177 40.12 17.75 -23.44
N TYR B 178 39.84 17.83 -22.14
CA TYR B 178 40.40 16.88 -21.19
C TYR B 178 39.99 15.46 -21.56
N PHE B 179 40.89 14.51 -21.29
CA PHE B 179 40.60 13.10 -21.50
C PHE B 179 40.19 12.49 -20.17
N ASN B 180 40.85 11.43 -19.72
CA ASN B 180 40.44 10.80 -18.46
C ASN B 180 41.22 11.29 -17.24
N VAL B 181 40.79 12.43 -16.69
CA VAL B 181 41.50 13.03 -15.57
C VAL B 181 41.29 12.28 -14.26
N TYR B 182 42.41 12.02 -13.57
CA TYR B 182 42.42 11.36 -12.28
C TYR B 182 43.27 12.20 -11.34
N GLY B 183 43.11 12.00 -10.05
CA GLY B 183 43.86 12.78 -9.08
C GLY B 183 43.00 13.20 -7.92
N PRO B 184 43.60 13.91 -6.96
CA PRO B 184 43.00 14.34 -5.70
C PRO B 184 41.89 15.35 -5.93
N ARG B 185 40.94 15.40 -4.99
CA ARG B 185 39.82 16.34 -5.00
C ARG B 185 38.70 15.89 -5.94
N GLU B 186 38.43 14.58 -5.91
CA GLU B 186 37.33 14.04 -6.68
C GLU B 186 36.46 13.07 -5.87
N SER B 187 36.68 13.04 -4.55
CA SER B 187 35.93 12.13 -3.66
C SER B 187 34.40 12.33 -3.68
N HIS B 188 33.99 13.48 -4.20
CA HIS B 188 32.60 13.88 -4.21
C HIS B 188 31.92 13.39 -5.49
N LYS B 189 32.71 12.92 -6.45
CA LYS B 189 32.16 12.61 -7.79
C LYS B 189 31.45 11.28 -7.90
N GLY B 190 31.57 10.42 -6.88
CA GLY B 190 30.85 9.17 -6.85
C GLY B 190 31.02 8.32 -8.11
N ARG B 191 29.89 7.97 -8.74
CA ARG B 191 29.92 7.17 -9.96
C ARG B 191 30.75 7.83 -11.06
N MET B 192 30.87 9.15 -11.00
CA MET B 192 31.65 9.91 -11.96
C MET B 192 33.13 10.05 -11.57
N ALA B 193 33.50 9.58 -10.39
CA ALA B 193 34.89 9.67 -9.95
C ALA B 193 35.76 8.79 -10.83
N SER B 194 37.07 9.02 -10.82
CA SER B 194 37.96 8.24 -11.67
C SER B 194 37.98 6.78 -11.23
N VAL B 195 38.46 5.91 -12.13
CA VAL B 195 38.46 4.47 -11.88
C VAL B 195 39.56 4.05 -10.89
N ALA B 196 40.65 4.80 -10.83
CA ALA B 196 41.64 4.60 -9.77
C ALA B 196 40.95 4.72 -8.40
N PHE B 197 40.31 5.87 -8.19
CA PHE B 197 39.57 6.15 -6.96
C PHE B 197 38.46 5.12 -6.70
N HIS B 198 37.69 4.78 -7.74
CA HIS B 198 36.59 3.83 -7.62
C HIS B 198 37.04 2.45 -7.14
N ASN B 199 38.07 1.94 -7.80
CA ASN B 199 38.57 0.59 -7.51
C ASN B 199 39.21 0.53 -6.14
N PHE B 200 39.75 1.66 -5.71
CA PHE B 200 40.32 1.76 -4.38
C PHE B 200 39.25 1.52 -3.32
N ASN B 201 38.06 2.06 -3.56
CA ASN B 201 36.94 1.98 -2.60
C ASN B 201 36.27 0.60 -2.55
N GLN B 202 36.36 -0.13 -3.65
CA GLN B 202 35.87 -1.50 -3.73
C GLN B 202 36.86 -2.50 -3.10
N PHE B 203 38.16 -2.25 -3.28
CA PHE B 203 39.19 -3.12 -2.66
C PHE B 203 39.17 -3.03 -1.13
N ARG B 204 39.11 -1.80 -0.63
CA ARG B 204 39.07 -1.54 0.80
C ARG B 204 37.76 -2.03 1.43
N ALA B 205 36.72 -2.20 0.61
CA ALA B 205 35.40 -2.62 1.09
C ALA B 205 35.15 -4.14 1.05
N GLU B 206 35.26 -4.73 -0.14
CA GLU B 206 34.94 -6.15 -0.32
C GLU B 206 36.17 -7.02 -0.57
N GLY B 207 37.25 -6.38 -1.03
CA GLY B 207 38.50 -7.09 -1.30
C GLY B 207 38.68 -7.40 -2.78
N LYS B 208 37.99 -6.65 -3.63
CA LYS B 208 38.05 -6.84 -5.07
C LYS B 208 37.67 -5.56 -5.83
N VAL B 209 38.33 -5.34 -6.96
CA VAL B 209 38.00 -4.20 -7.81
C VAL B 209 37.02 -4.63 -8.90
N LYS B 210 36.18 -3.70 -9.36
CA LYS B 210 35.17 -4.02 -10.39
C LYS B 210 35.46 -3.32 -11.72
N LEU B 211 35.23 -4.05 -12.81
CA LEU B 211 35.51 -3.56 -14.15
C LEU B 211 34.46 -4.11 -15.10
N PHE B 212 34.12 -3.35 -16.15
CA PHE B 212 33.12 -3.81 -17.11
C PHE B 212 33.61 -4.98 -17.96
N GLY B 213 32.70 -5.90 -18.28
CA GLY B 213 33.01 -7.02 -19.14
C GLY B 213 33.14 -6.59 -20.59
N GLU B 214 32.55 -7.38 -21.49
CA GLU B 214 32.68 -7.17 -22.94
C GLU B 214 31.57 -6.29 -23.54
N TYR B 215 31.96 -5.39 -24.44
CA TYR B 215 31.02 -4.52 -25.16
C TYR B 215 31.61 -3.99 -26.47
N SER B 216 30.95 -4.32 -27.58
CA SER B 216 31.30 -3.81 -28.92
C SER B 216 32.75 -4.11 -29.37
N GLY B 217 33.13 -5.38 -29.37
CA GLY B 217 34.43 -5.82 -29.87
C GLY B 217 35.58 -5.82 -28.86
N TYR B 218 35.28 -5.46 -27.61
CA TYR B 218 36.31 -5.32 -26.57
C TYR B 218 36.20 -6.37 -25.46
N GLY B 219 37.23 -7.21 -25.36
CA GLY B 219 37.29 -8.21 -24.29
C GLY B 219 37.16 -7.60 -22.90
N PRO B 220 37.00 -8.46 -21.88
CA PRO B 220 36.77 -8.01 -20.49
C PRO B 220 37.83 -7.05 -19.92
N GLY B 221 37.46 -5.77 -19.80
CA GLY B 221 38.30 -4.77 -19.15
C GLY B 221 39.44 -4.27 -20.03
N GLU B 222 39.41 -4.65 -21.30
CA GLU B 222 40.49 -4.31 -22.22
C GLU B 222 40.38 -2.89 -22.75
N GLN B 223 39.19 -2.30 -22.64
CA GLN B 223 38.94 -0.92 -23.08
C GLN B 223 40.05 0.02 -22.58
N THR B 224 40.61 0.83 -23.48
CA THR B 224 41.72 1.71 -23.10
C THR B 224 41.28 3.17 -23.06
N ARG B 225 42.00 3.95 -22.27
CA ARG B 225 41.76 5.37 -22.16
C ARG B 225 43.09 6.09 -22.12
N ASP B 226 43.06 7.36 -22.49
CA ASP B 226 44.20 8.24 -22.30
C ASP B 226 44.01 8.85 -20.92
N PHE B 227 44.79 8.40 -19.95
CA PHE B 227 44.72 8.90 -18.56
C PHE B 227 45.69 10.06 -18.31
N VAL B 228 45.15 11.22 -17.97
CA VAL B 228 45.97 12.38 -17.61
C VAL B 228 45.81 12.66 -16.12
N SER B 229 46.86 13.13 -15.46
CA SER B 229 46.72 13.53 -14.05
C SER B 229 46.36 15.00 -13.97
N VAL B 230 45.71 15.41 -12.88
CA VAL B 230 45.32 16.80 -12.73
C VAL B 230 46.51 17.74 -12.79
N GLU B 231 47.62 17.30 -12.19
CA GLU B 231 48.87 18.05 -12.19
C GLU B 231 49.16 18.61 -13.59
N ASP B 232 49.18 17.71 -14.56
CA ASP B 232 49.39 18.13 -15.94
C ASP B 232 48.31 19.12 -16.39
N VAL B 233 47.05 18.78 -16.12
CA VAL B 233 45.92 19.63 -16.48
C VAL B 233 46.12 21.01 -15.86
N ALA B 234 46.57 21.03 -14.60
CA ALA B 234 46.90 22.28 -13.94
C ALA B 234 48.01 23.02 -14.73
N LYS B 235 49.14 22.33 -14.89
CA LYS B 235 50.30 22.85 -15.62
C LYS B 235 49.93 23.45 -16.98
N VAL B 236 49.19 22.69 -17.77
CA VAL B 236 48.78 23.16 -19.09
C VAL B 236 47.92 24.43 -19.03
N ASN B 237 47.00 24.47 -18.06
CA ASN B 237 46.14 25.64 -17.86
C ASN B 237 46.97 26.85 -17.48
N LEU B 238 47.95 26.64 -16.61
CA LEU B 238 48.84 27.72 -16.22
C LEU B 238 49.66 28.24 -17.40
N TYR B 239 50.28 27.33 -18.16
CA TYR B 239 51.01 27.68 -19.39
C TYR B 239 50.25 28.71 -20.24
N PHE B 240 49.03 28.39 -20.63
CA PHE B 240 48.23 29.30 -21.43
C PHE B 240 47.78 30.55 -20.66
N PHE B 241 47.70 30.43 -19.34
CA PHE B 241 47.40 31.58 -18.49
C PHE B 241 48.52 32.60 -18.72
N ASP B 242 49.76 32.11 -18.72
CA ASP B 242 50.94 32.95 -18.87
C ASP B 242 51.12 33.55 -20.28
N HIS B 243 50.56 32.90 -21.29
CA HIS B 243 50.78 33.29 -22.67
C HIS B 243 49.50 33.69 -23.42
N PRO B 244 48.95 34.88 -23.11
CA PRO B 244 47.70 35.40 -23.69
C PRO B 244 47.64 35.47 -25.22
N GLU B 245 48.79 35.41 -25.88
CA GLU B 245 48.84 35.45 -27.35
C GLU B 245 48.29 34.16 -27.99
N LYS B 246 48.17 33.11 -27.19
CA LYS B 246 47.78 31.78 -27.69
C LYS B 246 46.31 31.42 -27.42
N SER B 247 45.49 31.56 -28.45
CA SER B 247 44.10 31.08 -28.42
C SER B 247 44.01 29.76 -29.17
N GLY B 248 42.87 29.08 -29.06
CA GLY B 248 42.65 27.82 -29.75
C GLY B 248 42.06 26.75 -28.85
N ILE B 249 41.56 25.67 -29.46
CA ILE B 249 41.06 24.52 -28.71
C ILE B 249 42.05 23.35 -28.81
N PHE B 250 42.52 22.86 -27.68
CA PHE B 250 43.58 21.85 -27.68
C PHE B 250 43.20 20.57 -26.94
N ASN B 251 43.55 19.42 -27.52
CA ASN B 251 43.44 18.15 -26.79
C ASN B 251 44.34 18.27 -25.59
N LEU B 252 43.96 17.62 -24.49
CA LEU B 252 44.81 17.53 -23.31
C LEU B 252 44.83 16.11 -22.79
N GLY B 253 45.67 15.28 -23.41
CA GLY B 253 45.89 13.91 -22.97
C GLY B 253 47.38 13.61 -22.98
N THR B 254 47.78 12.46 -22.49
CA THR B 254 49.20 12.10 -22.47
C THR B 254 49.67 11.56 -23.81
N GLY B 255 48.73 11.18 -24.67
CA GLY B 255 49.08 10.58 -25.95
C GLY B 255 49.28 9.07 -25.89
N ARG B 256 49.33 8.52 -24.68
CA ARG B 256 49.50 7.09 -24.48
C ARG B 256 48.29 6.44 -23.82
N ALA B 257 47.51 5.71 -24.61
CA ALA B 257 46.41 4.92 -24.06
C ALA B 257 46.96 3.73 -23.27
N GLN B 258 46.29 3.39 -22.17
CA GLN B 258 46.49 2.11 -21.48
C GLN B 258 45.10 1.67 -21.05
N PRO B 259 44.83 0.36 -21.01
CA PRO B 259 43.47 -0.06 -20.64
C PRO B 259 43.11 0.00 -19.16
N PHE B 260 41.80 -0.06 -18.87
CA PHE B 260 41.27 -0.10 -17.49
C PHE B 260 41.87 -1.27 -16.71
N ASN B 261 42.29 -2.31 -17.44
CA ASN B 261 43.04 -3.44 -16.88
C ASN B 261 44.27 -2.95 -16.10
N ASP B 262 45.04 -2.04 -16.71
CA ASP B 262 46.30 -1.52 -16.17
C ASP B 262 46.05 -0.62 -14.97
N ILE B 263 44.88 0.01 -14.95
CA ILE B 263 44.48 0.81 -13.79
C ILE B 263 44.16 -0.13 -12.66
N ALA B 264 43.06 -0.88 -12.83
CA ALA B 264 42.59 -1.88 -11.85
C ALA B 264 43.73 -2.71 -11.26
N ALA B 265 44.71 -3.02 -12.11
CA ALA B 265 45.90 -3.77 -11.69
C ALA B 265 46.75 -3.01 -10.68
N THR B 266 47.14 -1.78 -11.01
CA THR B 266 47.90 -0.97 -10.08
C THR B 266 47.12 -0.77 -8.78
N VAL B 267 45.83 -0.40 -8.88
CA VAL B 267 44.97 -0.19 -7.68
C VAL B 267 44.99 -1.39 -6.72
N VAL B 268 44.96 -2.60 -7.30
CA VAL B 268 45.21 -3.83 -6.53
C VAL B 268 46.71 -3.96 -6.19
N ASN B 269 47.58 -3.96 -7.21
CA ASN B 269 49.03 -4.07 -7.01
C ASN B 269 49.59 -3.04 -6.04
N THR B 270 49.27 -1.76 -6.28
CA THR B 270 49.64 -0.69 -5.36
C THR B 270 49.22 -1.07 -3.95
N LEU B 271 47.92 -1.32 -3.74
CA LEU B 271 47.34 -1.67 -2.43
C LEU B 271 47.89 -2.97 -1.85
N ARG B 272 48.47 -3.81 -2.71
CA ARG B 272 49.13 -5.05 -2.32
C ARG B 272 50.59 -4.84 -1.83
N ALA B 273 51.37 -4.09 -2.61
CA ALA B 273 52.72 -3.67 -2.20
C ALA B 273 52.65 -2.44 -1.27
N LEU B 274 51.62 -2.42 -0.44
CA LEU B 274 51.40 -1.42 0.61
C LEU B 274 51.08 -2.11 1.93
N GLU B 275 51.11 -3.46 1.93
CA GLU B 275 50.84 -4.24 3.14
C GLU B 275 51.59 -5.58 3.26
N GLY B 276 52.48 -5.87 2.32
CA GLY B 276 53.36 -7.02 2.41
C GLY B 276 53.36 -7.95 1.21
N GLN B 277 52.43 -7.74 0.29
CA GLN B 277 52.21 -8.68 -0.80
C GLN B 277 52.94 -8.31 -2.10
N PRO B 278 53.28 -9.32 -2.91
CA PRO B 278 54.02 -9.14 -4.19
C PRO B 278 53.17 -8.65 -5.38
N ALA B 279 53.84 -8.03 -6.36
CA ALA B 279 53.22 -7.61 -7.62
C ALA B 279 52.67 -8.80 -8.44
N LEU B 280 51.37 -8.76 -8.78
CA LEU B 280 50.78 -9.84 -9.59
C LEU B 280 50.74 -9.48 -11.07
N THR B 281 50.04 -10.30 -11.84
CA THR B 281 49.73 -9.94 -13.21
C THR B 281 48.20 -9.79 -13.31
N LEU B 282 47.71 -9.34 -14.46
CA LEU B 282 46.27 -9.20 -14.70
C LEU B 282 45.56 -10.55 -14.57
N ALA B 283 46.14 -11.60 -15.18
CA ALA B 283 45.61 -12.96 -15.05
C ALA B 283 45.72 -13.53 -13.62
N GLU B 284 46.64 -12.98 -12.82
CA GLU B 284 46.86 -13.42 -11.44
C GLU B 284 45.90 -12.79 -10.45
N GLN B 285 45.36 -11.63 -10.80
CA GLN B 285 44.33 -11.00 -9.98
C GLN B 285 42.96 -11.57 -10.32
N VAL B 286 42.71 -11.77 -11.62
CA VAL B 286 41.46 -12.36 -12.11
C VAL B 286 41.33 -13.81 -11.61
N GLU B 287 42.46 -14.51 -11.56
CA GLU B 287 42.50 -15.87 -11.01
C GLU B 287 42.00 -15.92 -9.57
N GLN B 288 42.59 -15.08 -8.72
CA GLN B 288 42.40 -15.11 -7.27
C GLN B 288 41.21 -14.30 -6.74
N GLY B 289 40.32 -13.87 -7.65
CA GLY B 289 39.13 -13.13 -7.27
C GLY B 289 39.34 -11.63 -7.07
N LEU B 290 40.56 -11.17 -7.31
CA LEU B 290 40.94 -9.77 -7.13
C LEU B 290 40.39 -8.86 -8.25
N VAL B 291 40.15 -9.44 -9.42
CA VAL B 291 39.52 -8.70 -10.52
C VAL B 291 38.28 -9.43 -11.07
N GLU B 292 37.13 -8.78 -10.97
CA GLU B 292 35.85 -9.37 -11.38
C GLU B 292 35.12 -8.48 -12.36
N TYR B 293 34.40 -9.08 -13.29
CA TYR B 293 33.81 -8.29 -14.38
C TYR B 293 32.28 -8.23 -14.34
N VAL B 294 31.78 -7.00 -14.24
CA VAL B 294 30.35 -6.71 -14.33
C VAL B 294 29.91 -6.67 -15.79
N PRO B 295 28.76 -7.29 -16.12
CA PRO B 295 28.28 -7.16 -17.50
C PRO B 295 28.02 -5.69 -17.84
N PHE B 296 28.00 -5.38 -19.14
CA PHE B 296 27.92 -3.98 -19.58
C PHE B 296 26.49 -3.44 -19.55
N PRO B 297 26.28 -2.32 -18.83
CA PRO B 297 24.98 -1.67 -18.61
C PRO B 297 24.26 -1.37 -19.93
N ASP B 298 23.00 -1.81 -20.04
CA ASP B 298 22.26 -1.61 -21.29
C ASP B 298 21.92 -0.14 -21.53
N ALA B 299 21.95 0.65 -20.47
CA ALA B 299 21.68 2.08 -20.56
C ALA B 299 22.91 2.89 -20.98
N LEU B 300 24.08 2.24 -20.97
CA LEU B 300 25.32 2.87 -21.40
C LEU B 300 25.68 2.55 -22.87
N ARG B 301 25.10 1.48 -23.42
CA ARG B 301 25.35 1.07 -24.80
C ARG B 301 25.04 2.18 -25.80
N GLY B 302 26.02 2.50 -26.65
CA GLY B 302 25.84 3.56 -27.63
C GLY B 302 26.19 4.97 -27.16
N LYS B 303 26.30 5.15 -25.84
CA LYS B 303 26.74 6.42 -25.27
C LYS B 303 28.07 6.17 -24.56
N TYR B 304 28.94 5.42 -25.23
CA TYR B 304 30.18 4.93 -24.61
C TYR B 304 31.41 5.05 -25.54
N GLN B 305 32.51 5.54 -24.98
CA GLN B 305 33.84 5.54 -25.62
C GLN B 305 34.61 4.29 -25.19
N CYS B 306 35.03 3.48 -26.16
CA CYS B 306 35.67 2.21 -25.83
C CYS B 306 37.19 2.33 -25.89
N PHE B 307 37.66 3.38 -26.54
CA PHE B 307 39.10 3.67 -26.67
C PHE B 307 39.32 5.16 -26.92
N THR B 308 40.25 5.74 -26.15
CA THR B 308 40.71 7.11 -26.39
C THR B 308 42.24 7.19 -26.44
N GLN B 309 42.75 8.16 -27.20
CA GLN B 309 44.18 8.49 -27.24
C GLN B 309 44.39 9.87 -27.86
N ALA B 310 44.93 10.81 -27.09
CA ALA B 310 45.14 12.19 -27.57
C ALA B 310 46.15 12.31 -28.70
N ASP B 311 45.95 13.33 -29.55
CA ASP B 311 46.85 13.68 -30.63
C ASP B 311 47.53 14.99 -30.22
N GLN B 312 48.75 14.89 -29.70
CA GLN B 312 49.42 16.05 -29.10
C GLN B 312 50.09 17.00 -30.11
N THR B 313 49.78 16.82 -31.39
CA THR B 313 50.35 17.63 -32.48
C THR B 313 50.08 19.12 -32.28
N LYS B 314 48.80 19.47 -32.16
CA LYS B 314 48.37 20.85 -32.05
C LYS B 314 48.84 21.50 -30.74
N LEU B 315 48.89 20.70 -29.67
CA LEU B 315 49.34 21.19 -28.37
C LEU B 315 50.79 21.60 -28.41
N ARG B 316 51.68 20.66 -28.74
CA ARG B 316 53.12 20.91 -28.81
C ARG B 316 53.43 22.07 -29.76
N ALA B 317 52.63 22.14 -30.83
CA ALA B 317 52.77 23.18 -31.86
C ALA B 317 52.49 24.62 -31.38
N ALA B 318 52.00 24.76 -30.15
CA ALA B 318 51.78 26.07 -29.55
C ALA B 318 52.72 26.20 -28.36
N GLY B 319 53.44 25.14 -28.06
CA GLY B 319 54.60 25.27 -27.20
C GLY B 319 54.61 24.66 -25.81
N TYR B 320 53.56 23.94 -25.44
CA TYR B 320 53.68 23.15 -24.21
C TYR B 320 54.48 21.90 -24.58
N ASP B 321 55.70 21.81 -24.04
CA ASP B 321 56.66 20.80 -24.47
C ASP B 321 56.93 19.75 -23.40
N ALA B 322 56.37 19.96 -22.20
CA ALA B 322 56.67 19.12 -21.06
C ALA B 322 56.20 17.67 -21.24
N PRO B 323 56.87 16.73 -20.56
CA PRO B 323 56.33 15.37 -20.52
C PRO B 323 55.02 15.36 -19.75
N PHE B 324 54.27 14.28 -19.87
CA PHE B 324 53.08 14.07 -19.06
C PHE B 324 53.35 12.85 -18.20
N LEU B 325 52.84 12.85 -16.98
CA LEU B 325 52.92 11.66 -16.14
C LEU B 325 52.32 10.47 -16.87
N THR B 326 52.77 9.27 -16.53
CA THR B 326 52.20 8.06 -17.10
C THR B 326 51.37 7.36 -16.02
N VAL B 327 50.53 6.42 -16.43
CA VAL B 327 49.62 5.75 -15.49
C VAL B 327 50.39 5.13 -14.33
N GLN B 328 51.48 4.45 -14.63
CA GLN B 328 52.28 3.84 -13.58
C GLN B 328 52.85 4.90 -12.64
N GLU B 329 53.27 6.04 -13.20
CA GLU B 329 53.72 7.14 -12.35
C GLU B 329 52.61 7.70 -11.48
N GLY B 330 51.71 8.46 -12.11
CA GLY B 330 50.63 9.18 -11.44
C GLY B 330 49.75 8.35 -10.50
N VAL B 331 48.97 7.45 -11.10
CA VAL B 331 48.00 6.63 -10.36
C VAL B 331 48.58 6.05 -9.09
N ASP B 332 49.77 5.45 -9.22
CA ASP B 332 50.49 4.93 -8.06
C ASP B 332 50.60 5.96 -6.92
N ARG B 333 51.18 7.14 -7.23
CA ARG B 333 51.24 8.25 -6.29
C ARG B 333 49.85 8.55 -5.72
N TYR B 334 48.94 8.91 -6.63
CA TYR B 334 47.57 9.19 -6.26
C TYR B 334 46.89 8.09 -5.39
N VAL B 335 47.24 6.80 -5.59
CA VAL B 335 46.64 5.72 -4.79
C VAL B 335 47.13 5.76 -3.34
N ARG B 336 48.38 6.17 -3.17
CA ARG B 336 48.98 6.30 -1.85
C ARG B 336 48.48 7.57 -1.11
N TRP B 337 48.14 8.59 -1.90
CA TRP B 337 47.40 9.77 -1.42
C TRP B 337 46.13 9.31 -0.70
N LEU B 338 45.49 8.29 -1.27
CA LEU B 338 44.20 7.77 -0.77
C LEU B 338 44.22 6.97 0.54
N PHE B 339 45.32 6.29 0.83
CA PHE B 339 45.45 5.54 2.10
C PHE B 339 45.44 6.50 3.32
N GLY B 340 45.93 7.73 3.12
CA GLY B 340 45.92 8.75 4.17
C GLY B 340 44.56 9.03 4.81
N GLN B 341 43.97 7.98 5.40
CA GLN B 341 42.70 8.08 6.13
C GLN B 341 42.68 7.28 7.46
N LEU B 342 43.77 6.55 7.75
CA LEU B 342 43.92 5.83 9.02
C LEU B 342 45.34 5.92 9.62
N MET C 13 21.39 37.13 -44.23
CA MET C 13 22.31 35.99 -44.20
C MET C 13 22.00 34.95 -43.08
N THR C 14 21.70 35.42 -41.88
CA THR C 14 21.35 34.54 -40.75
C THR C 14 19.99 33.85 -40.93
N LEU C 15 19.99 32.53 -40.82
CA LEU C 15 18.75 31.75 -40.90
C LEU C 15 18.36 31.19 -39.53
N ILE C 16 17.07 30.99 -39.32
CA ILE C 16 16.55 30.49 -38.06
C ILE C 16 15.59 29.32 -38.29
N VAL C 17 15.86 28.20 -37.62
CA VAL C 17 14.94 27.08 -37.67
C VAL C 17 14.45 26.72 -36.27
N THR C 18 13.16 26.88 -36.02
CA THR C 18 12.59 26.40 -34.78
C THR C 18 12.15 24.97 -35.04
N GLY C 19 12.18 24.14 -33.99
CA GLY C 19 11.92 22.71 -34.11
C GLY C 19 13.17 22.04 -34.64
N ALA C 20 14.26 22.79 -34.53
CA ALA C 20 15.54 22.43 -35.13
C ALA C 20 16.03 21.04 -34.74
N ALA C 21 15.79 20.63 -33.49
CA ALA C 21 16.27 19.33 -33.03
C ALA C 21 15.28 18.22 -33.33
N GLY C 22 14.08 18.57 -33.76
CA GLY C 22 13.06 17.60 -34.11
C GLY C 22 13.19 17.00 -35.51
N PHE C 23 12.24 16.13 -35.86
CA PHE C 23 12.23 15.40 -37.12
C PHE C 23 12.45 16.30 -38.36
N ILE C 24 11.47 17.13 -38.69
CA ILE C 24 11.47 17.91 -39.92
C ILE C 24 12.42 19.08 -39.91
N GLY C 25 12.56 19.73 -38.75
CA GLY C 25 13.43 20.87 -38.63
C GLY C 25 14.89 20.46 -38.74
N ALA C 26 15.21 19.25 -38.34
CA ALA C 26 16.60 18.81 -38.44
C ALA C 26 16.89 18.41 -39.86
N ASN C 27 15.91 17.86 -40.55
CA ASN C 27 16.10 17.59 -41.97
C ASN C 27 16.28 18.89 -42.77
N LEU C 28 15.56 19.94 -42.39
CA LEU C 28 15.75 21.26 -42.97
C LEU C 28 17.15 21.79 -42.72
N VAL C 29 17.62 21.71 -41.47
CA VAL C 29 18.96 22.19 -41.13
C VAL C 29 20.03 21.48 -41.96
N LYS C 30 19.89 20.18 -42.11
CA LYS C 30 20.89 19.42 -42.84
C LYS C 30 20.83 19.79 -44.33
N ALA C 31 19.61 19.93 -44.87
CA ALA C 31 19.41 20.29 -46.28
C ALA C 31 20.09 21.62 -46.61
N LEU C 32 19.91 22.60 -45.73
CA LEU C 32 20.59 23.88 -45.84
C LEU C 32 22.10 23.73 -45.79
N ASN C 33 22.60 22.86 -44.93
CA ASN C 33 24.03 22.64 -44.85
C ASN C 33 24.57 22.07 -46.18
N GLU C 34 23.76 21.22 -46.80
CA GLU C 34 24.12 20.57 -48.05
C GLU C 34 24.14 21.55 -49.24
N ARG C 35 23.88 22.83 -48.97
CA ARG C 35 24.03 23.88 -49.96
C ARG C 35 24.84 25.05 -49.41
N GLY C 36 25.74 24.75 -48.48
CA GLY C 36 26.64 25.76 -47.94
C GLY C 36 26.04 26.80 -47.00
N GLU C 37 24.73 26.70 -46.74
CA GLU C 37 24.08 27.55 -45.72
C GLU C 37 24.29 27.01 -44.29
N THR C 38 25.17 27.66 -43.54
CA THR C 38 25.56 27.24 -42.19
C THR C 38 25.40 28.30 -41.07
N ARG C 39 24.94 29.50 -41.42
CA ARG C 39 24.70 30.55 -40.42
C ARG C 39 23.30 30.43 -39.80
N ILE C 40 23.06 29.30 -39.16
CA ILE C 40 21.72 28.92 -38.66
C ILE C 40 21.58 29.05 -37.14
N ILE C 41 20.53 29.77 -36.72
CA ILE C 41 20.10 29.79 -35.32
C ILE C 41 19.05 28.68 -35.10
N ALA C 42 19.34 27.79 -34.16
CA ALA C 42 18.53 26.61 -33.93
C ALA C 42 17.75 26.78 -32.64
N VAL C 43 16.44 26.53 -32.71
CA VAL C 43 15.56 26.69 -31.55
C VAL C 43 14.74 25.42 -31.33
N ASP C 44 14.85 24.85 -30.14
CA ASP C 44 14.11 23.63 -29.82
C ASP C 44 13.99 23.53 -28.31
N ASN C 45 13.58 22.36 -27.84
CA ASN C 45 13.43 22.06 -26.43
C ASN C 45 14.01 20.67 -26.18
N LEU C 46 15.17 20.65 -25.52
CA LEU C 46 15.96 19.44 -25.45
C LEU C 46 15.70 18.60 -24.19
N THR C 47 14.63 18.96 -23.45
CA THR C 47 14.22 18.23 -22.25
C THR C 47 14.37 16.70 -22.42
N ARG C 48 13.82 16.18 -23.52
CA ARG C 48 14.11 14.81 -23.92
C ARG C 48 15.41 14.81 -24.73
N ALA C 49 16.48 14.42 -24.06
CA ALA C 49 17.82 14.64 -24.55
C ALA C 49 18.20 13.92 -25.85
N ASP C 50 17.47 12.88 -26.22
CA ASP C 50 17.85 12.10 -27.40
C ASP C 50 17.81 12.86 -28.73
N LYS C 51 17.08 13.97 -28.76
CA LYS C 51 16.93 14.78 -29.95
C LYS C 51 18.26 15.31 -30.44
N PHE C 52 19.18 15.55 -29.52
CA PHE C 52 20.48 16.13 -29.83
C PHE C 52 21.14 15.36 -30.98
N LYS C 53 20.87 14.06 -31.07
CA LYS C 53 21.44 13.23 -32.11
C LYS C 53 21.14 13.74 -33.53
N ASN C 54 20.07 14.51 -33.67
CA ASN C 54 19.66 15.04 -34.97
C ASN C 54 20.50 16.22 -35.49
N LEU C 55 21.47 16.69 -34.71
CA LEU C 55 22.22 17.90 -35.06
C LEU C 55 23.72 17.70 -34.94
N VAL C 56 24.10 16.43 -34.83
CA VAL C 56 25.49 16.06 -34.60
C VAL C 56 26.26 16.18 -35.91
N ASP C 57 25.58 15.87 -37.00
CA ASP C 57 26.15 16.00 -38.32
C ASP C 57 25.76 17.35 -38.95
N CYS C 58 25.44 18.32 -38.10
CA CYS C 58 25.01 19.62 -38.59
C CYS C 58 25.93 20.76 -38.23
N GLU C 59 25.70 21.87 -38.91
CA GLU C 59 26.39 23.11 -38.65
C GLU C 59 25.36 24.18 -38.31
N ILE C 60 25.46 24.72 -37.10
CA ILE C 60 24.57 25.79 -36.66
C ILE C 60 25.34 26.86 -35.89
N ASP C 61 24.81 28.07 -35.86
CA ASP C 61 25.48 29.20 -35.24
C ASP C 61 25.24 29.25 -33.74
N ASP C 62 24.06 28.79 -33.33
CA ASP C 62 23.61 28.93 -31.96
C ASP C 62 22.47 27.94 -31.66
N TYR C 63 22.29 27.62 -30.37
CA TYR C 63 21.12 26.87 -29.92
C TYR C 63 20.41 27.61 -28.81
N LEU C 64 19.09 27.69 -28.91
CA LEU C 64 18.28 28.30 -27.86
C LEU C 64 17.07 27.46 -27.51
N ASP C 65 16.71 27.46 -26.22
CA ASP C 65 15.46 26.84 -25.83
C ASP C 65 14.29 27.64 -26.37
N LYS C 66 13.19 26.96 -26.67
CA LYS C 66 12.01 27.62 -27.24
C LYS C 66 11.50 28.76 -26.38
N THR C 67 11.87 28.75 -25.10
CA THR C 67 11.32 29.71 -24.14
C THR C 67 12.08 31.04 -24.10
N GLU C 68 13.33 31.03 -24.54
CA GLU C 68 14.14 32.24 -24.43
C GLU C 68 14.36 32.90 -25.77
N PHE C 69 13.69 32.41 -26.80
CA PHE C 69 13.99 32.82 -28.18
C PHE C 69 13.17 34.01 -28.72
N VAL C 70 11.85 33.94 -28.59
CA VAL C 70 10.95 35.01 -29.05
C VAL C 70 11.34 36.41 -28.55
N GLU C 71 11.78 36.50 -27.31
CA GLU C 71 12.24 37.77 -26.76
C GLU C 71 13.44 38.26 -27.56
N ARG C 72 14.43 37.40 -27.72
CA ARG C 72 15.68 37.77 -28.37
C ARG C 72 15.54 38.03 -29.87
N PHE C 73 14.59 37.36 -30.52
CA PHE C 73 14.38 37.54 -31.95
C PHE C 73 13.76 38.91 -32.29
N ALA C 74 12.73 39.32 -31.54
CA ALA C 74 12.11 40.63 -31.71
C ALA C 74 13.09 41.75 -31.40
N ARG C 75 13.85 41.58 -30.33
CA ARG C 75 14.85 42.54 -29.89
C ARG C 75 16.01 42.67 -30.88
N GLY C 76 16.10 41.73 -31.82
CA GLY C 76 17.07 41.82 -32.89
C GLY C 76 18.44 41.35 -32.46
N ASP C 77 18.50 40.37 -31.57
CA ASP C 77 19.77 39.87 -31.05
C ASP C 77 20.55 39.12 -32.12
N PHE C 78 19.88 38.70 -33.18
CA PHE C 78 20.51 37.84 -34.17
C PHE C 78 20.90 38.60 -35.42
N GLY C 79 20.80 39.91 -35.35
CA GLY C 79 21.13 40.75 -36.47
C GLY C 79 20.11 40.58 -37.58
N LYS C 80 20.57 40.74 -38.82
CA LYS C 80 19.71 40.63 -39.99
C LYS C 80 19.39 39.17 -40.26
N VAL C 81 18.09 38.88 -40.35
CA VAL C 81 17.64 37.51 -40.59
C VAL C 81 16.87 37.43 -41.89
N ARG C 82 17.30 36.53 -42.75
CA ARG C 82 16.63 36.38 -44.03
C ARG C 82 15.30 35.62 -43.85
N ALA C 83 15.39 34.47 -43.21
CA ALA C 83 14.23 33.60 -43.09
C ALA C 83 14.08 32.91 -41.73
N VAL C 84 12.85 32.54 -41.43
CA VAL C 84 12.54 31.70 -40.31
C VAL C 84 11.78 30.48 -40.82
N PHE C 85 12.35 29.29 -40.57
CA PHE C 85 11.61 28.05 -40.75
C PHE C 85 11.02 27.67 -39.41
N HIS C 86 9.77 28.07 -39.21
CA HIS C 86 9.07 27.77 -37.97
C HIS C 86 8.50 26.35 -38.03
N GLU C 87 9.29 25.38 -37.59
CA GLU C 87 8.86 23.97 -37.56
C GLU C 87 8.46 23.56 -36.15
N GLY C 88 9.04 24.25 -35.17
CA GLY C 88 8.74 24.03 -33.77
C GLY C 88 7.28 24.08 -33.40
N ALA C 89 6.79 22.99 -32.84
CA ALA C 89 5.43 22.94 -32.30
C ALA C 89 5.34 21.71 -31.43
N CYS C 90 4.28 21.64 -30.63
CA CYS C 90 3.99 20.41 -29.95
C CYS C 90 3.27 19.55 -30.97
N SER C 91 3.90 18.45 -31.36
CA SER C 91 3.36 17.56 -32.38
C SER C 91 2.62 16.35 -31.81
N ASP C 92 2.45 16.30 -30.49
CA ASP C 92 1.72 15.19 -29.88
C ASP C 92 0.21 15.36 -30.09
N THR C 93 -0.36 14.60 -31.03
CA THR C 93 -1.79 14.73 -31.34
C THR C 93 -2.68 14.23 -30.22
N MET C 94 -2.08 13.65 -29.20
CA MET C 94 -2.90 13.13 -28.10
C MET C 94 -2.72 13.96 -26.84
N GLU C 95 -1.90 15.00 -26.93
CA GLU C 95 -1.79 15.99 -25.87
C GLU C 95 -3.16 16.57 -25.53
N THR C 96 -3.46 16.66 -24.22
CA THR C 96 -4.82 16.96 -23.76
C THR C 96 -5.02 18.34 -23.12
N ASP C 97 -3.91 19.00 -22.80
CA ASP C 97 -3.95 20.35 -22.25
C ASP C 97 -4.02 21.35 -23.41
N GLY C 98 -5.24 21.80 -23.71
CA GLY C 98 -5.48 22.71 -24.81
C GLY C 98 -4.94 24.11 -24.57
N ARG C 99 -4.78 24.48 -23.31
CA ARG C 99 -4.20 25.77 -22.98
C ARG C 99 -2.73 25.79 -23.41
N TYR C 100 -2.00 24.72 -23.09
CA TYR C 100 -0.62 24.58 -23.56
C TYR C 100 -0.52 24.49 -25.09
N MET C 101 -1.40 23.69 -25.68
CA MET C 101 -1.44 23.57 -27.13
C MET C 101 -1.61 24.93 -27.82
N MET C 102 -2.54 25.74 -27.33
CA MET C 102 -2.80 27.04 -27.95
C MET C 102 -1.68 28.03 -27.70
N ASP C 103 -1.00 27.89 -26.58
CA ASP C 103 0.10 28.79 -26.28
C ASP C 103 1.38 28.43 -27.01
N ASN C 104 1.75 27.16 -26.99
CA ASN C 104 3.04 26.73 -27.55
C ASN C 104 3.00 26.65 -29.09
N ASN C 105 1.80 26.43 -29.64
CA ASN C 105 1.60 26.37 -31.08
C ASN C 105 1.10 27.70 -31.69
N PHE C 106 -0.19 27.94 -31.57
CA PHE C 106 -0.83 29.14 -32.09
C PHE C 106 -0.20 30.47 -31.65
N ARG C 107 -0.28 30.82 -30.36
CA ARG C 107 0.26 32.11 -29.89
C ARG C 107 1.73 32.27 -30.19
N TYR C 108 2.48 31.16 -30.10
CA TYR C 108 3.92 31.23 -30.32
C TYR C 108 4.15 31.56 -31.80
N SER C 109 3.41 30.87 -32.66
CA SER C 109 3.47 31.13 -34.08
C SER C 109 3.21 32.59 -34.42
N ARG C 110 2.13 33.18 -33.89
CA ARG C 110 1.84 34.60 -34.14
C ARG C 110 2.97 35.53 -33.74
N ALA C 111 3.65 35.19 -32.66
CA ALA C 111 4.71 36.04 -32.16
C ALA C 111 5.88 35.98 -33.12
N VAL C 112 6.15 34.80 -33.65
CA VAL C 112 7.25 34.61 -34.60
C VAL C 112 6.89 35.31 -35.92
N LEU C 113 5.63 35.14 -36.33
CA LEU C 113 5.10 35.83 -37.51
C LEU C 113 5.21 37.34 -37.36
N ASP C 114 4.78 37.86 -36.21
CA ASP C 114 4.84 39.30 -35.95
C ASP C 114 6.26 39.85 -36.05
N ALA C 115 7.22 39.07 -35.55
CA ALA C 115 8.59 39.54 -35.59
C ALA C 115 9.12 39.45 -37.01
N CYS C 116 8.68 38.43 -37.73
CA CYS C 116 9.07 38.24 -39.13
C CYS C 116 8.51 39.35 -39.99
N LEU C 117 7.24 39.65 -39.81
CA LEU C 117 6.61 40.77 -40.51
C LEU C 117 7.29 42.09 -40.18
N ALA C 118 7.59 42.31 -38.91
CA ALA C 118 8.31 43.52 -38.50
C ALA C 118 9.67 43.71 -39.18
N GLN C 119 10.41 42.62 -39.41
CA GLN C 119 11.77 42.73 -39.94
C GLN C 119 11.87 42.40 -41.43
N GLY C 120 10.73 42.17 -42.08
CA GLY C 120 10.71 41.77 -43.46
C GLY C 120 11.53 40.51 -43.74
N ALA C 121 11.40 39.52 -42.86
CA ALA C 121 12.04 38.23 -43.07
C ALA C 121 11.01 37.25 -43.61
N GLN C 122 11.46 36.34 -44.47
CA GLN C 122 10.57 35.31 -44.99
C GLN C 122 10.10 34.40 -43.85
N PHE C 123 8.88 33.92 -43.96
CA PHE C 123 8.27 33.12 -42.91
C PHE C 123 7.69 31.85 -43.50
N LEU C 124 8.43 30.75 -43.35
CA LEU C 124 7.93 29.47 -43.81
C LEU C 124 7.64 28.61 -42.58
N TYR C 125 6.37 28.26 -42.44
CA TYR C 125 5.91 27.58 -41.25
C TYR C 125 5.20 26.28 -41.56
N ALA C 126 5.17 25.39 -40.57
CA ALA C 126 4.50 24.10 -40.72
C ALA C 126 3.03 24.11 -40.32
N SER C 127 2.16 23.74 -41.24
CA SER C 127 0.77 23.47 -40.88
C SER C 127 0.61 21.96 -40.81
N SER C 128 -0.61 21.46 -41.03
CA SER C 128 -0.86 20.03 -40.92
C SER C 128 -2.15 19.64 -41.58
N ALA C 129 -2.13 18.45 -42.20
CA ALA C 129 -3.32 17.93 -42.84
C ALA C 129 -4.39 17.53 -41.82
N ALA C 130 -4.00 17.53 -40.53
CA ALA C 130 -4.95 17.30 -39.45
C ALA C 130 -6.09 18.31 -39.52
N ILE C 131 -5.77 19.52 -39.96
CA ILE C 131 -6.75 20.59 -40.18
C ILE C 131 -8.01 20.18 -40.96
N TYR C 132 -7.88 19.28 -41.91
CA TYR C 132 -9.02 18.88 -42.74
C TYR C 132 -10.01 18.01 -41.97
N GLY C 133 -9.52 17.41 -40.88
CA GLY C 133 -10.32 16.45 -40.13
C GLY C 133 -10.93 15.37 -41.01
N GLY C 134 -12.17 15.00 -40.73
CA GLY C 134 -12.84 13.95 -41.48
C GLY C 134 -13.49 14.44 -42.76
N SER C 135 -12.94 15.49 -43.36
CA SER C 135 -13.48 16.02 -44.61
C SER C 135 -13.28 15.08 -45.79
N SER C 136 -14.13 15.22 -46.81
CA SER C 136 -14.02 14.41 -48.02
C SER C 136 -13.15 15.06 -49.09
N ARG C 137 -12.88 16.36 -48.94
CA ARG C 137 -12.01 17.06 -49.88
C ARG C 137 -10.81 17.70 -49.17
N PHE C 138 -9.71 17.82 -49.89
CA PHE C 138 -8.46 18.26 -49.26
C PHE C 138 -7.84 19.43 -50.01
N VAL C 139 -8.64 20.46 -50.21
CA VAL C 139 -8.20 21.66 -50.90
C VAL C 139 -8.07 22.81 -49.88
N GLU C 140 -7.12 23.70 -50.12
CA GLU C 140 -6.83 24.76 -49.15
C GLU C 140 -7.90 25.86 -49.08
N GLU C 141 -9.09 25.46 -48.64
CA GLU C 141 -10.22 26.36 -48.50
C GLU C 141 -10.93 26.11 -47.16
N ARG C 142 -11.29 27.21 -46.48
CA ARG C 142 -12.01 27.17 -45.20
C ARG C 142 -13.21 26.20 -45.12
N GLU C 143 -13.87 25.95 -46.25
CA GLU C 143 -15.09 25.12 -46.28
C GLU C 143 -14.88 23.62 -46.03
N VAL C 144 -13.64 23.14 -46.13
CA VAL C 144 -13.38 21.72 -45.93
C VAL C 144 -12.47 21.49 -44.75
N GLU C 145 -12.32 22.52 -43.94
CA GLU C 145 -11.45 22.46 -42.77
C GLU C 145 -12.25 22.30 -41.48
N ALA C 146 -12.14 21.12 -40.89
CA ALA C 146 -12.78 20.81 -39.61
C ALA C 146 -11.90 19.85 -38.77
N PRO C 147 -10.97 20.41 -38.00
CA PRO C 147 -10.02 19.61 -37.19
C PRO C 147 -10.73 18.76 -36.12
N LEU C 148 -10.12 17.63 -35.74
CA LEU C 148 -10.79 16.64 -34.90
C LEU C 148 -10.29 16.64 -33.47
N ASN C 149 -9.13 17.23 -33.27
CA ASN C 149 -8.54 17.34 -31.96
C ASN C 149 -7.88 18.70 -31.84
N VAL C 150 -7.50 19.05 -30.62
CA VAL C 150 -7.06 20.40 -30.33
C VAL C 150 -5.73 20.69 -31.00
N TYR C 151 -4.98 19.64 -31.31
CA TYR C 151 -3.74 19.82 -32.07
C TYR C 151 -4.09 20.38 -33.43
N GLY C 152 -5.10 19.80 -34.05
CA GLY C 152 -5.55 20.27 -35.34
C GLY C 152 -6.09 21.69 -35.22
N TYR C 153 -6.81 21.97 -34.14
CA TYR C 153 -7.36 23.31 -33.97
C TYR C 153 -6.26 24.37 -33.84
N SER C 154 -5.12 24.02 -33.27
CA SER C 154 -4.04 24.99 -33.12
C SER C 154 -3.35 25.28 -34.44
N LYS C 155 -3.43 24.33 -35.37
CA LYS C 155 -2.81 24.52 -36.66
C LYS C 155 -3.81 25.27 -37.53
N PHE C 156 -5.07 24.87 -37.40
CA PHE C 156 -6.21 25.46 -38.10
C PHE C 156 -6.28 26.97 -37.88
N LEU C 157 -6.31 27.36 -36.61
CA LEU C 157 -6.50 28.75 -36.26
C LEU C 157 -5.33 29.63 -36.71
N PHE C 158 -4.12 29.11 -36.70
CA PHE C 158 -3.02 29.91 -37.24
C PHE C 158 -3.19 30.13 -38.76
N ASP C 159 -3.65 29.12 -39.48
CA ASP C 159 -3.89 29.26 -40.91
C ASP C 159 -4.94 30.34 -41.21
N GLN C 160 -6.02 30.35 -40.45
CA GLN C 160 -7.04 31.40 -40.59
C GLN C 160 -6.41 32.79 -40.41
N VAL C 161 -5.53 32.92 -39.43
CA VAL C 161 -4.86 34.19 -39.19
C VAL C 161 -4.00 34.58 -40.39
N ILE C 162 -3.29 33.60 -40.95
CA ILE C 162 -2.41 33.87 -42.07
C ILE C 162 -3.19 34.38 -43.29
N ARG C 163 -4.41 33.87 -43.48
CA ARG C 163 -5.30 34.32 -44.55
C ARG C 163 -5.74 35.79 -44.38
N ARG C 164 -5.81 36.26 -43.13
CA ARG C 164 -6.09 37.67 -42.86
C ARG C 164 -4.83 38.56 -42.95
N VAL C 165 -3.67 38.01 -42.62
CA VAL C 165 -2.44 38.80 -42.65
C VAL C 165 -1.88 38.94 -44.07
N MET C 166 -2.04 37.88 -44.85
CA MET C 166 -1.36 37.72 -46.14
C MET C 166 -1.50 38.88 -47.14
N PRO C 167 -2.74 39.30 -47.47
CA PRO C 167 -2.86 40.34 -48.51
C PRO C 167 -2.02 41.57 -48.21
N GLY C 168 -2.10 42.06 -46.97
CA GLY C 168 -1.30 43.20 -46.55
C GLY C 168 0.20 42.92 -46.37
N ALA C 169 0.57 41.64 -46.33
CA ALA C 169 1.92 41.25 -45.96
C ALA C 169 2.95 41.59 -47.04
N LYS C 170 3.96 42.37 -46.65
CA LYS C 170 5.03 42.72 -47.56
C LYS C 170 5.92 41.51 -47.82
N SER C 171 6.27 40.79 -46.76
CA SER C 171 7.22 39.68 -46.84
C SER C 171 6.57 38.33 -47.12
N GLN C 172 7.42 37.36 -47.43
CA GLN C 172 6.98 35.98 -47.71
C GLN C 172 6.27 35.31 -46.54
N ILE C 173 5.13 34.70 -46.83
CA ILE C 173 4.45 33.88 -45.84
C ILE C 173 4.15 32.53 -46.47
N ALA C 174 4.93 31.52 -46.09
CA ALA C 174 4.78 30.20 -46.68
C ALA C 174 4.36 29.17 -45.63
N GLY C 175 3.17 28.62 -45.80
CA GLY C 175 2.67 27.64 -44.86
C GLY C 175 2.36 26.32 -45.53
N PHE C 176 2.94 25.25 -45.00
CA PHE C 176 2.84 23.92 -45.58
C PHE C 176 2.04 22.94 -44.73
N ARG C 177 0.91 22.50 -45.25
CA ARG C 177 0.14 21.46 -44.58
C ARG C 177 0.72 20.08 -44.90
N TYR C 178 1.72 19.69 -44.11
CA TYR C 178 2.32 18.37 -44.21
C TYR C 178 1.25 17.32 -44.05
N PHE C 179 1.40 16.23 -44.79
CA PHE C 179 0.54 15.06 -44.59
C PHE C 179 1.33 14.06 -43.74
N ASN C 180 1.15 12.77 -43.95
CA ASN C 180 1.91 11.79 -43.16
C ASN C 180 3.36 11.72 -43.62
N VAL C 181 4.22 12.44 -42.91
CA VAL C 181 5.64 12.44 -43.20
C VAL C 181 6.38 11.28 -42.54
N TYR C 182 7.28 10.64 -43.28
CA TYR C 182 8.16 9.59 -42.76
C TYR C 182 9.58 9.86 -43.22
N GLY C 183 10.55 9.19 -42.60
CA GLY C 183 11.93 9.32 -43.00
C GLY C 183 12.85 9.48 -41.81
N PRO C 184 14.15 9.64 -42.04
CA PRO C 184 15.19 9.68 -41.00
C PRO C 184 15.02 10.85 -40.05
N ARG C 185 15.62 10.72 -38.86
CA ARG C 185 15.66 11.77 -37.84
C ARG C 185 14.36 11.92 -37.04
N GLU C 186 13.46 10.93 -37.15
CA GLU C 186 12.23 10.89 -36.35
C GLU C 186 12.29 9.90 -35.17
N SER C 187 13.49 9.46 -34.79
CA SER C 187 13.64 8.33 -33.85
C SER C 187 13.16 8.62 -32.42
N HIS C 188 13.08 9.89 -32.07
CA HIS C 188 12.75 10.33 -30.72
C HIS C 188 11.24 10.54 -30.54
N LYS C 189 10.47 10.40 -31.62
CA LYS C 189 9.09 10.85 -31.60
C LYS C 189 8.17 9.86 -30.90
N GLY C 190 8.76 8.80 -30.34
CA GLY C 190 8.02 7.81 -29.61
C GLY C 190 6.76 7.35 -30.33
N ARG C 191 5.62 7.52 -29.67
CA ARG C 191 4.36 7.07 -30.23
C ARG C 191 3.89 7.98 -31.38
N MET C 192 4.64 9.06 -31.63
CA MET C 192 4.27 10.02 -32.68
C MET C 192 5.09 9.84 -33.96
N ALA C 193 6.16 9.02 -33.90
CA ALA C 193 6.93 8.69 -35.10
C ALA C 193 6.05 7.96 -36.12
N SER C 194 6.49 7.95 -37.38
CA SER C 194 5.70 7.37 -38.46
C SER C 194 5.41 5.88 -38.24
N VAL C 195 4.34 5.39 -38.86
CA VAL C 195 4.04 3.97 -38.83
C VAL C 195 5.17 3.12 -39.46
N ALA C 196 5.84 3.67 -40.46
CA ALA C 196 6.99 3.00 -41.05
C ALA C 196 7.99 2.67 -39.97
N PHE C 197 8.43 3.69 -39.23
CA PHE C 197 9.41 3.56 -38.14
C PHE C 197 8.99 2.57 -37.07
N HIS C 198 7.71 2.59 -36.70
CA HIS C 198 7.18 1.70 -35.67
C HIS C 198 7.30 0.27 -36.15
N ASN C 199 6.74 0.00 -37.33
CA ASN C 199 6.80 -1.32 -37.96
C ASN C 199 8.22 -1.90 -38.01
N PHE C 200 9.19 -1.07 -38.35
CA PHE C 200 10.57 -1.49 -38.44
C PHE C 200 11.01 -2.07 -37.09
N ASN C 201 10.98 -1.25 -36.05
CA ASN C 201 11.32 -1.69 -34.70
C ASN C 201 10.51 -2.91 -34.24
N GLN C 202 9.21 -2.88 -34.49
CA GLN C 202 8.33 -3.99 -34.17
C GLN C 202 8.84 -5.27 -34.83
N PHE C 203 9.20 -5.19 -36.10
CA PHE C 203 9.68 -6.35 -36.84
C PHE C 203 11.00 -6.86 -36.27
N ARG C 204 11.94 -5.93 -36.05
CA ARG C 204 13.22 -6.24 -35.43
C ARG C 204 13.09 -6.93 -34.07
N ALA C 205 12.06 -6.58 -33.31
CA ALA C 205 11.91 -7.05 -31.94
C ALA C 205 11.04 -8.30 -31.77
N GLU C 206 9.93 -8.37 -32.51
CA GLU C 206 8.99 -9.49 -32.38
C GLU C 206 8.84 -10.38 -33.63
N GLY C 207 9.46 -9.98 -34.74
CA GLY C 207 9.29 -10.68 -36.00
C GLY C 207 7.95 -10.44 -36.67
N LYS C 208 7.24 -9.40 -36.24
CA LYS C 208 5.97 -9.03 -36.85
C LYS C 208 5.66 -7.56 -36.63
N VAL C 209 4.70 -7.05 -37.41
CA VAL C 209 4.26 -5.67 -37.30
C VAL C 209 2.77 -5.60 -37.02
N LYS C 210 2.36 -4.44 -36.50
CA LYS C 210 0.98 -4.22 -36.06
C LYS C 210 0.37 -2.98 -36.72
N LEU C 211 -0.93 -3.05 -36.98
CA LEU C 211 -1.71 -1.92 -37.48
C LEU C 211 -3.05 -1.93 -36.78
N PHE C 212 -3.74 -0.80 -36.79
CA PHE C 212 -5.09 -0.77 -36.24
C PHE C 212 -6.01 -1.62 -37.11
N GLY C 213 -7.06 -2.19 -36.50
CA GLY C 213 -8.05 -2.97 -37.21
C GLY C 213 -9.19 -2.09 -37.70
N GLU C 214 -10.36 -2.69 -37.90
CA GLU C 214 -11.53 -1.98 -38.42
C GLU C 214 -11.98 -0.82 -37.54
N TYR C 215 -12.32 0.29 -38.18
CA TYR C 215 -12.79 1.48 -37.51
C TYR C 215 -13.55 2.37 -38.50
N SER C 216 -14.83 2.58 -38.22
CA SER C 216 -15.65 3.51 -38.99
C SER C 216 -15.79 3.10 -40.47
N GLY C 217 -15.90 1.80 -40.71
CA GLY C 217 -16.20 1.29 -42.03
C GLY C 217 -14.99 1.13 -42.94
N TYR C 218 -13.81 1.30 -42.35
CA TYR C 218 -12.57 0.98 -43.05
C TYR C 218 -12.10 -0.34 -42.46
N GLY C 219 -11.80 -1.31 -43.32
CA GLY C 219 -11.31 -2.61 -42.88
C GLY C 219 -9.95 -2.49 -42.21
N PRO C 220 -9.46 -3.61 -41.66
CA PRO C 220 -8.15 -3.64 -40.97
C PRO C 220 -7.01 -3.16 -41.87
N GLY C 221 -6.36 -2.09 -41.44
CA GLY C 221 -5.25 -1.51 -42.17
C GLY C 221 -5.69 -0.72 -43.40
N GLU C 222 -6.99 -0.71 -43.66
CA GLU C 222 -7.55 -0.10 -44.85
C GLU C 222 -7.81 1.39 -44.67
N GLN C 223 -7.39 1.96 -43.53
CA GLN C 223 -7.41 3.41 -43.39
C GLN C 223 -6.31 3.87 -44.30
N THR C 224 -6.49 5.01 -44.95
CA THR C 224 -5.53 5.45 -45.96
C THR C 224 -5.01 6.86 -45.72
N ARG C 225 -3.73 7.06 -45.99
CA ARG C 225 -3.10 8.36 -45.83
C ARG C 225 -2.23 8.66 -47.03
N ASP C 226 -1.83 9.93 -47.14
CA ASP C 226 -0.89 10.37 -48.14
C ASP C 226 0.48 10.44 -47.47
N PHE C 227 1.35 9.48 -47.80
CA PHE C 227 2.69 9.41 -47.21
C PHE C 227 3.73 10.08 -48.08
N VAL C 228 4.46 11.02 -47.49
CA VAL C 228 5.45 11.84 -48.17
C VAL C 228 6.74 11.73 -47.40
N SER C 229 7.86 11.50 -48.06
CA SER C 229 9.13 11.43 -47.35
C SER C 229 9.56 12.83 -46.92
N VAL C 230 10.44 12.94 -45.92
CA VAL C 230 10.96 14.23 -45.49
C VAL C 230 11.72 14.89 -46.61
N GLU C 231 12.40 14.07 -47.39
CA GLU C 231 13.22 14.53 -48.52
C GLU C 231 12.40 15.50 -49.39
N ASP C 232 11.19 15.07 -49.74
CA ASP C 232 10.29 15.90 -50.52
C ASP C 232 9.82 17.11 -49.72
N VAL C 233 9.63 16.92 -48.42
CA VAL C 233 9.24 18.01 -47.56
C VAL C 233 10.36 19.05 -47.55
N ALA C 234 11.59 18.56 -47.48
CA ALA C 234 12.74 19.44 -47.43
C ALA C 234 13.02 20.14 -48.78
N LYS C 235 12.65 19.50 -49.89
CA LYS C 235 12.82 20.12 -51.20
C LYS C 235 11.79 21.24 -51.39
N VAL C 236 10.53 20.97 -51.05
CA VAL C 236 9.48 21.97 -51.14
C VAL C 236 9.78 23.22 -50.30
N ASN C 237 10.36 23.03 -49.11
CA ASN C 237 10.68 24.18 -48.28
C ASN C 237 11.76 25.03 -48.91
N LEU C 238 12.83 24.40 -49.37
CA LEU C 238 13.90 25.10 -50.07
C LEU C 238 13.43 25.84 -51.33
N TYR C 239 12.49 25.25 -52.06
CA TYR C 239 11.97 25.91 -53.25
C TYR C 239 11.35 27.25 -52.88
N PHE C 240 10.41 27.26 -51.93
CA PHE C 240 9.80 28.52 -51.52
C PHE C 240 10.77 29.47 -50.86
N PHE C 241 11.82 28.94 -50.26
CA PHE C 241 12.89 29.76 -49.69
C PHE C 241 13.58 30.55 -50.80
N ASP C 242 13.79 29.89 -51.93
CA ASP C 242 14.45 30.49 -53.08
C ASP C 242 13.52 31.43 -53.85
N HIS C 243 12.25 31.45 -53.45
CA HIS C 243 11.24 32.22 -54.18
C HIS C 243 10.40 33.17 -53.33
N PRO C 244 11.05 34.13 -52.64
CA PRO C 244 10.36 35.04 -51.70
C PRO C 244 9.10 35.71 -52.25
N GLU C 245 8.93 35.72 -53.57
CA GLU C 245 7.73 36.26 -54.19
C GLU C 245 6.53 35.33 -54.04
N LYS C 246 6.78 34.10 -53.63
CA LYS C 246 5.70 33.13 -53.51
C LYS C 246 5.25 33.01 -52.06
N SER C 247 3.93 33.09 -51.87
CA SER C 247 3.37 33.06 -50.54
C SER C 247 2.03 32.34 -50.61
N GLY C 248 1.69 31.63 -49.55
CA GLY C 248 0.39 30.98 -49.51
C GLY C 248 0.33 29.80 -48.56
N ILE C 249 -0.83 29.18 -48.51
CA ILE C 249 -1.05 27.99 -47.71
C ILE C 249 -1.11 26.79 -48.67
N PHE C 250 -0.11 25.92 -48.60
CA PHE C 250 -0.02 24.80 -49.53
C PHE C 250 -0.08 23.42 -48.89
N ASN C 251 -0.97 22.58 -49.42
CA ASN C 251 -0.87 21.14 -49.20
C ASN C 251 0.50 20.61 -49.59
N LEU C 252 1.11 19.80 -48.72
CA LEU C 252 2.37 19.13 -49.07
C LEU C 252 2.20 17.62 -48.89
N GLY C 253 1.78 16.99 -49.99
CA GLY C 253 1.62 15.54 -50.07
C GLY C 253 1.96 15.09 -51.48
N THR C 254 1.67 13.83 -51.79
CA THR C 254 2.06 13.21 -53.05
C THR C 254 0.88 13.10 -54.00
N GLY C 255 -0.31 13.45 -53.51
CA GLY C 255 -1.51 13.36 -54.33
C GLY C 255 -2.03 11.95 -54.41
N ARG C 256 -1.23 11.01 -53.94
CA ARG C 256 -1.56 9.57 -54.01
C ARG C 256 -1.79 8.98 -52.59
N ALA C 257 -3.04 8.59 -52.32
CA ALA C 257 -3.40 8.03 -51.03
C ALA C 257 -3.22 6.50 -50.97
N GLN C 258 -2.45 6.03 -49.99
CA GLN C 258 -2.23 4.61 -49.82
C GLN C 258 -2.69 4.13 -48.43
N PRO C 259 -3.18 2.88 -48.34
CA PRO C 259 -3.59 2.33 -47.04
C PRO C 259 -2.40 2.03 -46.12
N PHE C 260 -2.64 1.89 -44.82
CA PHE C 260 -1.56 1.60 -43.88
C PHE C 260 -0.94 0.24 -44.19
N ASN C 261 -1.79 -0.68 -44.64
CA ASN C 261 -1.40 -2.01 -45.14
C ASN C 261 -0.17 -1.99 -46.07
N ASP C 262 -0.13 -1.00 -46.97
CA ASP C 262 1.01 -0.85 -47.90
C ASP C 262 2.34 -0.63 -47.19
N ILE C 263 2.33 0.26 -46.21
CA ILE C 263 3.54 0.60 -45.45
C ILE C 263 4.10 -0.63 -44.79
N ALA C 264 3.23 -1.33 -44.07
CA ALA C 264 3.58 -2.54 -43.36
C ALA C 264 4.12 -3.61 -44.31
N ALA C 265 3.38 -3.83 -45.40
CA ALA C 265 3.77 -4.82 -46.38
C ALA C 265 5.14 -4.47 -46.92
N THR C 266 5.36 -3.17 -47.15
CA THR C 266 6.64 -2.72 -47.69
C THR C 266 7.75 -2.89 -46.66
N VAL C 267 7.46 -2.55 -45.41
CA VAL C 267 8.47 -2.68 -44.36
C VAL C 267 8.86 -4.15 -44.22
N VAL C 268 7.87 -5.03 -44.08
CA VAL C 268 8.10 -6.47 -44.00
C VAL C 268 8.88 -7.02 -45.22
N ASN C 269 8.47 -6.67 -46.42
CA ASN C 269 9.19 -7.13 -47.60
C ASN C 269 10.62 -6.58 -47.73
N THR C 270 10.83 -5.32 -47.37
CA THR C 270 12.18 -4.77 -47.42
C THR C 270 13.05 -5.46 -46.38
N LEU C 271 12.49 -5.74 -45.22
CA LEU C 271 13.26 -6.37 -44.16
C LEU C 271 13.49 -7.86 -44.46
N ARG C 272 12.51 -8.49 -45.12
CA ARG C 272 12.69 -9.86 -45.59
C ARG C 272 13.81 -9.87 -46.61
N ALA C 273 13.71 -9.00 -47.61
CA ALA C 273 14.71 -8.90 -48.68
C ALA C 273 16.13 -8.68 -48.17
N LEU C 274 16.27 -7.98 -47.06
CA LEU C 274 17.59 -7.76 -46.48
C LEU C 274 18.14 -9.04 -45.84
N GLU C 275 17.30 -10.06 -45.73
CA GLU C 275 17.73 -11.37 -45.22
C GLU C 275 17.53 -12.50 -46.25
N GLY C 276 17.59 -12.15 -47.53
CA GLY C 276 17.44 -13.11 -48.62
C GLY C 276 16.10 -13.82 -48.72
N GLN C 277 15.04 -13.25 -48.15
CA GLN C 277 13.71 -13.83 -48.20
C GLN C 277 12.85 -13.22 -49.32
N PRO C 278 11.99 -14.05 -49.92
CA PRO C 278 11.10 -13.59 -50.99
C PRO C 278 10.01 -12.65 -50.48
N ALA C 279 9.51 -11.77 -51.36
CA ALA C 279 8.43 -10.86 -51.02
C ALA C 279 7.09 -11.58 -50.90
N LEU C 280 6.26 -11.13 -49.97
CA LEU C 280 4.92 -11.69 -49.82
C LEU C 280 3.87 -10.65 -50.15
N THR C 281 2.69 -11.11 -50.55
CA THR C 281 1.56 -10.22 -50.67
C THR C 281 1.00 -9.92 -49.26
N LEU C 282 0.18 -8.89 -49.15
CA LEU C 282 -0.44 -8.61 -47.88
C LEU C 282 -1.22 -9.83 -47.40
N ALA C 283 -1.93 -10.48 -48.31
CA ALA C 283 -2.77 -11.62 -47.93
C ALA C 283 -1.95 -12.78 -47.36
N GLU C 284 -0.72 -12.93 -47.85
CA GLU C 284 0.18 -13.95 -47.33
C GLU C 284 0.77 -13.53 -45.99
N GLN C 285 1.10 -12.25 -45.88
CA GLN C 285 1.68 -11.73 -44.65
C GLN C 285 0.73 -11.86 -43.45
N VAL C 286 -0.54 -11.59 -43.67
CA VAL C 286 -1.53 -11.70 -42.63
C VAL C 286 -1.75 -13.15 -42.23
N GLU C 287 -1.78 -14.03 -43.22
CA GLU C 287 -1.97 -15.44 -42.95
C GLU C 287 -0.76 -16.04 -42.24
N GLN C 288 0.39 -15.37 -42.36
CA GLN C 288 1.62 -15.85 -41.75
C GLN C 288 1.90 -15.20 -40.39
N GLY C 289 1.04 -14.28 -39.97
CA GLY C 289 1.19 -13.65 -38.67
C GLY C 289 2.19 -12.51 -38.62
N LEU C 290 2.76 -12.17 -39.79
CA LEU C 290 3.73 -11.07 -39.93
C LEU C 290 3.06 -9.68 -39.86
N VAL C 291 1.74 -9.67 -40.00
CA VAL C 291 0.93 -8.48 -39.89
C VAL C 291 -0.24 -8.88 -39.01
N GLU C 292 -0.42 -8.17 -37.90
CA GLU C 292 -1.58 -8.42 -37.06
C GLU C 292 -2.23 -7.12 -36.68
N TYR C 293 -3.50 -7.20 -36.30
CA TYR C 293 -4.28 -6.00 -36.12
C TYR C 293 -4.70 -5.80 -34.67
N VAL C 294 -4.21 -4.71 -34.09
CA VAL C 294 -4.64 -4.29 -32.76
C VAL C 294 -6.01 -3.64 -32.86
N PRO C 295 -6.92 -3.98 -31.93
CA PRO C 295 -8.25 -3.35 -32.01
C PRO C 295 -8.15 -1.83 -31.82
N PHE C 296 -9.07 -1.08 -32.45
CA PHE C 296 -8.94 0.38 -32.48
C PHE C 296 -9.19 0.98 -31.10
N PRO C 297 -8.24 1.84 -30.64
CA PRO C 297 -8.27 2.48 -29.32
C PRO C 297 -9.51 3.35 -29.14
N ASP C 298 -10.19 3.24 -28.00
CA ASP C 298 -11.34 4.11 -27.73
C ASP C 298 -10.90 5.57 -27.50
N ALA C 299 -9.63 5.73 -27.14
CA ALA C 299 -9.04 7.05 -26.93
C ALA C 299 -8.90 7.81 -28.25
N LEU C 300 -9.09 7.10 -29.35
CA LEU C 300 -8.96 7.73 -30.66
C LEU C 300 -10.30 7.84 -31.39
N ARG C 301 -11.35 7.24 -30.83
CA ARG C 301 -12.67 7.27 -31.46
C ARG C 301 -13.22 8.68 -31.71
N GLY C 302 -13.41 9.04 -32.98
CA GLY C 302 -13.95 10.34 -33.36
C GLY C 302 -12.89 11.45 -33.42
N LYS C 303 -11.65 11.08 -33.14
CA LYS C 303 -10.55 12.03 -33.21
C LYS C 303 -9.56 11.63 -34.32
N TYR C 304 -9.86 10.55 -35.04
CA TYR C 304 -8.93 9.96 -36.02
C TYR C 304 -9.36 10.20 -37.47
N GLN C 305 -8.40 10.65 -38.29
CA GLN C 305 -8.61 10.81 -39.73
C GLN C 305 -8.40 9.50 -40.50
N CYS C 306 -9.47 8.99 -41.10
CA CYS C 306 -9.43 7.71 -41.80
C CYS C 306 -9.01 7.80 -43.27
N PHE C 307 -9.00 9.01 -43.80
CA PHE C 307 -8.65 9.24 -45.20
C PHE C 307 -8.00 10.59 -45.38
N THR C 308 -6.82 10.61 -45.99
CA THR C 308 -6.21 11.84 -46.47
C THR C 308 -5.58 11.61 -47.85
N GLN C 309 -5.59 12.65 -48.67
CA GLN C 309 -4.94 12.62 -49.97
C GLN C 309 -4.75 14.07 -50.35
N ALA C 310 -3.50 14.52 -50.44
CA ALA C 310 -3.24 15.91 -50.83
C ALA C 310 -3.80 16.22 -52.23
N ASP C 311 -4.58 17.29 -52.32
CA ASP C 311 -4.91 17.88 -53.61
C ASP C 311 -3.76 18.79 -54.01
N GLN C 312 -2.95 18.34 -54.97
CA GLN C 312 -1.73 19.05 -55.32
C GLN C 312 -1.92 20.30 -56.18
N THR C 313 -3.13 20.52 -56.67
CA THR C 313 -3.40 21.60 -57.63
C THR C 313 -2.78 22.96 -57.31
N LYS C 314 -2.97 23.43 -56.08
CA LYS C 314 -2.45 24.74 -55.66
C LYS C 314 -0.92 24.75 -55.55
N LEU C 315 -0.33 23.61 -55.21
CA LEU C 315 1.12 23.51 -55.08
C LEU C 315 1.80 23.49 -56.45
N ARG C 316 1.19 22.79 -57.40
CA ARG C 316 1.64 22.76 -58.80
C ARG C 316 1.58 24.17 -59.39
N ALA C 317 0.40 24.78 -59.29
CA ALA C 317 0.14 26.13 -59.77
C ALA C 317 1.03 27.21 -59.17
N ALA C 318 2.07 26.81 -58.42
CA ALA C 318 2.99 27.76 -57.84
C ALA C 318 4.37 27.49 -58.35
N GLY C 319 4.50 26.46 -59.18
CA GLY C 319 5.77 26.21 -59.83
C GLY C 319 6.59 25.08 -59.24
N TYR C 320 6.00 24.31 -58.33
CA TYR C 320 6.67 23.10 -57.87
C TYR C 320 6.11 21.91 -58.64
N ASP C 321 6.84 21.54 -59.69
CA ASP C 321 6.37 20.53 -60.64
C ASP C 321 7.08 19.20 -60.42
N ALA C 322 8.13 19.21 -59.60
CA ALA C 322 8.92 18.01 -59.30
C ALA C 322 8.06 16.84 -58.77
N PRO C 323 8.46 15.61 -59.07
CA PRO C 323 7.68 14.44 -58.63
C PRO C 323 8.05 14.04 -57.20
N PHE C 324 7.13 13.33 -56.56
CA PHE C 324 7.32 12.89 -55.18
C PHE C 324 7.71 11.42 -55.15
N LEU C 325 8.61 11.05 -54.24
CA LEU C 325 8.88 9.65 -53.98
C LEU C 325 7.58 8.89 -53.70
N THR C 326 7.52 7.62 -54.06
CA THR C 326 6.34 6.82 -53.73
C THR C 326 6.60 6.05 -52.44
N VAL C 327 5.56 5.37 -51.95
CA VAL C 327 5.70 4.55 -50.76
C VAL C 327 6.73 3.45 -51.03
N GLN C 328 6.64 2.83 -52.19
CA GLN C 328 7.57 1.74 -52.54
C GLN C 328 9.01 2.22 -52.56
N GLU C 329 9.27 3.38 -53.17
CA GLU C 329 10.65 3.89 -53.23
C GLU C 329 11.12 4.40 -51.87
N GLY C 330 10.27 5.22 -51.22
CA GLY C 330 10.65 5.94 -50.02
C GLY C 330 10.74 5.09 -48.76
N VAL C 331 9.76 4.22 -48.56
CA VAL C 331 9.77 3.37 -47.38
C VAL C 331 10.92 2.39 -47.47
N ASP C 332 11.05 1.72 -48.63
CA ASP C 332 12.19 0.86 -48.92
C ASP C 332 13.52 1.51 -48.56
N ARG C 333 13.75 2.72 -49.07
CA ARG C 333 15.01 3.43 -48.82
C ARG C 333 15.19 3.74 -47.33
N TYR C 334 14.10 4.19 -46.71
CA TYR C 334 14.10 4.51 -45.29
C TYR C 334 14.41 3.26 -44.45
N VAL C 335 13.72 2.14 -44.77
CA VAL C 335 13.93 0.88 -44.06
C VAL C 335 15.39 0.42 -44.19
N ARG C 336 15.97 0.61 -45.37
CA ARG C 336 17.38 0.29 -45.56
C ARG C 336 18.29 1.22 -44.78
N TRP C 337 17.87 2.47 -44.63
CA TRP C 337 18.66 3.44 -43.87
C TRP C 337 18.66 3.05 -42.40
N LEU C 338 17.46 2.76 -41.91
CA LEU C 338 17.25 2.25 -40.56
C LEU C 338 18.10 1.00 -40.28
N PHE C 339 18.11 0.06 -41.22
CA PHE C 339 18.91 -1.16 -41.11
C PHE C 339 20.42 -0.88 -40.94
N GLY C 340 20.87 0.33 -41.31
CA GLY C 340 22.20 0.79 -40.97
C GLY C 340 22.30 1.24 -39.53
N GLN C 341 22.78 0.34 -38.67
CA GLN C 341 22.98 0.59 -37.22
C GLN C 341 23.90 -0.46 -36.57
N LEU C 342 24.14 -1.56 -37.28
CA LEU C 342 25.08 -2.62 -36.88
C LEU C 342 25.40 -3.55 -38.07
N MET D 13 -15.95 47.94 -35.52
CA MET D 13 -15.96 46.66 -36.22
C MET D 13 -15.43 45.44 -35.41
N THR D 14 -14.33 45.62 -34.67
CA THR D 14 -13.78 44.53 -33.84
C THR D 14 -14.67 44.15 -32.64
N LEU D 15 -14.96 42.87 -32.51
CA LEU D 15 -15.78 42.36 -31.42
C LEU D 15 -14.99 41.42 -30.48
N ILE D 16 -15.34 41.43 -29.20
CA ILE D 16 -14.72 40.50 -28.24
C ILE D 16 -15.75 39.62 -27.52
N VAL D 17 -15.56 38.30 -27.66
CA VAL D 17 -16.34 37.35 -26.86
C VAL D 17 -15.46 36.57 -25.88
N THR D 18 -15.75 36.70 -24.59
CA THR D 18 -15.04 35.89 -23.61
C THR D 18 -15.93 34.73 -23.25
N GLY D 19 -15.32 33.62 -22.82
CA GLY D 19 -16.06 32.39 -22.60
C GLY D 19 -16.37 31.80 -23.95
N ALA D 20 -15.65 32.29 -24.96
CA ALA D 20 -15.87 32.03 -26.37
C ALA D 20 -15.94 30.54 -26.74
N ALA D 21 -15.09 29.74 -26.09
CA ALA D 21 -15.08 28.31 -26.32
C ALA D 21 -16.23 27.62 -25.60
N GLY D 22 -16.91 28.36 -24.73
CA GLY D 22 -17.91 27.78 -23.86
C GLY D 22 -19.30 27.68 -24.48
N PHE D 23 -20.26 27.17 -23.72
CA PHE D 23 -21.61 26.97 -24.19
C PHE D 23 -22.24 28.24 -24.75
N ILE D 24 -22.35 29.26 -23.93
CA ILE D 24 -23.03 30.47 -24.37
C ILE D 24 -22.17 31.31 -25.32
N GLY D 25 -20.91 31.52 -24.94
CA GLY D 25 -19.98 32.26 -25.78
C GLY D 25 -19.91 31.82 -27.24
N ALA D 26 -19.64 30.53 -27.48
CA ALA D 26 -19.57 30.01 -28.84
C ALA D 26 -20.91 30.14 -29.57
N ASN D 27 -22.01 30.02 -28.83
CA ASN D 27 -23.27 30.27 -29.47
C ASN D 27 -23.41 31.71 -29.92
N LEU D 28 -22.87 32.65 -29.14
CA LEU D 28 -22.86 34.06 -29.53
C LEU D 28 -21.98 34.26 -30.74
N VAL D 29 -20.77 33.70 -30.71
CA VAL D 29 -19.88 33.75 -31.88
C VAL D 29 -20.55 33.22 -33.16
N LYS D 30 -21.33 32.16 -33.04
CA LYS D 30 -21.94 31.54 -34.20
C LYS D 30 -23.02 32.46 -34.75
N ALA D 31 -23.78 33.09 -33.85
CA ALA D 31 -24.83 34.03 -34.23
C ALA D 31 -24.26 35.30 -34.84
N LEU D 32 -23.14 35.76 -34.31
CA LEU D 32 -22.50 36.91 -34.88
C LEU D 32 -22.03 36.58 -36.28
N ASN D 33 -21.45 35.39 -36.44
CA ASN D 33 -20.95 34.94 -37.72
C ASN D 33 -22.04 34.90 -38.78
N GLU D 34 -23.23 34.49 -38.34
CA GLU D 34 -24.32 34.22 -39.26
C GLU D 34 -24.97 35.49 -39.76
N ARG D 35 -24.65 36.61 -39.11
CA ARG D 35 -25.05 37.90 -39.62
C ARG D 35 -23.82 38.63 -40.17
N GLY D 36 -22.79 37.86 -40.51
CA GLY D 36 -21.59 38.38 -41.15
C GLY D 36 -20.58 39.11 -40.28
N GLU D 37 -20.80 39.16 -38.97
CA GLU D 37 -19.80 39.69 -38.03
C GLU D 37 -18.71 38.65 -37.79
N THR D 38 -17.46 38.98 -38.11
CA THR D 38 -16.40 37.97 -38.05
C THR D 38 -15.08 38.47 -37.48
N ARG D 39 -14.93 39.78 -37.31
CA ARG D 39 -13.73 40.32 -36.69
C ARG D 39 -13.79 40.15 -35.16
N ILE D 40 -13.58 38.92 -34.70
CA ILE D 40 -13.83 38.56 -33.31
C ILE D 40 -12.60 38.08 -32.54
N ILE D 41 -12.37 38.65 -31.37
CA ILE D 41 -11.36 38.14 -30.47
C ILE D 41 -12.02 37.15 -29.51
N ALA D 42 -11.59 35.88 -29.59
CA ALA D 42 -12.08 34.85 -28.71
C ALA D 42 -11.18 34.70 -27.49
N VAL D 43 -11.76 34.82 -26.29
CA VAL D 43 -11.03 34.63 -25.05
C VAL D 43 -11.64 33.50 -24.23
N ASP D 44 -10.79 32.59 -23.77
CA ASP D 44 -11.25 31.47 -22.98
C ASP D 44 -10.07 30.80 -22.29
N ASN D 45 -10.21 29.52 -22.01
CA ASN D 45 -9.21 28.73 -21.29
C ASN D 45 -9.36 27.31 -21.79
N LEU D 46 -8.42 26.83 -22.58
CA LEU D 46 -8.62 25.55 -23.24
C LEU D 46 -7.98 24.37 -22.50
N THR D 47 -7.60 24.60 -21.25
CA THR D 47 -7.00 23.54 -20.42
C THR D 47 -7.77 22.23 -20.54
N ARG D 48 -9.10 22.32 -20.51
CA ARG D 48 -9.94 21.20 -20.91
C ARG D 48 -10.15 21.37 -22.42
N ALA D 49 -9.49 20.54 -23.21
CA ALA D 49 -9.34 20.79 -24.64
C ALA D 49 -10.63 20.69 -25.49
N ASP D 50 -11.46 19.68 -25.21
CA ASP D 50 -12.62 19.39 -26.06
C ASP D 50 -13.58 20.54 -26.37
N LYS D 51 -13.45 21.66 -25.66
CA LYS D 51 -14.25 22.85 -25.93
C LYS D 51 -14.02 23.35 -27.35
N PHE D 52 -12.83 23.11 -27.87
CA PHE D 52 -12.41 23.61 -29.18
C PHE D 52 -13.45 23.28 -30.25
N LYS D 53 -14.09 22.12 -30.13
CA LYS D 53 -15.12 21.71 -31.08
C LYS D 53 -16.20 22.78 -31.30
N ASN D 54 -16.35 23.65 -30.30
CA ASN D 54 -17.37 24.69 -30.30
C ASN D 54 -17.08 25.84 -31.28
N LEU D 55 -15.81 25.98 -31.63
CA LEU D 55 -15.34 27.09 -32.46
C LEU D 55 -14.91 26.66 -33.86
N VAL D 56 -15.04 25.37 -34.12
CA VAL D 56 -14.59 24.76 -35.37
C VAL D 56 -15.33 25.29 -36.60
N ASP D 57 -16.65 25.49 -36.46
CA ASP D 57 -17.45 26.09 -37.53
C ASP D 57 -17.58 27.61 -37.41
N CYS D 58 -16.67 28.25 -36.65
CA CYS D 58 -16.76 29.67 -36.39
C CYS D 58 -15.67 30.48 -37.09
N GLU D 59 -15.89 31.78 -37.13
CA GLU D 59 -14.92 32.70 -37.72
C GLU D 59 -14.48 33.70 -36.67
N ILE D 60 -13.18 33.68 -36.35
CA ILE D 60 -12.59 34.59 -35.39
C ILE D 60 -11.21 35.04 -35.86
N ASP D 61 -10.74 36.18 -35.39
CA ASP D 61 -9.47 36.72 -35.82
C ASP D 61 -8.33 36.44 -34.86
N ASP D 62 -8.65 36.09 -33.62
CA ASP D 62 -7.62 35.83 -32.62
C ASP D 62 -8.15 34.96 -31.49
N TYR D 63 -7.24 34.23 -30.84
CA TYR D 63 -7.56 33.50 -29.62
C TYR D 63 -6.60 33.84 -28.48
N LEU D 64 -7.15 34.14 -27.30
CA LEU D 64 -6.33 34.33 -26.10
C LEU D 64 -6.83 33.55 -24.90
N ASP D 65 -5.89 33.14 -24.07
CA ASP D 65 -6.21 32.59 -22.75
C ASP D 65 -6.63 33.71 -21.81
N LYS D 66 -7.63 33.41 -20.97
CA LYS D 66 -8.17 34.37 -20.03
C LYS D 66 -7.10 35.10 -19.19
N THR D 67 -5.95 34.44 -18.95
CA THR D 67 -4.88 35.06 -18.19
C THR D 67 -4.04 36.08 -18.96
N GLU D 68 -4.18 36.15 -20.28
CA GLU D 68 -3.35 37.09 -21.02
C GLU D 68 -4.17 38.28 -21.52
N PHE D 69 -5.49 38.16 -21.40
CA PHE D 69 -6.43 39.07 -22.05
C PHE D 69 -6.52 40.50 -21.50
N VAL D 70 -6.87 40.60 -20.22
CA VAL D 70 -7.19 41.88 -19.61
C VAL D 70 -6.14 42.96 -19.87
N GLU D 71 -4.89 42.61 -19.55
CA GLU D 71 -3.76 43.53 -19.64
C GLU D 71 -3.49 43.99 -21.08
N ARG D 72 -3.85 43.14 -22.04
CA ARG D 72 -3.68 43.48 -23.44
C ARG D 72 -4.86 44.31 -23.96
N PHE D 73 -6.04 44.05 -23.42
CA PHE D 73 -7.22 44.83 -23.76
C PHE D 73 -7.00 46.26 -23.29
N ALA D 74 -6.70 46.38 -22.01
CA ALA D 74 -6.49 47.68 -21.37
C ALA D 74 -5.49 48.51 -22.14
N ARG D 75 -4.48 47.84 -22.67
CA ARG D 75 -3.37 48.47 -23.36
C ARG D 75 -3.74 48.96 -24.77
N GLY D 76 -4.88 48.49 -25.27
CA GLY D 76 -5.34 48.85 -26.60
C GLY D 76 -4.79 47.95 -27.71
N ASP D 77 -4.30 46.77 -27.34
CA ASP D 77 -3.69 45.84 -28.28
C ASP D 77 -4.59 45.41 -29.45
N PHE D 78 -5.91 45.49 -29.27
CA PHE D 78 -6.84 45.00 -30.28
C PHE D 78 -7.50 46.16 -31.01
N GLY D 79 -6.99 47.35 -30.71
CA GLY D 79 -7.44 48.56 -31.36
C GLY D 79 -8.86 48.97 -30.98
N LYS D 80 -9.62 49.37 -32.00
CA LYS D 80 -10.95 49.93 -31.78
C LYS D 80 -11.98 48.81 -31.70
N VAL D 81 -12.49 48.63 -30.49
CA VAL D 81 -13.39 47.52 -30.17
C VAL D 81 -14.82 48.02 -29.98
N ARG D 82 -15.76 47.48 -30.74
CA ARG D 82 -17.13 47.95 -30.65
C ARG D 82 -17.84 47.45 -29.39
N ALA D 83 -17.73 46.15 -29.13
CA ALA D 83 -18.46 45.54 -28.03
C ALA D 83 -17.72 44.34 -27.43
N VAL D 84 -17.94 44.11 -26.14
CA VAL D 84 -17.44 42.90 -25.50
C VAL D 84 -18.63 42.15 -24.95
N PHE D 85 -18.77 40.90 -25.41
CA PHE D 85 -19.73 39.97 -24.82
C PHE D 85 -18.97 39.16 -23.77
N HIS D 86 -19.12 39.54 -22.52
CA HIS D 86 -18.33 38.93 -21.45
C HIS D 86 -19.06 37.71 -20.87
N GLU D 87 -18.84 36.55 -21.49
CA GLU D 87 -19.49 35.32 -21.03
C GLU D 87 -18.56 34.48 -20.15
N GLY D 88 -17.25 34.76 -20.24
CA GLY D 88 -16.23 34.03 -19.49
C GLY D 88 -16.39 34.09 -17.98
N ALA D 89 -16.46 32.92 -17.36
CA ALA D 89 -16.64 32.78 -15.91
C ALA D 89 -16.50 31.32 -15.49
N CYS D 90 -16.08 31.10 -14.26
CA CYS D 90 -16.19 29.77 -13.68
C CYS D 90 -17.65 29.50 -13.38
N SER D 91 -18.22 28.55 -14.10
CA SER D 91 -19.65 28.26 -14.02
C SER D 91 -19.95 27.00 -13.20
N ASP D 92 -18.97 26.56 -12.43
CA ASP D 92 -19.13 25.36 -11.59
C ASP D 92 -19.77 25.74 -10.24
N THR D 93 -21.07 25.48 -10.11
CA THR D 93 -21.83 25.87 -8.92
C THR D 93 -21.46 25.06 -7.68
N MET D 94 -20.43 24.23 -7.81
CA MET D 94 -20.01 23.34 -6.74
C MET D 94 -18.55 23.59 -6.36
N GLU D 95 -17.88 24.43 -7.15
CA GLU D 95 -16.49 24.83 -6.86
C GLU D 95 -16.40 25.39 -5.44
N THR D 96 -15.34 25.02 -4.72
CA THR D 96 -15.30 25.33 -3.29
C THR D 96 -14.32 26.43 -2.92
N ASP D 97 -13.43 26.75 -3.84
CA ASP D 97 -12.43 27.76 -3.56
C ASP D 97 -13.01 29.12 -3.93
N GLY D 98 -13.58 29.78 -2.92
CA GLY D 98 -14.18 31.09 -3.10
C GLY D 98 -13.18 32.20 -3.44
N ARG D 99 -11.93 32.02 -3.05
CA ARG D 99 -10.91 32.98 -3.43
C ARG D 99 -10.75 32.97 -4.96
N TYR D 100 -10.62 31.77 -5.55
CA TYR D 100 -10.58 31.63 -6.98
C TYR D 100 -11.84 32.18 -7.62
N MET D 101 -12.98 31.78 -7.07
CA MET D 101 -14.27 32.23 -7.59
C MET D 101 -14.40 33.77 -7.68
N MET D 102 -14.04 34.48 -6.60
CA MET D 102 -14.11 35.94 -6.58
C MET D 102 -13.11 36.61 -7.49
N ASP D 103 -11.96 35.97 -7.70
CA ASP D 103 -10.95 36.54 -8.59
C ASP D 103 -11.31 36.31 -10.06
N ASN D 104 -11.74 35.09 -10.36
CA ASN D 104 -11.98 34.65 -11.72
C ASN D 104 -13.30 35.21 -12.28
N ASN D 105 -14.27 35.40 -11.39
CA ASN D 105 -15.57 35.99 -11.78
C ASN D 105 -15.65 37.50 -11.51
N PHE D 106 -15.78 37.86 -10.23
CA PHE D 106 -15.94 39.25 -9.81
C PHE D 106 -14.81 40.20 -10.26
N ARG D 107 -13.59 40.01 -9.72
CA ARG D 107 -12.47 40.93 -9.98
C ARG D 107 -12.21 41.10 -11.48
N TYR D 108 -12.24 39.97 -12.19
CA TYR D 108 -11.98 39.90 -13.61
C TYR D 108 -13.03 40.69 -14.40
N SER D 109 -14.30 40.41 -14.10
CA SER D 109 -15.43 41.15 -14.65
C SER D 109 -15.18 42.64 -14.49
N ARG D 110 -14.71 43.02 -13.30
CA ARG D 110 -14.44 44.42 -12.99
C ARG D 110 -13.35 45.02 -13.85
N ALA D 111 -12.25 44.30 -14.05
CA ALA D 111 -11.16 44.82 -14.88
C ALA D 111 -11.62 44.92 -16.34
N VAL D 112 -12.46 43.97 -16.78
CA VAL D 112 -13.00 44.00 -18.13
C VAL D 112 -13.93 45.19 -18.30
N LEU D 113 -14.84 45.37 -17.34
CA LEU D 113 -15.78 46.49 -17.37
C LEU D 113 -15.05 47.83 -17.36
N ASP D 114 -14.03 47.95 -16.52
CA ASP D 114 -13.24 49.18 -16.44
C ASP D 114 -12.57 49.46 -17.78
N ALA D 115 -12.14 48.41 -18.47
CA ALA D 115 -11.49 48.57 -19.75
C ALA D 115 -12.50 48.97 -20.84
N CYS D 116 -13.72 48.43 -20.76
CA CYS D 116 -14.79 48.81 -21.67
C CYS D 116 -15.23 50.27 -21.49
N LEU D 117 -15.43 50.69 -20.24
CA LEU D 117 -15.80 52.07 -19.98
C LEU D 117 -14.70 53.03 -20.40
N ALA D 118 -13.44 52.62 -20.29
CA ALA D 118 -12.33 53.48 -20.68
C ALA D 118 -12.19 53.62 -22.18
N GLN D 119 -12.99 52.89 -22.95
CA GLN D 119 -12.81 52.83 -24.40
C GLN D 119 -14.11 53.10 -25.15
N GLY D 120 -15.24 53.06 -24.43
CA GLY D 120 -16.55 53.28 -25.03
C GLY D 120 -17.12 52.06 -25.73
N ALA D 121 -16.53 50.89 -25.46
CA ALA D 121 -17.04 49.63 -25.98
C ALA D 121 -18.34 49.28 -25.26
N GLN D 122 -19.29 48.67 -25.98
CA GLN D 122 -20.47 48.10 -25.33
C GLN D 122 -20.06 46.92 -24.45
N PHE D 123 -20.72 46.79 -23.31
CA PHE D 123 -20.37 45.76 -22.35
C PHE D 123 -21.60 44.95 -22.07
N LEU D 124 -21.67 43.79 -22.70
CA LEU D 124 -22.77 42.89 -22.48
C LEU D 124 -22.23 41.64 -21.76
N TYR D 125 -22.75 41.37 -20.57
CA TYR D 125 -22.18 40.33 -19.71
C TYR D 125 -23.21 39.36 -19.16
N ALA D 126 -22.71 38.19 -18.75
CA ALA D 126 -23.57 37.15 -18.19
C ALA D 126 -23.69 37.31 -16.68
N SER D 127 -24.93 37.34 -16.21
CA SER D 127 -25.23 37.28 -14.80
C SER D 127 -25.88 35.89 -14.59
N SER D 128 -26.63 35.72 -13.51
CA SER D 128 -27.23 34.41 -13.25
C SER D 128 -28.43 34.53 -12.34
N ALA D 129 -29.44 33.69 -12.57
CA ALA D 129 -30.60 33.67 -11.70
C ALA D 129 -30.25 33.03 -10.35
N ALA D 130 -29.10 32.38 -10.28
CA ALA D 130 -28.63 31.80 -9.02
C ALA D 130 -28.58 32.88 -7.92
N ILE D 131 -28.33 34.11 -8.35
CA ILE D 131 -28.40 35.32 -7.52
C ILE D 131 -29.66 35.41 -6.70
N TYR D 132 -30.79 34.93 -7.23
CA TYR D 132 -32.05 35.07 -6.53
C TYR D 132 -32.12 34.12 -5.34
N GLY D 133 -31.27 33.09 -5.35
CA GLY D 133 -31.34 32.05 -4.35
C GLY D 133 -32.76 31.54 -4.18
N GLY D 134 -33.21 31.48 -2.93
CA GLY D 134 -34.48 30.86 -2.61
C GLY D 134 -35.64 31.83 -2.53
N SER D 135 -35.47 32.97 -3.19
CA SER D 135 -36.51 33.98 -3.30
C SER D 135 -37.81 33.46 -3.95
N SER D 136 -38.89 34.20 -3.75
CA SER D 136 -40.19 33.90 -4.39
C SER D 136 -40.55 34.98 -5.42
N ARG D 137 -39.75 36.05 -5.44
CA ARG D 137 -39.82 37.07 -6.50
C ARG D 137 -38.54 37.05 -7.29
N PHE D 138 -38.65 37.23 -8.60
CA PHE D 138 -37.48 37.25 -9.46
C PHE D 138 -37.53 38.54 -10.27
N VAL D 139 -37.43 39.66 -9.56
CA VAL D 139 -37.37 40.96 -10.20
C VAL D 139 -35.99 41.58 -10.01
N GLU D 140 -35.48 42.21 -11.05
CA GLU D 140 -34.12 42.74 -11.04
C GLU D 140 -33.96 43.82 -9.96
N GLU D 141 -34.13 43.40 -8.70
CA GLU D 141 -34.07 44.28 -7.54
C GLU D 141 -33.27 43.69 -6.38
N ARG D 142 -32.30 44.47 -5.87
CA ARG D 142 -31.50 44.10 -4.71
C ARG D 142 -32.30 43.48 -3.55
N GLU D 143 -33.45 44.10 -3.25
CA GLU D 143 -34.42 43.66 -2.24
C GLU D 143 -34.64 42.14 -2.16
N VAL D 144 -34.51 41.46 -3.29
CA VAL D 144 -34.96 40.06 -3.38
C VAL D 144 -33.83 39.11 -3.78
N GLU D 145 -32.59 39.59 -3.63
CA GLU D 145 -31.43 38.81 -4.02
C GLU D 145 -30.66 38.24 -2.82
N ALA D 146 -30.41 36.94 -2.84
CA ALA D 146 -29.73 36.28 -1.74
C ALA D 146 -29.25 34.90 -2.22
N PRO D 147 -28.11 34.86 -2.91
CA PRO D 147 -27.55 33.64 -3.50
C PRO D 147 -27.15 32.58 -2.44
N LEU D 148 -27.28 31.30 -2.81
CA LEU D 148 -27.07 30.21 -1.86
C LEU D 148 -25.63 29.69 -1.86
N ASN D 149 -24.88 30.03 -2.91
CA ASN D 149 -23.50 29.56 -3.03
C ASN D 149 -22.53 30.66 -3.51
N VAL D 150 -21.24 30.37 -3.47
CA VAL D 150 -20.24 31.40 -3.69
C VAL D 150 -20.20 31.75 -5.18
N TYR D 151 -20.63 30.82 -6.02
CA TYR D 151 -20.75 31.09 -7.44
C TYR D 151 -21.77 32.22 -7.64
N GLY D 152 -22.96 32.01 -7.07
CA GLY D 152 -24.03 32.98 -7.12
C GLY D 152 -23.59 34.28 -6.46
N TYR D 153 -22.75 34.17 -5.45
CA TYR D 153 -22.31 35.39 -4.79
C TYR D 153 -21.39 36.20 -5.70
N SER D 154 -20.47 35.54 -6.41
CA SER D 154 -19.59 36.22 -7.35
C SER D 154 -20.39 36.99 -8.41
N LYS D 155 -21.56 36.47 -8.79
CA LYS D 155 -22.38 37.11 -9.80
C LYS D 155 -23.15 38.24 -9.17
N PHE D 156 -23.77 37.93 -8.03
CA PHE D 156 -24.51 38.89 -7.21
C PHE D 156 -23.72 40.17 -6.98
N LEU D 157 -22.47 39.98 -6.53
CA LEU D 157 -21.65 41.11 -6.13
C LEU D 157 -21.30 41.96 -7.34
N PHE D 158 -21.06 41.33 -8.48
CA PHE D 158 -20.75 42.11 -9.67
C PHE D 158 -21.99 42.92 -10.13
N ASP D 159 -23.17 42.33 -9.98
CA ASP D 159 -24.41 43.08 -10.24
C ASP D 159 -24.53 44.33 -9.36
N GLN D 160 -24.08 44.27 -8.12
CA GLN D 160 -24.11 45.45 -7.23
C GLN D 160 -23.20 46.57 -7.73
N VAL D 161 -21.98 46.19 -8.11
CA VAL D 161 -21.04 47.11 -8.71
C VAL D 161 -21.61 47.72 -10.00
N ILE D 162 -22.27 46.91 -10.82
CA ILE D 162 -22.88 47.41 -12.04
C ILE D 162 -23.91 48.51 -11.75
N ARG D 163 -24.76 48.29 -10.74
CA ARG D 163 -25.75 49.31 -10.34
C ARG D 163 -25.14 50.66 -9.89
N ARG D 164 -23.95 50.63 -9.29
CA ARG D 164 -23.26 51.86 -8.94
C ARG D 164 -22.61 52.56 -10.16
N VAL D 165 -22.21 51.77 -11.15
CA VAL D 165 -21.46 52.31 -12.29
C VAL D 165 -22.40 52.80 -13.39
N MET D 166 -23.53 52.11 -13.55
CA MET D 166 -24.48 52.39 -14.63
C MET D 166 -24.96 53.84 -14.80
N PRO D 167 -25.33 54.52 -13.69
CA PRO D 167 -25.90 55.87 -13.87
C PRO D 167 -24.88 56.81 -14.50
N GLY D 168 -23.62 56.66 -14.12
CA GLY D 168 -22.56 57.49 -14.65
C GLY D 168 -21.90 56.93 -15.91
N ALA D 169 -22.52 55.93 -16.53
CA ALA D 169 -21.90 55.31 -17.70
C ALA D 169 -22.44 55.89 -19.01
N LYS D 170 -21.53 56.15 -19.93
CA LYS D 170 -21.88 56.75 -21.20
C LYS D 170 -21.90 55.73 -22.32
N SER D 171 -21.28 54.59 -22.06
CA SER D 171 -21.31 53.49 -22.99
C SER D 171 -22.23 52.41 -22.42
N GLN D 172 -22.74 51.55 -23.30
CA GLN D 172 -23.67 50.49 -22.90
C GLN D 172 -23.15 49.56 -21.79
N ILE D 173 -24.03 49.25 -20.84
CA ILE D 173 -23.82 48.16 -19.89
C ILE D 173 -25.11 47.35 -19.82
N ALA D 174 -25.05 46.14 -20.36
CA ALA D 174 -26.20 45.25 -20.37
C ALA D 174 -25.82 43.87 -19.80
N GLY D 175 -26.45 43.52 -18.68
CA GLY D 175 -26.22 42.25 -18.02
C GLY D 175 -27.41 41.33 -18.10
N PHE D 176 -27.15 40.05 -18.37
CA PHE D 176 -28.24 39.11 -18.54
C PHE D 176 -28.21 38.00 -17.49
N ARG D 177 -29.26 37.95 -16.68
CA ARG D 177 -29.44 36.89 -15.71
C ARG D 177 -30.09 35.73 -16.39
N TYR D 178 -29.25 34.91 -17.00
CA TYR D 178 -29.68 33.67 -17.63
C TYR D 178 -30.32 32.77 -16.59
N PHE D 179 -31.38 32.09 -16.97
CA PHE D 179 -31.97 31.10 -16.08
C PHE D 179 -31.39 29.73 -16.44
N ASN D 180 -32.22 28.69 -16.50
CA ASN D 180 -31.70 27.40 -16.96
C ASN D 180 -31.56 27.32 -18.48
N VAL D 181 -30.36 27.61 -18.96
CA VAL D 181 -30.09 27.59 -20.39
C VAL D 181 -29.72 26.20 -20.92
N TYR D 182 -30.40 25.77 -21.99
CA TYR D 182 -30.11 24.50 -22.66
C TYR D 182 -29.89 24.71 -24.17
N GLY D 183 -29.23 23.73 -24.81
CA GLY D 183 -29.02 23.73 -26.25
C GLY D 183 -27.62 23.33 -26.71
N PRO D 184 -27.38 23.34 -28.03
CA PRO D 184 -26.12 22.91 -28.65
C PRO D 184 -24.88 23.63 -28.08
N ARG D 185 -23.74 22.95 -28.14
CA ARG D 185 -22.43 23.44 -27.69
C ARG D 185 -22.14 23.39 -26.17
N GLU D 186 -22.95 22.66 -25.41
CA GLU D 186 -22.68 22.46 -23.99
C GLU D 186 -22.04 21.09 -23.69
N SER D 187 -21.66 20.35 -24.74
CA SER D 187 -21.24 18.94 -24.61
C SER D 187 -20.08 18.74 -23.66
N HIS D 188 -19.27 19.77 -23.49
CA HIS D 188 -18.06 19.70 -22.69
C HIS D 188 -18.34 20.06 -21.22
N LYS D 189 -19.57 20.43 -20.89
CA LYS D 189 -19.84 21.02 -19.57
C LYS D 189 -19.86 20.06 -18.36
N GLY D 190 -19.77 18.77 -18.62
CA GLY D 190 -19.73 17.79 -17.55
C GLY D 190 -21.01 17.76 -16.73
N ARG D 191 -20.84 17.76 -15.42
CA ARG D 191 -22.01 17.70 -14.55
C ARG D 191 -22.75 19.04 -14.54
N MET D 192 -22.09 20.08 -15.06
CA MET D 192 -22.71 21.39 -15.19
C MET D 192 -23.55 21.60 -16.47
N ALA D 193 -23.52 20.59 -17.36
CA ALA D 193 -24.39 20.62 -18.53
C ALA D 193 -25.84 20.54 -18.08
N SER D 194 -26.74 20.86 -18.99
CA SER D 194 -28.16 20.93 -18.65
C SER D 194 -28.69 19.55 -18.38
N VAL D 195 -29.89 19.49 -17.81
CA VAL D 195 -30.55 18.23 -17.53
C VAL D 195 -30.93 17.54 -18.83
N ALA D 196 -31.26 18.32 -19.84
CA ALA D 196 -31.66 17.77 -21.12
C ALA D 196 -30.48 17.03 -21.77
N PHE D 197 -29.30 17.65 -21.72
CA PHE D 197 -28.12 16.99 -22.25
C PHE D 197 -27.82 15.72 -21.45
N HIS D 198 -27.91 15.82 -20.12
CA HIS D 198 -27.70 14.67 -19.25
C HIS D 198 -28.70 13.56 -19.57
N ASN D 199 -29.98 13.94 -19.67
CA ASN D 199 -31.03 12.98 -19.98
C ASN D 199 -30.80 12.31 -21.31
N PHE D 200 -30.28 13.06 -22.28
CA PHE D 200 -30.03 12.52 -23.59
C PHE D 200 -28.99 11.39 -23.53
N ASN D 201 -27.83 11.67 -22.92
CA ASN D 201 -26.77 10.67 -22.87
C ASN D 201 -27.13 9.48 -22.01
N GLN D 202 -27.99 9.71 -21.03
CA GLN D 202 -28.44 8.64 -20.15
C GLN D 202 -29.30 7.64 -20.92
N PHE D 203 -30.11 8.16 -21.84
CA PHE D 203 -31.06 7.31 -22.53
C PHE D 203 -30.36 6.56 -23.63
N ARG D 204 -29.29 7.14 -24.15
CA ARG D 204 -28.48 6.50 -25.18
C ARG D 204 -27.72 5.33 -24.61
N ALA D 205 -27.45 5.36 -23.31
CA ALA D 205 -26.54 4.39 -22.73
C ALA D 205 -27.24 3.32 -21.92
N GLU D 206 -28.22 3.73 -21.12
CA GLU D 206 -28.87 2.84 -20.16
C GLU D 206 -30.35 2.70 -20.50
N GLY D 207 -30.82 3.45 -21.49
CA GLY D 207 -32.21 3.40 -21.90
C GLY D 207 -33.20 3.99 -20.90
N LYS D 208 -32.70 4.86 -20.03
CA LYS D 208 -33.56 5.51 -19.05
C LYS D 208 -32.88 6.79 -18.59
N VAL D 209 -33.67 7.71 -18.03
CA VAL D 209 -33.10 8.98 -17.59
C VAL D 209 -33.28 9.18 -16.10
N LYS D 210 -32.46 10.07 -15.54
CA LYS D 210 -32.42 10.31 -14.09
C LYS D 210 -32.75 11.75 -13.70
N LEU D 211 -33.42 11.91 -12.56
CA LEU D 211 -33.74 13.21 -11.99
C LEU D 211 -33.67 13.05 -10.47
N PHE D 212 -33.47 14.15 -9.75
CA PHE D 212 -33.50 14.11 -8.28
C PHE D 212 -34.89 13.81 -7.72
N GLY D 213 -34.92 13.11 -6.57
CA GLY D 213 -36.16 12.75 -5.91
C GLY D 213 -36.67 13.89 -5.05
N GLU D 214 -37.52 13.60 -4.06
CA GLU D 214 -38.07 14.62 -3.18
C GLU D 214 -36.97 15.43 -2.51
N TYR D 215 -37.21 16.73 -2.36
CA TYR D 215 -36.32 17.60 -1.59
C TYR D 215 -37.05 18.88 -1.23
N SER D 216 -37.14 19.16 0.07
CA SER D 216 -37.58 20.46 0.55
C SER D 216 -39.01 20.82 0.09
N GLY D 217 -39.90 19.84 0.12
CA GLY D 217 -41.30 20.10 -0.16
C GLY D 217 -41.77 19.81 -1.57
N TYR D 218 -40.83 19.59 -2.48
CA TYR D 218 -41.17 19.29 -3.86
C TYR D 218 -41.06 17.79 -4.10
N GLY D 219 -42.08 17.21 -4.75
CA GLY D 219 -42.03 15.81 -5.13
C GLY D 219 -40.86 15.50 -6.04
N PRO D 220 -40.68 14.21 -6.37
CA PRO D 220 -39.61 13.75 -7.26
C PRO D 220 -39.79 14.34 -8.67
N GLY D 221 -38.76 15.02 -9.16
CA GLY D 221 -38.80 15.69 -10.45
C GLY D 221 -39.68 16.94 -10.50
N GLU D 222 -40.28 17.29 -9.36
CA GLU D 222 -41.23 18.39 -9.30
C GLU D 222 -40.57 19.75 -9.04
N GLN D 223 -39.28 19.76 -8.73
CA GLN D 223 -38.52 21.01 -8.72
C GLN D 223 -38.69 21.72 -10.08
N THR D 224 -38.94 23.02 -10.06
CA THR D 224 -39.23 23.73 -11.32
C THR D 224 -38.23 24.83 -11.64
N ARG D 225 -37.94 24.99 -12.92
CA ARG D 225 -37.06 26.05 -13.35
C ARG D 225 -37.65 26.69 -14.59
N ASP D 226 -37.05 27.80 -14.98
CA ASP D 226 -37.35 28.49 -16.21
C ASP D 226 -36.27 28.07 -17.19
N PHE D 227 -36.59 27.13 -18.08
CA PHE D 227 -35.64 26.68 -19.09
C PHE D 227 -35.72 27.53 -20.36
N VAL D 228 -34.58 28.05 -20.81
CA VAL D 228 -34.49 28.84 -22.04
C VAL D 228 -33.48 28.23 -22.99
N SER D 229 -33.79 28.25 -24.29
CA SER D 229 -32.82 27.80 -25.28
C SER D 229 -31.72 28.83 -25.49
N VAL D 230 -30.54 28.39 -25.89
CA VAL D 230 -29.48 29.32 -26.23
C VAL D 230 -29.89 30.17 -27.43
N GLU D 231 -30.71 29.60 -28.30
CA GLU D 231 -31.19 30.31 -29.46
C GLU D 231 -31.76 31.64 -28.98
N ASP D 232 -32.58 31.60 -27.93
CA ASP D 232 -33.17 32.83 -27.39
C ASP D 232 -32.19 33.68 -26.59
N VAL D 233 -31.17 33.04 -26.02
CA VAL D 233 -30.15 33.79 -25.32
C VAL D 233 -29.38 34.61 -26.34
N ALA D 234 -29.09 34.02 -27.50
CA ALA D 234 -28.31 34.71 -28.52
C ALA D 234 -29.13 35.81 -29.20
N LYS D 235 -30.43 35.57 -29.35
CA LYS D 235 -31.29 36.60 -29.91
C LYS D 235 -31.32 37.85 -29.02
N VAL D 236 -31.57 37.66 -27.73
CA VAL D 236 -31.57 38.76 -26.77
C VAL D 236 -30.24 39.53 -26.78
N ASN D 237 -29.12 38.81 -26.71
CA ASN D 237 -27.80 39.44 -26.75
C ASN D 237 -27.65 40.32 -27.97
N LEU D 238 -28.06 39.82 -29.12
CA LEU D 238 -27.91 40.58 -30.35
C LEU D 238 -28.82 41.82 -30.36
N TYR D 239 -30.02 41.68 -29.81
CA TYR D 239 -30.96 42.81 -29.69
C TYR D 239 -30.35 44.00 -28.95
N PHE D 240 -29.73 43.75 -27.80
CA PHE D 240 -29.06 44.79 -27.04
C PHE D 240 -27.75 45.21 -27.70
N PHE D 241 -27.11 44.28 -28.39
CA PHE D 241 -25.91 44.66 -29.16
C PHE D 241 -26.29 45.70 -30.24
N ASP D 242 -27.51 45.56 -30.76
CA ASP D 242 -28.03 46.43 -31.80
C ASP D 242 -28.55 47.75 -31.24
N HIS D 243 -28.83 47.78 -29.94
CA HIS D 243 -29.40 48.97 -29.31
C HIS D 243 -28.50 49.50 -28.21
N PRO D 244 -27.38 50.11 -28.58
CA PRO D 244 -26.39 50.52 -27.58
C PRO D 244 -26.91 51.62 -26.65
N GLU D 245 -28.14 52.08 -26.88
CA GLU D 245 -28.76 53.08 -26.00
C GLU D 245 -29.53 52.42 -24.83
N LYS D 246 -29.78 51.12 -24.94
CA LYS D 246 -30.41 50.37 -23.84
C LYS D 246 -29.37 49.72 -22.91
N SER D 247 -29.43 50.10 -21.64
CA SER D 247 -28.53 49.58 -20.62
C SER D 247 -29.33 48.97 -19.46
N GLY D 248 -28.73 48.01 -18.78
CA GLY D 248 -29.36 47.50 -17.57
C GLY D 248 -29.06 46.06 -17.28
N ILE D 249 -29.69 45.57 -16.23
CA ILE D 249 -29.60 44.17 -15.85
C ILE D 249 -30.96 43.57 -16.12
N PHE D 250 -30.99 42.51 -16.94
CA PHE D 250 -32.27 41.95 -17.36
C PHE D 250 -32.36 40.47 -17.06
N ASN D 251 -33.48 40.04 -16.51
CA ASN D 251 -33.79 38.62 -16.50
C ASN D 251 -33.73 38.10 -17.93
N LEU D 252 -33.20 36.91 -18.11
CA LEU D 252 -33.31 36.24 -19.40
C LEU D 252 -33.82 34.83 -19.19
N GLY D 253 -35.15 34.71 -19.23
CA GLY D 253 -35.82 33.42 -19.20
C GLY D 253 -37.09 33.55 -19.99
N THR D 254 -38.00 32.61 -19.84
CA THR D 254 -39.22 32.57 -20.63
C THR D 254 -40.40 33.10 -19.87
N GLY D 255 -40.23 33.30 -18.57
CA GLY D 255 -41.36 33.65 -17.72
C GLY D 255 -42.29 32.48 -17.46
N ARG D 256 -41.96 31.33 -18.03
CA ARG D 256 -42.77 30.15 -17.83
C ARG D 256 -41.94 29.05 -17.15
N ALA D 257 -42.33 28.68 -15.93
CA ALA D 257 -41.57 27.70 -15.15
C ALA D 257 -42.11 26.27 -15.30
N GLN D 258 -41.20 25.32 -15.44
CA GLN D 258 -41.60 23.92 -15.57
C GLN D 258 -40.78 22.94 -14.70
N PRO D 259 -41.43 21.86 -14.23
CA PRO D 259 -40.73 20.84 -13.44
C PRO D 259 -39.66 20.13 -14.26
N PHE D 260 -38.65 19.56 -13.59
CA PHE D 260 -37.65 18.77 -14.31
C PHE D 260 -38.29 17.59 -15.03
N ASN D 261 -39.41 17.11 -14.51
CA ASN D 261 -40.16 16.06 -15.21
C ASN D 261 -40.42 16.35 -16.69
N ASP D 262 -40.79 17.59 -17.03
CA ASP D 262 -41.03 17.97 -18.42
C ASP D 262 -39.81 17.79 -19.30
N ILE D 263 -38.64 18.16 -18.79
CA ILE D 263 -37.42 17.95 -19.54
C ILE D 263 -37.23 16.45 -19.81
N ALA D 264 -37.39 15.64 -18.78
CA ALA D 264 -37.12 14.21 -18.89
C ALA D 264 -38.12 13.52 -19.80
N ALA D 265 -39.40 13.72 -19.49
CA ALA D 265 -40.50 13.21 -20.29
C ALA D 265 -40.42 13.63 -21.76
N THR D 266 -40.02 14.88 -22.00
CA THR D 266 -39.84 15.36 -23.36
C THR D 266 -38.67 14.65 -24.07
N VAL D 267 -37.50 14.61 -23.43
CA VAL D 267 -36.32 13.97 -24.04
C VAL D 267 -36.61 12.52 -24.43
N VAL D 268 -37.32 11.83 -23.54
CA VAL D 268 -37.65 10.42 -23.74
C VAL D 268 -38.62 10.24 -24.91
N ASN D 269 -39.73 10.99 -24.86
CA ASN D 269 -40.70 10.96 -25.93
C ASN D 269 -40.12 11.33 -27.31
N THR D 270 -39.10 12.18 -27.34
CA THR D 270 -38.51 12.59 -28.61
C THR D 270 -37.54 11.55 -29.15
N LEU D 271 -36.84 10.88 -28.23
CA LEU D 271 -35.95 9.78 -28.60
C LEU D 271 -36.75 8.54 -29.03
N ARG D 272 -37.98 8.43 -28.52
CA ARG D 272 -38.87 7.32 -28.88
C ARG D 272 -39.48 7.54 -30.26
N ALA D 273 -39.78 8.79 -30.59
CA ALA D 273 -40.32 9.13 -31.90
C ALA D 273 -39.25 8.90 -32.98
N LEU D 274 -38.00 9.14 -32.61
CA LEU D 274 -36.87 8.95 -33.51
C LEU D 274 -36.61 7.48 -33.79
N GLU D 275 -37.37 6.61 -33.12
CA GLU D 275 -37.22 5.17 -33.31
C GLU D 275 -38.60 4.51 -33.46
N GLY D 276 -39.62 5.34 -33.62
CA GLY D 276 -40.94 4.86 -34.00
C GLY D 276 -41.95 4.80 -32.87
N GLN D 277 -41.45 4.63 -31.65
CA GLN D 277 -42.31 4.38 -30.50
C GLN D 277 -43.19 5.59 -30.18
N PRO D 278 -44.47 5.35 -29.83
CA PRO D 278 -45.41 6.44 -29.51
C PRO D 278 -45.10 7.14 -28.17
N ALA D 279 -45.52 8.41 -28.06
CA ALA D 279 -45.30 9.19 -26.85
C ALA D 279 -45.94 8.54 -25.60
N LEU D 280 -45.33 8.77 -24.43
CA LEU D 280 -45.88 8.31 -23.16
C LEU D 280 -46.07 9.48 -22.22
N THR D 281 -47.02 9.36 -21.30
CA THR D 281 -47.14 10.35 -20.23
C THR D 281 -45.97 10.17 -19.27
N LEU D 282 -45.77 11.15 -18.40
CA LEU D 282 -44.75 11.03 -17.35
C LEU D 282 -44.97 9.74 -16.54
N ALA D 283 -46.21 9.53 -16.10
CA ALA D 283 -46.53 8.38 -15.27
C ALA D 283 -46.19 7.03 -15.92
N GLU D 284 -46.50 6.89 -17.20
CA GLU D 284 -46.15 5.66 -17.91
C GLU D 284 -44.63 5.49 -17.96
N GLN D 285 -43.90 6.59 -18.14
CA GLN D 285 -42.45 6.53 -18.17
C GLN D 285 -41.85 6.02 -16.85
N VAL D 286 -42.37 6.52 -15.74
CA VAL D 286 -41.93 6.10 -14.42
C VAL D 286 -42.28 4.65 -14.16
N GLU D 287 -43.53 4.30 -14.51
CA GLU D 287 -44.01 2.92 -14.46
C GLU D 287 -43.11 1.94 -15.23
N GLN D 288 -42.63 2.36 -16.39
CA GLN D 288 -41.80 1.50 -17.23
C GLN D 288 -40.32 1.62 -16.91
N GLY D 289 -39.98 2.46 -15.93
CA GLY D 289 -38.59 2.65 -15.54
C GLY D 289 -37.81 3.45 -16.57
N LEU D 290 -38.51 4.20 -17.40
CA LEU D 290 -37.87 5.08 -18.37
C LEU D 290 -37.34 6.33 -17.67
N VAL D 291 -38.02 6.72 -16.60
CA VAL D 291 -37.60 7.80 -15.73
C VAL D 291 -37.49 7.25 -14.32
N GLU D 292 -36.34 7.47 -13.69
CA GLU D 292 -36.16 7.05 -12.30
C GLU D 292 -35.55 8.17 -11.49
N TYR D 293 -35.78 8.18 -10.18
CA TYR D 293 -35.27 9.25 -9.34
C TYR D 293 -34.10 8.85 -8.44
N VAL D 294 -33.10 9.72 -8.42
CA VAL D 294 -31.92 9.55 -7.60
C VAL D 294 -32.15 10.35 -6.31
N PRO D 295 -31.78 9.78 -5.14
CA PRO D 295 -31.99 10.52 -3.89
C PRO D 295 -31.16 11.78 -3.87
N PHE D 296 -31.75 12.88 -3.41
CA PHE D 296 -31.10 14.18 -3.43
C PHE D 296 -29.83 14.20 -2.57
N PRO D 297 -28.71 14.72 -3.14
CA PRO D 297 -27.39 14.71 -2.47
C PRO D 297 -27.30 15.67 -1.29
N ASP D 298 -26.78 15.19 -0.16
CA ASP D 298 -26.54 16.03 1.01
C ASP D 298 -25.68 17.26 0.69
N ALA D 299 -24.73 17.09 -0.24
CA ALA D 299 -23.83 18.17 -0.65
C ALA D 299 -24.53 19.40 -1.24
N LEU D 300 -25.77 19.22 -1.67
CA LEU D 300 -26.52 20.32 -2.27
C LEU D 300 -27.63 20.84 -1.34
N ARG D 301 -27.77 20.27 -0.15
CA ARG D 301 -28.79 20.76 0.77
C ARG D 301 -28.51 22.21 1.15
N GLY D 302 -29.54 23.06 1.06
CA GLY D 302 -29.44 24.48 1.34
C GLY D 302 -28.76 25.32 0.27
N LYS D 303 -28.33 24.72 -0.82
CA LYS D 303 -27.55 25.42 -1.82
C LYS D 303 -28.19 25.33 -3.21
N TYR D 304 -29.46 24.94 -3.25
CA TYR D 304 -30.14 24.54 -4.49
C TYR D 304 -31.43 25.31 -4.65
N GLN D 305 -31.72 25.77 -5.87
CA GLN D 305 -33.00 26.45 -6.11
C GLN D 305 -34.04 25.44 -6.56
N CYS D 306 -35.17 25.41 -5.87
CA CYS D 306 -36.22 24.44 -6.19
C CYS D 306 -37.28 25.03 -7.11
N PHE D 307 -37.23 26.34 -7.25
CA PHE D 307 -38.17 27.07 -8.10
C PHE D 307 -37.52 28.33 -8.67
N THR D 308 -37.56 28.49 -9.99
CA THR D 308 -37.22 29.77 -10.61
C THR D 308 -38.18 30.13 -11.74
N GLN D 309 -38.47 31.43 -11.88
CA GLN D 309 -39.30 31.88 -12.98
C GLN D 309 -39.07 33.35 -13.26
N ALA D 310 -38.47 33.63 -14.40
CA ALA D 310 -38.20 35.00 -14.85
C ALA D 310 -39.45 35.90 -14.83
N ASP D 311 -39.38 37.01 -14.10
CA ASP D 311 -40.33 38.08 -14.31
C ASP D 311 -39.90 38.81 -15.59
N GLN D 312 -40.81 38.92 -16.54
CA GLN D 312 -40.40 39.39 -17.85
C GLN D 312 -40.63 40.87 -18.11
N THR D 313 -41.22 41.55 -17.13
CA THR D 313 -41.59 42.96 -17.27
C THR D 313 -40.47 43.82 -17.86
N LYS D 314 -39.31 43.82 -17.21
CA LYS D 314 -38.20 44.66 -17.61
C LYS D 314 -37.72 44.42 -19.05
N LEU D 315 -37.49 43.16 -19.40
CA LEU D 315 -37.02 42.80 -20.73
C LEU D 315 -38.04 43.20 -21.79
N ARG D 316 -39.32 42.91 -21.54
CA ARG D 316 -40.37 43.31 -22.48
C ARG D 316 -40.45 44.83 -22.62
N ALA D 317 -40.40 45.53 -21.50
CA ALA D 317 -40.44 46.99 -21.49
C ALA D 317 -39.31 47.61 -22.30
N ALA D 318 -38.16 46.93 -22.37
CA ALA D 318 -37.03 47.47 -23.11
C ALA D 318 -37.21 47.20 -24.60
N GLY D 319 -38.27 46.48 -24.95
CA GLY D 319 -38.61 46.33 -26.34
C GLY D 319 -38.27 45.01 -26.97
N TYR D 320 -37.75 44.06 -26.17
CA TYR D 320 -37.60 42.70 -26.68
C TYR D 320 -38.95 42.00 -26.58
N ASP D 321 -39.62 41.83 -27.71
CA ASP D 321 -41.01 41.42 -27.66
C ASP D 321 -41.25 40.09 -28.36
N ALA D 322 -40.19 39.48 -28.88
CA ALA D 322 -40.32 38.17 -29.53
C ALA D 322 -40.69 37.07 -28.54
N PRO D 323 -41.40 36.03 -29.02
CA PRO D 323 -41.71 34.90 -28.13
C PRO D 323 -40.47 34.05 -27.84
N PHE D 324 -40.56 33.23 -26.81
CA PHE D 324 -39.49 32.30 -26.46
C PHE D 324 -39.91 30.87 -26.75
N LEU D 325 -39.01 30.09 -27.34
CA LEU D 325 -39.24 28.64 -27.51
C LEU D 325 -39.69 28.02 -26.20
N THR D 326 -40.77 27.25 -26.25
CA THR D 326 -41.18 26.48 -25.07
C THR D 326 -40.27 25.28 -24.87
N VAL D 327 -40.41 24.63 -23.72
CA VAL D 327 -39.71 23.40 -23.44
C VAL D 327 -39.98 22.36 -24.52
N GLN D 328 -41.26 22.13 -24.80
CA GLN D 328 -41.66 21.21 -25.85
C GLN D 328 -40.96 21.47 -27.20
N GLU D 329 -41.12 22.66 -27.75
CA GLU D 329 -40.45 22.97 -29.01
C GLU D 329 -38.92 22.84 -28.90
N GLY D 330 -38.34 23.55 -27.94
CA GLY D 330 -36.90 23.71 -27.85
C GLY D 330 -36.15 22.46 -27.46
N VAL D 331 -36.64 21.75 -26.43
CA VAL D 331 -35.98 20.50 -26.06
C VAL D 331 -36.11 19.46 -27.17
N ASP D 332 -37.32 19.30 -27.72
CA ASP D 332 -37.53 18.41 -28.87
C ASP D 332 -36.53 18.71 -29.99
N ARG D 333 -36.42 19.99 -30.35
CA ARG D 333 -35.47 20.40 -31.36
C ARG D 333 -34.04 20.05 -30.98
N TYR D 334 -33.68 20.31 -29.71
CA TYR D 334 -32.32 20.08 -29.20
C TYR D 334 -31.92 18.59 -29.24
N VAL D 335 -32.83 17.73 -28.76
CA VAL D 335 -32.61 16.28 -28.82
C VAL D 335 -32.35 15.81 -30.27
N ARG D 336 -33.16 16.30 -31.20
CA ARG D 336 -32.99 15.97 -32.63
C ARG D 336 -31.63 16.41 -33.14
N TRP D 337 -31.18 17.59 -32.74
CA TRP D 337 -29.87 18.04 -33.16
C TRP D 337 -28.81 17.11 -32.59
N LEU D 338 -28.97 16.76 -31.31
CA LEU D 338 -28.13 15.79 -30.60
C LEU D 338 -28.08 14.41 -31.26
N PHE D 339 -29.26 13.91 -31.66
CA PHE D 339 -29.39 12.64 -32.37
C PHE D 339 -28.61 12.64 -33.69
N GLY D 340 -28.56 13.80 -34.35
CA GLY D 340 -27.71 14.02 -35.52
C GLY D 340 -26.25 13.70 -35.27
N GLN D 341 -25.96 12.41 -35.21
CA GLN D 341 -24.59 11.87 -35.13
C GLN D 341 -24.56 10.39 -35.58
N LEU D 342 -25.75 9.84 -35.83
CA LEU D 342 -25.92 8.44 -36.27
C LEU D 342 -26.89 8.34 -37.46
N MET E 13 -16.34 59.61 3.33
CA MET E 13 -17.48 58.68 3.30
C MET E 13 -17.10 57.20 3.09
N THR E 14 -16.05 56.93 2.30
CA THR E 14 -15.56 55.55 2.11
C THR E 14 -15.01 54.92 3.39
N LEU E 15 -15.51 53.71 3.71
CA LEU E 15 -15.05 52.93 4.88
C LEU E 15 -14.40 51.62 4.43
N ILE E 16 -13.35 51.19 5.15
CA ILE E 16 -12.75 49.89 4.89
C ILE E 16 -12.86 48.91 6.09
N VAL E 17 -13.35 47.71 5.82
CA VAL E 17 -13.42 46.64 6.83
C VAL E 17 -12.63 45.41 6.38
N THR E 18 -11.50 45.16 7.04
CA THR E 18 -10.74 43.94 6.78
C THR E 18 -11.30 42.82 7.66
N GLY E 19 -11.14 41.58 7.21
CA GLY E 19 -11.82 40.45 7.81
C GLY E 19 -13.32 40.57 7.62
N ALA E 20 -13.74 41.30 6.60
CA ALA E 20 -15.15 41.60 6.36
C ALA E 20 -16.07 40.38 6.14
N ALA E 21 -15.53 39.30 5.56
CA ALA E 21 -16.34 38.11 5.41
C ALA E 21 -16.29 37.31 6.70
N GLY E 22 -15.38 37.70 7.59
CA GLY E 22 -15.19 37.02 8.88
C GLY E 22 -16.28 37.31 9.91
N PHE E 23 -16.17 36.65 11.06
CA PHE E 23 -17.16 36.78 12.14
C PHE E 23 -17.40 38.22 12.64
N ILE E 24 -16.35 38.88 13.11
CA ILE E 24 -16.52 40.17 13.74
C ILE E 24 -16.64 41.26 12.68
N GLY E 25 -15.78 41.17 11.67
CA GLY E 25 -15.88 41.99 10.48
C GLY E 25 -17.27 42.07 9.89
N ALA E 26 -17.91 40.91 9.67
CA ALA E 26 -19.19 40.92 9.00
C ALA E 26 -20.23 41.61 9.84
N ASN E 27 -20.13 41.45 11.17
CA ASN E 27 -21.07 42.10 12.08
C ASN E 27 -20.85 43.60 12.08
N LEU E 28 -19.62 44.00 11.75
CA LEU E 28 -19.31 45.41 11.65
C LEU E 28 -19.95 46.00 10.42
N VAL E 29 -19.79 45.33 9.28
CA VAL E 29 -20.37 45.74 8.01
C VAL E 29 -21.86 45.96 8.16
N LYS E 30 -22.53 44.97 8.73
CA LYS E 30 -23.96 45.00 8.98
C LYS E 30 -24.36 46.16 9.91
N ALA E 31 -23.56 46.39 10.94
CA ALA E 31 -23.91 47.44 11.91
C ALA E 31 -23.82 48.83 11.25
N LEU E 32 -22.77 49.04 10.47
CA LEU E 32 -22.62 50.27 9.72
C LEU E 32 -23.78 50.40 8.72
N ASN E 33 -24.09 49.32 7.99
CA ASN E 33 -25.23 49.32 7.08
C ASN E 33 -26.49 49.79 7.80
N GLU E 34 -26.67 49.32 9.03
CA GLU E 34 -27.91 49.56 9.75
C GLU E 34 -28.05 51.03 10.18
N ARG E 35 -26.96 51.78 10.12
CA ARG E 35 -26.99 53.21 10.40
C ARG E 35 -26.73 54.01 9.13
N GLY E 36 -27.02 53.39 7.99
CA GLY E 36 -26.95 54.06 6.71
C GLY E 36 -25.62 54.05 5.98
N GLU E 37 -24.56 53.59 6.66
CA GLU E 37 -23.21 53.54 6.08
C GLU E 37 -23.03 52.39 5.07
N THR E 38 -22.87 52.71 3.79
CA THR E 38 -22.83 51.65 2.77
C THR E 38 -21.64 51.71 1.80
N ARG E 39 -20.87 52.79 1.82
CA ARG E 39 -19.71 52.86 0.96
C ARG E 39 -18.52 52.11 1.58
N ILE E 40 -18.67 50.79 1.65
CA ILE E 40 -17.70 49.95 2.34
C ILE E 40 -16.87 49.06 1.39
N ILE E 41 -15.55 49.12 1.55
CA ILE E 41 -14.67 48.20 0.87
C ILE E 41 -14.44 46.99 1.77
N ALA E 42 -14.89 45.83 1.34
CA ALA E 42 -14.66 44.60 2.10
C ALA E 42 -13.32 43.92 1.71
N VAL E 43 -12.50 43.57 2.70
CA VAL E 43 -11.26 42.82 2.47
C VAL E 43 -11.23 41.50 3.24
N ASP E 44 -10.92 40.41 2.56
CA ASP E 44 -10.88 39.10 3.20
C ASP E 44 -10.12 38.10 2.34
N ASN E 45 -10.44 36.83 2.55
CA ASN E 45 -9.83 35.73 1.83
C ASN E 45 -10.85 34.63 1.87
N LEU E 46 -11.47 34.39 0.72
CA LEU E 46 -12.64 33.50 0.67
C LEU E 46 -12.33 32.09 0.19
N THR E 47 -11.06 31.70 0.30
CA THR E 47 -10.63 30.33 -0.01
C THR E 47 -11.58 29.31 0.62
N ARG E 48 -11.87 29.51 1.90
CA ARG E 48 -13.02 28.88 2.53
C ARG E 48 -14.28 29.65 2.14
N ALA E 49 -14.98 29.12 1.14
CA ALA E 49 -16.06 29.82 0.43
C ALA E 49 -17.22 30.26 1.32
N ASP E 50 -17.51 29.46 2.35
CA ASP E 50 -18.79 29.56 3.03
C ASP E 50 -18.92 30.82 3.83
N LYS E 51 -17.81 31.52 4.01
CA LYS E 51 -17.84 32.86 4.57
C LYS E 51 -18.77 33.81 3.80
N PHE E 52 -18.93 33.59 2.49
CA PHE E 52 -19.66 34.57 1.67
C PHE E 52 -21.02 34.83 2.30
N LYS E 53 -21.54 33.81 2.98
CA LYS E 53 -22.87 33.91 3.59
C LYS E 53 -22.99 35.07 4.58
N ASN E 54 -21.86 35.55 5.06
CA ASN E 54 -21.85 36.60 6.06
C ASN E 54 -22.13 37.95 5.46
N LEU E 55 -21.94 38.07 4.15
CA LEU E 55 -22.04 39.37 3.50
C LEU E 55 -23.27 39.46 2.59
N VAL E 56 -24.04 38.37 2.53
CA VAL E 56 -25.18 38.28 1.61
C VAL E 56 -26.29 39.29 1.90
N ASP E 57 -26.52 39.58 3.18
CA ASP E 57 -27.51 40.56 3.59
C ASP E 57 -26.87 41.93 3.85
N CYS E 58 -25.68 42.14 3.28
CA CYS E 58 -24.94 43.37 3.50
C CYS E 58 -24.90 44.22 2.26
N GLU E 59 -24.39 45.44 2.40
CA GLU E 59 -24.10 46.31 1.28
C GLU E 59 -22.66 46.79 1.31
N ILE E 60 -21.92 46.53 0.25
CA ILE E 60 -20.53 46.95 0.15
C ILE E 60 -20.27 47.49 -1.25
N ASP E 61 -19.28 48.36 -1.42
CA ASP E 61 -18.96 48.88 -2.77
C ASP E 61 -17.97 48.01 -3.50
N ASP E 62 -17.22 47.21 -2.75
CA ASP E 62 -16.16 46.42 -3.36
C ASP E 62 -15.67 45.28 -2.49
N TYR E 63 -15.09 44.27 -3.14
CA TYR E 63 -14.44 43.17 -2.44
C TYR E 63 -13.02 42.89 -2.94
N LEU E 64 -12.06 42.78 -2.04
CA LEU E 64 -10.67 42.42 -2.38
C LEU E 64 -10.12 41.28 -1.54
N ASP E 65 -9.32 40.42 -2.15
CA ASP E 65 -8.52 39.50 -1.36
C ASP E 65 -7.43 40.23 -0.54
N LYS E 66 -7.16 39.71 0.66
CA LYS E 66 -6.15 40.28 1.55
C LYS E 66 -4.77 40.53 0.89
N THR E 67 -4.39 39.69 -0.06
CA THR E 67 -3.07 39.78 -0.69
C THR E 67 -2.97 40.94 -1.67
N GLU E 68 -4.11 41.45 -2.12
CA GLU E 68 -4.13 42.52 -3.12
C GLU E 68 -4.52 43.89 -2.54
N PHE E 69 -4.69 43.97 -1.22
CA PHE E 69 -5.26 45.17 -0.58
C PHE E 69 -4.24 46.27 -0.25
N VAL E 70 -3.25 45.91 0.55
CA VAL E 70 -2.31 46.87 1.10
C VAL E 70 -1.69 47.80 0.05
N GLU E 71 -1.17 47.24 -1.03
CA GLU E 71 -0.56 48.06 -2.06
C GLU E 71 -1.57 49.09 -2.61
N ARG E 72 -2.73 48.59 -3.05
CA ARG E 72 -3.81 49.45 -3.53
C ARG E 72 -4.25 50.52 -2.52
N PHE E 73 -4.25 50.19 -1.23
CA PHE E 73 -4.65 51.17 -0.21
C PHE E 73 -3.64 52.30 -0.06
N ALA E 74 -2.37 51.95 -0.12
CA ALA E 74 -1.30 52.92 0.07
C ALA E 74 -1.19 53.84 -1.15
N ARG E 75 -1.42 53.26 -2.32
CA ARG E 75 -1.37 53.97 -3.59
C ARG E 75 -2.45 55.05 -3.65
N GLY E 76 -3.55 54.83 -2.90
CA GLY E 76 -4.65 55.76 -2.88
C GLY E 76 -5.79 55.35 -3.79
N ASP E 77 -5.78 54.10 -4.23
CA ASP E 77 -6.79 53.59 -5.17
C ASP E 77 -8.25 53.79 -4.69
N PHE E 78 -8.45 53.92 -3.38
CA PHE E 78 -9.81 53.97 -2.84
C PHE E 78 -10.21 55.40 -2.52
N GLY E 79 -9.35 56.35 -2.87
CA GLY E 79 -9.60 57.74 -2.58
C GLY E 79 -9.66 58.04 -1.09
N LYS E 80 -10.57 58.95 -0.74
CA LYS E 80 -10.66 59.50 0.60
C LYS E 80 -11.37 58.55 1.54
N VAL E 81 -10.59 57.98 2.46
CA VAL E 81 -11.11 57.01 3.40
C VAL E 81 -11.24 57.62 4.79
N ARG E 82 -12.42 57.55 5.37
CA ARG E 82 -12.58 58.02 6.75
C ARG E 82 -11.94 57.08 7.78
N ALA E 83 -12.27 55.79 7.67
CA ALA E 83 -11.85 54.82 8.69
C ALA E 83 -11.57 53.42 8.16
N VAL E 84 -10.60 52.77 8.80
CA VAL E 84 -10.32 51.38 8.53
C VAL E 84 -10.62 50.56 9.79
N PHE E 85 -11.55 49.61 9.66
CA PHE E 85 -11.79 48.62 10.72
C PHE E 85 -10.99 47.34 10.46
N HIS E 86 -9.84 47.22 11.13
CA HIS E 86 -8.94 46.13 10.84
C HIS E 86 -9.26 44.88 11.67
N GLU E 87 -10.21 44.08 11.17
CA GLU E 87 -10.54 42.82 11.85
C GLU E 87 -9.80 41.66 11.21
N GLY E 88 -9.29 41.85 9.99
CA GLY E 88 -8.58 40.80 9.28
C GLY E 88 -7.37 40.30 10.03
N ALA E 89 -7.27 38.98 10.17
CA ALA E 89 -6.20 38.29 10.89
C ALA E 89 -6.43 36.79 10.85
N CYS E 90 -5.34 36.03 10.92
CA CYS E 90 -5.44 34.61 11.18
C CYS E 90 -5.89 34.41 12.62
N SER E 91 -7.12 33.95 12.80
CA SER E 91 -7.72 33.85 14.13
C SER E 91 -7.58 32.44 14.72
N ASP E 92 -6.62 31.66 14.20
CA ASP E 92 -6.47 30.27 14.59
C ASP E 92 -5.37 30.13 15.64
N THR E 93 -5.79 29.84 16.87
CA THR E 93 -4.87 29.75 18.00
C THR E 93 -3.96 28.52 17.92
N MET E 94 -4.27 27.59 17.02
CA MET E 94 -3.49 26.37 16.94
C MET E 94 -2.59 26.33 15.72
N GLU E 95 -2.57 27.42 14.96
CA GLU E 95 -1.66 27.56 13.83
C GLU E 95 -0.20 27.56 14.29
N THR E 96 0.63 26.75 13.62
CA THR E 96 2.00 26.49 14.06
C THR E 96 3.07 27.19 13.20
N ASP E 97 2.68 27.80 12.09
CA ASP E 97 3.63 28.54 11.26
C ASP E 97 3.72 30.00 11.70
N GLY E 98 4.71 30.30 12.54
CA GLY E 98 4.81 31.60 13.18
C GLY E 98 5.32 32.64 12.20
N ARG E 99 5.98 32.17 11.16
CA ARG E 99 6.42 33.06 10.11
C ARG E 99 5.22 33.61 9.39
N TYR E 100 4.28 32.70 9.08
CA TYR E 100 3.06 33.10 8.44
C TYR E 100 2.32 33.98 9.42
N MET E 101 2.31 33.57 10.69
CA MET E 101 1.55 34.29 11.68
C MET E 101 2.04 35.76 11.81
N MET E 102 3.35 35.99 11.94
CA MET E 102 3.88 37.37 12.03
C MET E 102 3.67 38.19 10.75
N ASP E 103 3.69 37.52 9.61
CA ASP E 103 3.50 38.20 8.34
C ASP E 103 2.05 38.63 8.15
N ASN E 104 1.14 37.70 8.39
CA ASN E 104 -0.26 37.92 8.12
C ASN E 104 -0.88 38.78 9.21
N ASN E 105 -0.37 38.64 10.42
CA ASN E 105 -0.91 39.40 11.54
C ASN E 105 -0.12 40.68 11.80
N PHE E 106 1.07 40.54 12.38
CA PHE E 106 1.89 41.69 12.72
C PHE E 106 2.26 42.63 11.54
N ARG E 107 2.97 42.13 10.53
CA ARG E 107 3.47 42.99 9.46
C ARG E 107 2.32 43.62 8.68
N TYR E 108 1.26 42.85 8.49
CA TYR E 108 0.13 43.33 7.72
C TYR E 108 -0.52 44.51 8.48
N SER E 109 -0.68 44.33 9.79
CA SER E 109 -1.25 45.37 10.63
C SER E 109 -0.40 46.64 10.63
N ARG E 110 0.92 46.47 10.61
CA ARG E 110 1.79 47.64 10.52
C ARG E 110 1.65 48.36 9.19
N ALA E 111 1.52 47.59 8.12
CA ALA E 111 1.39 48.15 6.80
C ALA E 111 0.11 48.98 6.74
N VAL E 112 -0.96 48.46 7.33
CA VAL E 112 -2.26 49.12 7.28
C VAL E 112 -2.26 50.36 8.16
N LEU E 113 -1.70 50.22 9.36
CA LEU E 113 -1.57 51.35 10.26
C LEU E 113 -0.85 52.51 9.54
N ASP E 114 0.19 52.16 8.77
CA ASP E 114 1.03 53.15 8.10
C ASP E 114 0.30 53.94 7.01
N ALA E 115 -0.47 53.26 6.19
CA ALA E 115 -1.29 53.95 5.21
C ALA E 115 -2.30 54.87 5.89
N CYS E 116 -2.94 54.39 6.96
CA CYS E 116 -3.91 55.21 7.71
C CYS E 116 -3.30 56.48 8.31
N LEU E 117 -2.08 56.38 8.83
CA LEU E 117 -1.41 57.52 9.43
C LEU E 117 -1.01 58.57 8.39
N ALA E 118 -0.66 58.10 7.19
CA ALA E 118 -0.23 58.98 6.12
C ALA E 118 -1.42 59.59 5.41
N GLN E 119 -2.61 59.07 5.69
CA GLN E 119 -3.83 59.55 5.04
C GLN E 119 -4.78 60.25 6.01
N GLY E 120 -4.42 60.21 7.30
CA GLY E 120 -5.30 60.76 8.33
C GLY E 120 -6.56 59.96 8.65
N ALA E 121 -6.65 58.73 8.14
CA ALA E 121 -7.82 57.88 8.39
C ALA E 121 -7.86 57.35 9.82
N GLN E 122 -9.04 57.32 10.41
CA GLN E 122 -9.21 56.63 11.69
C GLN E 122 -8.80 55.15 11.57
N PHE E 123 -8.06 54.65 12.56
CA PHE E 123 -7.58 53.27 12.53
C PHE E 123 -8.10 52.50 13.75
N LEU E 124 -9.05 51.60 13.52
CA LEU E 124 -9.63 50.81 14.60
C LEU E 124 -9.34 49.34 14.34
N TYR E 125 -8.80 48.64 15.32
CA TYR E 125 -8.29 47.31 15.03
C TYR E 125 -8.55 46.30 16.14
N ALA E 126 -8.52 45.04 15.76
CA ALA E 126 -8.75 43.92 16.67
C ALA E 126 -7.45 43.49 17.37
N SER E 127 -7.48 43.48 18.69
CA SER E 127 -6.40 42.89 19.47
C SER E 127 -7.01 41.65 20.08
N SER E 128 -6.45 41.16 21.19
CA SER E 128 -6.96 39.93 21.77
C SER E 128 -6.57 39.78 23.21
N ALA E 129 -7.47 39.23 24.02
CA ALA E 129 -7.20 38.96 25.42
C ALA E 129 -6.20 37.80 25.61
N ALA E 130 -5.94 37.05 24.53
CA ALA E 130 -4.92 36.01 24.53
C ALA E 130 -3.56 36.61 24.86
N ILE E 131 -3.44 37.91 24.64
CA ILE E 131 -2.26 38.67 24.98
C ILE E 131 -1.86 38.46 26.44
N TYR E 132 -2.85 38.39 27.33
CA TYR E 132 -2.60 38.27 28.76
C TYR E 132 -2.02 36.92 29.18
N GLY E 133 -2.19 35.90 28.33
CA GLY E 133 -1.66 34.59 28.66
C GLY E 133 -2.14 34.12 30.02
N GLY E 134 -1.22 33.63 30.84
CA GLY E 134 -1.56 33.11 32.16
C GLY E 134 -1.56 34.17 33.25
N SER E 135 -1.57 35.43 32.84
CA SER E 135 -1.68 36.57 33.76
C SER E 135 -2.90 36.45 34.65
N SER E 136 -2.82 37.09 35.80
CA SER E 136 -3.87 37.01 36.80
C SER E 136 -4.57 38.36 36.93
N ARG E 137 -4.12 39.31 36.12
CA ARG E 137 -4.76 40.62 36.01
C ARG E 137 -4.91 40.96 34.52
N PHE E 138 -5.96 41.67 34.17
CA PHE E 138 -6.23 41.94 32.76
C PHE E 138 -6.39 43.42 32.55
N VAL E 139 -5.28 44.12 32.79
CA VAL E 139 -5.22 45.57 32.61
C VAL E 139 -4.30 45.91 31.45
N GLU E 140 -4.65 46.95 30.71
CA GLU E 140 -3.90 47.34 29.53
C GLU E 140 -2.51 47.91 29.87
N GLU E 141 -1.63 47.03 30.34
CA GLU E 141 -0.28 47.39 30.76
C GLU E 141 0.73 46.28 30.46
N ARG E 142 1.87 46.67 29.89
CA ARG E 142 2.94 45.75 29.53
C ARG E 142 3.34 44.76 30.64
N GLU E 143 3.28 45.23 31.88
CA GLU E 143 3.66 44.45 33.06
C GLU E 143 2.98 43.08 33.15
N VAL E 144 1.73 43.00 32.68
CA VAL E 144 0.94 41.80 32.89
C VAL E 144 0.71 41.01 31.61
N GLU E 145 1.36 41.41 30.54
CA GLU E 145 1.09 40.85 29.23
C GLU E 145 2.07 39.73 28.92
N ALA E 146 1.56 38.53 28.68
CA ALA E 146 2.43 37.38 28.45
C ALA E 146 1.80 36.27 27.63
N PRO E 147 1.76 36.45 26.31
CA PRO E 147 1.09 35.47 25.44
C PRO E 147 1.67 34.03 25.51
N LEU E 148 0.80 33.04 25.36
CA LEU E 148 1.21 31.64 25.45
C LEU E 148 1.39 30.96 24.08
N ASN E 149 1.05 31.66 23.01
CA ASN E 149 1.12 31.07 21.67
C ASN E 149 1.49 32.13 20.65
N VAL E 150 2.10 31.71 19.55
CA VAL E 150 2.53 32.67 18.56
C VAL E 150 1.39 33.59 18.04
N TYR E 151 0.15 33.10 18.04
CA TYR E 151 -1.00 33.96 17.73
C TYR E 151 -1.10 35.14 18.71
N GLY E 152 -1.04 34.84 20.00
CA GLY E 152 -1.15 35.87 21.02
C GLY E 152 0.00 36.83 20.87
N TYR E 153 1.19 36.30 20.60
CA TYR E 153 2.38 37.10 20.46
C TYR E 153 2.30 38.05 19.27
N SER E 154 1.69 37.60 18.18
CA SER E 154 1.48 38.48 17.03
C SER E 154 0.60 39.68 17.37
N LYS E 155 -0.44 39.44 18.17
CA LYS E 155 -1.30 40.53 18.59
C LYS E 155 -0.56 41.38 19.63
N PHE E 156 0.06 40.69 20.58
CA PHE E 156 0.87 41.31 21.61
C PHE E 156 1.89 42.32 21.07
N LEU E 157 2.68 41.89 20.11
CA LEU E 157 3.74 42.75 19.60
C LEU E 157 3.16 43.96 18.86
N PHE E 158 2.00 43.78 18.25
CA PHE E 158 1.42 44.89 17.53
C PHE E 158 1.02 46.00 18.49
N ASP E 159 0.49 45.60 19.64
CA ASP E 159 0.10 46.55 20.69
C ASP E 159 1.29 47.37 21.19
N GLN E 160 2.45 46.73 21.31
CA GLN E 160 3.67 47.41 21.72
C GLN E 160 3.99 48.51 20.71
N VAL E 161 3.90 48.16 19.43
CA VAL E 161 4.14 49.13 18.37
C VAL E 161 3.13 50.29 18.45
N ILE E 162 1.85 49.95 18.63
CA ILE E 162 0.81 50.95 18.79
C ILE E 162 1.13 51.91 19.94
N ARG E 163 1.66 51.36 21.04
CA ARG E 163 2.02 52.17 22.19
C ARG E 163 3.08 53.23 21.88
N ARG E 164 4.15 52.84 21.18
CA ARG E 164 5.19 53.78 20.77
C ARG E 164 4.69 54.82 19.74
N VAL E 165 3.68 54.45 18.95
CA VAL E 165 3.19 55.28 17.83
C VAL E 165 2.07 56.25 18.25
N MET E 166 1.34 55.89 19.30
CA MET E 166 0.16 56.65 19.70
C MET E 166 0.40 58.14 20.08
N PRO E 167 1.42 58.43 20.93
CA PRO E 167 1.73 59.83 21.25
C PRO E 167 1.88 60.78 20.05
N GLY E 168 2.81 60.48 19.15
CA GLY E 168 3.01 61.34 17.98
C GLY E 168 1.98 61.21 16.87
N ALA E 169 0.82 60.61 17.16
CA ALA E 169 -0.14 60.27 16.12
C ALA E 169 -1.29 61.28 16.00
N LYS E 170 -1.56 61.70 14.77
CA LYS E 170 -2.50 62.79 14.52
C LYS E 170 -3.89 62.32 14.11
N SER E 171 -4.06 61.02 13.86
CA SER E 171 -5.39 60.47 13.61
C SER E 171 -5.73 59.40 14.63
N GLN E 172 -7.01 59.01 14.68
CA GLN E 172 -7.44 58.03 15.69
C GLN E 172 -6.70 56.69 15.62
N ILE E 173 -6.29 56.18 16.77
CA ILE E 173 -5.79 54.81 16.85
C ILE E 173 -6.49 54.11 18.01
N ALA E 174 -7.36 53.16 17.70
CA ALA E 174 -8.16 52.49 18.72
C ALA E 174 -8.08 50.95 18.64
N GLY E 175 -7.51 50.36 19.67
CA GLY E 175 -7.34 48.92 19.75
C GLY E 175 -8.25 48.27 20.78
N PHE E 176 -8.89 47.18 20.37
CA PHE E 176 -9.80 46.46 21.22
C PHE E 176 -9.33 45.03 21.47
N ARG E 177 -8.96 44.76 22.71
CA ARG E 177 -8.71 43.39 23.14
C ARG E 177 -10.02 42.65 23.41
N TYR E 178 -10.56 42.04 22.35
CA TYR E 178 -11.71 41.16 22.47
C TYR E 178 -11.38 40.01 23.40
N PHE E 179 -12.33 39.64 24.25
CA PHE E 179 -12.16 38.47 25.09
C PHE E 179 -12.78 37.28 24.34
N ASN E 180 -13.66 36.48 24.94
CA ASN E 180 -14.32 35.43 24.18
C ASN E 180 -15.61 35.93 23.52
N VAL E 181 -15.55 36.23 22.22
CA VAL E 181 -16.74 36.71 21.52
C VAL E 181 -17.61 35.57 21.00
N TYR E 182 -18.93 35.80 21.00
CA TYR E 182 -19.89 34.83 20.48
C TYR E 182 -21.03 35.57 19.77
N GLY E 183 -21.67 34.90 18.82
CA GLY E 183 -22.84 35.42 18.17
C GLY E 183 -22.96 35.02 16.71
N PRO E 184 -23.96 35.57 16.02
CA PRO E 184 -24.23 35.25 14.61
C PRO E 184 -23.01 35.55 13.75
N ARG E 185 -22.85 34.78 12.68
CA ARG E 185 -21.79 34.96 11.66
C ARG E 185 -20.44 34.33 12.03
N GLU E 186 -20.45 33.33 12.90
CA GLU E 186 -19.25 32.59 13.19
C GLU E 186 -19.35 31.15 12.68
N SER E 187 -20.38 30.87 11.89
CA SER E 187 -20.65 29.49 11.45
C SER E 187 -19.55 28.82 10.64
N HIS E 188 -18.62 29.62 10.14
CA HIS E 188 -17.56 29.16 9.26
C HIS E 188 -16.27 28.87 10.04
N LYS E 189 -16.26 29.13 11.35
CA LYS E 189 -14.99 29.14 12.09
C LYS E 189 -14.51 27.78 12.57
N GLY E 190 -15.34 26.74 12.38
CA GLY E 190 -14.95 25.39 12.73
C GLY E 190 -14.59 25.24 14.20
N ARG E 191 -13.42 24.66 14.49
CA ARG E 191 -12.99 24.48 15.86
C ARG E 191 -12.74 25.83 16.56
N MET E 192 -12.56 26.89 15.77
CA MET E 192 -12.32 28.20 16.34
C MET E 192 -13.61 28.92 16.71
N ALA E 193 -14.76 28.35 16.34
CA ALA E 193 -16.03 28.96 16.72
C ALA E 193 -16.19 28.99 18.25
N SER E 194 -17.18 29.73 18.71
CA SER E 194 -17.44 29.83 20.14
C SER E 194 -17.97 28.50 20.68
N VAL E 195 -17.79 28.32 21.97
CA VAL E 195 -18.31 27.13 22.64
C VAL E 195 -19.82 27.06 22.54
N ALA E 196 -20.48 28.21 22.54
CA ALA E 196 -21.94 28.23 22.43
C ALA E 196 -22.34 27.63 21.10
N PHE E 197 -21.67 28.04 20.03
CA PHE E 197 -21.94 27.50 18.72
C PHE E 197 -21.76 25.97 18.73
N HIS E 198 -20.64 25.50 19.27
CA HIS E 198 -20.36 24.07 19.32
C HIS E 198 -21.40 23.28 20.11
N ASN E 199 -21.77 23.79 21.28
CA ASN E 199 -22.76 23.16 22.14
C ASN E 199 -24.12 23.02 21.44
N PHE E 200 -24.55 24.09 20.78
CA PHE E 200 -25.77 24.05 20.00
C PHE E 200 -25.74 22.92 18.93
N ASN E 201 -24.67 22.85 18.16
CA ASN E 201 -24.56 21.83 17.11
C ASN E 201 -24.39 20.43 17.66
N GLN E 202 -23.69 20.35 18.80
CA GLN E 202 -23.52 19.09 19.51
C GLN E 202 -24.88 18.58 20.00
N PHE E 203 -25.72 19.49 20.48
CA PHE E 203 -27.02 19.11 20.99
C PHE E 203 -27.97 18.74 19.87
N ARG E 204 -27.98 19.56 18.83
CA ARG E 204 -28.81 19.29 17.65
C ARG E 204 -28.52 17.91 17.04
N ALA E 205 -27.26 17.47 17.11
CA ALA E 205 -26.88 16.17 16.53
C ALA E 205 -27.10 14.98 17.47
N GLU E 206 -26.62 15.09 18.70
CA GLU E 206 -26.55 13.97 19.64
C GLU E 206 -27.45 14.13 20.86
N GLY E 207 -27.93 15.34 21.11
CA GLY E 207 -28.68 15.60 22.32
C GLY E 207 -27.82 15.73 23.57
N LYS E 208 -26.53 16.02 23.39
CA LYS E 208 -25.64 16.27 24.52
C LYS E 208 -24.48 17.18 24.09
N VAL E 209 -24.02 18.03 25.00
CA VAL E 209 -22.95 18.97 24.67
C VAL E 209 -21.63 18.51 25.30
N LYS E 210 -20.53 19.07 24.81
CA LYS E 210 -19.23 18.62 25.26
C LYS E 210 -18.38 19.79 25.74
N LEU E 211 -17.59 19.51 26.79
CA LEU E 211 -16.69 20.47 27.42
C LEU E 211 -15.40 19.76 27.82
N PHE E 212 -14.32 20.51 28.01
CA PHE E 212 -13.07 19.91 28.49
C PHE E 212 -13.16 19.45 29.94
N GLY E 213 -12.49 18.34 30.25
CA GLY E 213 -12.39 17.83 31.61
C GLY E 213 -11.41 18.62 32.48
N GLU E 214 -10.99 18.02 33.59
CA GLU E 214 -10.06 18.65 34.52
C GLU E 214 -8.75 19.05 33.83
N TYR E 215 -8.25 20.24 34.14
CA TYR E 215 -6.96 20.71 33.65
C TYR E 215 -6.40 21.86 34.49
N SER E 216 -5.19 21.67 35.00
CA SER E 216 -4.49 22.65 35.84
C SER E 216 -5.30 23.18 37.02
N GLY E 217 -5.80 22.27 37.84
CA GLY E 217 -6.45 22.64 39.09
C GLY E 217 -7.82 23.25 38.92
N TYR E 218 -8.31 23.21 37.68
CA TYR E 218 -9.67 23.56 37.36
C TYR E 218 -10.47 22.28 37.07
N GLY E 219 -11.66 22.20 37.63
CA GLY E 219 -12.50 21.03 37.47
C GLY E 219 -13.13 20.99 36.10
N PRO E 220 -13.81 19.88 35.79
CA PRO E 220 -14.56 19.69 34.55
C PRO E 220 -15.50 20.86 34.23
N GLY E 221 -15.23 21.52 33.10
CA GLY E 221 -15.98 22.69 32.66
C GLY E 221 -15.82 23.94 33.52
N GLU E 222 -14.78 23.96 34.36
CA GLU E 222 -14.64 25.03 35.35
C GLU E 222 -13.74 26.19 34.90
N GLN E 223 -12.89 25.96 33.91
CA GLN E 223 -12.15 27.05 33.25
C GLN E 223 -13.13 28.18 32.93
N THR E 224 -12.71 29.43 33.15
CA THR E 224 -13.65 30.55 33.06
C THR E 224 -13.17 31.62 32.09
N ARG E 225 -14.10 32.39 31.56
CA ARG E 225 -13.82 33.38 30.53
C ARG E 225 -14.79 34.53 30.63
N ASP E 226 -14.36 35.68 30.13
CA ASP E 226 -15.26 36.80 29.94
C ASP E 226 -15.89 36.60 28.57
N PHE E 227 -17.15 36.15 28.54
CA PHE E 227 -17.90 36.02 27.29
C PHE E 227 -18.65 37.30 26.94
N VAL E 228 -18.39 37.85 25.75
CA VAL E 228 -19.09 39.02 25.23
C VAL E 228 -19.84 38.72 23.94
N SER E 229 -21.00 39.34 23.74
CA SER E 229 -21.72 39.20 22.48
C SER E 229 -21.10 40.09 21.40
N VAL E 230 -21.20 39.69 20.12
CA VAL E 230 -20.70 40.51 19.02
C VAL E 230 -21.44 41.81 18.97
N GLU E 231 -22.72 41.77 19.36
CA GLU E 231 -23.52 42.98 19.44
C GLU E 231 -22.75 44.07 20.19
N ASP E 232 -22.23 43.73 21.37
CA ASP E 232 -21.46 44.67 22.16
C ASP E 232 -20.13 45.05 21.52
N VAL E 233 -19.51 44.11 20.81
CA VAL E 233 -18.27 44.43 20.10
C VAL E 233 -18.57 45.50 19.04
N ALA E 234 -19.65 45.27 18.29
CA ALA E 234 -20.14 46.25 17.31
C ALA E 234 -20.41 47.64 17.92
N LYS E 235 -21.03 47.67 19.09
CA LYS E 235 -21.37 48.92 19.76
C LYS E 235 -20.15 49.74 20.17
N VAL E 236 -19.18 49.07 20.79
CA VAL E 236 -17.94 49.73 21.18
C VAL E 236 -17.16 50.23 19.96
N ASN E 237 -17.14 49.40 18.90
CA ASN E 237 -16.52 49.81 17.64
C ASN E 237 -17.20 51.06 17.06
N LEU E 238 -18.54 51.08 17.06
CA LEU E 238 -19.27 52.21 16.50
C LEU E 238 -19.08 53.47 17.32
N TYR E 239 -19.08 53.32 18.64
CA TYR E 239 -18.83 54.41 19.58
C TYR E 239 -17.49 55.11 19.29
N PHE E 240 -16.42 54.34 19.18
CA PHE E 240 -15.11 54.95 18.93
C PHE E 240 -15.00 55.53 17.52
N PHE E 241 -15.80 55.00 16.60
CA PHE E 241 -15.80 55.48 15.22
C PHE E 241 -16.37 56.89 15.24
N ASP E 242 -17.40 57.07 16.08
CA ASP E 242 -18.08 58.34 16.31
C ASP E 242 -17.26 59.37 17.10
N HIS E 243 -16.17 58.93 17.73
CA HIS E 243 -15.36 59.82 18.55
C HIS E 243 -13.89 59.81 18.22
N PRO E 244 -13.53 60.29 17.01
CA PRO E 244 -12.17 60.27 16.47
C PRO E 244 -11.15 60.89 17.44
N GLU E 245 -11.61 61.69 18.40
CA GLU E 245 -10.73 62.30 19.38
C GLU E 245 -10.22 61.29 20.41
N LYS E 246 -10.90 60.15 20.54
CA LYS E 246 -10.50 59.10 21.49
C LYS E 246 -9.59 58.05 20.84
N SER E 247 -8.48 57.75 21.53
CA SER E 247 -7.47 56.82 21.06
C SER E 247 -6.95 55.98 22.25
N GLY E 248 -6.39 54.81 21.97
CA GLY E 248 -5.95 53.93 23.03
C GLY E 248 -6.15 52.45 22.74
N ILE E 249 -5.62 51.62 23.63
CA ILE E 249 -5.84 50.18 23.62
C ILE E 249 -6.75 49.86 24.80
N PHE E 250 -7.94 49.34 24.52
CA PHE E 250 -8.94 49.07 25.57
C PHE E 250 -9.33 47.60 25.59
N ASN E 251 -9.53 47.06 26.79
CA ASN E 251 -10.22 45.76 26.89
C ASN E 251 -11.63 45.85 26.32
N LEU E 252 -12.11 44.76 25.76
CA LEU E 252 -13.52 44.66 25.41
C LEU E 252 -14.07 43.34 25.92
N GLY E 253 -14.60 43.38 27.13
CA GLY E 253 -15.26 42.26 27.75
C GLY E 253 -16.37 42.82 28.63
N THR E 254 -17.08 41.94 29.34
CA THR E 254 -18.19 42.33 30.15
C THR E 254 -17.73 42.61 31.55
N GLY E 255 -16.51 42.20 31.87
CA GLY E 255 -15.95 42.41 33.18
C GLY E 255 -16.42 41.39 34.20
N ARG E 256 -17.24 40.46 33.73
CA ARG E 256 -17.87 39.43 34.57
C ARG E 256 -17.60 38.03 33.97
N ALA E 257 -16.71 37.28 34.60
CA ALA E 257 -16.23 36.03 34.02
C ALA E 257 -16.98 34.79 34.53
N GLN E 258 -17.25 33.84 33.64
CA GLN E 258 -18.05 32.67 33.98
C GLN E 258 -17.37 31.36 33.54
N PRO E 259 -17.70 30.24 34.20
CA PRO E 259 -17.16 28.95 33.75
C PRO E 259 -17.81 28.48 32.44
N PHE E 260 -17.08 27.68 31.67
CA PHE E 260 -17.65 27.10 30.46
C PHE E 260 -18.91 26.31 30.76
N ASN E 261 -18.98 25.74 31.96
CA ASN E 261 -20.19 25.09 32.41
C ASN E 261 -21.44 25.96 32.25
N ASP E 262 -21.26 27.28 32.37
CA ASP E 262 -22.39 28.22 32.26
C ASP E 262 -22.95 28.32 30.86
N ILE E 263 -22.06 28.43 29.88
CA ILE E 263 -22.44 28.42 28.48
C ILE E 263 -23.20 27.13 28.14
N ALA E 264 -22.57 26.01 28.45
CA ALA E 264 -23.09 24.68 28.18
C ALA E 264 -24.50 24.45 28.75
N ALA E 265 -24.68 24.74 30.03
CA ALA E 265 -25.98 24.56 30.67
C ALA E 265 -27.04 25.52 30.10
N THR E 266 -26.61 26.72 29.72
CA THR E 266 -27.49 27.71 29.14
C THR E 266 -28.00 27.25 27.78
N VAL E 267 -27.08 26.76 26.96
CA VAL E 267 -27.42 26.21 25.63
C VAL E 267 -28.37 25.01 25.76
N VAL E 268 -28.05 24.10 26.68
CA VAL E 268 -28.88 22.91 26.93
C VAL E 268 -30.25 23.30 27.47
N ASN E 269 -30.29 24.17 28.47
CA ASN E 269 -31.57 24.63 29.02
C ASN E 269 -32.43 25.44 28.05
N THR E 270 -31.78 26.16 27.13
CA THR E 270 -32.53 26.94 26.15
C THR E 270 -33.18 26.02 25.15
N LEU E 271 -32.40 25.13 24.56
CA LEU E 271 -32.93 24.18 23.59
C LEU E 271 -33.99 23.28 24.23
N ARG E 272 -33.87 23.00 25.53
CA ARG E 272 -34.93 22.28 26.24
C ARG E 272 -36.21 23.09 26.23
N ALA E 273 -36.08 24.39 26.47
CA ALA E 273 -37.24 25.28 26.51
C ALA E 273 -37.96 25.38 25.17
N LEU E 274 -37.22 25.24 24.08
CA LEU E 274 -37.84 25.29 22.75
C LEU E 274 -38.57 23.99 22.41
N GLU E 275 -38.38 22.98 23.26
CA GLU E 275 -39.05 21.70 23.08
C GLU E 275 -39.87 21.30 24.30
N GLY E 276 -40.30 22.30 25.08
CA GLY E 276 -41.16 22.08 26.22
C GLY E 276 -40.58 21.25 27.36
N GLN E 277 -39.29 21.41 27.62
CA GLN E 277 -38.67 20.74 28.77
C GLN E 277 -38.19 21.77 29.79
N PRO E 278 -38.22 21.41 31.08
CA PRO E 278 -37.88 22.40 32.11
C PRO E 278 -36.37 22.51 32.39
N ALA E 279 -35.92 23.68 32.82
CA ALA E 279 -34.50 23.92 33.11
C ALA E 279 -33.89 22.96 34.14
N LEU E 280 -32.62 22.61 33.94
CA LEU E 280 -31.89 21.79 34.89
C LEU E 280 -30.68 22.53 35.47
N THR E 281 -30.31 22.18 36.69
CA THR E 281 -29.02 22.59 37.21
C THR E 281 -27.92 21.92 36.42
N LEU E 282 -26.69 22.44 36.54
CA LEU E 282 -25.55 21.80 35.92
C LEU E 282 -25.47 20.33 36.35
N ALA E 283 -25.57 20.10 37.67
CA ALA E 283 -25.44 18.77 38.25
C ALA E 283 -26.41 17.76 37.65
N GLU E 284 -27.67 18.15 37.45
CA GLU E 284 -28.67 17.27 36.82
C GLU E 284 -28.27 16.88 35.39
N GLN E 285 -27.88 17.89 34.61
CA GLN E 285 -27.47 17.69 33.23
C GLN E 285 -26.24 16.79 33.15
N VAL E 286 -25.33 16.92 34.11
CA VAL E 286 -24.17 16.03 34.15
C VAL E 286 -24.64 14.61 34.43
N GLU E 287 -25.46 14.47 35.47
CA GLU E 287 -26.01 13.18 35.89
C GLU E 287 -26.82 12.52 34.76
N GLN E 288 -27.54 13.33 33.99
CA GLN E 288 -28.40 12.82 32.92
C GLN E 288 -27.69 12.61 31.57
N GLY E 289 -26.40 12.94 31.51
CA GLY E 289 -25.62 12.78 30.30
C GLY E 289 -25.82 13.85 29.23
N LEU E 290 -26.55 14.93 29.56
CA LEU E 290 -26.73 16.05 28.63
C LEU E 290 -25.44 16.87 28.49
N VAL E 291 -24.58 16.79 29.51
CA VAL E 291 -23.28 17.42 29.48
C VAL E 291 -22.22 16.34 29.75
N GLU E 292 -21.21 16.22 28.87
CA GLU E 292 -20.10 15.28 29.16
C GLU E 292 -18.72 15.92 28.98
N TYR E 293 -17.72 15.31 29.60
CA TYR E 293 -16.40 15.91 29.58
C TYR E 293 -15.38 15.12 28.80
N VAL E 294 -14.89 15.74 27.73
CA VAL E 294 -13.79 15.23 26.92
C VAL E 294 -12.48 15.50 27.66
N PRO E 295 -11.58 14.51 27.69
CA PRO E 295 -10.33 14.76 28.43
C PRO E 295 -9.48 15.81 27.72
N PHE E 296 -8.75 16.62 28.50
CA PHE E 296 -8.02 17.76 27.94
C PHE E 296 -6.80 17.34 27.11
N PRO E 297 -6.71 17.83 25.85
CA PRO E 297 -5.74 17.46 24.81
C PRO E 297 -4.30 17.79 25.16
N ASP E 298 -3.39 16.82 24.99
CA ASP E 298 -1.97 17.01 25.30
C ASP E 298 -1.33 18.14 24.49
N ALA E 299 -1.88 18.40 23.31
CA ALA E 299 -1.42 19.47 22.42
C ALA E 299 -1.61 20.86 23.02
N LEU E 300 -2.59 21.01 23.91
CA LEU E 300 -2.94 22.32 24.46
C LEU E 300 -2.31 22.63 25.82
N ARG E 301 -1.69 21.63 26.45
CA ARG E 301 -1.10 21.83 27.78
C ARG E 301 -0.07 22.97 27.71
N GLY E 302 -0.24 23.99 28.55
CA GLY E 302 0.67 25.12 28.61
C GLY E 302 0.37 26.25 27.62
N LYS E 303 -0.61 26.05 26.75
CA LYS E 303 -0.90 27.05 25.73
C LYS E 303 -2.36 27.48 25.77
N TYR E 304 -2.95 27.41 26.96
CA TYR E 304 -4.38 27.59 27.12
C TYR E 304 -4.67 28.39 28.38
N GLN E 305 -5.42 29.47 28.22
CA GLN E 305 -5.83 30.30 29.34
C GLN E 305 -6.99 29.65 30.09
N CYS E 306 -6.83 29.52 31.39
CA CYS E 306 -7.82 28.90 32.25
C CYS E 306 -8.73 29.94 32.89
N PHE E 307 -8.33 31.20 32.84
CA PHE E 307 -9.10 32.30 33.42
C PHE E 307 -8.91 33.62 32.65
N THR E 308 -10.01 34.27 32.26
CA THR E 308 -9.94 35.67 31.82
C THR E 308 -11.13 36.44 32.37
N GLN E 309 -10.90 37.72 32.64
CA GLN E 309 -11.98 38.64 32.99
C GLN E 309 -11.51 40.06 32.70
N ALA E 310 -12.24 40.77 31.86
CA ALA E 310 -11.84 42.13 31.47
C ALA E 310 -11.87 43.10 32.66
N ASP E 311 -10.77 43.80 32.86
CA ASP E 311 -10.81 44.99 33.70
C ASP E 311 -11.37 46.10 32.82
N GLN E 312 -12.54 46.60 33.17
CA GLN E 312 -13.25 47.56 32.33
C GLN E 312 -12.95 49.03 32.64
N THR E 313 -12.01 49.28 33.55
CA THR E 313 -11.65 50.64 33.96
C THR E 313 -11.38 51.58 32.79
N LYS E 314 -10.27 51.35 32.08
CA LYS E 314 -9.81 52.22 30.99
C LYS E 314 -10.89 52.54 29.94
N LEU E 315 -11.86 51.62 29.83
CA LEU E 315 -12.93 51.66 28.83
C LEU E 315 -14.14 52.50 29.26
N ARG E 316 -14.49 52.47 30.55
CA ARG E 316 -15.51 53.39 31.06
C ARG E 316 -14.96 54.81 31.03
N ALA E 317 -13.68 54.93 31.35
CA ALA E 317 -13.01 56.24 31.43
C ALA E 317 -12.95 56.98 30.07
N ALA E 318 -12.99 56.22 28.98
CA ALA E 318 -13.04 56.82 27.65
C ALA E 318 -14.48 57.20 27.28
N GLY E 319 -15.41 56.97 28.19
CA GLY E 319 -16.77 57.40 27.99
C GLY E 319 -17.75 56.36 27.50
N TYR E 320 -17.33 55.10 27.40
CA TYR E 320 -18.26 54.04 27.05
C TYR E 320 -18.85 53.45 28.33
N ASP E 321 -20.13 53.67 28.54
CA ASP E 321 -20.72 53.41 29.84
C ASP E 321 -21.94 52.51 29.75
N ALA E 322 -22.30 52.15 28.52
CA ALA E 322 -23.40 51.23 28.25
C ALA E 322 -23.18 49.92 28.99
N PRO E 323 -24.27 49.28 29.42
CA PRO E 323 -24.07 47.96 30.02
C PRO E 323 -23.83 46.91 28.92
N PHE E 324 -23.28 45.77 29.28
CA PHE E 324 -23.09 44.67 28.33
C PHE E 324 -24.17 43.61 28.58
N LEU E 325 -24.47 42.81 27.56
CA LEU E 325 -25.33 41.64 27.72
C LEU E 325 -24.68 40.58 28.62
N THR E 326 -25.47 39.93 29.46
CA THR E 326 -24.92 38.80 30.19
C THR E 326 -24.94 37.56 29.31
N VAL E 327 -24.14 36.57 29.71
CA VAL E 327 -24.14 35.25 29.11
C VAL E 327 -25.57 34.80 28.96
N GLN E 328 -26.29 34.82 30.08
CA GLN E 328 -27.69 34.40 30.11
C GLN E 328 -28.56 35.05 29.02
N GLU E 329 -28.58 36.39 28.94
CA GLU E 329 -29.31 37.02 27.83
C GLU E 329 -28.72 36.69 26.46
N GLY E 330 -27.40 36.73 26.35
CA GLY E 330 -26.74 36.63 25.06
C GLY E 330 -26.82 35.28 24.39
N VAL E 331 -26.32 34.27 25.08
CA VAL E 331 -26.41 32.88 24.62
C VAL E 331 -27.85 32.48 24.30
N ASP E 332 -28.79 32.80 25.19
CA ASP E 332 -30.19 32.46 24.96
C ASP E 332 -30.70 33.00 23.62
N ARG E 333 -30.51 34.28 23.36
CA ARG E 333 -30.96 34.91 22.10
C ARG E 333 -30.19 34.34 20.90
N TYR E 334 -28.89 34.14 21.09
CA TYR E 334 -28.05 33.51 20.09
C TYR E 334 -28.56 32.12 19.76
N VAL E 335 -28.81 31.31 20.80
CA VAL E 335 -29.33 29.94 20.63
C VAL E 335 -30.74 29.94 20.03
N ARG E 336 -31.51 31.00 20.26
CA ARG E 336 -32.83 31.11 19.63
C ARG E 336 -32.73 31.56 18.18
N TRP E 337 -31.73 32.38 17.88
CA TRP E 337 -31.43 32.77 16.52
C TRP E 337 -30.92 31.57 15.68
N LEU E 338 -30.00 30.81 16.29
CA LEU E 338 -29.47 29.61 15.69
C LEU E 338 -30.56 28.56 15.41
N PHE E 339 -31.63 28.58 16.20
CA PHE E 339 -32.71 27.62 16.04
C PHE E 339 -33.66 28.09 14.93
N GLY E 340 -33.50 29.35 14.52
CA GLY E 340 -34.11 29.89 13.32
C GLY E 340 -33.41 29.40 12.06
N GLN E 341 -33.51 28.08 11.84
CA GLN E 341 -33.16 27.43 10.59
C GLN E 341 -34.30 26.46 10.19
N LEU E 342 -35.17 26.17 11.15
CA LEU E 342 -36.38 25.33 10.95
C LEU E 342 -37.44 25.62 12.02
N MET F 13 20.41 -52.98 24.02
CA MET F 13 21.57 -52.22 23.51
C MET F 13 21.19 -50.82 22.94
N THR F 14 19.91 -50.63 22.60
CA THR F 14 19.46 -49.35 22.01
C THR F 14 19.39 -48.11 22.94
N LEU F 15 20.09 -47.05 22.55
CA LEU F 15 20.05 -45.76 23.21
C LEU F 15 19.16 -44.75 22.46
N ILE F 16 18.42 -43.92 23.20
CA ILE F 16 17.64 -42.86 22.54
C ILE F 16 18.02 -41.46 23.03
N VAL F 17 18.29 -40.56 22.08
CA VAL F 17 18.51 -39.16 22.40
C VAL F 17 17.49 -38.27 21.68
N THR F 18 16.58 -37.70 22.45
CA THR F 18 15.70 -36.66 21.92
C THR F 18 16.40 -35.31 22.01
N GLY F 19 16.10 -34.44 21.05
CA GLY F 19 16.80 -33.17 20.96
C GLY F 19 18.19 -33.42 20.41
N ALA F 20 18.35 -34.53 19.69
CA ALA F 20 19.68 -34.99 19.28
C ALA F 20 20.38 -34.10 18.24
N ALA F 21 19.63 -33.28 17.52
CA ALA F 21 20.24 -32.43 16.53
C ALA F 21 20.46 -31.04 17.11
N GLY F 22 20.02 -30.85 18.35
CA GLY F 22 20.24 -29.61 19.06
C GLY F 22 21.55 -29.58 19.84
N PHE F 23 21.77 -28.48 20.56
CA PHE F 23 23.02 -28.22 21.24
C PHE F 23 23.47 -29.38 22.19
N ILE F 24 22.74 -29.59 23.28
CA ILE F 24 23.14 -30.59 24.25
C ILE F 24 22.97 -32.01 23.74
N GLY F 25 21.86 -32.27 23.07
CA GLY F 25 21.65 -33.58 22.49
C GLY F 25 22.74 -34.06 21.52
N ALA F 26 23.16 -33.18 20.60
CA ALA F 26 24.25 -33.56 19.69
C ALA F 26 25.56 -33.89 20.42
N ASN F 27 25.95 -33.03 21.36
CA ASN F 27 27.08 -33.35 22.24
C ASN F 27 26.89 -34.64 23.00
N LEU F 28 25.66 -34.95 23.40
CA LEU F 28 25.46 -36.21 24.08
C LEU F 28 25.72 -37.36 23.12
N VAL F 29 25.28 -37.18 21.87
CA VAL F 29 25.43 -38.24 20.89
C VAL F 29 26.91 -38.48 20.58
N LYS F 30 27.66 -37.40 20.42
CA LYS F 30 29.06 -37.50 20.07
C LYS F 30 29.84 -38.17 21.21
N ALA F 31 29.56 -37.76 22.44
CA ALA F 31 30.23 -38.32 23.59
C ALA F 31 29.96 -39.80 23.69
N LEU F 32 28.73 -40.21 23.38
CA LEU F 32 28.36 -41.61 23.39
C LEU F 32 29.07 -42.38 22.28
N ASN F 33 29.29 -41.71 21.15
CA ASN F 33 30.06 -42.30 20.07
C ASN F 33 31.50 -42.56 20.53
N GLU F 34 32.08 -41.56 21.19
CA GLU F 34 33.47 -41.59 21.64
C GLU F 34 33.79 -42.68 22.65
N ARG F 35 32.78 -43.32 23.21
CA ARG F 35 33.01 -44.43 24.12
C ARG F 35 32.40 -45.68 23.50
N GLY F 36 32.23 -45.65 22.18
CA GLY F 36 31.82 -46.84 21.46
C GLY F 36 30.33 -47.15 21.39
N GLU F 37 29.49 -46.27 21.92
CA GLU F 37 28.05 -46.41 21.75
C GLU F 37 27.58 -45.80 20.43
N THR F 38 27.02 -46.62 19.54
CA THR F 38 26.47 -46.14 18.27
C THR F 38 25.07 -46.69 17.91
N ARG F 39 24.44 -47.45 18.81
CA ARG F 39 23.11 -47.96 18.53
C ARG F 39 22.06 -46.94 19.01
N ILE F 40 21.94 -45.82 18.29
CA ILE F 40 21.25 -44.66 18.82
C ILE F 40 20.12 -44.16 17.92
N ILE F 41 18.93 -44.07 18.49
CA ILE F 41 17.81 -43.42 17.84
C ILE F 41 17.85 -41.93 18.18
N ALA F 42 17.94 -41.11 17.15
CA ALA F 42 17.99 -39.67 17.32
C ALA F 42 16.60 -39.10 17.05
N VAL F 43 16.14 -38.20 17.93
CA VAL F 43 14.83 -37.58 17.77
C VAL F 43 14.91 -36.09 17.85
N ASP F 44 14.44 -35.41 16.81
CA ASP F 44 14.45 -33.95 16.79
C ASP F 44 13.39 -33.41 15.84
N ASN F 45 13.55 -32.15 15.45
CA ASN F 45 12.70 -31.50 14.47
C ASN F 45 13.54 -30.60 13.59
N LEU F 46 13.79 -31.05 12.37
CA LEU F 46 14.72 -30.34 11.48
C LEU F 46 14.08 -29.28 10.60
N THR F 47 12.96 -28.73 11.06
CA THR F 47 12.29 -27.66 10.32
C THR F 47 13.28 -26.53 9.97
N ARG F 48 14.05 -26.11 10.95
CA ARG F 48 15.20 -25.24 10.67
C ARG F 48 16.37 -26.17 10.33
N ALA F 49 16.60 -26.35 9.04
CA ALA F 49 17.49 -27.40 8.53
C ALA F 49 18.91 -27.42 9.10
N ASP F 50 19.44 -26.24 9.44
CA ASP F 50 20.86 -26.07 9.81
C ASP F 50 21.41 -26.95 10.93
N LYS F 51 20.55 -27.43 11.82
CA LYS F 51 21.00 -28.29 12.90
C LYS F 51 21.62 -29.58 12.39
N PHE F 52 21.33 -29.97 11.15
CA PHE F 52 21.88 -31.23 10.61
C PHE F 52 23.39 -31.28 10.84
N LYS F 53 24.05 -30.14 10.70
CA LYS F 53 25.48 -30.03 10.91
C LYS F 53 25.96 -30.69 12.21
N ASN F 54 25.12 -30.70 13.24
CA ASN F 54 25.51 -31.24 14.53
C ASN F 54 25.61 -32.76 14.60
N LEU F 55 25.12 -33.45 13.58
CA LEU F 55 25.11 -34.90 13.60
C LEU F 55 25.96 -35.49 12.49
N VAL F 56 26.55 -34.63 11.67
CA VAL F 56 27.36 -35.09 10.54
C VAL F 56 28.52 -35.96 10.99
N ASP F 57 29.19 -35.58 12.06
CA ASP F 57 30.32 -36.36 12.57
C ASP F 57 29.90 -37.42 13.60
N CYS F 58 28.61 -37.69 13.69
CA CYS F 58 28.10 -38.69 14.64
C CYS F 58 27.69 -39.99 13.99
N GLU F 59 27.41 -41.01 14.82
CA GLU F 59 26.86 -42.27 14.33
C GLU F 59 25.54 -42.59 15.04
N ILE F 60 24.48 -42.76 14.27
CA ILE F 60 23.15 -43.01 14.81
C ILE F 60 22.48 -44.09 13.96
N ASP F 61 21.52 -44.81 14.52
CA ASP F 61 20.84 -45.87 13.79
C ASP F 61 19.66 -45.32 13.05
N ASP F 62 19.06 -44.28 13.61
CA ASP F 62 17.82 -43.77 13.09
C ASP F 62 17.57 -42.32 13.48
N TYR F 63 16.85 -41.61 12.62
CA TYR F 63 16.35 -40.28 12.90
C TYR F 63 14.83 -40.25 12.74
N LEU F 64 14.14 -39.67 13.71
CA LEU F 64 12.70 -39.43 13.59
C LEU F 64 12.35 -38.02 14.04
N ASP F 65 11.30 -37.46 13.43
CA ASP F 65 10.72 -36.22 13.92
C ASP F 65 10.05 -36.42 15.28
N LYS F 66 10.03 -35.37 16.09
CA LYS F 66 9.46 -35.45 17.44
C LYS F 66 8.00 -35.89 17.44
N THR F 67 7.29 -35.59 16.35
CA THR F 67 5.86 -35.90 16.23
C THR F 67 5.56 -37.38 16.01
N GLU F 68 6.55 -38.15 15.54
CA GLU F 68 6.36 -39.56 15.26
C GLU F 68 6.85 -40.44 16.42
N PHE F 69 7.58 -39.86 17.35
CA PHE F 69 8.39 -40.69 18.25
C PHE F 69 7.64 -41.44 19.37
N VAL F 70 6.78 -40.74 20.09
CA VAL F 70 6.19 -41.30 21.30
C VAL F 70 5.36 -42.56 21.02
N GLU F 71 4.43 -42.45 20.08
CA GLU F 71 3.64 -43.58 19.61
C GLU F 71 4.51 -44.83 19.36
N ARG F 72 5.53 -44.68 18.54
CA ARG F 72 6.41 -45.81 18.21
C ARG F 72 7.28 -46.31 19.36
N PHE F 73 7.70 -45.40 20.24
CA PHE F 73 8.50 -45.80 21.39
C PHE F 73 7.63 -46.64 22.32
N ALA F 74 6.43 -46.14 22.60
CA ALA F 74 5.51 -46.82 23.49
C ALA F 74 5.08 -48.18 22.94
N ARG F 75 4.94 -48.25 21.62
CA ARG F 75 4.49 -49.47 20.97
C ARG F 75 5.56 -50.56 20.98
N GLY F 76 6.83 -50.17 21.14
CA GLY F 76 7.94 -51.12 21.17
C GLY F 76 8.77 -51.22 19.90
N ASP F 77 8.55 -50.31 18.95
CA ASP F 77 9.26 -50.30 17.66
C ASP F 77 10.79 -50.43 17.76
N PHE F 78 11.37 -50.00 18.88
CA PHE F 78 12.82 -49.96 19.00
C PHE F 78 13.38 -51.11 19.78
N GLY F 79 12.54 -52.11 20.07
CA GLY F 79 12.96 -53.26 20.85
C GLY F 79 13.38 -52.87 22.26
N LYS F 80 14.40 -53.56 22.78
CA LYS F 80 14.88 -53.30 24.13
C LYS F 80 15.63 -51.96 24.16
N VAL F 81 15.24 -51.10 25.09
CA VAL F 81 15.89 -49.80 25.20
C VAL F 81 16.51 -49.67 26.57
N ARG F 82 17.81 -49.39 26.59
CA ARG F 82 18.51 -49.25 27.86
C ARG F 82 18.19 -47.91 28.51
N ALA F 83 18.37 -46.85 27.74
CA ALA F 83 18.32 -45.49 28.26
C ALA F 83 17.79 -44.47 27.25
N VAL F 84 17.07 -43.48 27.76
CA VAL F 84 16.63 -42.32 26.98
C VAL F 84 17.21 -41.04 27.60
N PHE F 85 17.93 -40.27 26.80
CA PHE F 85 18.37 -38.95 27.21
C PHE F 85 17.39 -37.96 26.62
N HIS F 86 16.48 -37.45 27.45
CA HIS F 86 15.45 -36.55 26.95
C HIS F 86 15.90 -35.09 27.04
N GLU F 87 16.43 -34.58 25.93
CA GLU F 87 16.86 -33.18 25.85
C GLU F 87 15.91 -32.41 24.95
N GLY F 88 15.12 -33.14 24.16
CA GLY F 88 14.16 -32.51 23.27
C GLY F 88 13.23 -31.58 24.02
N ALA F 89 13.14 -30.33 23.57
CA ALA F 89 12.29 -29.33 24.20
C ALA F 89 12.35 -28.06 23.40
N CYS F 90 11.29 -27.26 23.52
CA CYS F 90 11.33 -25.88 23.09
C CYS F 90 12.18 -25.13 24.11
N SER F 91 13.31 -24.61 23.63
CA SER F 91 14.30 -23.96 24.47
C SER F 91 14.21 -22.42 24.34
N ASP F 92 13.13 -21.94 23.71
CA ASP F 92 12.94 -20.49 23.51
C ASP F 92 12.24 -19.86 24.71
N THR F 93 13.02 -19.19 25.54
CA THR F 93 12.52 -18.66 26.79
C THR F 93 11.56 -17.51 26.54
N MET F 94 11.50 -17.06 25.29
CA MET F 94 10.68 -15.92 24.96
C MET F 94 9.43 -16.31 24.19
N GLU F 95 9.25 -17.61 23.96
CA GLU F 95 8.11 -18.15 23.28
C GLU F 95 6.87 -17.88 24.14
N THR F 96 5.80 -17.40 23.51
CA THR F 96 4.60 -16.85 24.20
C THR F 96 3.38 -17.76 24.21
N ASP F 97 3.35 -18.72 23.29
CA ASP F 97 2.29 -19.71 23.25
C ASP F 97 2.51 -20.80 24.34
N GLY F 98 1.88 -20.60 25.50
CA GLY F 98 2.02 -21.51 26.61
C GLY F 98 1.41 -22.89 26.37
N ARG F 99 0.37 -22.94 25.54
CA ARG F 99 -0.24 -24.21 25.19
C ARG F 99 0.75 -25.07 24.43
N TYR F 100 1.38 -24.48 23.42
CA TYR F 100 2.45 -25.18 22.72
C TYR F 100 3.59 -25.58 23.67
N MET F 101 3.96 -24.67 24.56
CA MET F 101 4.97 -24.94 25.58
C MET F 101 4.62 -26.16 26.44
N MET F 102 3.42 -26.15 27.02
CA MET F 102 3.04 -27.22 27.93
C MET F 102 2.88 -28.56 27.23
N ASP F 103 2.49 -28.52 25.96
CA ASP F 103 2.39 -29.75 25.19
C ASP F 103 3.74 -30.33 24.73
N ASN F 104 4.60 -29.46 24.19
CA ASN F 104 5.85 -29.88 23.60
C ASN F 104 6.88 -30.20 24.66
N ASN F 105 6.77 -29.51 25.80
CA ASN F 105 7.68 -29.74 26.91
C ASN F 105 7.14 -30.73 27.94
N PHE F 106 6.22 -30.25 28.75
CA PHE F 106 5.70 -31.02 29.89
C PHE F 106 4.93 -32.29 29.48
N ARG F 107 3.94 -32.18 28.59
CA ARG F 107 3.15 -33.37 28.23
C ARG F 107 4.03 -34.39 27.55
N TYR F 108 4.85 -33.92 26.61
CA TYR F 108 5.72 -34.79 25.83
C TYR F 108 6.68 -35.49 26.79
N SER F 109 7.17 -34.76 27.78
CA SER F 109 8.05 -35.36 28.76
C SER F 109 7.31 -36.41 29.59
N ARG F 110 6.06 -36.15 29.95
CA ARG F 110 5.29 -37.17 30.67
C ARG F 110 5.13 -38.45 29.86
N ALA F 111 4.83 -38.31 28.57
CA ALA F 111 4.66 -39.46 27.67
C ALA F 111 5.94 -40.30 27.57
N VAL F 112 7.08 -39.62 27.39
CA VAL F 112 8.38 -40.29 27.33
C VAL F 112 8.69 -40.97 28.66
N LEU F 113 8.53 -40.25 29.76
CA LEU F 113 8.70 -40.82 31.10
C LEU F 113 7.83 -42.07 31.33
N ASP F 114 6.58 -42.02 30.89
CA ASP F 114 5.66 -43.11 31.11
C ASP F 114 6.18 -44.36 30.41
N ALA F 115 6.53 -44.22 29.15
CA ALA F 115 7.06 -45.34 28.37
C ALA F 115 8.36 -45.90 28.98
N CYS F 116 9.21 -45.03 29.53
CA CYS F 116 10.47 -45.50 30.13
C CYS F 116 10.21 -46.33 31.39
N LEU F 117 9.23 -45.90 32.17
CA LEU F 117 8.81 -46.63 33.37
C LEU F 117 8.29 -48.03 33.03
N ALA F 118 7.49 -48.11 31.97
CA ALA F 118 6.81 -49.35 31.59
C ALA F 118 7.79 -50.41 31.05
N GLN F 119 8.89 -49.95 30.50
CA GLN F 119 9.89 -50.81 29.87
C GLN F 119 11.12 -50.95 30.75
N GLY F 120 11.14 -50.21 31.86
CA GLY F 120 12.29 -50.18 32.75
C GLY F 120 13.54 -49.59 32.14
N ALA F 121 13.39 -48.68 31.18
CA ALA F 121 14.52 -47.98 30.60
C ALA F 121 14.95 -46.82 31.52
N GLN F 122 16.24 -46.55 31.55
CA GLN F 122 16.78 -45.38 32.25
C GLN F 122 16.24 -44.10 31.60
N PHE F 123 15.88 -43.13 32.44
CA PHE F 123 15.33 -41.85 32.01
C PHE F 123 16.13 -40.67 32.52
N LEU F 124 16.92 -40.07 31.65
CA LEU F 124 17.74 -38.92 32.04
C LEU F 124 17.24 -37.74 31.22
N TYR F 125 16.90 -36.65 31.90
CA TYR F 125 16.21 -35.57 31.20
C TYR F 125 16.74 -34.19 31.55
N ALA F 126 16.51 -33.24 30.64
CA ALA F 126 16.92 -31.86 30.86
C ALA F 126 15.87 -31.09 31.67
N SER F 127 16.27 -30.66 32.87
CA SER F 127 15.53 -29.65 33.58
C SER F 127 16.19 -28.30 33.26
N SER F 128 16.08 -27.34 34.17
CA SER F 128 16.55 -25.99 33.88
C SER F 128 16.61 -25.12 35.14
N ALA F 129 17.70 -24.36 35.28
CA ALA F 129 17.83 -23.40 36.37
C ALA F 129 16.81 -22.25 36.28
N ALA F 130 16.17 -22.08 35.12
CA ALA F 130 15.12 -21.08 34.99
C ALA F 130 13.97 -21.32 36.00
N ILE F 131 13.83 -22.58 36.43
CA ILE F 131 12.88 -22.97 37.48
C ILE F 131 13.02 -22.12 38.75
N TYR F 132 14.24 -21.66 39.04
CA TYR F 132 14.49 -20.92 40.27
C TYR F 132 13.96 -19.49 40.22
N GLY F 133 13.82 -18.96 39.01
CA GLY F 133 13.43 -17.58 38.83
C GLY F 133 14.30 -16.65 39.66
N GLY F 134 13.66 -15.67 40.30
CA GLY F 134 14.35 -14.63 41.07
C GLY F 134 14.72 -15.03 42.48
N SER F 135 14.68 -16.32 42.75
CA SER F 135 15.09 -16.86 44.04
C SER F 135 16.55 -16.50 44.31
N SER F 136 16.95 -16.51 45.57
CA SER F 136 18.32 -16.18 45.92
C SER F 136 19.08 -17.40 46.44
N ARG F 137 18.34 -18.50 46.62
CA ARG F 137 18.92 -19.79 46.96
C ARG F 137 18.67 -20.79 45.83
N PHE F 138 19.64 -21.65 45.57
CA PHE F 138 19.53 -22.55 44.43
C PHE F 138 19.73 -24.01 44.80
N VAL F 139 18.95 -24.48 45.76
CA VAL F 139 18.96 -25.87 46.12
C VAL F 139 17.77 -26.57 45.48
N GLU F 140 17.88 -27.87 45.26
CA GLU F 140 16.81 -28.64 44.65
C GLU F 140 15.60 -28.82 45.61
N GLU F 141 14.90 -27.72 45.90
CA GLU F 141 13.80 -27.72 46.87
C GLU F 141 12.58 -26.90 46.40
N ARG F 142 11.39 -27.49 46.46
CA ARG F 142 10.14 -26.81 46.14
C ARG F 142 9.99 -25.38 46.68
N GLU F 143 10.47 -25.16 47.91
CA GLU F 143 10.32 -23.88 48.59
C GLU F 143 10.97 -22.68 47.88
N VAL F 144 11.96 -22.95 47.04
CA VAL F 144 12.68 -21.87 46.40
C VAL F 144 12.53 -21.86 44.88
N GLU F 145 11.46 -22.47 44.40
CA GLU F 145 11.25 -22.60 42.95
C GLU F 145 10.10 -21.72 42.51
N ALA F 146 10.40 -20.70 41.71
CA ALA F 146 9.39 -19.79 41.21
C ALA F 146 9.75 -19.22 39.83
N PRO F 147 9.46 -19.97 38.76
CA PRO F 147 9.86 -19.51 37.42
C PRO F 147 9.18 -18.21 36.99
N LEU F 148 9.87 -17.44 36.16
CA LEU F 148 9.42 -16.13 35.75
C LEU F 148 8.68 -16.17 34.42
N ASN F 149 8.81 -17.28 33.71
CA ASN F 149 8.19 -17.40 32.40
C ASN F 149 7.67 -18.80 32.19
N VAL F 150 7.01 -19.01 31.06
CA VAL F 150 6.25 -20.22 30.84
C VAL F 150 7.17 -21.37 30.39
N TYR F 151 8.28 -21.04 29.73
CA TYR F 151 9.32 -22.01 29.50
C TYR F 151 9.74 -22.60 30.83
N GLY F 152 10.01 -21.74 31.79
CA GLY F 152 10.41 -22.18 33.11
C GLY F 152 9.34 -22.98 33.77
N TYR F 153 8.10 -22.53 33.65
CA TYR F 153 7.00 -23.21 34.32
C TYR F 153 6.83 -24.62 33.78
N SER F 154 7.08 -24.81 32.49
CA SER F 154 6.97 -26.13 31.87
C SER F 154 8.05 -27.10 32.40
N LYS F 155 9.24 -26.58 32.69
CA LYS F 155 10.27 -27.39 33.26
C LYS F 155 9.94 -27.65 34.73
N PHE F 156 9.43 -26.61 35.38
CA PHE F 156 9.09 -26.66 36.79
C PHE F 156 8.04 -27.72 37.11
N LEU F 157 6.95 -27.73 36.35
CA LEU F 157 5.86 -28.65 36.62
C LEU F 157 6.27 -30.07 36.36
N PHE F 158 7.15 -30.26 35.39
CA PHE F 158 7.65 -31.60 35.14
C PHE F 158 8.47 -32.11 36.34
N ASP F 159 9.30 -31.25 36.92
CA ASP F 159 10.05 -31.63 38.11
C ASP F 159 9.14 -32.06 39.28
N GLN F 160 8.03 -31.36 39.49
CA GLN F 160 7.05 -31.73 40.53
C GLN F 160 6.52 -33.14 40.32
N VAL F 161 6.21 -33.48 39.06
CA VAL F 161 5.73 -34.80 38.72
C VAL F 161 6.82 -35.84 39.03
N ILE F 162 8.04 -35.52 38.65
CA ILE F 162 9.18 -36.40 38.89
C ILE F 162 9.35 -36.69 40.38
N ARG F 163 9.07 -35.70 41.23
CA ARG F 163 9.18 -35.92 42.67
C ARG F 163 8.10 -36.88 43.19
N ARG F 164 6.93 -36.84 42.59
CA ARG F 164 5.81 -37.68 43.00
C ARG F 164 6.03 -39.12 42.53
N VAL F 165 6.79 -39.27 41.45
CA VAL F 165 6.92 -40.55 40.75
C VAL F 165 8.17 -41.32 41.18
N MET F 166 9.20 -40.58 41.57
CA MET F 166 10.49 -41.15 41.95
C MET F 166 10.49 -42.19 43.09
N PRO F 167 9.81 -41.92 44.22
CA PRO F 167 9.89 -42.92 45.29
C PRO F 167 9.38 -44.29 44.85
N GLY F 168 8.44 -44.32 43.91
CA GLY F 168 7.89 -45.57 43.43
C GLY F 168 8.50 -46.12 42.16
N ALA F 169 9.61 -45.54 41.70
CA ALA F 169 10.19 -45.99 40.44
C ALA F 169 11.17 -47.16 40.59
N LYS F 170 10.95 -48.19 39.77
CA LYS F 170 11.83 -49.35 39.71
C LYS F 170 12.96 -49.15 38.69
N SER F 171 12.98 -47.99 38.03
CA SER F 171 14.06 -47.65 37.10
C SER F 171 14.58 -46.21 37.29
N GLN F 172 15.73 -45.93 36.69
CA GLN F 172 16.42 -44.64 36.91
C GLN F 172 15.68 -43.44 36.32
N ILE F 173 15.61 -42.40 37.13
CA ILE F 173 15.14 -41.09 36.72
C ILE F 173 16.15 -40.08 37.23
N ALA F 174 16.84 -39.42 36.31
CA ALA F 174 17.81 -38.41 36.70
C ALA F 174 17.58 -37.12 35.91
N GLY F 175 17.24 -36.05 36.61
CA GLY F 175 17.02 -34.76 35.98
C GLY F 175 18.11 -33.76 36.30
N PHE F 176 18.49 -32.96 35.30
CA PHE F 176 19.59 -32.03 35.48
C PHE F 176 19.16 -30.64 35.15
N ARG F 177 19.11 -29.81 36.19
CA ARG F 177 18.84 -28.39 36.04
C ARG F 177 20.12 -27.73 35.54
N TYR F 178 20.28 -27.74 34.22
CA TYR F 178 21.40 -27.06 33.57
C TYR F 178 21.31 -25.58 33.90
N PHE F 179 22.46 -24.95 34.11
CA PHE F 179 22.51 -23.51 34.33
C PHE F 179 22.77 -22.81 32.98
N ASN F 180 23.85 -22.05 32.83
CA ASN F 180 24.13 -21.44 31.52
C ASN F 180 25.13 -22.27 30.73
N VAL F 181 24.64 -23.15 29.88
CA VAL F 181 25.52 -24.01 29.11
C VAL F 181 26.09 -23.26 27.91
N TYR F 182 27.39 -23.42 27.66
CA TYR F 182 28.03 -22.89 26.45
C TYR F 182 28.92 -23.99 25.87
N GLY F 183 29.28 -23.82 24.60
CA GLY F 183 30.13 -24.78 23.92
C GLY F 183 29.75 -25.02 22.47
N PRO F 184 30.47 -25.95 21.80
CA PRO F 184 30.25 -26.29 20.39
C PRO F 184 28.89 -26.94 20.12
N ARG F 185 28.39 -26.73 18.90
CA ARG F 185 27.14 -27.30 18.39
C ARG F 185 25.92 -26.49 18.79
N GLU F 186 26.11 -25.23 19.11
CA GLU F 186 25.00 -24.35 19.45
C GLU F 186 24.77 -23.26 18.38
N SER F 187 25.51 -23.38 17.27
CA SER F 187 25.47 -22.41 16.18
C SER F 187 24.09 -22.08 15.61
N HIS F 188 23.19 -23.05 15.67
CA HIS F 188 21.85 -22.96 15.11
C HIS F 188 20.83 -22.25 16.03
N LYS F 189 21.26 -21.85 17.24
CA LYS F 189 20.34 -21.36 18.28
C LYS F 189 19.89 -19.89 18.23
N GLY F 190 20.37 -19.15 17.24
CA GLY F 190 20.03 -17.74 17.11
C GLY F 190 20.16 -17.01 18.44
N ARG F 191 19.12 -16.26 18.78
CA ARG F 191 19.11 -15.43 19.98
C ARG F 191 19.16 -16.23 21.30
N MET F 192 19.00 -17.56 21.23
CA MET F 192 19.04 -18.41 22.43
C MET F 192 20.42 -19.04 22.68
N ALA F 193 21.30 -18.93 21.71
CA ALA F 193 22.71 -19.28 21.90
C ALA F 193 23.32 -18.48 23.06
N SER F 194 24.42 -19.01 23.60
CA SER F 194 25.12 -18.38 24.71
C SER F 194 25.67 -16.97 24.39
N VAL F 195 25.87 -16.19 25.44
CA VAL F 195 26.50 -14.89 25.28
C VAL F 195 27.87 -15.01 24.63
N ALA F 196 28.62 -16.04 25.02
CA ALA F 196 29.92 -16.33 24.42
C ALA F 196 29.86 -16.46 22.89
N PHE F 197 28.89 -17.22 22.39
CA PHE F 197 28.70 -17.39 20.95
C PHE F 197 28.33 -16.07 20.29
N HIS F 198 27.41 -15.32 20.89
CA HIS F 198 27.08 -14.01 20.34
C HIS F 198 28.29 -13.08 20.28
N ASN F 199 29.02 -12.98 21.39
CA ASN F 199 30.21 -12.11 21.47
C ASN F 199 31.25 -12.46 20.41
N PHE F 200 31.51 -13.75 20.25
CA PHE F 200 32.39 -14.18 19.18
C PHE F 200 31.98 -13.59 17.83
N ASN F 201 30.73 -13.80 17.44
CA ASN F 201 30.27 -13.34 16.13
C ASN F 201 30.19 -11.83 16.02
N GLN F 202 29.75 -11.18 17.09
CA GLN F 202 29.77 -9.73 17.12
C GLN F 202 31.18 -9.20 16.90
N PHE F 203 32.16 -9.78 17.58
CA PHE F 203 33.54 -9.33 17.44
C PHE F 203 34.10 -9.57 16.04
N ARG F 204 33.85 -10.74 15.47
CA ARG F 204 34.29 -11.07 14.11
C ARG F 204 33.62 -10.19 13.05
N ALA F 205 32.47 -9.61 13.36
CA ALA F 205 31.77 -8.81 12.37
C ALA F 205 31.93 -7.30 12.58
N GLU F 206 31.99 -6.85 13.83
CA GLU F 206 32.00 -5.42 14.09
C GLU F 206 33.19 -4.98 14.95
N GLY F 207 34.00 -5.94 15.37
CA GLY F 207 35.11 -5.62 16.27
C GLY F 207 34.66 -5.11 17.62
N LYS F 208 33.48 -5.52 18.08
CA LYS F 208 33.01 -5.19 19.42
C LYS F 208 31.95 -6.19 19.85
N VAL F 209 31.84 -6.38 21.15
CA VAL F 209 30.81 -7.23 21.68
C VAL F 209 29.74 -6.40 22.39
N LYS F 210 28.55 -6.99 22.56
CA LYS F 210 27.44 -6.31 23.23
C LYS F 210 26.95 -7.05 24.45
N LEU F 211 26.61 -6.32 25.51
CA LEU F 211 25.96 -6.88 26.68
C LEU F 211 24.87 -5.91 27.13
N PHE F 212 23.92 -6.37 27.92
CA PHE F 212 22.91 -5.48 28.49
C PHE F 212 23.51 -4.50 29.47
N GLY F 213 23.04 -3.25 29.43
CA GLY F 213 23.43 -2.25 30.41
C GLY F 213 22.78 -2.50 31.75
N GLU F 214 22.68 -1.46 32.57
CA GLU F 214 22.08 -1.54 33.91
C GLU F 214 20.65 -2.10 33.90
N TYR F 215 20.35 -2.90 34.91
CA TYR F 215 19.00 -3.41 35.15
C TYR F 215 18.85 -4.01 36.57
N SER F 216 17.81 -3.58 37.28
CA SER F 216 17.46 -4.15 38.59
C SER F 216 18.57 -4.11 39.65
N GLY F 217 19.36 -3.03 39.65
CA GLY F 217 20.41 -2.89 40.66
C GLY F 217 21.74 -3.49 40.28
N TYR F 218 21.79 -4.12 39.10
CA TYR F 218 23.04 -4.63 38.56
C TYR F 218 23.56 -3.67 37.51
N GLY F 219 24.84 -3.32 37.62
CA GLY F 219 25.48 -2.46 36.65
C GLY F 219 25.63 -3.13 35.29
N PRO F 220 26.04 -2.35 34.28
CA PRO F 220 26.37 -2.87 32.95
C PRO F 220 27.21 -4.14 33.00
N GLY F 221 26.62 -5.24 32.53
CA GLY F 221 27.28 -6.53 32.40
C GLY F 221 27.48 -7.30 33.69
N GLU F 222 26.88 -6.80 34.78
CA GLU F 222 27.16 -7.34 36.11
C GLU F 222 26.12 -8.36 36.58
N GLN F 223 25.11 -8.60 35.77
CA GLN F 223 24.19 -9.68 36.03
C GLN F 223 25.02 -10.96 35.97
N THR F 224 24.76 -11.91 36.86
CA THR F 224 25.68 -13.02 36.98
C THR F 224 25.01 -14.39 36.80
N ARG F 225 25.74 -15.30 36.16
CA ARG F 225 25.24 -16.65 35.92
C ARG F 225 26.29 -17.67 36.29
N ASP F 226 25.83 -18.88 36.53
CA ASP F 226 26.72 -20.03 36.58
C ASP F 226 26.85 -20.59 35.16
N PHE F 227 27.96 -20.28 34.49
CA PHE F 227 28.28 -20.80 33.16
C PHE F 227 29.01 -22.14 33.19
N VAL F 228 28.47 -23.14 32.47
CA VAL F 228 29.03 -24.49 32.43
C VAL F 228 29.26 -24.92 30.99
N SER F 229 30.37 -25.60 30.72
CA SER F 229 30.59 -26.09 29.37
C SER F 229 29.74 -27.32 29.11
N VAL F 230 29.39 -27.55 27.84
CA VAL F 230 28.69 -28.77 27.45
C VAL F 230 29.54 -29.94 27.85
N GLU F 231 30.85 -29.73 27.82
CA GLU F 231 31.79 -30.81 28.13
C GLU F 231 31.43 -31.45 29.46
N ASP F 232 31.25 -30.62 30.49
CA ASP F 232 30.85 -31.10 31.80
C ASP F 232 29.41 -31.61 31.83
N VAL F 233 28.54 -31.00 31.04
CA VAL F 233 27.16 -31.47 30.95
C VAL F 233 27.16 -32.93 30.47
N ALA F 234 27.96 -33.20 29.46
CA ALA F 234 28.06 -34.55 28.91
C ALA F 234 28.68 -35.48 29.94
N LYS F 235 29.79 -35.06 30.55
CA LYS F 235 30.42 -35.89 31.58
C LYS F 235 29.42 -36.24 32.68
N VAL F 236 28.62 -35.28 33.16
CA VAL F 236 27.65 -35.57 34.21
C VAL F 236 26.53 -36.54 33.76
N ASN F 237 26.02 -36.32 32.55
CA ASN F 237 25.08 -37.26 31.93
C ASN F 237 25.64 -38.66 31.80
N LEU F 238 26.90 -38.76 31.39
CA LEU F 238 27.50 -40.07 31.18
C LEU F 238 27.69 -40.82 32.49
N TYR F 239 28.04 -40.09 33.55
CA TYR F 239 28.22 -40.68 34.86
C TYR F 239 26.92 -41.33 35.36
N PHE F 240 25.80 -40.66 35.21
CA PHE F 240 24.55 -41.22 35.70
C PHE F 240 24.06 -42.37 34.83
N PHE F 241 24.40 -42.30 33.55
CA PHE F 241 24.11 -43.38 32.63
C PHE F 241 24.80 -44.66 33.14
N ASP F 242 26.02 -44.49 33.64
CA ASP F 242 26.85 -45.59 34.11
C ASP F 242 26.45 -46.07 35.49
N HIS F 243 25.57 -45.31 36.15
CA HIS F 243 25.15 -45.65 37.50
C HIS F 243 23.63 -45.67 37.66
N PRO F 244 22.96 -46.64 37.02
CA PRO F 244 21.49 -46.79 36.97
C PRO F 244 20.81 -46.71 38.32
N GLU F 245 21.55 -46.98 39.40
CA GLU F 245 21.00 -47.09 40.74
C GLU F 245 20.81 -45.71 41.38
N LYS F 246 21.43 -44.71 40.78
CA LYS F 246 21.32 -43.33 41.27
C LYS F 246 20.19 -42.59 40.56
N SER F 247 19.23 -42.10 41.34
CA SER F 247 18.13 -41.30 40.81
C SER F 247 18.12 -39.93 41.51
N GLY F 248 17.41 -38.96 40.92
CA GLY F 248 17.21 -37.69 41.58
C GLY F 248 17.12 -36.49 40.64
N ILE F 249 16.97 -35.32 41.23
CA ILE F 249 17.01 -34.06 40.50
C ILE F 249 18.25 -33.29 40.95
N PHE F 250 19.12 -32.93 40.00
CA PHE F 250 20.41 -32.35 40.36
C PHE F 250 20.70 -31.04 39.66
N ASN F 251 21.16 -30.07 40.42
CA ASN F 251 21.75 -28.88 39.84
C ASN F 251 22.95 -29.26 38.99
N LEU F 252 23.07 -28.64 37.83
CA LEU F 252 24.23 -28.89 36.97
C LEU F 252 24.86 -27.58 36.55
N GLY F 253 25.65 -27.01 37.45
CA GLY F 253 26.50 -25.89 37.13
C GLY F 253 27.81 -26.12 37.85
N THR F 254 28.66 -25.11 37.85
CA THR F 254 29.98 -25.18 38.44
C THR F 254 30.00 -24.69 39.88
N GLY F 255 28.87 -24.19 40.35
CA GLY F 255 28.78 -23.66 41.71
C GLY F 255 29.46 -22.32 41.89
N ARG F 256 30.01 -21.76 40.81
CA ARG F 256 30.73 -20.50 40.86
C ARG F 256 30.14 -19.51 39.85
N ALA F 257 29.49 -18.45 40.34
CA ALA F 257 28.81 -17.49 39.48
C ALA F 257 29.72 -16.37 38.96
N GLN F 258 29.50 -15.95 37.72
CA GLN F 258 30.25 -14.83 37.18
C GLN F 258 29.39 -13.84 36.38
N PRO F 259 29.75 -12.55 36.43
CA PRO F 259 29.12 -11.50 35.63
C PRO F 259 29.30 -11.74 34.14
N PHE F 260 28.35 -11.32 33.32
CA PHE F 260 28.46 -11.48 31.86
C PHE F 260 29.70 -10.78 31.33
N ASN F 261 30.15 -9.74 32.03
CA ASN F 261 31.38 -9.02 31.68
C ASN F 261 32.60 -9.93 31.53
N ASP F 262 32.67 -10.99 32.33
CA ASP F 262 33.78 -11.93 32.22
C ASP F 262 33.70 -12.76 30.94
N ILE F 263 32.48 -13.05 30.48
CA ILE F 263 32.30 -13.68 29.18
C ILE F 263 32.79 -12.75 28.06
N ALA F 264 32.29 -11.52 28.06
CA ALA F 264 32.70 -10.52 27.08
C ALA F 264 34.22 -10.32 27.07
N ALA F 265 34.78 -10.07 28.25
CA ALA F 265 36.22 -9.80 28.37
C ALA F 265 37.09 -10.98 27.90
N THR F 266 36.65 -12.19 28.26
CA THR F 266 37.38 -13.38 27.88
C THR F 266 37.32 -13.59 26.36
N VAL F 267 36.17 -13.38 25.77
CA VAL F 267 36.00 -13.58 24.33
C VAL F 267 36.85 -12.56 23.56
N VAL F 268 36.81 -11.31 24.01
CA VAL F 268 37.65 -10.28 23.43
C VAL F 268 39.15 -10.55 23.62
N ASN F 269 39.58 -10.86 24.83
CA ASN F 269 41.01 -11.11 25.04
C ASN F 269 41.51 -12.37 24.32
N THR F 270 40.67 -13.38 24.22
CA THR F 270 41.10 -14.60 23.55
C THR F 270 41.28 -14.35 22.05
N LEU F 271 40.34 -13.63 21.45
CA LEU F 271 40.44 -13.28 20.04
C LEU F 271 41.64 -12.34 19.78
N ARG F 272 41.86 -11.41 20.70
CA ARG F 272 43.03 -10.55 20.64
C ARG F 272 44.32 -11.39 20.63
N ALA F 273 44.41 -12.33 21.55
CA ALA F 273 45.55 -13.23 21.64
C ALA F 273 45.79 -13.96 20.31
N LEU F 274 44.72 -14.36 19.63
CA LEU F 274 44.85 -15.08 18.38
C LEU F 274 45.36 -14.16 17.27
N GLU F 275 45.33 -12.86 17.52
CA GLU F 275 46.01 -11.92 16.64
C GLU F 275 47.24 -11.26 17.32
N GLY F 276 47.82 -11.96 18.29
CA GLY F 276 49.09 -11.55 18.90
C GLY F 276 49.05 -10.28 19.72
N GLN F 277 47.86 -9.94 20.21
CA GLN F 277 47.73 -8.72 20.96
C GLN F 277 47.46 -8.98 22.45
N PRO F 278 47.86 -8.03 23.31
CA PRO F 278 47.83 -8.26 24.76
C PRO F 278 46.41 -8.20 25.31
N ALA F 279 46.16 -8.96 26.39
CA ALA F 279 44.87 -8.90 27.06
C ALA F 279 44.62 -7.56 27.76
N LEU F 280 43.40 -7.02 27.59
CA LEU F 280 42.99 -5.81 28.27
C LEU F 280 42.12 -6.09 29.49
N THR F 281 42.04 -5.14 30.41
CA THR F 281 41.06 -5.22 31.49
C THR F 281 39.69 -4.89 30.93
N LEU F 282 38.66 -5.19 31.72
CA LEU F 282 37.29 -4.85 31.35
C LEU F 282 37.26 -3.37 31.03
N ALA F 283 37.80 -2.59 31.95
CA ALA F 283 37.70 -1.14 31.87
C ALA F 283 38.29 -0.56 30.56
N GLU F 284 39.35 -1.18 30.05
CA GLU F 284 39.97 -0.71 28.83
C GLU F 284 39.17 -1.07 27.59
N GLN F 285 38.56 -2.25 27.64
CA GLN F 285 37.74 -2.73 26.55
C GLN F 285 36.53 -1.79 26.40
N VAL F 286 35.99 -1.33 27.51
CA VAL F 286 34.90 -0.37 27.49
C VAL F 286 35.42 0.96 26.96
N GLU F 287 36.59 1.36 27.44
CA GLU F 287 37.21 2.60 27.02
C GLU F 287 37.53 2.61 25.54
N GLN F 288 38.06 1.50 25.04
CA GLN F 288 38.33 1.38 23.61
C GLN F 288 37.07 1.16 22.78
N GLY F 289 35.96 0.82 23.43
CA GLY F 289 34.69 0.59 22.75
C GLY F 289 34.60 -0.82 22.19
N LEU F 290 35.36 -1.74 22.77
CA LEU F 290 35.36 -3.15 22.36
C LEU F 290 34.23 -3.90 23.07
N VAL F 291 33.80 -3.38 24.20
CA VAL F 291 32.60 -3.82 24.87
C VAL F 291 31.72 -2.58 24.92
N GLU F 292 30.46 -2.71 24.51
CA GLU F 292 29.51 -1.62 24.67
C GLU F 292 28.19 -2.17 25.23
N TYR F 293 27.42 -1.31 25.88
CA TYR F 293 26.21 -1.79 26.53
C TYR F 293 24.91 -1.41 25.81
N VAL F 294 24.03 -2.37 25.69
CA VAL F 294 22.74 -2.14 25.11
C VAL F 294 21.78 -1.94 26.27
N PRO F 295 20.93 -0.91 26.20
CA PRO F 295 19.91 -0.73 27.24
C PRO F 295 19.00 -1.96 27.39
N PHE F 296 18.64 -2.31 28.62
CA PHE F 296 17.82 -3.51 28.91
C PHE F 296 16.39 -3.37 28.35
N PRO F 297 15.97 -4.33 27.51
CA PRO F 297 14.67 -4.23 26.83
C PRO F 297 13.54 -4.36 27.84
N ASP F 298 12.44 -3.62 27.62
CA ASP F 298 11.33 -3.62 28.57
C ASP F 298 10.52 -4.92 28.55
N ALA F 299 10.52 -5.60 27.40
CA ALA F 299 9.82 -6.86 27.28
C ALA F 299 10.52 -7.97 28.06
N LEU F 300 11.68 -7.66 28.64
CA LEU F 300 12.39 -8.66 29.42
C LEU F 300 12.24 -8.42 30.92
N ARG F 301 11.80 -7.21 31.29
CA ARG F 301 11.70 -6.85 32.71
C ARG F 301 10.77 -7.81 33.43
N GLY F 302 11.22 -8.29 34.60
CA GLY F 302 10.46 -9.23 35.41
C GLY F 302 10.53 -10.66 34.92
N LYS F 303 11.18 -10.90 33.79
CA LYS F 303 11.21 -12.25 33.24
C LYS F 303 12.63 -12.83 33.19
N TYR F 304 13.57 -12.13 33.81
CA TYR F 304 15.00 -12.38 33.61
C TYR F 304 15.67 -12.63 34.94
N GLN F 305 16.43 -13.71 35.01
CA GLN F 305 17.26 -13.97 36.18
C GLN F 305 18.48 -13.06 36.19
N CYS F 306 18.76 -12.48 37.35
CA CYS F 306 19.87 -11.55 37.46
C CYS F 306 21.05 -12.22 38.10
N PHE F 307 20.80 -13.39 38.68
CA PHE F 307 21.79 -14.15 39.44
C PHE F 307 21.43 -15.65 39.48
N THR F 308 22.30 -16.50 38.93
CA THR F 308 22.19 -17.94 39.18
C THR F 308 23.52 -18.48 39.73
N GLN F 309 23.45 -19.34 40.74
CA GLN F 309 24.63 -20.08 41.15
C GLN F 309 24.23 -21.43 41.67
N ALA F 310 24.75 -22.48 41.04
CA ALA F 310 24.44 -23.84 41.46
C ALA F 310 24.93 -24.11 42.88
N ASP F 311 24.08 -24.74 43.67
CA ASP F 311 24.50 -25.38 44.90
C ASP F 311 24.82 -26.83 44.53
N GLN F 312 26.10 -27.19 44.56
CA GLN F 312 26.51 -28.51 44.10
C GLN F 312 26.42 -29.62 45.14
N THR F 313 25.97 -29.28 46.35
CA THR F 313 25.89 -30.25 47.45
C THR F 313 25.26 -31.58 47.04
N LYS F 314 24.03 -31.54 46.57
CA LYS F 314 23.33 -32.77 46.21
C LYS F 314 24.07 -33.56 45.12
N LEU F 315 24.60 -32.86 44.12
CA LEU F 315 25.36 -33.51 43.04
C LEU F 315 26.63 -34.20 43.56
N ARG F 316 27.41 -33.51 44.41
CA ARG F 316 28.62 -34.12 45.00
C ARG F 316 28.25 -35.33 45.85
N ALA F 317 27.21 -35.18 46.66
CA ALA F 317 26.68 -36.28 47.46
C ALA F 317 26.31 -37.50 46.63
N ALA F 318 25.93 -37.31 45.37
CA ALA F 318 25.62 -38.45 44.52
C ALA F 318 26.90 -39.11 43.96
N GLY F 319 28.06 -38.53 44.28
CA GLY F 319 29.31 -39.10 43.83
C GLY F 319 29.93 -38.46 42.61
N TYR F 320 29.33 -37.39 42.11
CA TYR F 320 30.02 -36.65 41.07
C TYR F 320 31.03 -35.69 41.71
N ASP F 321 32.29 -36.10 41.66
CA ASP F 321 33.35 -35.45 42.41
C ASP F 321 34.27 -34.65 41.47
N ALA F 322 34.16 -34.89 40.16
CA ALA F 322 35.01 -34.24 39.17
C ALA F 322 34.95 -32.69 39.24
N PRO F 323 36.07 -32.02 38.95
CA PRO F 323 36.05 -30.55 38.87
C PRO F 323 35.45 -30.08 37.54
N PHE F 324 35.01 -28.83 37.51
CA PHE F 324 34.37 -28.26 36.34
C PHE F 324 35.29 -27.23 35.72
N LEU F 325 35.30 -27.17 34.39
CA LEU F 325 35.99 -26.07 33.69
C LEU F 325 35.49 -24.71 34.20
N THR F 326 36.43 -23.79 34.42
CA THR F 326 36.09 -22.43 34.75
C THR F 326 35.79 -21.65 33.48
N VAL F 327 35.22 -20.47 33.70
CA VAL F 327 34.88 -19.59 32.59
C VAL F 327 36.13 -19.33 31.77
N GLN F 328 37.24 -19.05 32.44
CA GLN F 328 38.47 -18.73 31.72
C GLN F 328 39.00 -19.91 30.87
N GLU F 329 38.91 -21.14 31.35
CA GLU F 329 39.35 -22.25 30.53
C GLU F 329 38.34 -22.56 29.42
N GLY F 330 37.07 -22.69 29.82
CA GLY F 330 36.00 -23.08 28.92
C GLY F 330 35.78 -22.13 27.75
N VAL F 331 35.74 -20.84 28.03
CA VAL F 331 35.46 -19.87 26.98
C VAL F 331 36.65 -19.72 26.06
N ASP F 332 37.84 -19.65 26.66
CA ASP F 332 39.09 -19.63 25.88
C ASP F 332 39.11 -20.81 24.91
N ARG F 333 38.84 -22.01 25.41
CA ARG F 333 38.74 -23.18 24.52
C ARG F 333 37.64 -23.08 23.46
N TYR F 334 36.44 -22.67 23.87
CA TYR F 334 35.32 -22.48 22.95
C TYR F 334 35.69 -21.49 21.83
N VAL F 335 36.21 -20.33 22.21
CA VAL F 335 36.54 -19.32 21.22
C VAL F 335 37.62 -19.81 20.24
N ARG F 336 38.66 -20.44 20.79
CA ARG F 336 39.71 -21.02 19.96
C ARG F 336 39.14 -22.00 18.93
N TRP F 337 38.16 -22.79 19.37
CA TRP F 337 37.52 -23.77 18.49
C TRP F 337 36.69 -23.06 17.41
N LEU F 338 35.90 -22.08 17.83
CA LEU F 338 35.13 -21.27 16.89
C LEU F 338 36.07 -20.62 15.88
N PHE F 339 37.26 -20.23 16.31
CA PHE F 339 38.22 -19.64 15.39
C PHE F 339 38.68 -20.61 14.28
N GLY F 340 38.71 -21.91 14.58
CA GLY F 340 38.81 -22.96 13.55
C GLY F 340 37.63 -22.88 12.59
N GLN F 341 37.89 -22.30 11.42
CA GLN F 341 36.89 -21.99 10.38
C GLN F 341 37.59 -21.11 9.34
N LEU F 342 38.75 -20.58 9.72
CA LEU F 342 39.59 -19.72 8.87
C LEU F 342 41.04 -19.69 9.36
N MET G 13 -10.14 -39.02 46.29
CA MET G 13 -9.02 -38.18 46.69
C MET G 13 -8.49 -37.30 45.54
N THR G 14 -8.55 -37.79 44.30
CA THR G 14 -8.21 -36.95 43.15
C THR G 14 -9.31 -35.93 42.84
N LEU G 15 -8.91 -34.66 42.77
CA LEU G 15 -9.80 -33.56 42.45
C LEU G 15 -9.49 -32.97 41.07
N ILE G 16 -10.51 -32.47 40.38
CA ILE G 16 -10.29 -31.78 39.12
C ILE G 16 -10.79 -30.34 39.17
N VAL G 17 -9.91 -29.41 38.79
CA VAL G 17 -10.30 -28.02 38.65
C VAL G 17 -10.10 -27.60 37.21
N THR G 18 -11.20 -27.33 36.49
CA THR G 18 -11.10 -26.77 35.15
C THR G 18 -11.06 -25.26 35.23
N GLY G 19 -10.41 -24.61 34.27
CA GLY G 19 -10.15 -23.19 34.39
C GLY G 19 -9.13 -22.92 35.47
N ALA G 20 -8.23 -23.89 35.68
CA ALA G 20 -7.36 -23.85 36.85
C ALA G 20 -6.32 -22.75 36.81
N ALA G 21 -5.92 -22.33 35.61
CA ALA G 21 -4.94 -21.24 35.46
C ALA G 21 -5.65 -19.89 35.49
N GLY G 22 -6.96 -19.92 35.27
CA GLY G 22 -7.76 -18.71 35.29
C GLY G 22 -7.92 -18.14 36.69
N PHE G 23 -8.74 -17.11 36.80
CA PHE G 23 -8.88 -16.34 38.02
C PHE G 23 -9.51 -17.14 39.17
N ILE G 24 -10.71 -17.65 38.94
CA ILE G 24 -11.42 -18.29 40.02
C ILE G 24 -10.86 -19.67 40.29
N GLY G 25 -10.51 -20.38 39.21
CA GLY G 25 -10.01 -21.73 39.33
C GLY G 25 -8.71 -21.81 40.11
N ALA G 26 -7.84 -20.82 39.90
CA ALA G 26 -6.56 -20.78 40.58
C ALA G 26 -6.78 -20.48 42.06
N ASN G 27 -7.73 -19.61 42.38
CA ASN G 27 -8.08 -19.39 43.77
C ASN G 27 -8.66 -20.64 44.43
N LEU G 28 -9.37 -21.46 43.66
CA LEU G 28 -9.87 -22.72 44.18
C LEU G 28 -8.71 -23.70 44.41
N VAL G 29 -7.74 -23.71 43.50
CA VAL G 29 -6.62 -24.63 43.63
C VAL G 29 -5.81 -24.27 44.87
N LYS G 30 -5.53 -22.98 45.03
CA LYS G 30 -4.81 -22.52 46.21
C LYS G 30 -5.54 -22.84 47.51
N ALA G 31 -6.86 -22.60 47.54
CA ALA G 31 -7.65 -22.87 48.73
C ALA G 31 -7.62 -24.36 49.10
N LEU G 32 -7.84 -25.21 48.11
CA LEU G 32 -7.68 -26.64 48.30
C LEU G 32 -6.29 -27.01 48.86
N ASN G 33 -5.23 -26.50 48.23
CA ASN G 33 -3.87 -26.71 48.71
C ASN G 33 -3.71 -26.33 50.19
N GLU G 34 -4.45 -25.31 50.61
CA GLU G 34 -4.26 -24.78 51.95
C GLU G 34 -5.00 -25.60 52.99
N ARG G 35 -5.76 -26.58 52.54
CA ARG G 35 -6.33 -27.53 53.46
C ARG G 35 -5.78 -28.92 53.16
N GLY G 36 -4.56 -28.96 52.64
CA GLY G 36 -3.90 -30.23 52.38
C GLY G 36 -4.24 -31.00 51.10
N GLU G 37 -5.25 -30.55 50.36
CA GLU G 37 -5.63 -31.22 49.11
C GLU G 37 -4.68 -30.84 47.96
N THR G 38 -3.89 -31.80 47.49
CA THR G 38 -2.89 -31.53 46.46
C THR G 38 -2.95 -32.50 45.29
N ARG G 39 -3.88 -33.46 45.34
CA ARG G 39 -4.04 -34.42 44.26
C ARG G 39 -4.98 -33.85 43.21
N ILE G 40 -4.48 -32.82 42.52
CA ILE G 40 -5.29 -32.00 41.64
C ILE G 40 -4.90 -32.08 40.15
N ILE G 41 -5.88 -32.40 39.32
CA ILE G 41 -5.77 -32.30 37.88
C ILE G 41 -6.23 -30.90 37.43
N ALA G 42 -5.29 -30.11 36.92
CA ALA G 42 -5.55 -28.76 36.45
C ALA G 42 -5.77 -28.75 34.91
N VAL G 43 -6.89 -28.18 34.49
CA VAL G 43 -7.28 -28.12 33.08
C VAL G 43 -7.52 -26.68 32.68
N ASP G 44 -6.87 -26.23 31.62
CA ASP G 44 -7.00 -24.85 31.21
C ASP G 44 -6.53 -24.75 29.78
N ASN G 45 -6.25 -23.51 29.34
CA ASN G 45 -5.73 -23.25 28.00
C ASN G 45 -4.69 -22.14 28.10
N LEU G 46 -3.42 -22.54 28.03
CA LEU G 46 -2.33 -21.63 28.27
C LEU G 46 -1.86 -20.88 27.01
N THR G 47 -2.67 -20.90 25.95
CA THR G 47 -2.35 -20.15 24.74
C THR G 47 -1.87 -18.73 25.10
N ARG G 48 -2.60 -18.06 25.99
CA ARG G 48 -2.08 -16.84 26.62
C ARG G 48 -1.27 -17.25 27.85
N ALA G 49 0.04 -17.31 27.68
CA ALA G 49 0.94 -17.94 28.64
C ALA G 49 0.94 -17.34 30.04
N ASP G 50 0.60 -16.07 30.15
CA ASP G 50 0.79 -15.35 31.43
C ASP G 50 -0.02 -15.91 32.58
N LYS G 51 -1.10 -16.62 32.27
CA LYS G 51 -1.90 -17.33 33.28
C LYS G 51 -1.03 -18.22 34.15
N PHE G 52 0.05 -18.76 33.59
CA PHE G 52 0.90 -19.70 34.31
C PHE G 52 1.16 -19.20 35.73
N LYS G 53 1.43 -17.90 35.87
CA LYS G 53 1.72 -17.32 37.18
C LYS G 53 0.68 -17.65 38.27
N ASN G 54 -0.56 -17.93 37.87
CA ASN G 54 -1.59 -18.24 38.86
C ASN G 54 -1.39 -19.59 39.54
N LEU G 55 -0.53 -20.43 38.98
CA LEU G 55 -0.30 -21.77 39.52
C LEU G 55 1.10 -21.95 40.12
N VAL G 56 1.93 -20.92 40.04
CA VAL G 56 3.33 -21.05 40.46
C VAL G 56 3.44 -21.36 41.95
N ASP G 57 2.55 -20.78 42.76
CA ASP G 57 2.54 -21.08 44.18
C ASP G 57 1.63 -22.27 44.57
N CYS G 58 1.31 -23.12 43.59
CA CYS G 58 0.34 -24.18 43.81
C CYS G 58 0.93 -25.57 43.70
N GLU G 59 0.15 -26.54 44.17
CA GLU G 59 0.52 -27.93 44.06
C GLU G 59 -0.53 -28.66 43.24
N ILE G 60 -0.10 -29.19 42.11
CA ILE G 60 -0.99 -29.94 41.28
C ILE G 60 -0.29 -31.20 40.79
N ASP G 61 -1.07 -32.23 40.49
CA ASP G 61 -0.51 -33.51 40.07
C ASP G 61 -0.28 -33.53 38.58
N ASP G 62 -1.06 -32.75 37.84
CA ASP G 62 -1.04 -32.82 36.39
C ASP G 62 -1.65 -31.57 35.75
N TYR G 63 -1.24 -31.29 34.51
CA TYR G 63 -1.84 -30.24 33.70
C TYR G 63 -2.22 -30.73 32.30
N LEU G 64 -3.38 -30.30 31.80
CA LEU G 64 -3.84 -30.66 30.46
C LEU G 64 -4.53 -29.47 29.83
N ASP G 65 -4.41 -29.38 28.52
CA ASP G 65 -5.22 -28.44 27.77
C ASP G 65 -6.70 -28.87 27.70
N LYS G 66 -7.59 -27.88 27.76
CA LYS G 66 -9.03 -28.14 27.65
C LYS G 66 -9.42 -29.06 26.49
N THR G 67 -8.71 -29.01 25.37
CA THR G 67 -9.12 -29.77 24.19
C THR G 67 -8.87 -31.27 24.29
N GLU G 68 -8.02 -31.68 25.25
CA GLU G 68 -7.71 -33.10 25.40
C GLU G 68 -8.39 -33.73 26.63
N PHE G 69 -9.06 -32.91 27.44
CA PHE G 69 -9.45 -33.35 28.77
C PHE G 69 -10.67 -34.27 28.81
N VAL G 70 -11.73 -33.84 28.14
CA VAL G 70 -13.00 -34.51 28.26
C VAL G 70 -12.93 -35.99 27.88
N GLU G 71 -12.24 -36.31 26.80
CA GLU G 71 -12.15 -37.70 26.38
C GLU G 71 -11.40 -38.54 27.42
N ARG G 72 -10.28 -37.99 27.90
CA ARG G 72 -9.46 -38.69 28.90
C ARG G 72 -10.20 -38.90 30.21
N PHE G 73 -10.95 -37.89 30.66
CA PHE G 73 -11.76 -37.97 31.88
C PHE G 73 -12.84 -39.04 31.77
N ALA G 74 -13.52 -39.09 30.63
CA ALA G 74 -14.61 -40.02 30.46
C ALA G 74 -14.12 -41.46 30.43
N ARG G 75 -12.88 -41.63 30.01
CA ARG G 75 -12.29 -42.95 29.78
C ARG G 75 -11.67 -43.58 31.05
N GLY G 76 -11.75 -42.89 32.18
CA GLY G 76 -11.17 -43.40 33.41
C GLY G 76 -9.70 -43.12 33.60
N ASP G 77 -9.09 -42.37 32.68
CA ASP G 77 -7.64 -42.07 32.70
C ASP G 77 -7.11 -41.52 34.01
N PHE G 78 -7.92 -40.78 34.76
CA PHE G 78 -7.43 -40.19 36.00
C PHE G 78 -7.76 -41.03 37.23
N GLY G 79 -8.29 -42.23 37.00
CA GLY G 79 -8.84 -43.04 38.07
C GLY G 79 -10.01 -42.40 38.79
N LYS G 80 -10.17 -42.76 40.06
CA LYS G 80 -11.28 -42.30 40.90
C LYS G 80 -11.23 -40.81 41.17
N VAL G 81 -12.29 -40.11 40.82
CA VAL G 81 -12.32 -38.66 41.02
C VAL G 81 -13.40 -38.31 42.02
N ARG G 82 -13.02 -37.62 43.09
CA ARG G 82 -14.03 -37.24 44.07
C ARG G 82 -14.90 -36.15 43.50
N ALA G 83 -14.26 -35.06 43.05
CA ALA G 83 -15.02 -33.89 42.61
C ALA G 83 -14.36 -33.17 41.44
N VAL G 84 -15.19 -32.56 40.60
CA VAL G 84 -14.70 -31.68 39.56
C VAL G 84 -15.23 -30.26 39.83
N PHE G 85 -14.30 -29.32 40.01
CA PHE G 85 -14.65 -27.90 40.10
C PHE G 85 -14.59 -27.34 38.68
N HIS G 86 -15.75 -27.25 38.05
CA HIS G 86 -15.77 -26.85 36.65
C HIS G 86 -15.84 -25.33 36.51
N GLU G 87 -14.68 -24.68 36.43
CA GLU G 87 -14.62 -23.23 36.24
C GLU G 87 -14.28 -22.82 34.82
N GLY G 88 -13.74 -23.73 34.02
CA GLY G 88 -13.34 -23.42 32.66
C GLY G 88 -14.47 -22.98 31.74
N ALA G 89 -14.26 -21.84 31.08
CA ALA G 89 -15.23 -21.34 30.11
C ALA G 89 -14.63 -20.12 29.47
N CYS G 90 -15.05 -19.83 28.24
CA CYS G 90 -14.80 -18.53 27.68
C CYS G 90 -15.59 -17.52 28.49
N SER G 91 -14.90 -16.60 29.12
CA SER G 91 -15.51 -15.65 30.03
C SER G 91 -15.60 -14.28 29.38
N ASP G 92 -15.46 -14.23 28.06
CA ASP G 92 -15.47 -12.97 27.30
C ASP G 92 -16.87 -12.51 26.88
N THR G 93 -17.47 -11.61 27.64
CA THR G 93 -18.83 -11.16 27.34
C THR G 93 -18.97 -10.53 25.95
N MET G 94 -17.84 -10.20 25.33
CA MET G 94 -17.83 -9.52 24.03
C MET G 94 -17.44 -10.42 22.87
N GLU G 95 -17.16 -11.68 23.15
CA GLU G 95 -16.92 -12.66 22.09
C GLU G 95 -18.18 -12.83 21.21
N THR G 96 -17.98 -12.85 19.90
CA THR G 96 -19.11 -12.81 18.97
C THR G 96 -19.40 -14.12 18.26
N ASP G 97 -18.49 -15.08 18.37
CA ASP G 97 -18.69 -16.37 17.74
C ASP G 97 -19.56 -17.20 18.67
N GLY G 98 -20.87 -17.22 18.40
CA GLY G 98 -21.81 -17.90 19.27
C GLY G 98 -21.69 -19.41 19.18
N ARG G 99 -21.24 -19.91 18.04
CA ARG G 99 -21.05 -21.34 17.88
C ARG G 99 -19.94 -21.89 18.79
N TYR G 100 -18.81 -21.20 18.80
CA TYR G 100 -17.71 -21.48 19.72
C TYR G 100 -18.17 -21.30 21.18
N MET G 101 -18.92 -20.25 21.46
CA MET G 101 -19.43 -20.06 22.81
C MET G 101 -20.32 -21.23 23.29
N MET G 102 -21.24 -21.69 22.45
CA MET G 102 -22.09 -22.82 22.83
C MET G 102 -21.29 -24.09 22.94
N ASP G 103 -20.23 -24.22 22.15
CA ASP G 103 -19.43 -25.44 22.22
C ASP G 103 -18.48 -25.48 23.43
N ASN G 104 -17.82 -24.36 23.68
CA ASN G 104 -16.79 -24.28 24.67
C ASN G 104 -17.36 -24.10 26.08
N ASN G 105 -18.49 -23.44 26.19
CA ASN G 105 -19.17 -23.33 27.47
C ASN G 105 -20.25 -24.39 27.66
N PHE G 106 -21.29 -24.33 26.85
CA PHE G 106 -22.45 -25.18 27.01
C PHE G 106 -22.23 -26.67 26.74
N ARG G 107 -21.77 -27.02 25.53
CA ARG G 107 -21.59 -28.42 25.19
C ARG G 107 -20.55 -29.05 26.08
N TYR G 108 -19.55 -28.25 26.45
CA TYR G 108 -18.42 -28.76 27.18
C TYR G 108 -18.87 -29.07 28.61
N SER G 109 -19.66 -28.18 29.17
CA SER G 109 -20.16 -28.32 30.52
C SER G 109 -20.96 -29.63 30.66
N ARG G 110 -21.80 -29.90 29.66
CA ARG G 110 -22.56 -31.13 29.60
C ARG G 110 -21.68 -32.37 29.60
N ALA G 111 -20.67 -32.38 28.74
CA ALA G 111 -19.79 -33.52 28.63
C ALA G 111 -19.10 -33.78 29.99
N VAL G 112 -18.68 -32.72 30.66
CA VAL G 112 -18.09 -32.84 31.97
C VAL G 112 -19.10 -33.39 32.98
N LEU G 113 -20.34 -32.91 32.86
CA LEU G 113 -21.45 -33.33 33.71
C LEU G 113 -21.77 -34.81 33.53
N ASP G 114 -21.87 -35.21 32.26
CA ASP G 114 -22.16 -36.59 31.93
C ASP G 114 -21.09 -37.55 32.49
N ALA G 115 -19.83 -37.17 32.33
CA ALA G 115 -18.78 -37.99 32.90
C ALA G 115 -18.86 -38.03 34.44
N CYS G 116 -19.24 -36.92 35.07
CA CYS G 116 -19.38 -36.89 36.52
C CYS G 116 -20.54 -37.79 37.03
N LEU G 117 -21.69 -37.70 36.37
CA LEU G 117 -22.84 -38.50 36.77
C LEU G 117 -22.54 -39.99 36.60
N ALA G 118 -21.80 -40.33 35.55
CA ALA G 118 -21.53 -41.73 35.26
C ALA G 118 -20.56 -42.33 36.27
N GLN G 119 -19.71 -41.46 36.85
CA GLN G 119 -18.72 -41.89 37.83
C GLN G 119 -19.13 -41.59 39.26
N GLY G 120 -20.28 -40.93 39.45
CA GLY G 120 -20.73 -40.46 40.75
C GLY G 120 -19.79 -39.46 41.44
N ALA G 121 -19.08 -38.64 40.66
CA ALA G 121 -18.22 -37.58 41.22
C ALA G 121 -18.99 -36.31 41.49
N GLN G 122 -18.61 -35.58 42.53
CA GLN G 122 -19.24 -34.29 42.80
C GLN G 122 -18.94 -33.35 41.63
N PHE G 123 -19.94 -32.58 41.24
CA PHE G 123 -19.83 -31.65 40.12
C PHE G 123 -20.29 -30.28 40.55
N LEU G 124 -19.32 -29.41 40.83
CA LEU G 124 -19.57 -28.04 41.24
C LEU G 124 -19.13 -27.17 40.09
N TYR G 125 -19.99 -26.27 39.62
CA TYR G 125 -19.66 -25.53 38.41
C TYR G 125 -20.01 -24.04 38.49
N ALA G 126 -19.45 -23.28 37.56
CA ALA G 126 -19.63 -21.84 37.55
C ALA G 126 -20.78 -21.47 36.65
N SER G 127 -21.72 -20.72 37.21
CA SER G 127 -22.78 -20.10 36.44
C SER G 127 -22.44 -18.62 36.40
N SER G 128 -23.43 -17.75 36.24
CA SER G 128 -23.16 -16.32 36.16
C SER G 128 -24.44 -15.52 36.38
N ALA G 129 -24.33 -14.36 37.00
CA ALA G 129 -25.48 -13.49 37.16
C ALA G 129 -25.88 -12.85 35.83
N ALA G 130 -24.99 -12.90 34.86
CA ALA G 130 -25.35 -12.41 33.53
C ALA G 130 -26.58 -13.16 33.03
N ILE G 131 -26.84 -14.31 33.62
CA ILE G 131 -28.03 -15.11 33.36
C ILE G 131 -29.32 -14.31 33.55
N TYR G 132 -29.29 -13.36 34.48
CA TYR G 132 -30.47 -12.59 34.81
C TYR G 132 -30.83 -11.53 33.77
N GLY G 133 -29.84 -11.14 32.95
CA GLY G 133 -30.03 -10.04 32.02
C GLY G 133 -30.55 -8.81 32.74
N GLY G 134 -31.52 -8.14 32.13
CA GLY G 134 -32.06 -6.91 32.65
C GLY G 134 -33.24 -7.13 33.58
N SER G 135 -33.27 -8.31 34.21
CA SER G 135 -34.27 -8.62 35.21
C SER G 135 -34.21 -7.63 36.39
N SER G 136 -35.27 -7.58 37.18
CA SER G 136 -35.29 -6.74 38.37
C SER G 136 -35.27 -7.58 39.65
N ARG G 137 -35.60 -8.87 39.51
CA ARG G 137 -35.55 -9.81 40.62
C ARG G 137 -34.45 -10.83 40.35
N PHE G 138 -33.61 -11.10 41.35
CA PHE G 138 -32.47 -11.98 41.15
C PHE G 138 -32.59 -13.25 41.97
N VAL G 139 -33.56 -14.09 41.61
CA VAL G 139 -33.82 -15.32 42.35
C VAL G 139 -33.69 -16.52 41.43
N GLU G 140 -33.32 -17.65 42.00
CA GLU G 140 -32.98 -18.79 41.19
C GLU G 140 -34.21 -19.44 40.53
N GLU G 141 -34.97 -18.63 39.80
CA GLU G 141 -36.13 -19.15 39.06
C GLU G 141 -36.16 -18.72 37.59
N ARG G 142 -36.47 -19.68 36.74
CA ARG G 142 -36.58 -19.52 35.29
C ARG G 142 -37.39 -18.29 34.91
N GLU G 143 -38.44 -18.04 35.68
CA GLU G 143 -39.37 -16.92 35.44
C GLU G 143 -38.68 -15.57 35.26
N VAL G 144 -37.55 -15.35 35.92
CA VAL G 144 -36.94 -14.03 35.88
C VAL G 144 -35.56 -14.01 35.24
N GLU G 145 -35.27 -15.04 34.44
CA GLU G 145 -33.99 -15.14 33.76
C GLU G 145 -34.15 -14.79 32.27
N ALA G 146 -33.43 -13.78 31.80
CA ALA G 146 -33.37 -13.42 30.38
C ALA G 146 -32.05 -12.74 30.00
N PRO G 147 -31.03 -13.55 29.62
CA PRO G 147 -29.67 -13.07 29.34
C PRO G 147 -29.60 -12.11 28.15
N LEU G 148 -28.68 -11.16 28.20
CA LEU G 148 -28.62 -10.09 27.20
C LEU G 148 -27.56 -10.31 26.12
N ASN G 149 -26.70 -11.30 26.31
CA ASN G 149 -25.67 -11.65 25.33
C ASN G 149 -25.44 -13.16 25.27
N VAL G 150 -24.70 -13.61 24.26
CA VAL G 150 -24.58 -15.03 23.98
C VAL G 150 -23.78 -15.74 25.09
N TYR G 151 -22.90 -14.98 25.74
CA TYR G 151 -22.13 -15.54 26.83
C TYR G 151 -23.10 -15.94 27.94
N GLY G 152 -23.97 -14.98 28.29
CA GLY G 152 -24.95 -15.21 29.34
C GLY G 152 -25.89 -16.30 28.87
N TYR G 153 -26.17 -16.31 27.58
CA TYR G 153 -27.03 -17.35 27.09
C TYR G 153 -26.41 -18.75 27.26
N SER G 154 -25.08 -18.86 27.14
CA SER G 154 -24.44 -20.16 27.28
C SER G 154 -24.52 -20.66 28.73
N LYS G 155 -24.50 -19.73 29.68
CA LYS G 155 -24.61 -20.07 31.08
C LYS G 155 -26.09 -20.40 31.42
N PHE G 156 -26.98 -19.52 31.00
CA PHE G 156 -28.42 -19.71 31.10
C PHE G 156 -28.89 -21.09 30.67
N LEU G 157 -28.57 -21.46 29.44
CA LEU G 157 -29.09 -22.71 28.91
C LEU G 157 -28.57 -23.90 29.72
N PHE G 158 -27.35 -23.79 30.25
CA PHE G 158 -26.80 -24.91 30.98
C PHE G 158 -27.52 -25.07 32.30
N ASP G 159 -27.86 -23.95 32.91
CA ASP G 159 -28.64 -23.96 34.13
C ASP G 159 -29.97 -24.66 33.91
N GLN G 160 -30.56 -24.48 32.73
CA GLN G 160 -31.81 -25.14 32.43
C GLN G 160 -31.64 -26.65 32.29
N VAL G 161 -30.54 -27.08 31.67
CA VAL G 161 -30.24 -28.49 31.55
C VAL G 161 -30.00 -29.09 32.95
N ILE G 162 -29.38 -28.31 33.83
CA ILE G 162 -29.18 -28.71 35.21
C ILE G 162 -30.52 -28.98 35.98
N ARG G 163 -31.46 -28.05 35.85
CA ARG G 163 -32.78 -28.20 36.43
C ARG G 163 -33.50 -29.47 35.98
N ARG G 164 -33.20 -29.93 34.77
CA ARG G 164 -33.78 -31.16 34.24
C ARG G 164 -33.02 -32.43 34.68
N VAL G 165 -31.77 -32.27 35.11
CA VAL G 165 -30.94 -33.40 35.46
C VAL G 165 -30.97 -33.61 36.97
N MET G 166 -30.97 -32.49 37.69
CA MET G 166 -30.91 -32.55 39.15
C MET G 166 -31.96 -33.41 39.84
N PRO G 167 -33.18 -33.50 39.28
CA PRO G 167 -33.97 -34.54 39.94
C PRO G 167 -33.24 -35.89 39.76
N GLY G 168 -33.37 -36.60 38.64
CA GLY G 168 -32.72 -37.90 38.53
C GLY G 168 -31.26 -38.14 38.90
N ALA G 169 -30.67 -37.31 39.74
CA ALA G 169 -29.23 -37.42 39.98
C ALA G 169 -28.86 -37.79 41.41
N LYS G 170 -27.87 -38.67 41.53
CA LYS G 170 -27.50 -39.21 42.84
C LYS G 170 -26.23 -38.63 43.40
N SER G 171 -25.46 -37.97 42.53
CA SER G 171 -24.25 -37.29 42.95
C SER G 171 -24.50 -35.79 42.99
N GLN G 172 -23.67 -35.08 43.75
CA GLN G 172 -23.79 -33.63 43.83
C GLN G 172 -23.74 -32.97 42.47
N ILE G 173 -24.52 -31.89 42.36
CA ILE G 173 -24.53 -30.97 41.24
C ILE G 173 -24.81 -29.62 41.88
N ALA G 174 -23.78 -28.79 41.97
CA ALA G 174 -23.91 -27.48 42.57
C ALA G 174 -23.37 -26.40 41.62
N GLY G 175 -24.25 -25.48 41.23
CA GLY G 175 -23.89 -24.39 40.34
C GLY G 175 -23.97 -23.07 41.06
N PHE G 176 -22.94 -22.24 40.91
CA PHE G 176 -22.90 -20.94 41.55
C PHE G 176 -23.00 -19.82 40.53
N ARG G 177 -24.06 -19.03 40.66
CA ARG G 177 -24.18 -17.80 39.88
C ARG G 177 -23.34 -16.72 40.51
N TYR G 178 -22.08 -16.65 40.10
CA TYR G 178 -21.17 -15.61 40.56
C TYR G 178 -21.68 -14.26 40.09
N PHE G 179 -21.46 -13.23 40.91
CA PHE G 179 -21.86 -11.89 40.55
C PHE G 179 -20.66 -11.10 39.97
N ASN G 180 -20.22 -10.05 40.64
CA ASN G 180 -19.05 -9.34 40.15
C ASN G 180 -17.86 -9.67 41.03
N VAL G 181 -17.13 -10.72 40.65
CA VAL G 181 -16.01 -11.20 41.46
C VAL G 181 -14.76 -10.33 41.26
N TYR G 182 -14.07 -10.06 42.35
CA TYR G 182 -12.77 -9.37 42.29
C TYR G 182 -11.79 -10.03 43.28
N GLY G 183 -10.50 -9.80 43.09
CA GLY G 183 -9.46 -10.31 43.99
C GLY G 183 -8.24 -10.76 43.20
N PRO G 184 -7.20 -11.23 43.91
CA PRO G 184 -5.93 -11.67 43.29
C PRO G 184 -6.07 -12.76 42.21
N ARG G 185 -5.10 -12.84 41.30
CA ARG G 185 -5.03 -13.84 40.22
C ARG G 185 -5.93 -13.57 39.01
N GLU G 186 -6.28 -12.30 38.80
CA GLU G 186 -7.12 -11.91 37.67
C GLU G 186 -6.33 -10.99 36.73
N SER G 187 -5.05 -10.79 37.06
CA SER G 187 -4.12 -9.97 36.27
C SER G 187 -4.02 -10.31 34.78
N HIS G 188 -4.45 -11.49 34.38
CA HIS G 188 -4.30 -11.96 33.00
C HIS G 188 -5.55 -11.69 32.17
N LYS G 189 -6.58 -11.14 32.82
CA LYS G 189 -7.90 -11.11 32.18
C LYS G 189 -8.11 -9.99 31.15
N GLY G 190 -7.22 -9.01 31.12
CA GLY G 190 -7.36 -7.92 30.17
C GLY G 190 -8.65 -7.12 30.34
N ARG G 191 -9.36 -6.95 29.22
CA ARG G 191 -10.59 -6.18 29.25
C ARG G 191 -11.68 -6.82 30.12
N MET G 192 -11.57 -8.13 30.36
CA MET G 192 -12.51 -8.84 31.23
C MET G 192 -12.16 -8.81 32.72
N ALA G 193 -11.02 -8.21 33.08
CA ALA G 193 -10.68 -8.12 34.51
C ALA G 193 -11.71 -7.26 35.24
N SER G 194 -11.70 -7.31 36.56
CA SER G 194 -12.68 -6.57 37.36
C SER G 194 -12.37 -5.10 37.26
N VAL G 195 -13.34 -4.28 37.62
CA VAL G 195 -13.15 -2.83 37.53
C VAL G 195 -12.11 -2.38 38.54
N ALA G 196 -12.09 -3.02 39.71
CA ALA G 196 -11.14 -2.65 40.75
C ALA G 196 -9.71 -2.83 40.26
N PHE G 197 -9.47 -3.87 39.47
CA PHE G 197 -8.14 -4.11 38.92
C PHE G 197 -7.82 -3.11 37.82
N HIS G 198 -8.76 -2.87 36.92
CA HIS G 198 -8.61 -1.85 35.89
C HIS G 198 -8.26 -0.50 36.51
N ASN G 199 -8.94 -0.16 37.61
CA ASN G 199 -8.73 1.14 38.25
C ASN G 199 -7.37 1.22 38.91
N PHE G 200 -6.88 0.11 39.43
CA PHE G 200 -5.59 0.10 40.08
C PHE G 200 -4.51 0.40 39.03
N ASN G 201 -4.55 -0.34 37.93
CA ASN G 201 -3.64 -0.14 36.81
C ASN G 201 -3.74 1.24 36.19
N GLN G 202 -4.97 1.66 35.91
CA GLN G 202 -5.22 3.00 35.41
C GLN G 202 -4.59 4.07 36.27
N PHE G 203 -4.72 3.92 37.59
CA PHE G 203 -4.23 4.92 38.54
C PHE G 203 -2.72 4.90 38.68
N ARG G 204 -2.14 3.69 38.64
CA ARG G 204 -0.68 3.53 38.67
C ARG G 204 0.02 4.11 37.43
N ALA G 205 -0.71 4.13 36.31
CA ALA G 205 -0.16 4.62 35.05
C ALA G 205 -0.43 6.11 34.84
N GLU G 206 -1.69 6.52 34.97
CA GLU G 206 -2.10 7.87 34.61
C GLU G 206 -2.49 8.80 35.77
N GLY G 207 -2.62 8.26 36.98
CA GLY G 207 -3.07 9.05 38.12
C GLY G 207 -4.57 9.35 38.09
N LYS G 208 -5.34 8.49 37.42
CA LYS G 208 -6.79 8.66 37.29
C LYS G 208 -7.47 7.38 36.82
N VAL G 209 -8.71 7.17 37.28
CA VAL G 209 -9.45 5.96 36.94
C VAL G 209 -10.64 6.29 36.06
N LYS G 210 -11.13 5.29 35.34
CA LYS G 210 -12.16 5.49 34.32
C LYS G 210 -13.39 4.63 34.56
N LEU G 211 -14.56 5.25 34.35
CA LEU G 211 -15.83 4.54 34.38
C LEU G 211 -16.65 4.90 33.15
N PHE G 212 -17.68 4.12 32.89
CA PHE G 212 -18.62 4.46 31.82
C PHE G 212 -19.40 5.69 32.26
N GLY G 213 -19.73 6.56 31.30
CA GLY G 213 -20.63 7.68 31.53
C GLY G 213 -22.08 7.20 31.58
N GLU G 214 -23.02 8.14 31.43
CA GLU G 214 -24.45 7.86 31.46
C GLU G 214 -24.90 6.82 30.43
N TYR G 215 -25.75 5.91 30.89
CA TYR G 215 -26.36 4.91 30.03
C TYR G 215 -27.70 4.48 30.63
N SER G 216 -28.76 4.57 29.82
CA SER G 216 -30.06 3.98 30.15
C SER G 216 -30.67 4.40 31.51
N GLY G 217 -30.64 5.71 31.79
CA GLY G 217 -31.17 6.21 33.04
C GLY G 217 -30.23 6.15 34.24
N TYR G 218 -29.04 5.61 34.04
CA TYR G 218 -28.07 5.61 35.12
C TYR G 218 -26.96 6.66 34.85
N GLY G 219 -26.75 7.54 35.81
CA GLY G 219 -25.72 8.56 35.70
C GLY G 219 -24.31 8.01 35.64
N PRO G 220 -23.33 8.87 35.39
CA PRO G 220 -21.92 8.45 35.35
C PRO G 220 -21.46 7.59 36.56
N GLY G 221 -21.12 6.34 36.28
CA GLY G 221 -20.63 5.41 37.29
C GLY G 221 -21.70 4.92 38.25
N GLU G 222 -22.96 5.09 37.88
CA GLU G 222 -24.06 4.81 38.77
C GLU G 222 -24.72 3.46 38.51
N GLN G 223 -24.32 2.80 37.43
CA GLN G 223 -24.74 1.43 37.20
C GLN G 223 -24.26 0.65 38.42
N THR G 224 -25.07 -0.27 38.92
CA THR G 224 -24.72 -0.91 40.19
C THR G 224 -24.60 -2.42 40.10
N ARG G 225 -23.71 -2.98 40.90
CA ARG G 225 -23.47 -4.42 40.92
C ARG G 225 -23.28 -4.95 42.34
N ASP G 226 -23.49 -6.26 42.48
CA ASP G 226 -23.10 -6.98 43.68
C ASP G 226 -21.64 -7.39 43.51
N PHE G 227 -20.75 -6.85 44.33
CA PHE G 227 -19.33 -7.18 44.22
C PHE G 227 -18.91 -8.15 45.34
N VAL G 228 -18.56 -9.39 44.98
CA VAL G 228 -18.09 -10.44 45.90
C VAL G 228 -16.62 -10.64 45.70
N SER G 229 -15.85 -10.75 46.77
CA SER G 229 -14.43 -11.13 46.65
C SER G 229 -14.29 -12.63 46.33
N VAL G 230 -13.17 -13.02 45.70
CA VAL G 230 -12.94 -14.43 45.36
C VAL G 230 -12.83 -15.26 46.62
N GLU G 231 -12.31 -14.65 47.66
CA GLU G 231 -12.19 -15.31 48.95
C GLU G 231 -13.52 -15.93 49.33
N ASP G 232 -14.59 -15.13 49.23
CA ASP G 232 -15.91 -15.66 49.58
C ASP G 232 -16.38 -16.69 48.55
N VAL G 233 -15.98 -16.51 47.29
CA VAL G 233 -16.33 -17.45 46.24
C VAL G 233 -15.74 -18.82 46.57
N ALA G 234 -14.50 -18.80 47.06
CA ALA G 234 -13.76 -20.00 47.44
C ALA G 234 -14.40 -20.67 48.67
N LYS G 235 -14.76 -19.85 49.65
CA LYS G 235 -15.45 -20.31 50.87
C LYS G 235 -16.72 -21.07 50.56
N VAL G 236 -17.55 -20.53 49.67
CA VAL G 236 -18.81 -21.15 49.34
C VAL G 236 -18.61 -22.46 48.60
N ASN G 237 -17.72 -22.45 47.60
CA ASN G 237 -17.30 -23.67 46.92
C ASN G 237 -16.83 -24.79 47.87
N LEU G 238 -16.01 -24.42 48.84
CA LEU G 238 -15.49 -25.38 49.81
C LEU G 238 -16.61 -25.94 50.66
N TYR G 239 -17.49 -25.06 51.11
CA TYR G 239 -18.65 -25.47 51.88
C TYR G 239 -19.47 -26.53 51.15
N PHE G 240 -19.76 -26.32 49.86
CA PHE G 240 -20.53 -27.34 49.13
C PHE G 240 -19.73 -28.61 48.83
N PHE G 241 -18.42 -28.45 48.68
CA PHE G 241 -17.53 -29.57 48.47
C PHE G 241 -17.57 -30.49 49.72
N ASP G 242 -17.56 -29.86 50.89
CA ASP G 242 -17.63 -30.55 52.18
C ASP G 242 -19.00 -31.18 52.45
N HIS G 243 -20.01 -30.87 51.63
CA HIS G 243 -21.37 -31.33 51.88
C HIS G 243 -22.02 -31.94 50.64
N PRO G 244 -21.55 -33.12 50.21
CA PRO G 244 -22.00 -33.73 48.96
C PRO G 244 -23.51 -33.98 48.89
N GLU G 245 -24.18 -33.99 50.04
CA GLU G 245 -25.63 -34.19 49.99
C GLU G 245 -26.39 -32.95 49.46
N LYS G 246 -25.78 -31.77 49.50
CA LYS G 246 -26.46 -30.55 49.01
C LYS G 246 -26.23 -30.29 47.51
N SER G 247 -27.31 -30.01 46.77
CA SER G 247 -27.29 -29.79 45.33
C SER G 247 -28.12 -28.56 45.01
N GLY G 248 -28.07 -28.09 43.77
CA GLY G 248 -28.88 -26.94 43.40
C GLY G 248 -28.11 -25.83 42.72
N ILE G 249 -28.83 -24.76 42.37
CA ILE G 249 -28.25 -23.57 41.79
C ILE G 249 -28.38 -22.41 42.77
N PHE G 250 -27.29 -21.75 43.07
CA PHE G 250 -27.27 -20.72 44.12
C PHE G 250 -26.61 -19.42 43.66
N ASN G 251 -27.28 -18.30 43.91
CA ASN G 251 -26.62 -17.01 43.74
C ASN G 251 -25.42 -16.94 44.65
N LEU G 252 -24.34 -16.38 44.16
CA LEU G 252 -23.21 -16.12 45.03
C LEU G 252 -22.91 -14.64 44.94
N GLY G 253 -23.44 -13.90 45.89
CA GLY G 253 -23.23 -12.46 45.95
C GLY G 253 -23.24 -12.07 47.40
N THR G 254 -23.19 -10.78 47.67
CA THR G 254 -23.20 -10.34 49.05
C THR G 254 -24.60 -9.97 49.45
N GLY G 255 -25.48 -9.84 48.45
CA GLY G 255 -26.82 -9.32 48.65
C GLY G 255 -26.85 -7.79 48.70
N ARG G 256 -25.67 -7.18 48.57
CA ARG G 256 -25.50 -5.76 48.77
C ARG G 256 -24.95 -5.12 47.49
N ALA G 257 -25.82 -4.42 46.76
CA ALA G 257 -25.46 -3.82 45.47
C ALA G 257 -24.88 -2.41 45.59
N GLN G 258 -23.88 -2.09 44.79
CA GLN G 258 -23.25 -0.76 44.82
C GLN G 258 -22.92 -0.26 43.41
N PRO G 259 -22.86 1.07 43.24
CA PRO G 259 -22.51 1.57 41.91
C PRO G 259 -20.99 1.49 41.67
N PHE G 260 -20.59 1.41 40.40
CA PHE G 260 -19.18 1.27 40.05
C PHE G 260 -18.37 2.43 40.62
N ASN G 261 -19.01 3.58 40.81
CA ASN G 261 -18.42 4.72 41.53
C ASN G 261 -17.75 4.34 42.86
N ASP G 262 -18.38 3.44 43.61
CA ASP G 262 -17.88 3.04 44.92
C ASP G 262 -16.55 2.32 44.76
N ILE G 263 -16.50 1.45 43.76
CA ILE G 263 -15.27 0.72 43.48
C ILE G 263 -14.13 1.69 43.18
N ALA G 264 -14.37 2.60 42.23
CA ALA G 264 -13.41 3.63 41.84
C ALA G 264 -12.94 4.49 43.03
N ALA G 265 -13.89 5.04 43.79
CA ALA G 265 -13.58 5.86 44.95
C ALA G 265 -12.80 5.07 45.99
N THR G 266 -13.16 3.82 46.17
CA THR G 266 -12.47 2.99 47.15
C THR G 266 -11.02 2.67 46.73
N VAL G 267 -10.84 2.25 45.47
CA VAL G 267 -9.51 1.98 44.89
C VAL G 267 -8.63 3.22 44.98
N VAL G 268 -9.18 4.37 44.59
CA VAL G 268 -8.42 5.61 44.60
C VAL G 268 -7.98 6.03 46.02
N ASN G 269 -8.90 5.96 46.98
CA ASN G 269 -8.60 6.31 48.35
C ASN G 269 -7.66 5.32 49.03
N THR G 270 -7.76 4.06 48.65
CA THR G 270 -6.88 3.07 49.22
C THR G 270 -5.44 3.30 48.75
N LEU G 271 -5.29 3.53 47.45
CA LEU G 271 -4.01 3.93 46.89
C LEU G 271 -3.48 5.23 47.53
N ARG G 272 -4.39 6.14 47.85
CA ARG G 272 -3.99 7.37 48.50
C ARG G 272 -3.55 7.15 49.96
N ALA G 273 -4.34 6.40 50.71
CA ALA G 273 -3.99 6.04 52.07
C ALA G 273 -2.62 5.34 52.15
N LEU G 274 -2.23 4.70 51.07
CA LEU G 274 -0.97 3.98 51.02
C LEU G 274 0.22 4.94 50.96
N GLU G 275 -0.08 6.21 50.73
CA GLU G 275 0.96 7.22 50.66
C GLU G 275 0.63 8.48 51.45
N GLY G 276 -0.02 8.30 52.59
CA GLY G 276 -0.26 9.40 53.52
C GLY G 276 -1.41 10.32 53.16
N GLN G 277 -1.66 10.50 51.86
CA GLN G 277 -2.76 11.37 51.38
C GLN G 277 -4.15 11.01 51.94
N PRO G 278 -4.96 12.04 52.21
CA PRO G 278 -6.29 11.89 52.81
C PRO G 278 -7.37 11.35 51.86
N ALA G 279 -8.37 10.70 52.44
CA ALA G 279 -9.50 10.20 51.65
C ALA G 279 -10.36 11.34 51.10
N LEU G 280 -10.73 11.19 49.83
CA LEU G 280 -11.54 12.16 49.10
C LEU G 280 -12.96 11.65 48.90
N THR G 281 -13.93 12.56 48.76
CA THR G 281 -15.28 12.15 48.36
C THR G 281 -15.33 11.90 46.86
N LEU G 282 -16.38 11.21 46.40
CA LEU G 282 -16.55 10.97 44.97
C LEU G 282 -16.59 12.29 44.20
N ALA G 283 -17.32 13.28 44.71
CA ALA G 283 -17.37 14.59 44.06
C ALA G 283 -15.99 15.27 44.01
N GLU G 284 -15.22 15.17 45.10
CA GLU G 284 -13.87 15.72 45.14
C GLU G 284 -12.96 15.02 44.14
N GLN G 285 -13.19 13.72 43.95
CA GLN G 285 -12.37 12.93 43.02
C GLN G 285 -12.73 13.23 41.57
N VAL G 286 -14.01 13.47 41.32
CA VAL G 286 -14.44 13.91 39.99
C VAL G 286 -13.91 15.31 39.69
N GLU G 287 -13.97 16.19 40.68
CA GLU G 287 -13.57 17.58 40.48
C GLU G 287 -12.06 17.71 40.28
N GLN G 288 -11.30 16.88 41.00
CA GLN G 288 -9.86 16.86 40.90
C GLN G 288 -9.33 16.07 39.69
N GLY G 289 -10.24 15.43 38.95
CA GLY G 289 -9.85 14.72 37.74
C GLY G 289 -9.37 13.30 37.95
N LEU G 290 -9.48 12.80 39.19
CA LEU G 290 -9.03 11.45 39.56
C LEU G 290 -10.01 10.35 39.07
N VAL G 291 -11.26 10.75 38.86
CA VAL G 291 -12.25 9.89 38.26
C VAL G 291 -12.74 10.63 37.04
N GLU G 292 -12.64 10.02 35.86
CA GLU G 292 -13.27 10.61 34.70
C GLU G 292 -14.19 9.58 34.05
N TYR G 293 -15.05 10.01 33.13
CA TYR G 293 -16.03 9.09 32.57
C TYR G 293 -15.86 8.93 31.09
N VAL G 294 -15.88 7.69 30.66
CA VAL G 294 -15.81 7.38 29.24
C VAL G 294 -17.24 7.16 28.71
N PRO G 295 -17.53 7.74 27.54
CA PRO G 295 -18.87 7.56 26.97
C PRO G 295 -19.19 6.08 26.77
N PHE G 296 -20.40 5.66 27.13
CA PHE G 296 -20.78 4.27 27.02
C PHE G 296 -20.71 3.78 25.58
N PRO G 297 -20.01 2.66 25.37
CA PRO G 297 -19.73 2.14 24.01
C PRO G 297 -21.00 1.71 23.28
N ASP G 298 -21.07 2.09 21.99
CA ASP G 298 -22.20 1.76 21.13
C ASP G 298 -22.42 0.26 20.98
N ALA G 299 -21.36 -0.52 21.15
CA ALA G 299 -21.42 -1.96 20.99
C ALA G 299 -22.03 -2.65 22.21
N LEU G 300 -21.90 -2.01 23.37
CA LEU G 300 -22.41 -2.60 24.61
C LEU G 300 -23.89 -2.31 24.84
N ARG G 301 -24.47 -1.42 24.02
CA ARG G 301 -25.87 -1.01 24.18
C ARG G 301 -26.84 -2.18 23.92
N GLY G 302 -27.76 -2.40 24.86
CA GLY G 302 -28.69 -3.52 24.80
C GLY G 302 -28.15 -4.83 25.36
N LYS G 303 -26.86 -4.85 25.69
CA LYS G 303 -26.22 -6.09 26.11
C LYS G 303 -25.62 -6.00 27.53
N TYR G 304 -25.88 -4.89 28.23
CA TYR G 304 -25.19 -4.58 29.47
C TYR G 304 -26.15 -4.58 30.66
N GLN G 305 -25.75 -5.24 31.74
CA GLN G 305 -26.51 -5.17 32.98
C GLN G 305 -26.22 -3.89 33.77
N CYS G 306 -27.26 -3.10 34.01
CA CYS G 306 -27.14 -1.82 34.66
C CYS G 306 -27.29 -1.94 36.16
N PHE G 307 -27.81 -3.08 36.60
CA PHE G 307 -28.09 -3.35 38.00
C PHE G 307 -28.07 -4.84 38.30
N THR G 308 -27.27 -5.28 39.26
CA THR G 308 -27.44 -6.63 39.82
C THR G 308 -27.40 -6.57 41.35
N GLN G 309 -28.06 -7.53 41.99
CA GLN G 309 -27.96 -7.70 43.44
C GLN G 309 -28.40 -9.10 43.81
N ALA G 310 -27.58 -9.83 44.56
CA ALA G 310 -27.96 -11.21 44.89
C ALA G 310 -29.07 -11.29 45.93
N ASP G 311 -30.13 -12.00 45.59
CA ASP G 311 -31.01 -12.52 46.62
C ASP G 311 -30.32 -13.74 47.27
N GLN G 312 -29.95 -13.60 48.54
CA GLN G 312 -29.20 -14.63 49.25
C GLN G 312 -30.05 -15.67 49.99
N THR G 313 -31.37 -15.59 49.83
CA THR G 313 -32.29 -16.42 50.60
C THR G 313 -31.99 -17.91 50.41
N LYS G 314 -31.89 -18.32 49.16
CA LYS G 314 -31.68 -19.72 48.82
C LYS G 314 -30.36 -20.24 49.42
N LEU G 315 -29.31 -19.43 49.34
CA LEU G 315 -28.00 -19.86 49.81
C LEU G 315 -27.99 -20.06 51.31
N ARG G 316 -28.63 -19.15 52.05
CA ARG G 316 -28.68 -19.25 53.51
C ARG G 316 -29.48 -20.49 53.97
N ALA G 317 -30.56 -20.79 53.25
CA ALA G 317 -31.38 -21.96 53.53
C ALA G 317 -30.59 -23.26 53.37
N ALA G 318 -29.69 -23.29 52.40
CA ALA G 318 -28.83 -24.44 52.22
C ALA G 318 -27.75 -24.50 53.31
N GLY G 319 -27.62 -23.41 54.07
CA GLY G 319 -26.82 -23.46 55.29
C GLY G 319 -25.54 -22.66 55.27
N TYR G 320 -25.26 -21.97 54.17
CA TYR G 320 -24.09 -21.10 54.19
C TYR G 320 -24.54 -19.78 54.79
N ASP G 321 -24.07 -19.50 56.00
CA ASP G 321 -24.52 -18.29 56.70
C ASP G 321 -23.38 -17.36 57.16
N ALA G 322 -22.15 -17.67 56.74
CA ALA G 322 -21.03 -16.78 56.99
C ALA G 322 -21.27 -15.37 56.42
N PRO G 323 -20.72 -14.36 57.08
CA PRO G 323 -20.78 -13.02 56.48
C PRO G 323 -19.95 -12.92 55.19
N PHE G 324 -20.22 -11.90 54.39
CA PHE G 324 -19.45 -11.62 53.16
C PHE G 324 -18.65 -10.34 53.31
N LEU G 325 -17.42 -10.33 52.81
CA LEU G 325 -16.63 -9.10 52.79
C LEU G 325 -17.41 -8.01 52.05
N THR G 326 -17.42 -6.81 52.61
CA THR G 326 -18.02 -5.65 51.95
C THR G 326 -17.01 -5.10 50.96
N VAL G 327 -17.46 -4.17 50.11
CA VAL G 327 -16.58 -3.53 49.13
C VAL G 327 -15.47 -2.79 49.85
N GLN G 328 -15.84 -2.11 50.92
CA GLN G 328 -14.87 -1.43 51.76
C GLN G 328 -13.77 -2.39 52.28
N GLU G 329 -14.13 -3.51 52.88
CA GLU G 329 -13.09 -4.43 53.35
C GLU G 329 -12.28 -5.06 52.20
N GLY G 330 -12.99 -5.73 51.29
CA GLY G 330 -12.39 -6.56 50.27
C GLY G 330 -11.62 -5.82 49.21
N VAL G 331 -12.17 -4.70 48.73
CA VAL G 331 -11.45 -3.91 47.74
C VAL G 331 -10.23 -3.21 48.35
N ASP G 332 -10.31 -2.81 49.62
CA ASP G 332 -9.15 -2.30 50.34
C ASP G 332 -8.05 -3.37 50.36
N ARG G 333 -8.38 -4.54 50.91
CA ARG G 333 -7.42 -5.62 51.03
C ARG G 333 -6.80 -6.00 49.68
N TYR G 334 -7.64 -6.03 48.64
CA TYR G 334 -7.20 -6.40 47.29
C TYR G 334 -6.22 -5.37 46.71
N VAL G 335 -6.58 -4.09 46.83
CA VAL G 335 -5.71 -3.00 46.38
C VAL G 335 -4.37 -3.03 47.11
N ARG G 336 -4.43 -3.28 48.41
CA ARG G 336 -3.22 -3.45 49.20
C ARG G 336 -2.35 -4.60 48.71
N TRP G 337 -2.96 -5.72 48.37
CA TRP G 337 -2.22 -6.89 47.90
C TRP G 337 -1.58 -6.59 46.55
N LEU G 338 -2.37 -5.94 45.71
CA LEU G 338 -1.92 -5.47 44.39
C LEU G 338 -0.70 -4.56 44.49
N PHE G 339 -0.61 -3.84 45.61
CA PHE G 339 0.51 -2.95 45.91
C PHE G 339 1.76 -3.75 46.31
N GLY G 340 1.60 -5.02 46.64
CA GLY G 340 2.72 -5.94 46.66
C GLY G 340 3.21 -6.12 45.23
N GLN G 341 4.00 -5.14 44.79
CA GLN G 341 4.69 -5.12 43.49
C GLN G 341 5.80 -4.05 43.57
N LEU G 342 5.74 -3.25 44.64
CA LEU G 342 6.75 -2.26 45.00
C LEU G 342 6.80 -2.06 46.53
N MET H 13 -43.21 -37.91 23.25
CA MET H 13 -43.06 -36.68 24.04
C MET H 13 -41.89 -35.76 23.62
N THR H 14 -40.71 -36.34 23.33
CA THR H 14 -39.55 -35.56 22.87
C THR H 14 -39.66 -35.04 21.42
N LEU H 15 -39.58 -33.72 21.27
CA LEU H 15 -39.64 -33.09 19.95
C LEU H 15 -38.28 -32.52 19.51
N ILE H 16 -38.01 -32.57 18.21
CA ILE H 16 -36.83 -31.93 17.66
C ILE H 16 -37.18 -30.81 16.69
N VAL H 17 -36.56 -29.65 16.88
CA VAL H 17 -36.66 -28.53 15.94
C VAL H 17 -35.26 -28.11 15.46
N THR H 18 -34.97 -28.34 14.18
CA THR H 18 -33.75 -27.83 13.59
C THR H 18 -34.06 -26.45 13.04
N GLY H 19 -33.10 -25.54 13.13
CA GLY H 19 -33.33 -24.17 12.73
C GLY H 19 -33.97 -23.41 13.88
N ALA H 20 -33.82 -23.92 15.10
CA ALA H 20 -34.59 -23.42 16.24
C ALA H 20 -34.15 -22.03 16.73
N ALA H 21 -32.97 -21.60 16.35
CA ALA H 21 -32.51 -20.29 16.77
C ALA H 21 -32.93 -19.30 15.69
N GLY H 22 -33.27 -19.84 14.53
CA GLY H 22 -33.71 -19.07 13.39
C GLY H 22 -35.14 -18.55 13.51
N PHE H 23 -35.57 -17.83 12.49
CA PHE H 23 -36.84 -17.12 12.49
C PHE H 23 -38.05 -18.04 12.69
N ILE H 24 -38.18 -19.02 11.80
CA ILE H 24 -39.35 -19.85 11.79
C ILE H 24 -39.29 -20.86 12.92
N GLY H 25 -38.15 -21.54 13.01
CA GLY H 25 -37.93 -22.53 14.05
C GLY H 25 -38.16 -21.97 15.45
N ALA H 26 -37.68 -20.75 15.73
CA ALA H 26 -37.87 -20.23 17.07
C ALA H 26 -39.35 -19.98 17.30
N ASN H 27 -40.05 -19.55 16.25
CA ASN H 27 -41.49 -19.40 16.33
C ASN H 27 -42.20 -20.73 16.56
N LEU H 28 -41.75 -21.79 15.87
CA LEU H 28 -42.29 -23.13 16.15
C LEU H 28 -42.03 -23.57 17.60
N VAL H 29 -40.79 -23.39 18.07
CA VAL H 29 -40.46 -23.71 19.45
C VAL H 29 -41.39 -23.00 20.42
N LYS H 30 -41.61 -21.70 20.21
CA LYS H 30 -42.41 -20.92 21.15
C LYS H 30 -43.89 -21.32 21.10
N ALA H 31 -44.38 -21.63 19.90
CA ALA H 31 -45.74 -22.10 19.73
C ALA H 31 -45.96 -23.44 20.43
N LEU H 32 -44.93 -24.27 20.42
CA LEU H 32 -44.98 -25.54 21.12
C LEU H 32 -45.01 -25.29 22.63
N ASN H 33 -44.28 -24.29 23.09
CA ASN H 33 -44.24 -23.99 24.51
C ASN H 33 -45.59 -23.53 25.04
N GLU H 34 -46.31 -22.80 24.21
CA GLU H 34 -47.57 -22.20 24.62
C GLU H 34 -48.73 -23.22 24.64
N ARG H 35 -48.45 -24.45 24.17
CA ARG H 35 -49.39 -25.54 24.36
C ARG H 35 -48.75 -26.66 25.20
N GLY H 36 -47.90 -26.25 26.14
CA GLY H 36 -47.27 -27.16 27.08
C GLY H 36 -46.14 -28.07 26.59
N GLU H 37 -45.88 -28.13 25.29
CA GLU H 37 -44.77 -28.94 24.76
C GLU H 37 -43.41 -28.29 24.99
N THR H 38 -42.59 -28.88 25.86
CA THR H 38 -41.32 -28.28 26.25
C THR H 38 -40.16 -29.26 26.25
N ARG H 39 -40.41 -30.48 25.81
CA ARG H 39 -39.34 -31.47 25.69
C ARG H 39 -38.64 -31.36 24.33
N ILE H 40 -37.95 -30.24 24.13
CA ILE H 40 -37.46 -29.87 22.81
C ILE H 40 -35.95 -29.91 22.67
N ILE H 41 -35.49 -30.68 21.71
CA ILE H 41 -34.10 -30.63 21.29
C ILE H 41 -33.99 -29.54 20.22
N ALA H 42 -33.21 -28.51 20.49
CA ALA H 42 -33.01 -27.45 19.51
C ALA H 42 -31.69 -27.63 18.77
N VAL H 43 -31.75 -27.49 17.45
CA VAL H 43 -30.58 -27.64 16.61
C VAL H 43 -30.46 -26.42 15.72
N ASP H 44 -29.28 -25.81 15.72
CA ASP H 44 -29.00 -24.64 14.89
C ASP H 44 -27.49 -24.42 14.76
N ASN H 45 -27.14 -23.21 14.35
CA ASN H 45 -25.76 -22.79 14.19
C ASN H 45 -25.58 -21.38 14.70
N LEU H 46 -25.06 -21.24 15.91
CA LEU H 46 -25.04 -19.91 16.50
C LEU H 46 -23.80 -19.09 16.16
N THR H 47 -23.14 -19.41 15.05
CA THR H 47 -21.93 -18.67 14.66
C THR H 47 -22.18 -17.16 14.70
N ARG H 48 -23.27 -16.73 14.10
CA ARG H 48 -23.78 -15.39 14.34
C ARG H 48 -24.56 -15.40 15.66
N ALA H 49 -23.92 -14.90 16.70
CA ALA H 49 -24.40 -15.02 18.08
C ALA H 49 -25.83 -14.54 18.32
N ASP H 50 -26.20 -13.48 17.59
CA ASP H 50 -27.45 -12.77 17.84
C ASP H 50 -28.75 -13.60 17.83
N LYS H 51 -28.77 -14.72 17.11
CA LYS H 51 -29.95 -15.58 17.06
C LYS H 51 -30.34 -16.11 18.45
N PHE H 52 -29.40 -16.15 19.39
CA PHE H 52 -29.71 -16.63 20.74
C PHE H 52 -30.93 -15.87 21.30
N LYS H 53 -31.09 -14.61 20.92
CA LYS H 53 -32.22 -13.81 21.40
C LYS H 53 -33.59 -14.42 21.09
N ASN H 54 -33.66 -15.24 20.06
CA ASN H 54 -34.90 -15.87 19.66
C ASN H 54 -35.36 -17.00 20.58
N LEU H 55 -34.46 -17.51 21.40
CA LEU H 55 -34.76 -18.67 22.23
C LEU H 55 -34.75 -18.34 23.72
N VAL H 56 -34.60 -17.06 24.04
CA VAL H 56 -34.49 -16.57 25.42
C VAL H 56 -35.79 -16.71 26.26
N ASP H 57 -36.94 -16.65 25.59
CA ASP H 57 -38.23 -16.82 26.27
C ASP H 57 -38.80 -18.22 26.03
N CYS H 58 -37.98 -19.11 25.49
CA CYS H 58 -38.41 -20.45 25.16
C CYS H 58 -37.99 -21.47 26.20
N GLU H 59 -38.54 -22.67 26.07
CA GLU H 59 -38.15 -23.80 26.91
C GLU H 59 -37.70 -24.91 26.01
N ILE H 60 -36.49 -25.39 26.22
CA ILE H 60 -35.95 -26.49 25.45
C ILE H 60 -35.16 -27.36 26.40
N ASP H 61 -34.89 -28.60 25.99
CA ASP H 61 -34.17 -29.56 26.83
C ASP H 61 -32.71 -29.65 26.47
N ASP H 62 -32.39 -29.27 25.24
CA ASP H 62 -31.01 -29.40 24.76
C ASP H 62 -30.75 -28.52 23.53
N TYR H 63 -29.46 -28.24 23.30
CA TYR H 63 -29.04 -27.50 22.13
C TYR H 63 -27.85 -28.20 21.49
N LEU H 64 -27.87 -28.29 20.18
CA LEU H 64 -26.77 -28.87 19.43
C LEU H 64 -26.50 -28.05 18.18
N ASP H 65 -25.23 -27.99 17.79
CA ASP H 65 -24.87 -27.42 16.51
C ASP H 65 -25.28 -28.38 15.40
N LYS H 66 -25.64 -27.82 14.24
CA LYS H 66 -26.06 -28.64 13.10
C LYS H 66 -25.06 -29.77 12.77
N THR H 67 -23.77 -29.52 13.03
CA THR H 67 -22.71 -30.44 12.65
C THR H 67 -22.63 -31.67 13.57
N GLU H 68 -23.20 -31.59 14.77
CA GLU H 68 -23.14 -32.75 15.68
C GLU H 68 -24.44 -33.59 15.63
N PHE H 69 -25.50 -33.04 15.05
CA PHE H 69 -26.85 -33.54 15.30
C PHE H 69 -27.23 -34.86 14.65
N VAL H 70 -26.93 -35.02 13.37
CA VAL H 70 -27.37 -36.20 12.63
C VAL H 70 -26.82 -37.50 13.19
N GLU H 71 -25.51 -37.57 13.43
CA GLU H 71 -24.89 -38.77 13.98
C GLU H 71 -25.64 -39.16 15.26
N ARG H 72 -25.73 -38.20 16.16
CA ARG H 72 -26.39 -38.42 17.44
C ARG H 72 -27.88 -38.75 17.34
N PHE H 73 -28.51 -38.41 16.23
CA PHE H 73 -29.95 -38.68 16.08
C PHE H 73 -30.19 -40.08 15.54
N ALA H 74 -29.37 -40.48 14.59
CA ALA H 74 -29.45 -41.81 13.99
C ALA H 74 -29.04 -42.87 14.98
N ARG H 75 -28.27 -42.46 15.99
CA ARG H 75 -27.78 -43.36 17.02
C ARG H 75 -28.89 -43.71 18.01
N GLY H 76 -29.73 -42.74 18.34
CA GLY H 76 -30.78 -42.93 19.31
C GLY H 76 -30.52 -42.19 20.61
N ASP H 77 -29.64 -41.20 20.57
CA ASP H 77 -29.26 -40.46 21.76
C ASP H 77 -30.41 -39.68 22.38
N PHE H 78 -31.44 -39.41 21.59
CA PHE H 78 -32.55 -38.62 22.09
C PHE H 78 -33.76 -39.48 22.41
N GLY H 79 -33.53 -40.79 22.42
CA GLY H 79 -34.57 -41.77 22.67
C GLY H 79 -35.77 -41.61 21.77
N LYS H 80 -36.93 -41.96 22.31
CA LYS H 80 -38.19 -41.91 21.58
C LYS H 80 -38.50 -40.47 21.17
N VAL H 81 -38.55 -40.23 19.87
CA VAL H 81 -38.83 -38.89 19.37
C VAL H 81 -40.13 -38.88 18.62
N ARG H 82 -41.07 -38.05 19.08
CA ARG H 82 -42.36 -38.03 18.43
C ARG H 82 -42.27 -37.38 17.05
N ALA H 83 -41.67 -36.19 16.99
CA ALA H 83 -41.63 -35.43 15.75
C ALA H 83 -40.36 -34.56 15.58
N VAL H 84 -39.99 -34.37 14.32
CA VAL H 84 -38.93 -33.45 13.93
C VAL H 84 -39.50 -32.35 13.03
N PHE H 85 -39.46 -31.13 13.52
CA PHE H 85 -39.73 -29.95 12.71
C PHE H 85 -38.41 -29.47 12.10
N HIS H 86 -38.15 -29.87 10.86
CA HIS H 86 -36.87 -29.56 10.21
C HIS H 86 -36.87 -28.19 9.48
N GLU H 87 -36.59 -27.13 10.22
CA GLU H 87 -36.58 -25.77 9.65
C GLU H 87 -35.16 -25.34 9.26
N GLY H 88 -34.16 -26.07 9.75
CA GLY H 88 -32.76 -25.72 9.55
C GLY H 88 -32.30 -25.86 8.12
N ALA H 89 -31.86 -24.76 7.53
CA ALA H 89 -31.34 -24.74 6.16
C ALA H 89 -30.62 -23.41 5.95
N CYS H 90 -29.71 -23.37 4.98
CA CYS H 90 -29.17 -22.10 4.56
C CYS H 90 -30.27 -21.31 3.87
N SER H 91 -30.73 -20.25 4.54
CA SER H 91 -31.84 -19.45 4.03
C SER H 91 -31.40 -18.31 3.10
N ASP H 92 -30.14 -18.35 2.67
CA ASP H 92 -29.54 -17.26 1.91
C ASP H 92 -29.59 -17.45 0.39
N THR H 93 -30.63 -16.89 -0.23
CA THR H 93 -30.85 -17.01 -1.67
C THR H 93 -29.73 -16.49 -2.56
N MET H 94 -28.77 -15.77 -1.99
CA MET H 94 -27.69 -15.19 -2.78
C MET H 94 -26.36 -15.91 -2.59
N GLU H 95 -26.39 -16.96 -1.78
CA GLU H 95 -25.20 -17.77 -1.52
C GLU H 95 -24.69 -18.43 -2.80
N THR H 96 -23.38 -18.37 -3.04
CA THR H 96 -22.83 -18.80 -4.33
C THR H 96 -22.13 -20.16 -4.33
N ASP H 97 -21.86 -20.70 -3.15
CA ASP H 97 -21.21 -22.00 -3.04
C ASP H 97 -22.30 -23.07 -3.08
N GLY H 98 -22.43 -23.74 -4.23
CA GLY H 98 -23.50 -24.70 -4.45
C GLY H 98 -23.24 -26.02 -3.78
N ARG H 99 -21.97 -26.38 -3.67
CA ARG H 99 -21.58 -27.58 -2.96
C ARG H 99 -22.02 -27.46 -1.51
N TYR H 100 -21.78 -26.29 -0.92
CA TYR H 100 -22.26 -26.07 0.45
C TYR H 100 -23.79 -26.13 0.52
N MET H 101 -24.45 -25.47 -0.42
CA MET H 101 -25.91 -25.43 -0.44
C MET H 101 -26.51 -26.84 -0.51
N MET H 102 -26.09 -27.61 -1.51
CA MET H 102 -26.54 -28.98 -1.66
C MET H 102 -26.26 -29.85 -0.45
N ASP H 103 -25.19 -29.54 0.27
CA ASP H 103 -24.81 -30.39 1.39
C ASP H 103 -25.60 -30.03 2.64
N ASN H 104 -25.61 -28.74 2.96
CA ASN H 104 -26.24 -28.24 4.17
C ASN H 104 -27.76 -28.29 4.07
N ASN H 105 -28.27 -28.22 2.85
CA ASN H 105 -29.71 -28.27 2.67
C ASN H 105 -30.16 -29.67 2.25
N PHE H 106 -29.82 -30.05 1.03
CA PHE H 106 -30.35 -31.28 0.45
C PHE H 106 -29.89 -32.60 1.12
N ARG H 107 -28.58 -32.91 1.07
CA ARG H 107 -28.03 -34.08 1.77
C ARG H 107 -28.41 -34.13 3.26
N TYR H 108 -28.33 -33.01 3.95
CA TYR H 108 -28.69 -32.97 5.36
C TYR H 108 -30.16 -33.32 5.58
N SER H 109 -31.02 -32.76 4.73
CA SER H 109 -32.45 -33.02 4.84
C SER H 109 -32.75 -34.51 4.61
N ARG H 110 -32.03 -35.16 3.69
CA ARG H 110 -32.13 -36.63 3.53
C ARG H 110 -31.69 -37.44 4.76
N ALA H 111 -30.65 -36.97 5.45
CA ALA H 111 -30.16 -37.64 6.66
C ALA H 111 -31.24 -37.61 7.72
N VAL H 112 -31.79 -36.43 7.96
CA VAL H 112 -32.86 -36.29 8.94
C VAL H 112 -34.08 -37.12 8.53
N LEU H 113 -34.39 -37.11 7.24
CA LEU H 113 -35.49 -37.89 6.71
C LEU H 113 -35.30 -39.38 7.01
N ASP H 114 -34.16 -39.93 6.60
CA ASP H 114 -33.84 -41.34 6.83
C ASP H 114 -34.02 -41.81 8.27
N ALA H 115 -33.56 -40.98 9.20
CA ALA H 115 -33.58 -41.38 10.59
C ALA H 115 -35.02 -41.34 11.11
N CYS H 116 -35.80 -40.37 10.62
CA CYS H 116 -37.21 -40.26 10.99
C CYS H 116 -38.01 -41.47 10.51
N LEU H 117 -37.69 -41.92 9.30
CA LEU H 117 -38.29 -43.11 8.77
C LEU H 117 -37.90 -44.32 9.60
N ALA H 118 -36.58 -44.53 9.77
CA ALA H 118 -36.07 -45.64 10.54
C ALA H 118 -36.66 -45.73 11.95
N GLN H 119 -36.96 -44.57 12.55
CA GLN H 119 -37.53 -44.49 13.90
C GLN H 119 -39.05 -44.27 13.92
N GLY H 120 -39.66 -44.14 12.74
CA GLY H 120 -41.08 -43.84 12.64
C GLY H 120 -41.51 -42.51 13.24
N ALA H 121 -40.61 -41.53 13.27
CA ALA H 121 -40.94 -40.22 13.85
C ALA H 121 -41.61 -39.31 12.82
N GLN H 122 -42.57 -38.51 13.29
CA GLN H 122 -43.18 -37.49 12.42
C GLN H 122 -42.11 -36.56 11.84
N PHE H 123 -42.17 -36.30 10.54
CA PHE H 123 -41.17 -35.46 9.89
C PHE H 123 -41.84 -34.31 9.12
N LEU H 124 -41.85 -33.13 9.72
CA LEU H 124 -42.34 -31.93 9.08
C LEU H 124 -41.16 -31.02 8.73
N TYR H 125 -41.02 -30.67 7.45
CA TYR H 125 -39.89 -29.87 7.01
C TYR H 125 -40.27 -28.62 6.24
N ALA H 126 -39.30 -27.73 6.09
CA ALA H 126 -39.49 -26.48 5.36
C ALA H 126 -39.12 -26.64 3.90
N SER H 127 -40.04 -26.29 3.02
CA SER H 127 -39.73 -26.14 1.61
C SER H 127 -39.81 -24.65 1.27
N SER H 128 -39.89 -24.32 -0.02
CA SER H 128 -39.98 -22.91 -0.43
C SER H 128 -40.71 -22.69 -1.75
N ALA H 129 -41.47 -21.61 -1.84
CA ALA H 129 -42.10 -21.20 -3.09
C ALA H 129 -41.04 -20.79 -4.13
N ALA H 130 -39.80 -20.61 -3.68
CA ALA H 130 -38.68 -20.34 -4.58
C ALA H 130 -38.50 -21.47 -5.58
N ILE H 131 -38.92 -22.66 -5.18
CA ILE H 131 -39.03 -23.81 -6.05
C ILE H 131 -39.76 -23.53 -7.38
N TYR H 132 -40.79 -22.67 -7.34
CA TYR H 132 -41.61 -22.42 -8.54
C TYR H 132 -40.91 -21.51 -9.54
N GLY H 133 -39.96 -20.72 -9.07
CA GLY H 133 -39.26 -19.77 -9.91
C GLY H 133 -40.24 -18.85 -10.59
N GLY H 134 -40.05 -18.66 -11.89
CA GLY H 134 -40.88 -17.75 -12.65
C GLY H 134 -42.04 -18.45 -13.31
N SER H 135 -42.52 -19.52 -12.68
CA SER H 135 -43.71 -20.21 -13.14
C SER H 135 -44.92 -19.29 -12.93
N SER H 136 -45.96 -19.49 -13.71
CA SER H 136 -47.19 -18.69 -13.60
C SER H 136 -48.26 -19.41 -12.77
N ARG H 137 -48.19 -20.73 -12.70
CA ARG H 137 -49.06 -21.50 -11.80
C ARG H 137 -48.26 -21.91 -10.57
N PHE H 138 -48.93 -21.98 -9.42
CA PHE H 138 -48.23 -22.34 -8.19
C PHE H 138 -48.89 -23.52 -7.51
N VAL H 139 -49.10 -24.58 -8.28
CA VAL H 139 -49.63 -25.82 -7.72
C VAL H 139 -48.52 -26.83 -7.49
N GLU H 140 -48.70 -27.67 -6.47
CA GLU H 140 -47.73 -28.66 -6.11
C GLU H 140 -47.65 -29.77 -7.18
N GLU H 141 -47.13 -29.41 -8.36
CA GLU H 141 -46.94 -30.36 -9.43
C GLU H 141 -45.60 -30.10 -10.13
N ARG H 142 -44.86 -31.17 -10.37
CA ARG H 142 -43.52 -31.11 -10.94
C ARG H 142 -43.42 -30.25 -12.21
N GLU H 143 -44.49 -30.25 -12.99
CA GLU H 143 -44.51 -29.57 -14.28
C GLU H 143 -44.25 -28.05 -14.17
N VAL H 144 -44.68 -27.45 -13.07
CA VAL H 144 -44.54 -26.01 -12.86
C VAL H 144 -43.39 -25.67 -11.91
N GLU H 145 -42.43 -26.59 -11.78
CA GLU H 145 -41.32 -26.38 -10.87
C GLU H 145 -40.00 -26.13 -11.61
N ALA H 146 -39.44 -24.94 -11.40
CA ALA H 146 -38.24 -24.53 -12.11
C ALA H 146 -37.52 -23.39 -11.38
N PRO H 147 -36.75 -23.74 -10.34
CA PRO H 147 -36.10 -22.70 -9.52
C PRO H 147 -35.01 -21.90 -10.25
N LEU H 148 -34.83 -20.66 -9.82
CA LEU H 148 -33.96 -19.71 -10.51
C LEU H 148 -32.57 -19.65 -9.92
N ASN H 149 -32.43 -20.12 -8.68
CA ASN H 149 -31.12 -20.20 -8.05
C ASN H 149 -30.89 -21.52 -7.32
N VAL H 150 -29.63 -21.74 -6.97
CA VAL H 150 -29.17 -22.98 -6.37
C VAL H 150 -29.84 -23.21 -5.01
N TYR H 151 -30.18 -22.15 -4.30
CA TYR H 151 -31.00 -22.27 -3.10
C TYR H 151 -32.35 -22.92 -3.43
N GLY H 152 -33.00 -22.39 -4.46
CA GLY H 152 -34.28 -22.91 -4.88
C GLY H 152 -34.09 -24.35 -5.29
N TYR H 153 -32.98 -24.60 -5.98
CA TYR H 153 -32.74 -25.94 -6.47
C TYR H 153 -32.59 -26.95 -5.34
N SER H 154 -31.88 -26.58 -4.28
CA SER H 154 -31.68 -27.50 -3.16
C SER H 154 -33.01 -27.91 -2.51
N LYS H 155 -33.93 -26.96 -2.38
CA LYS H 155 -35.23 -27.23 -1.83
C LYS H 155 -36.06 -28.10 -2.78
N PHE H 156 -35.94 -27.79 -4.08
CA PHE H 156 -36.68 -28.43 -5.15
C PHE H 156 -36.38 -29.91 -5.19
N LEU H 157 -35.10 -30.22 -5.24
CA LEU H 157 -34.63 -31.60 -5.36
C LEU H 157 -35.06 -32.41 -4.14
N PHE H 158 -35.07 -31.79 -2.98
CA PHE H 158 -35.52 -32.53 -1.82
C PHE H 158 -36.99 -32.93 -1.99
N ASP H 159 -37.81 -31.98 -2.43
CA ASP H 159 -39.20 -32.25 -2.71
C ASP H 159 -39.37 -33.43 -3.68
N GLN H 160 -38.50 -33.53 -4.69
CA GLN H 160 -38.57 -34.66 -5.62
C GLN H 160 -38.32 -35.98 -4.90
N VAL H 161 -37.34 -35.97 -4.01
CA VAL H 161 -37.01 -37.15 -3.23
C VAL H 161 -38.23 -37.55 -2.39
N ILE H 162 -38.79 -36.58 -1.66
CA ILE H 162 -39.99 -36.81 -0.84
C ILE H 162 -41.12 -37.49 -1.62
N ARG H 163 -41.37 -37.01 -2.83
CA ARG H 163 -42.37 -37.61 -3.71
C ARG H 163 -42.14 -39.10 -4.00
N ARG H 164 -40.88 -39.47 -4.25
CA ARG H 164 -40.55 -40.89 -4.43
C ARG H 164 -40.73 -41.72 -3.14
N VAL H 165 -40.62 -41.08 -1.99
CA VAL H 165 -40.53 -41.81 -0.72
C VAL H 165 -41.90 -42.00 -0.10
N MET H 166 -42.72 -40.96 -0.22
CA MET H 166 -43.99 -40.84 0.48
C MET H 166 -44.93 -42.05 0.41
N PRO H 167 -45.11 -42.65 -0.79
CA PRO H 167 -45.94 -43.86 -0.88
C PRO H 167 -45.55 -44.99 0.09
N GLY H 168 -44.26 -45.36 0.11
CA GLY H 168 -43.80 -46.41 0.99
C GLY H 168 -43.67 -45.99 2.46
N ALA H 169 -43.94 -44.73 2.74
CA ALA H 169 -43.73 -44.21 4.10
C ALA H 169 -44.79 -44.69 5.09
N LYS H 170 -44.34 -45.05 6.29
CA LYS H 170 -45.23 -45.55 7.32
C LYS H 170 -45.39 -44.50 8.42
N SER H 171 -44.77 -43.36 8.21
CA SER H 171 -44.86 -42.27 9.17
C SER H 171 -45.09 -40.97 8.42
N GLN H 172 -45.54 -39.95 9.13
CA GLN H 172 -45.85 -38.67 8.50
C GLN H 172 -44.66 -37.98 7.84
N ILE H 173 -44.85 -37.63 6.57
CA ILE H 173 -43.97 -36.72 5.88
C ILE H 173 -44.81 -35.51 5.44
N ALA H 174 -44.46 -34.33 5.97
CA ALA H 174 -45.19 -33.10 5.66
C ALA H 174 -44.26 -31.93 5.33
N GLY H 175 -44.22 -31.55 4.06
CA GLY H 175 -43.46 -30.41 3.60
C GLY H 175 -44.29 -29.14 3.35
N PHE H 176 -43.75 -28.00 3.75
CA PHE H 176 -44.44 -26.73 3.63
C PHE H 176 -43.63 -25.76 2.79
N ARG H 177 -44.11 -25.49 1.59
CA ARG H 177 -43.50 -24.50 0.71
C ARG H 177 -43.92 -23.11 1.14
N TYR H 178 -43.24 -22.57 2.14
CA TYR H 178 -43.50 -21.22 2.62
C TYR H 178 -43.32 -20.21 1.52
N PHE H 179 -44.11 -19.14 1.60
CA PHE H 179 -44.02 -18.07 0.62
C PHE H 179 -43.17 -16.92 1.20
N ASN H 180 -43.70 -15.70 1.32
CA ASN H 180 -42.94 -14.65 1.97
C ASN H 180 -43.33 -14.53 3.43
N VAL H 181 -42.62 -15.28 4.29
CA VAL H 181 -42.94 -15.26 5.72
C VAL H 181 -42.43 -13.97 6.32
N TYR H 182 -43.18 -13.41 7.28
CA TYR H 182 -42.82 -12.18 7.96
C TYR H 182 -43.34 -12.26 9.41
N GLY H 183 -42.73 -11.52 10.31
CA GLY H 183 -43.14 -11.53 11.69
C GLY H 183 -41.93 -11.42 12.60
N PRO H 184 -42.14 -11.56 13.91
CA PRO H 184 -41.08 -11.43 14.93
C PRO H 184 -40.10 -12.61 14.90
N ARG H 185 -38.91 -12.37 15.45
CA ARG H 185 -37.81 -13.34 15.55
C ARG H 185 -37.03 -13.48 14.25
N GLU H 186 -37.07 -12.44 13.40
CA GLU H 186 -36.29 -12.46 12.16
C GLU H 186 -35.28 -11.33 12.15
N SER H 187 -35.10 -10.68 13.30
CA SER H 187 -34.21 -9.53 13.43
C SER H 187 -32.72 -9.78 13.09
N HIS H 188 -32.36 -11.05 12.91
CA HIS H 188 -30.97 -11.44 12.75
C HIS H 188 -30.65 -11.76 11.30
N LYS H 189 -31.67 -11.78 10.45
CA LYS H 189 -31.49 -12.31 9.09
C LYS H 189 -30.83 -11.34 8.13
N GLY H 190 -30.63 -10.10 8.59
CA GLY H 190 -29.98 -9.07 7.80
C GLY H 190 -30.66 -8.83 6.46
N ARG H 191 -29.91 -9.08 5.40
CA ARG H 191 -30.42 -8.86 4.05
C ARG H 191 -31.50 -9.88 3.66
N MET H 192 -31.60 -10.99 4.37
CA MET H 192 -32.66 -11.95 4.09
C MET H 192 -33.89 -11.72 4.96
N ALA H 193 -33.85 -10.72 5.84
CA ALA H 193 -35.06 -10.38 6.58
C ALA H 193 -36.14 -9.91 5.64
N SER H 194 -37.40 -9.95 6.09
CA SER H 194 -38.51 -9.53 5.25
C SER H 194 -38.44 -8.03 4.92
N VAL H 195 -39.17 -7.65 3.88
CA VAL H 195 -39.26 -6.26 3.47
C VAL H 195 -39.93 -5.44 4.56
N ALA H 196 -40.85 -6.06 5.26
CA ALA H 196 -41.51 -5.39 6.38
C ALA H 196 -40.50 -4.95 7.42
N PHE H 197 -39.62 -5.85 7.81
CA PHE H 197 -38.60 -5.55 8.82
C PHE H 197 -37.58 -4.50 8.31
N HIS H 198 -37.09 -4.66 7.09
CA HIS H 198 -36.23 -3.65 6.47
C HIS H 198 -36.90 -2.27 6.44
N ASN H 199 -38.14 -2.20 5.97
CA ASN H 199 -38.88 -0.94 5.89
C ASN H 199 -39.00 -0.25 7.26
N PHE H 200 -39.32 -1.06 8.27
CA PHE H 200 -39.38 -0.56 9.64
C PHE H 200 -38.07 0.11 10.07
N ASN H 201 -36.95 -0.51 9.73
CA ASN H 201 -35.68 0.03 10.21
C ASN H 201 -35.24 1.23 9.41
N GLN H 202 -35.50 1.19 8.11
CA GLN H 202 -35.20 2.32 7.25
C GLN H 202 -35.95 3.54 7.77
N PHE H 203 -37.22 3.35 8.12
CA PHE H 203 -38.04 4.45 8.58
C PHE H 203 -37.61 5.00 9.94
N ARG H 204 -37.12 4.13 10.83
CA ARG H 204 -36.60 4.59 12.13
C ARG H 204 -35.35 5.43 11.93
N ALA H 205 -34.52 5.04 10.96
CA ALA H 205 -33.20 5.65 10.76
C ALA H 205 -33.26 6.90 9.88
N GLU H 206 -34.00 6.80 8.77
CA GLU H 206 -34.03 7.85 7.75
C GLU H 206 -35.40 8.49 7.58
N GLY H 207 -36.43 7.95 8.22
CA GLY H 207 -37.78 8.47 8.05
C GLY H 207 -38.29 8.27 6.63
N LYS H 208 -37.87 7.16 6.02
CA LYS H 208 -38.31 6.79 4.68
C LYS H 208 -37.97 5.32 4.40
N VAL H 209 -38.81 4.64 3.64
CA VAL H 209 -38.58 3.26 3.27
C VAL H 209 -38.09 3.13 1.82
N LYS H 210 -37.54 1.97 1.49
CA LYS H 210 -36.97 1.72 0.16
C LYS H 210 -37.54 0.44 -0.43
N LEU H 211 -37.79 0.46 -1.74
CA LEU H 211 -38.20 -0.72 -2.48
C LEU H 211 -37.42 -0.74 -3.78
N PHE H 212 -37.37 -1.90 -4.43
CA PHE H 212 -36.72 -2.01 -5.74
C PHE H 212 -37.54 -1.27 -6.79
N GLY H 213 -36.85 -0.78 -7.81
CA GLY H 213 -37.49 -0.07 -8.89
C GLY H 213 -38.08 -1.00 -9.92
N GLU H 214 -38.23 -0.47 -11.14
CA GLU H 214 -38.79 -1.24 -12.24
C GLU H 214 -37.86 -2.39 -12.62
N TYR H 215 -38.45 -3.54 -12.90
CA TYR H 215 -37.71 -4.71 -13.39
C TYR H 215 -38.66 -5.68 -14.05
N SER H 216 -38.33 -6.04 -15.29
CA SER H 216 -39.02 -7.09 -16.05
C SER H 216 -40.53 -6.85 -16.20
N GLY H 217 -40.92 -5.63 -16.55
CA GLY H 217 -42.32 -5.33 -16.81
C GLY H 217 -43.18 -5.00 -15.59
N TYR H 218 -42.56 -4.97 -14.43
CA TYR H 218 -43.25 -4.57 -13.21
C TYR H 218 -42.70 -3.20 -12.85
N GLY H 219 -43.58 -2.28 -12.51
CA GLY H 219 -43.16 -0.93 -12.16
C GLY H 219 -42.49 -0.86 -10.80
N PRO H 220 -41.96 0.34 -10.45
CA PRO H 220 -41.37 0.54 -9.12
C PRO H 220 -42.32 0.09 -8.02
N GLY H 221 -41.92 -0.95 -7.29
CA GLY H 221 -42.63 -1.42 -6.11
C GLY H 221 -43.73 -2.43 -6.38
N GLU H 222 -43.86 -2.84 -7.65
CA GLU H 222 -45.03 -3.58 -8.09
C GLU H 222 -44.86 -5.09 -8.32
N GLN H 223 -43.63 -5.59 -8.12
CA GLN H 223 -43.42 -7.03 -8.03
C GLN H 223 -44.27 -7.51 -6.86
N THR H 224 -44.93 -8.66 -7.03
CA THR H 224 -45.86 -9.11 -5.99
C THR H 224 -45.49 -10.49 -5.45
N ARG H 225 -45.87 -10.71 -4.20
CA ARG H 225 -45.58 -11.92 -3.46
C ARG H 225 -46.77 -12.17 -2.57
N ASP H 226 -46.96 -13.42 -2.22
CA ASP H 226 -47.94 -13.82 -1.22
C ASP H 226 -47.27 -13.69 0.16
N PHE H 227 -47.59 -12.62 0.88
CA PHE H 227 -47.02 -12.42 2.23
C PHE H 227 -47.80 -13.18 3.30
N VAL H 228 -47.11 -14.04 4.05
CA VAL H 228 -47.71 -14.84 5.13
C VAL H 228 -47.11 -14.52 6.47
N SER H 229 -47.93 -14.26 7.48
CA SER H 229 -47.45 -14.10 8.84
C SER H 229 -46.82 -15.40 9.34
N VAL H 230 -45.83 -15.32 10.25
CA VAL H 230 -45.25 -16.53 10.82
C VAL H 230 -46.30 -17.25 11.61
N GLU H 231 -47.19 -16.45 12.21
CA GLU H 231 -48.26 -16.96 13.03
C GLU H 231 -49.06 -18.06 12.30
N ASP H 232 -49.39 -17.82 11.04
CA ASP H 232 -50.13 -18.83 10.29
C ASP H 232 -49.25 -20.04 10.01
N VAL H 233 -47.95 -19.79 9.81
CA VAL H 233 -46.97 -20.85 9.57
C VAL H 233 -46.92 -21.79 10.77
N ALA H 234 -46.83 -21.20 11.96
CA ALA H 234 -46.91 -21.95 13.19
C ALA H 234 -48.22 -22.75 13.28
N LYS H 235 -49.35 -22.09 12.99
CA LYS H 235 -50.66 -22.77 13.04
C LYS H 235 -50.72 -23.98 12.11
N VAL H 236 -50.32 -23.80 10.85
CA VAL H 236 -50.33 -24.91 9.90
C VAL H 236 -49.41 -26.05 10.33
N ASN H 237 -48.24 -25.71 10.87
CA ASN H 237 -47.31 -26.71 11.37
C ASN H 237 -47.97 -27.50 12.50
N LEU H 238 -48.53 -26.78 13.47
CA LEU H 238 -49.22 -27.40 14.60
C LEU H 238 -50.38 -28.31 14.20
N TYR H 239 -51.08 -27.94 13.12
CA TYR H 239 -52.18 -28.75 12.62
C TYR H 239 -51.67 -30.10 12.15
N PHE H 240 -50.66 -30.11 11.30
CA PHE H 240 -50.13 -31.39 10.82
C PHE H 240 -49.42 -32.20 11.90
N PHE H 241 -48.90 -31.53 12.91
CA PHE H 241 -48.32 -32.22 14.05
C PHE H 241 -49.44 -33.01 14.76
N ASP H 242 -50.60 -32.37 14.85
CA ASP H 242 -51.78 -32.96 15.47
C ASP H 242 -52.42 -34.08 14.63
N HIS H 243 -52.12 -34.11 13.34
CA HIS H 243 -52.69 -35.10 12.43
C HIS H 243 -51.65 -35.90 11.65
N PRO H 244 -50.98 -36.87 12.33
CA PRO H 244 -49.93 -37.71 11.73
C PRO H 244 -50.40 -38.55 10.55
N GLU H 245 -51.71 -38.65 10.38
CA GLU H 245 -52.29 -39.40 9.28
C GLU H 245 -52.19 -38.60 7.98
N LYS H 246 -51.87 -37.32 8.10
CA LYS H 246 -51.84 -36.47 6.91
C LYS H 246 -50.41 -36.20 6.43
N SER H 247 -50.12 -36.64 5.21
CA SER H 247 -48.80 -36.46 4.61
C SER H 247 -48.95 -35.74 3.28
N GLY H 248 -47.86 -35.21 2.76
CA GLY H 248 -47.92 -34.51 1.49
C GLY H 248 -47.10 -33.24 1.50
N ILE H 249 -46.84 -32.73 0.31
CA ILE H 249 -46.20 -31.43 0.10
C ILE H 249 -47.28 -30.38 -0.13
N PHE H 250 -47.39 -29.41 0.77
CA PHE H 250 -48.41 -28.36 0.63
C PHE H 250 -47.82 -26.96 0.50
N ASN H 251 -48.43 -26.11 -0.34
CA ASN H 251 -48.11 -24.68 -0.35
C ASN H 251 -48.50 -24.12 1.00
N LEU H 252 -47.83 -23.07 1.44
CA LEU H 252 -48.26 -22.40 2.66
C LEU H 252 -48.20 -20.88 2.50
N GLY H 253 -49.21 -20.33 1.82
CA GLY H 253 -49.36 -18.90 1.66
C GLY H 253 -50.76 -18.46 2.04
N THR H 254 -51.16 -17.26 1.64
CA THR H 254 -52.51 -16.79 1.90
C THR H 254 -53.41 -16.93 0.68
N GLY H 255 -52.82 -17.23 -0.47
CA GLY H 255 -53.56 -17.30 -1.71
C GLY H 255 -53.77 -15.94 -2.35
N ARG H 256 -53.41 -14.88 -1.61
CA ARG H 256 -53.65 -13.51 -2.03
C ARG H 256 -52.33 -12.75 -2.24
N ALA H 257 -51.98 -12.54 -3.51
CA ALA H 257 -50.73 -11.85 -3.84
C ALA H 257 -50.89 -10.33 -3.77
N GLN H 258 -49.94 -9.69 -3.10
CA GLN H 258 -49.92 -8.24 -3.00
C GLN H 258 -48.56 -7.70 -3.42
N PRO H 259 -48.50 -6.45 -3.91
CA PRO H 259 -47.21 -5.87 -4.33
C PRO H 259 -46.41 -5.31 -3.14
N PHE H 260 -45.11 -5.17 -3.34
CA PHE H 260 -44.23 -4.70 -2.27
C PHE H 260 -44.68 -3.34 -1.76
N ASN H 261 -45.15 -2.50 -2.68
CA ASN H 261 -45.77 -1.22 -2.33
C ASN H 261 -46.73 -1.30 -1.13
N ASP H 262 -47.52 -2.37 -1.04
CA ASP H 262 -48.47 -2.49 0.07
C ASP H 262 -47.78 -2.63 1.42
N ILE H 263 -46.72 -3.44 1.46
CA ILE H 263 -45.91 -3.62 2.66
C ILE H 263 -45.40 -2.26 3.17
N ALA H 264 -44.75 -1.54 2.27
CA ALA H 264 -44.11 -0.28 2.61
C ALA H 264 -45.09 0.78 3.07
N ALA H 265 -46.14 0.99 2.27
CA ALA H 265 -47.18 1.94 2.63
C ALA H 265 -47.78 1.57 3.98
N THR H 266 -48.04 0.27 4.17
CA THR H 266 -48.61 -0.18 5.43
C THR H 266 -47.66 0.09 6.59
N VAL H 267 -46.35 -0.15 6.38
CA VAL H 267 -45.37 0.11 7.42
C VAL H 267 -45.31 1.61 7.75
N VAL H 268 -45.24 2.44 6.71
CA VAL H 268 -45.17 3.90 6.86
C VAL H 268 -46.41 4.51 7.56
N ASN H 269 -47.59 4.05 7.18
CA ASN H 269 -48.83 4.54 7.79
C ASN H 269 -48.92 4.19 9.28
N THR H 270 -48.63 2.93 9.60
CA THR H 270 -48.67 2.48 10.98
C THR H 270 -47.70 3.26 11.87
N LEU H 271 -46.48 3.46 11.37
CA LEU H 271 -45.46 4.19 12.12
C LEU H 271 -45.87 5.65 12.29
N ARG H 272 -46.53 6.19 11.27
CA ARG H 272 -47.08 7.54 11.37
C ARG H 272 -48.18 7.59 12.42
N ALA H 273 -49.06 6.60 12.37
CA ALA H 273 -50.18 6.51 13.28
C ALA H 273 -49.68 6.40 14.70
N LEU H 274 -48.53 5.76 14.87
CA LEU H 274 -47.95 5.62 16.20
C LEU H 274 -47.45 6.97 16.71
N GLU H 275 -47.23 7.90 15.78
CA GLU H 275 -46.72 9.21 16.17
C GLU H 275 -47.72 10.34 15.86
N GLY H 276 -48.98 9.97 15.72
CA GLY H 276 -50.06 10.93 15.59
C GLY H 276 -50.51 11.26 14.19
N GLN H 277 -49.56 11.20 13.24
CA GLN H 277 -49.82 11.56 11.85
C GLN H 277 -50.92 10.71 11.16
N PRO H 278 -51.77 11.37 10.36
CA PRO H 278 -52.85 10.72 9.59
C PRO H 278 -52.32 9.88 8.42
N ALA H 279 -53.09 8.90 7.96
CA ALA H 279 -52.63 8.02 6.89
C ALA H 279 -52.48 8.75 5.55
N LEU H 280 -51.68 8.15 4.66
CA LEU H 280 -51.44 8.65 3.31
C LEU H 280 -51.53 7.51 2.32
N THR H 281 -52.01 7.79 1.11
CA THR H 281 -52.01 6.81 0.03
C THR H 281 -50.57 6.61 -0.44
N LEU H 282 -50.35 5.58 -1.24
CA LEU H 282 -49.02 5.34 -1.79
C LEU H 282 -48.51 6.54 -2.62
N ALA H 283 -49.38 7.14 -3.41
CA ALA H 283 -48.96 8.27 -4.26
C ALA H 283 -48.55 9.47 -3.41
N GLU H 284 -49.29 9.73 -2.34
CA GLU H 284 -48.95 10.78 -1.40
C GLU H 284 -47.61 10.50 -0.72
N GLN H 285 -47.36 9.23 -0.40
CA GLN H 285 -46.12 8.83 0.25
C GLN H 285 -44.95 8.97 -0.72
N VAL H 286 -45.12 8.49 -1.94
CA VAL H 286 -44.09 8.65 -2.96
C VAL H 286 -43.75 10.13 -3.19
N GLU H 287 -44.77 10.99 -3.28
CA GLU H 287 -44.52 12.39 -3.58
C GLU H 287 -43.84 13.15 -2.43
N GLN H 288 -44.16 12.77 -1.20
CA GLN H 288 -43.53 13.40 -0.06
C GLN H 288 -42.18 12.77 0.28
N GLY H 289 -41.81 11.72 -0.46
CA GLY H 289 -40.50 11.10 -0.29
C GLY H 289 -40.40 10.08 0.84
N LEU H 290 -41.54 9.64 1.37
CA LEU H 290 -41.58 8.56 2.38
C LEU H 290 -41.26 7.20 1.74
N VAL H 291 -41.53 7.09 0.44
CA VAL H 291 -41.22 5.88 -0.32
C VAL H 291 -40.35 6.24 -1.51
N GLU H 292 -39.13 5.72 -1.54
CA GLU H 292 -38.26 5.92 -2.68
C GLU H 292 -37.77 4.57 -3.24
N TYR H 293 -37.34 4.57 -4.49
CA TYR H 293 -37.00 3.34 -5.19
C TYR H 293 -35.53 3.23 -5.54
N VAL H 294 -35.03 2.01 -5.43
CA VAL H 294 -33.63 1.73 -5.65
C VAL H 294 -33.53 0.96 -6.97
N PRO H 295 -32.57 1.33 -7.82
CA PRO H 295 -32.49 0.60 -9.09
C PRO H 295 -32.25 -0.89 -8.85
N PHE H 296 -32.97 -1.74 -9.60
CA PHE H 296 -32.84 -3.19 -9.43
C PHE H 296 -31.43 -3.66 -9.76
N PRO H 297 -30.78 -4.37 -8.81
CA PRO H 297 -29.37 -4.82 -8.91
C PRO H 297 -29.19 -5.91 -9.96
N ASP H 298 -28.12 -5.83 -10.74
CA ASP H 298 -27.88 -6.82 -11.79
C ASP H 298 -27.57 -8.21 -11.20
N ALA H 299 -27.01 -8.22 -9.99
CA ALA H 299 -26.75 -9.46 -9.27
C ALA H 299 -28.02 -10.31 -9.13
N LEU H 300 -29.17 -9.65 -9.02
CA LEU H 300 -30.43 -10.37 -8.85
C LEU H 300 -31.17 -10.66 -10.18
N ARG H 301 -30.70 -10.09 -11.29
CA ARG H 301 -31.35 -10.26 -12.58
C ARG H 301 -31.37 -11.73 -13.01
N GLY H 302 -32.56 -12.26 -13.26
CA GLY H 302 -32.71 -13.63 -13.68
C GLY H 302 -32.82 -14.61 -12.52
N LYS H 303 -32.67 -14.11 -11.30
CA LYS H 303 -32.66 -14.97 -10.13
C LYS H 303 -33.77 -14.61 -9.15
N TYR H 304 -34.79 -13.92 -9.65
CA TYR H 304 -35.74 -13.27 -8.77
C TYR H 304 -37.16 -13.48 -9.27
N GLN H 305 -38.05 -13.86 -8.36
CA GLN H 305 -39.46 -14.04 -8.67
C GLN H 305 -40.18 -12.70 -8.59
N CYS H 306 -40.86 -12.35 -9.67
CA CYS H 306 -41.58 -11.07 -9.74
C CYS H 306 -42.99 -11.27 -9.28
N PHE H 307 -43.40 -12.53 -9.23
CA PHE H 307 -44.76 -12.87 -8.85
C PHE H 307 -44.84 -14.22 -8.18
N THR H 308 -45.47 -14.27 -7.01
CA THR H 308 -45.85 -15.53 -6.39
C THR H 308 -47.24 -15.40 -5.79
N GLN H 309 -47.98 -16.51 -5.82
CA GLN H 309 -49.27 -16.60 -5.16
C GLN H 309 -49.66 -18.05 -4.88
N ALA H 310 -49.69 -18.43 -3.61
CA ALA H 310 -50.04 -19.78 -3.22
C ALA H 310 -51.43 -20.23 -3.69
N ASP H 311 -51.45 -21.36 -4.41
CA ASP H 311 -52.69 -22.07 -4.68
C ASP H 311 -53.07 -22.93 -3.47
N GLN H 312 -54.06 -22.48 -2.71
CA GLN H 312 -54.42 -23.12 -1.45
C GLN H 312 -55.31 -24.36 -1.57
N THR H 313 -55.50 -24.87 -2.78
CA THR H 313 -56.40 -26.00 -3.01
C THR H 313 -56.04 -27.22 -2.18
N LYS H 314 -54.79 -27.70 -2.34
CA LYS H 314 -54.33 -28.90 -1.66
C LYS H 314 -54.31 -28.75 -0.13
N LEU H 315 -54.00 -27.55 0.35
CA LEU H 315 -53.93 -27.29 1.79
C LEU H 315 -55.32 -27.34 2.43
N ARG H 316 -56.27 -26.61 1.86
CA ARG H 316 -57.66 -26.67 2.31
C ARG H 316 -58.21 -28.11 2.24
N ALA H 317 -57.96 -28.81 1.13
CA ALA H 317 -58.37 -30.20 1.00
C ALA H 317 -57.87 -31.09 2.14
N ALA H 318 -56.68 -30.81 2.67
CA ALA H 318 -56.18 -31.61 3.80
C ALA H 318 -56.83 -31.17 5.10
N GLY H 319 -57.67 -30.14 5.04
CA GLY H 319 -58.46 -29.77 6.19
C GLY H 319 -57.99 -28.59 7.00
N TYR H 320 -56.94 -27.91 6.56
CA TYR H 320 -56.64 -26.66 7.22
C TYR H 320 -57.59 -25.64 6.61
N ASP H 321 -58.59 -25.23 7.37
CA ASP H 321 -59.65 -24.41 6.83
C ASP H 321 -59.68 -22.99 7.43
N ALA H 322 -58.78 -22.73 8.39
CA ALA H 322 -58.71 -21.44 9.07
C ALA H 322 -58.35 -20.30 8.11
N PRO H 323 -58.80 -19.09 8.44
CA PRO H 323 -58.41 -17.93 7.63
C PRO H 323 -56.97 -17.50 7.95
N PHE H 324 -56.36 -16.77 7.04
CA PHE H 324 -55.00 -16.28 7.19
C PHE H 324 -55.00 -14.79 7.39
N LEU H 325 -54.10 -14.29 8.22
CA LEU H 325 -53.92 -12.85 8.37
C LEU H 325 -53.54 -12.19 7.03
N THR H 326 -54.11 -11.01 6.76
CA THR H 326 -53.78 -10.27 5.55
C THR H 326 -52.60 -9.37 5.82
N VAL H 327 -52.01 -8.87 4.75
CA VAL H 327 -50.97 -7.87 4.84
C VAL H 327 -51.41 -6.75 5.77
N GLN H 328 -52.61 -6.24 5.59
CA GLN H 328 -53.07 -5.13 6.41
C GLN H 328 -53.06 -5.44 7.91
N GLU H 329 -53.61 -6.58 8.31
CA GLU H 329 -53.65 -6.90 9.73
C GLU H 329 -52.29 -7.29 10.25
N GLY H 330 -51.61 -8.15 9.48
CA GLY H 330 -50.37 -8.76 9.91
C GLY H 330 -49.24 -7.77 10.06
N VAL H 331 -48.99 -7.02 9.00
CA VAL H 331 -47.87 -6.08 8.98
C VAL H 331 -48.12 -4.95 9.96
N ASP H 332 -49.39 -4.59 10.17
CA ASP H 332 -49.70 -3.59 11.19
C ASP H 332 -49.33 -4.11 12.58
N ARG H 333 -49.77 -5.32 12.91
CA ARG H 333 -49.40 -5.94 14.18
C ARG H 333 -47.90 -6.15 14.36
N TYR H 334 -47.21 -6.52 13.28
CA TYR H 334 -45.77 -6.70 13.31
C TYR H 334 -45.07 -5.38 13.61
N VAL H 335 -45.45 -4.32 12.90
CA VAL H 335 -44.86 -3.01 13.15
C VAL H 335 -45.10 -2.53 14.59
N ARG H 336 -46.33 -2.70 15.07
CA ARG H 336 -46.67 -2.31 16.44
C ARG H 336 -45.87 -3.11 17.47
N TRP H 337 -45.58 -4.36 17.15
CA TRP H 337 -44.72 -5.19 17.99
C TRP H 337 -43.27 -4.71 17.94
N LEU H 338 -42.74 -4.53 16.73
CA LEU H 338 -41.39 -4.00 16.55
C LEU H 338 -41.23 -2.64 17.23
N PHE H 339 -42.30 -1.84 17.23
CA PHE H 339 -42.24 -0.53 17.86
C PHE H 339 -41.94 -0.63 19.37
N GLY H 340 -42.37 -1.73 20.00
CA GLY H 340 -41.98 -2.07 21.35
C GLY H 340 -40.48 -2.36 21.49
N GLN H 341 -39.68 -1.30 21.42
CA GLN H 341 -38.25 -1.33 21.78
C GLN H 341 -37.88 -0.05 22.53
N LEU H 342 -38.73 0.97 22.39
CA LEU H 342 -38.58 2.26 23.07
C LEU H 342 -39.93 2.79 23.57
N MET I 13 -32.40 -51.09 -13.15
CA MET I 13 -33.05 -49.78 -13.30
C MET I 13 -32.17 -48.61 -12.81
N THR I 14 -31.46 -48.78 -11.69
CA THR I 14 -30.64 -47.68 -11.14
C THR I 14 -29.45 -47.30 -12.04
N LEU I 15 -29.41 -46.04 -12.48
CA LEU I 15 -28.34 -45.51 -13.35
C LEU I 15 -27.49 -44.41 -12.69
N ILE I 16 -26.20 -44.40 -12.98
CA ILE I 16 -25.33 -43.37 -12.42
C ILE I 16 -24.69 -42.52 -13.52
N VAL I 17 -24.70 -41.21 -13.31
CA VAL I 17 -24.01 -40.28 -14.21
C VAL I 17 -23.14 -39.34 -13.41
N THR I 18 -21.83 -39.45 -13.55
CA THR I 18 -20.91 -38.48 -12.96
C THR I 18 -20.76 -37.31 -13.93
N GLY I 19 -20.43 -36.13 -13.42
CA GLY I 19 -20.37 -34.95 -14.24
C GLY I 19 -21.78 -34.60 -14.69
N ALA I 20 -22.76 -35.04 -13.90
CA ALA I 20 -24.17 -34.92 -14.24
C ALA I 20 -24.65 -33.48 -14.41
N ALA I 21 -24.11 -32.56 -13.62
CA ALA I 21 -24.51 -31.15 -13.72
C ALA I 21 -23.69 -30.38 -14.75
N GLY I 22 -22.70 -31.04 -15.34
CA GLY I 22 -21.87 -30.41 -16.34
C GLY I 22 -22.51 -30.55 -17.70
N PHE I 23 -21.77 -30.16 -18.73
CA PHE I 23 -22.27 -30.09 -20.10
C PHE I 23 -22.77 -31.44 -20.67
N ILE I 24 -21.86 -32.38 -20.87
CA ILE I 24 -22.21 -33.64 -21.48
C ILE I 24 -23.10 -34.50 -20.58
N GLY I 25 -22.75 -34.56 -19.30
CA GLY I 25 -23.54 -35.32 -18.32
C GLY I 25 -25.01 -34.92 -18.25
N ALA I 26 -25.29 -33.62 -18.21
CA ALA I 26 -26.67 -33.18 -18.13
C ALA I 26 -27.41 -33.50 -19.42
N ASN I 27 -26.70 -33.51 -20.54
CA ASN I 27 -27.33 -33.95 -21.77
C ASN I 27 -27.64 -35.44 -21.73
N LEU I 28 -26.75 -36.24 -21.15
CA LEU I 28 -27.06 -37.65 -20.92
C LEU I 28 -28.28 -37.84 -20.02
N VAL I 29 -28.40 -37.04 -18.97
CA VAL I 29 -29.51 -37.22 -18.06
C VAL I 29 -30.84 -36.88 -18.74
N LYS I 30 -30.88 -35.76 -19.45
CA LYS I 30 -32.08 -35.38 -20.17
C LYS I 30 -32.48 -36.45 -21.21
N ALA I 31 -31.51 -36.92 -21.98
CA ALA I 31 -31.80 -37.92 -23.01
C ALA I 31 -32.30 -39.23 -22.38
N LEU I 32 -31.71 -39.62 -21.26
CA LEU I 32 -32.20 -40.79 -20.54
C LEU I 32 -33.59 -40.55 -19.96
N ASN I 33 -33.84 -39.33 -19.54
CA ASN I 33 -35.13 -38.94 -19.01
C ASN I 33 -36.19 -39.09 -20.10
N GLU I 34 -35.76 -38.89 -21.34
CA GLU I 34 -36.71 -38.79 -22.43
C GLU I 34 -37.13 -40.15 -22.99
N ARG I 35 -36.46 -41.21 -22.56
CA ARG I 35 -36.84 -42.58 -22.88
C ARG I 35 -37.28 -43.32 -21.62
N GLY I 36 -37.68 -42.58 -20.59
CA GLY I 36 -38.26 -43.17 -19.39
C GLY I 36 -37.32 -43.52 -18.25
N GLU I 37 -36.02 -43.32 -18.44
CA GLU I 37 -35.05 -43.63 -17.38
C GLU I 37 -34.87 -42.44 -16.43
N THR I 38 -35.34 -42.60 -15.20
CA THR I 38 -35.34 -41.55 -14.18
C THR I 38 -34.78 -42.05 -12.85
N ARG I 39 -34.29 -43.27 -12.83
CA ARG I 39 -33.65 -43.85 -11.67
C ARG I 39 -32.17 -43.50 -11.68
N ILE I 40 -31.85 -42.22 -11.56
CA ILE I 40 -30.49 -41.74 -11.79
C ILE I 40 -29.85 -41.11 -10.57
N ILE I 41 -28.69 -41.64 -10.18
CA ILE I 41 -27.85 -40.98 -9.20
C ILE I 41 -27.00 -39.95 -9.95
N ALA I 42 -27.11 -38.67 -9.57
CA ALA I 42 -26.31 -37.63 -10.20
C ALA I 42 -25.09 -37.30 -9.34
N VAL I 43 -23.91 -37.29 -9.96
CA VAL I 43 -22.69 -36.98 -9.22
C VAL I 43 -21.94 -35.86 -9.88
N ASP I 44 -21.71 -34.78 -9.13
CA ASP I 44 -20.94 -33.63 -9.63
C ASP I 44 -20.24 -32.88 -8.49
N ASN I 45 -19.93 -31.60 -8.76
CA ASN I 45 -19.33 -30.67 -7.80
C ASN I 45 -19.91 -29.29 -8.06
N LEU I 46 -20.83 -28.87 -7.22
CA LEU I 46 -21.64 -27.70 -7.50
C LEU I 46 -21.09 -26.42 -6.90
N THR I 47 -19.82 -26.44 -6.50
CA THR I 47 -19.17 -25.25 -5.93
C THR I 47 -19.40 -23.98 -6.75
N ARG I 48 -19.17 -24.06 -8.06
CA ARG I 48 -19.65 -23.02 -8.96
C ARG I 48 -21.12 -23.36 -9.24
N ALA I 49 -21.99 -22.70 -8.50
CA ALA I 49 -23.40 -23.10 -8.40
C ALA I 49 -24.18 -23.14 -9.71
N ASP I 50 -23.83 -22.29 -10.68
CA ASP I 50 -24.65 -22.13 -11.89
C ASP I 50 -24.95 -23.40 -12.72
N LYS I 51 -24.13 -24.44 -12.58
CA LYS I 51 -24.41 -25.70 -13.26
C LYS I 51 -25.76 -26.29 -12.86
N PHE I 52 -26.26 -25.95 -11.69
CA PHE I 52 -27.55 -26.47 -11.24
C PHE I 52 -28.64 -26.25 -12.29
N LYS I 53 -28.52 -25.19 -13.09
CA LYS I 53 -29.49 -24.90 -14.13
C LYS I 53 -29.61 -26.08 -15.11
N ASN I 54 -28.48 -26.77 -15.34
CA ASN I 54 -28.45 -27.85 -16.33
C ASN I 54 -29.36 -29.03 -16.01
N LEU I 55 -29.83 -29.12 -14.76
CA LEU I 55 -30.61 -30.27 -14.29
C LEU I 55 -32.04 -29.89 -13.95
N VAL I 56 -32.37 -28.61 -14.11
CA VAL I 56 -33.67 -28.12 -13.66
C VAL I 56 -34.84 -28.85 -14.34
N ASP I 57 -34.70 -29.09 -15.65
CA ASP I 57 -35.72 -29.76 -16.44
C ASP I 57 -35.49 -31.28 -16.47
N CYS I 58 -34.91 -31.80 -15.40
CA CYS I 58 -34.49 -33.20 -15.40
C CYS I 58 -35.11 -33.97 -14.25
N GLU I 59 -35.04 -35.29 -14.36
CA GLU I 59 -35.48 -36.18 -13.28
C GLU I 59 -34.32 -37.03 -12.77
N ILE I 60 -34.03 -36.88 -11.48
CA ILE I 60 -32.97 -37.66 -10.85
C ILE I 60 -33.44 -38.16 -9.48
N ASP I 61 -32.84 -39.25 -9.00
CA ASP I 61 -33.20 -39.85 -7.71
C ASP I 61 -32.34 -39.33 -6.57
N ASP I 62 -31.14 -38.86 -6.91
CA ASP I 62 -30.23 -38.38 -5.88
C ASP I 62 -29.15 -37.50 -6.46
N TYR I 63 -28.58 -36.66 -5.60
CA TYR I 63 -27.38 -35.89 -5.95
C TYR I 63 -26.30 -36.03 -4.89
N LEU I 64 -25.09 -36.38 -5.31
CA LEU I 64 -23.93 -36.46 -4.41
C LEU I 64 -22.79 -35.63 -4.97
N ASP I 65 -21.99 -35.07 -4.07
CA ASP I 65 -20.71 -34.46 -4.45
C ASP I 65 -19.68 -35.54 -4.84
N LYS I 66 -18.80 -35.21 -5.79
CA LYS I 66 -17.75 -36.13 -6.26
C LYS I 66 -16.83 -36.71 -5.15
N THR I 67 -16.66 -35.97 -4.05
CA THR I 67 -15.76 -36.43 -2.98
C THR I 67 -16.32 -37.54 -2.11
N GLU I 68 -17.63 -37.77 -2.14
CA GLU I 68 -18.26 -38.72 -1.21
C GLU I 68 -18.82 -39.92 -1.99
N PHE I 69 -18.72 -39.84 -3.31
CA PHE I 69 -19.38 -40.81 -4.16
C PHE I 69 -18.77 -42.19 -4.17
N VAL I 70 -17.48 -42.26 -4.53
CA VAL I 70 -16.77 -43.53 -4.72
C VAL I 70 -16.82 -44.48 -3.52
N GLU I 71 -16.62 -43.96 -2.33
CA GLU I 71 -16.70 -44.79 -1.14
C GLU I 71 -18.07 -45.47 -1.05
N ARG I 72 -19.12 -44.65 -1.15
CA ARG I 72 -20.48 -45.16 -1.08
C ARG I 72 -20.83 -46.12 -2.21
N PHE I 73 -20.33 -45.85 -3.41
CA PHE I 73 -20.58 -46.71 -4.56
C PHE I 73 -19.97 -48.12 -4.37
N ALA I 74 -18.68 -48.13 -4.01
CA ALA I 74 -17.95 -49.38 -3.78
C ALA I 74 -18.53 -50.18 -2.61
N ARG I 75 -19.14 -49.49 -1.67
CA ARG I 75 -19.70 -50.14 -0.49
C ARG I 75 -21.07 -50.75 -0.77
N GLY I 76 -21.76 -50.23 -1.79
CA GLY I 76 -23.03 -50.78 -2.23
C GLY I 76 -24.23 -49.97 -1.75
N ASP I 77 -24.02 -48.69 -1.46
CA ASP I 77 -25.09 -47.86 -0.92
C ASP I 77 -26.26 -47.63 -1.91
N PHE I 78 -26.02 -47.91 -3.19
CA PHE I 78 -27.00 -47.58 -4.23
C PHE I 78 -27.73 -48.81 -4.75
N GLY I 79 -27.43 -49.95 -4.13
CA GLY I 79 -27.99 -51.22 -4.56
C GLY I 79 -27.59 -51.58 -5.98
N LYS I 80 -28.30 -52.52 -6.59
CA LYS I 80 -28.00 -52.96 -7.93
C LYS I 80 -27.96 -51.74 -8.86
N VAL I 81 -26.89 -51.63 -9.65
CA VAL I 81 -26.72 -50.51 -10.57
C VAL I 81 -26.41 -51.07 -11.92
N ARG I 82 -27.23 -50.73 -12.92
CA ARG I 82 -27.01 -51.27 -14.25
C ARG I 82 -25.77 -50.67 -14.91
N ALA I 83 -25.72 -49.35 -14.94
CA ALA I 83 -24.66 -48.66 -15.69
C ALA I 83 -24.21 -47.38 -15.02
N VAL I 84 -22.98 -46.99 -15.34
CA VAL I 84 -22.40 -45.75 -14.88
C VAL I 84 -21.86 -45.02 -16.11
N PHE I 85 -22.41 -43.84 -16.35
CA PHE I 85 -21.89 -42.91 -17.37
C PHE I 85 -20.88 -41.97 -16.68
N HIS I 86 -19.60 -42.27 -16.82
CA HIS I 86 -18.58 -41.50 -16.11
C HIS I 86 -18.13 -40.32 -16.95
N GLU I 87 -18.79 -39.16 -16.75
CA GLU I 87 -18.46 -37.94 -17.48
C GLU I 87 -17.67 -36.94 -16.62
N GLY I 88 -17.74 -37.12 -15.30
CA GLY I 88 -17.05 -36.27 -14.34
C GLY I 88 -15.53 -36.25 -14.44
N ALA I 89 -14.98 -35.11 -14.82
CA ALA I 89 -13.55 -34.92 -14.81
C ALA I 89 -13.30 -33.43 -14.72
N CYS I 90 -12.06 -33.04 -14.39
CA CYS I 90 -11.67 -31.66 -14.58
C CYS I 90 -11.37 -31.50 -16.06
N SER I 91 -12.08 -30.56 -16.68
CA SER I 91 -12.00 -30.34 -18.12
C SER I 91 -11.25 -29.04 -18.45
N ASP I 92 -10.47 -28.54 -17.50
CA ASP I 92 -9.71 -27.32 -17.72
C ASP I 92 -8.34 -27.67 -18.29
N THR I 93 -8.23 -27.59 -19.61
CA THR I 93 -6.98 -27.90 -20.31
C THR I 93 -5.84 -26.99 -19.86
N MET I 94 -6.16 -25.93 -19.14
CA MET I 94 -5.18 -24.96 -18.70
C MET I 94 -4.83 -25.08 -17.21
N GLU I 95 -5.49 -26.02 -16.53
CA GLU I 95 -5.15 -26.33 -15.15
C GLU I 95 -3.69 -26.79 -15.05
N THR I 96 -2.95 -26.25 -14.08
CA THR I 96 -1.51 -26.50 -13.96
C THR I 96 -1.11 -27.43 -12.82
N ASP I 97 -2.02 -27.71 -11.90
CA ASP I 97 -1.73 -28.63 -10.82
C ASP I 97 -1.98 -30.04 -11.34
N GLY I 98 -0.90 -30.73 -11.66
CA GLY I 98 -0.98 -32.03 -12.28
C GLY I 98 -1.21 -33.14 -11.27
N ARG I 99 -0.94 -32.87 -10.01
CA ARG I 99 -1.26 -33.82 -8.97
C ARG I 99 -2.80 -33.91 -8.87
N TYR I 100 -3.46 -32.76 -8.77
CA TYR I 100 -4.92 -32.70 -8.77
C TYR I 100 -5.52 -33.32 -10.02
N MET I 101 -4.94 -33.00 -11.19
CA MET I 101 -5.44 -33.53 -12.44
C MET I 101 -5.38 -35.05 -12.50
N MET I 102 -4.26 -35.63 -12.08
CA MET I 102 -4.13 -37.08 -12.08
C MET I 102 -5.02 -37.74 -11.01
N ASP I 103 -5.30 -37.03 -9.92
CA ASP I 103 -6.15 -37.59 -8.87
C ASP I 103 -7.63 -37.53 -9.21
N ASN I 104 -8.05 -36.36 -9.68
CA ASN I 104 -9.45 -36.10 -9.96
C ASN I 104 -9.87 -36.75 -11.28
N ASN I 105 -8.92 -36.94 -12.19
CA ASN I 105 -9.24 -37.57 -13.46
C ASN I 105 -8.88 -39.07 -13.46
N PHE I 106 -7.59 -39.37 -13.55
CA PHE I 106 -7.11 -40.74 -13.70
C PHE I 106 -7.41 -41.72 -12.54
N ARG I 107 -7.03 -41.37 -11.31
CA ARG I 107 -7.29 -42.26 -10.18
C ARG I 107 -8.78 -42.41 -9.91
N TYR I 108 -9.54 -41.33 -10.14
CA TYR I 108 -10.95 -41.35 -9.84
C TYR I 108 -11.63 -42.30 -10.82
N SER I 109 -11.17 -42.25 -12.06
CA SER I 109 -11.68 -43.11 -13.09
C SER I 109 -11.39 -44.57 -12.74
N ARG I 110 -10.17 -44.85 -12.29
CA ARG I 110 -9.83 -46.21 -11.87
C ARG I 110 -10.69 -46.71 -10.72
N ALA I 111 -11.02 -45.84 -9.77
CA ALA I 111 -11.80 -46.30 -8.62
C ALA I 111 -13.21 -46.60 -9.06
N VAL I 112 -13.73 -45.77 -9.94
CA VAL I 112 -15.06 -46.00 -10.48
C VAL I 112 -15.08 -47.27 -11.38
N LEU I 113 -14.09 -47.40 -12.27
CA LEU I 113 -13.92 -48.62 -13.05
C LEU I 113 -13.88 -49.91 -12.20
N ASP I 114 -13.08 -49.91 -11.14
CA ASP I 114 -12.94 -51.11 -10.31
C ASP I 114 -14.29 -51.51 -9.72
N ALA I 115 -14.95 -50.54 -9.08
CA ALA I 115 -16.27 -50.79 -8.53
C ALA I 115 -17.27 -51.31 -9.59
N CYS I 116 -17.18 -50.83 -10.82
CA CYS I 116 -18.05 -51.30 -11.90
C CYS I 116 -17.81 -52.76 -12.24
N LEU I 117 -16.53 -53.11 -12.38
CA LEU I 117 -16.12 -54.46 -12.73
C LEU I 117 -16.60 -55.47 -11.69
N ALA I 118 -16.48 -55.09 -10.42
CA ALA I 118 -16.81 -55.98 -9.31
C ALA I 118 -18.33 -56.14 -9.12
N GLN I 119 -19.10 -55.15 -9.55
CA GLN I 119 -20.56 -55.17 -9.40
C GLN I 119 -21.22 -55.67 -10.68
N GLY I 120 -20.44 -55.73 -11.75
CA GLY I 120 -20.93 -56.17 -13.05
C GLY I 120 -21.57 -55.07 -13.88
N ALA I 121 -21.39 -53.82 -13.47
CA ALA I 121 -22.06 -52.70 -14.12
C ALA I 121 -21.39 -52.27 -15.43
N GLN I 122 -22.21 -51.90 -16.40
CA GLN I 122 -21.70 -51.30 -17.64
C GLN I 122 -20.93 -50.03 -17.27
N PHE I 123 -19.83 -49.79 -17.97
CA PHE I 123 -19.00 -48.62 -17.73
C PHE I 123 -18.79 -47.83 -19.01
N LEU I 124 -19.56 -46.75 -19.15
CA LEU I 124 -19.38 -45.83 -20.27
C LEU I 124 -18.75 -44.53 -19.76
N TYR I 125 -17.69 -44.10 -20.43
CA TYR I 125 -16.86 -43.04 -19.88
C TYR I 125 -16.32 -42.14 -20.96
N ALA I 126 -16.01 -40.91 -20.55
CA ALA I 126 -15.50 -39.88 -21.44
C ALA I 126 -13.99 -39.90 -21.52
N SER I 127 -13.46 -40.14 -22.72
CA SER I 127 -12.06 -39.91 -23.02
C SER I 127 -11.97 -38.57 -23.74
N SER I 128 -10.94 -38.36 -24.56
CA SER I 128 -10.79 -37.08 -25.23
C SER I 128 -9.85 -37.16 -26.42
N ALA I 129 -10.13 -36.36 -27.44
CA ALA I 129 -9.26 -36.30 -28.62
C ALA I 129 -7.96 -35.55 -28.30
N ALA I 130 -7.93 -34.90 -27.14
CA ALA I 130 -6.75 -34.21 -26.67
C ALA I 130 -5.62 -35.21 -26.55
N ILE I 131 -6.00 -36.47 -26.39
CA ILE I 131 -5.10 -37.60 -26.35
C ILE I 131 -4.14 -37.69 -27.53
N TYR I 132 -4.59 -37.26 -28.70
CA TYR I 132 -3.79 -37.46 -29.92
C TYR I 132 -2.66 -36.46 -30.00
N GLY I 133 -2.77 -35.38 -29.23
CA GLY I 133 -1.80 -34.31 -29.29
C GLY I 133 -1.63 -33.78 -30.71
N GLY I 134 -0.37 -33.56 -31.09
CA GLY I 134 -0.04 -33.02 -32.40
C GLY I 134 0.13 -34.10 -33.45
N SER I 135 -0.51 -35.25 -33.22
CA SER I 135 -0.44 -36.37 -34.18
C SER I 135 -1.21 -36.10 -35.48
N SER I 136 -0.82 -36.80 -36.55
CA SER I 136 -1.41 -36.57 -37.87
C SER I 136 -2.40 -37.66 -38.27
N ARG I 137 -2.44 -38.75 -37.50
CA ARG I 137 -3.48 -39.76 -37.64
C ARG I 137 -4.31 -39.76 -36.37
N PHE I 138 -5.59 -40.05 -36.50
CA PHE I 138 -6.47 -40.05 -35.34
C PHE I 138 -7.20 -41.37 -35.22
N VAL I 139 -6.40 -42.44 -35.16
CA VAL I 139 -6.96 -43.78 -34.94
C VAL I 139 -6.66 -44.26 -33.53
N GLU I 140 -7.59 -45.03 -32.98
CA GLU I 140 -7.49 -45.56 -31.64
C GLU I 140 -6.33 -46.56 -31.50
N GLU I 141 -5.09 -46.08 -31.69
CA GLU I 141 -3.88 -46.90 -31.51
C GLU I 141 -2.78 -46.12 -30.76
N ARG I 142 -2.19 -46.78 -29.77
CA ARG I 142 -1.12 -46.23 -28.95
C ARG I 142 -0.02 -45.48 -29.73
N GLU I 143 0.30 -46.00 -30.93
CA GLU I 143 1.38 -45.48 -31.75
C GLU I 143 1.18 -44.03 -32.16
N VAL I 144 -0.06 -43.56 -32.18
CA VAL I 144 -0.30 -42.19 -32.64
C VAL I 144 -0.82 -41.27 -31.55
N GLU I 145 -0.56 -41.66 -30.30
CA GLU I 145 -1.07 -40.94 -29.14
C GLU I 145 0.07 -40.26 -28.38
N ALA I 146 -0.02 -38.94 -28.26
CA ALA I 146 0.98 -38.20 -27.50
C ALA I 146 0.39 -36.85 -27.12
N PRO I 147 -0.25 -36.80 -25.94
CA PRO I 147 -0.89 -35.58 -25.39
C PRO I 147 0.07 -34.42 -25.14
N LEU I 148 -0.42 -33.19 -25.32
CA LEU I 148 0.41 -32.01 -25.17
C LEU I 148 0.29 -31.32 -23.80
N ASN I 149 -0.79 -31.61 -23.09
CA ASN I 149 -0.95 -31.06 -21.75
C ASN I 149 -1.37 -32.12 -20.74
N VAL I 150 -1.25 -31.79 -19.46
CA VAL I 150 -1.49 -32.77 -18.39
C VAL I 150 -2.95 -33.25 -18.37
N TYR I 151 -3.86 -32.41 -18.84
CA TYR I 151 -5.24 -32.83 -19.02
C TYR I 151 -5.29 -34.01 -19.96
N GLY I 152 -4.64 -33.85 -21.11
CA GLY I 152 -4.61 -34.86 -22.14
C GLY I 152 -3.97 -36.10 -21.58
N TYR I 153 -2.91 -35.92 -20.78
CA TYR I 153 -2.20 -37.06 -20.25
C TYR I 153 -3.06 -37.87 -19.27
N SER I 154 -3.89 -37.18 -18.47
CA SER I 154 -4.75 -37.87 -17.52
C SER I 154 -5.76 -38.79 -18.23
N LYS I 155 -6.18 -38.39 -19.41
CA LYS I 155 -7.10 -39.19 -20.20
C LYS I 155 -6.31 -40.27 -20.93
N PHE I 156 -5.15 -39.86 -21.45
CA PHE I 156 -4.29 -40.77 -22.21
C PHE I 156 -3.94 -42.00 -21.40
N LEU I 157 -3.44 -41.78 -20.20
CA LEU I 157 -3.01 -42.88 -19.35
C LEU I 157 -4.18 -43.79 -18.96
N PHE I 158 -5.35 -43.19 -18.74
CA PHE I 158 -6.50 -44.00 -18.35
C PHE I 158 -6.87 -44.93 -19.49
N ASP I 159 -6.85 -44.42 -20.73
CA ASP I 159 -7.12 -45.26 -21.89
C ASP I 159 -6.18 -46.46 -21.96
N GLN I 160 -4.89 -46.26 -21.68
CA GLN I 160 -3.92 -47.37 -21.66
C GLN I 160 -4.32 -48.42 -20.65
N VAL I 161 -4.82 -47.98 -19.49
CA VAL I 161 -5.27 -48.90 -18.47
C VAL I 161 -6.49 -49.70 -18.94
N ILE I 162 -7.36 -49.06 -19.70
CA ILE I 162 -8.55 -49.73 -20.21
C ILE I 162 -8.14 -50.83 -21.21
N ARG I 163 -7.09 -50.58 -21.99
CA ARG I 163 -6.65 -51.56 -22.98
C ARG I 163 -6.06 -52.80 -22.33
N ARG I 164 -5.49 -52.63 -21.14
CA ARG I 164 -5.00 -53.76 -20.36
C ARG I 164 -6.13 -54.56 -19.68
N VAL I 165 -7.17 -53.86 -19.25
CA VAL I 165 -8.23 -54.48 -18.44
C VAL I 165 -9.30 -55.13 -19.33
N MET I 166 -9.44 -54.63 -20.55
CA MET I 166 -10.54 -55.03 -21.41
C MET I 166 -10.60 -56.52 -21.84
N PRO I 167 -9.45 -57.10 -22.27
CA PRO I 167 -9.43 -58.53 -22.65
C PRO I 167 -10.20 -59.46 -21.71
N GLY I 168 -9.85 -59.45 -20.42
CA GLY I 168 -10.53 -60.32 -19.49
C GLY I 168 -11.63 -59.67 -18.69
N ALA I 169 -12.35 -58.72 -19.29
CA ALA I 169 -13.41 -58.02 -18.57
C ALA I 169 -14.76 -58.65 -18.85
N LYS I 170 -15.56 -58.83 -17.80
CA LYS I 170 -16.83 -59.53 -17.93
C LYS I 170 -17.98 -58.59 -18.24
N SER I 171 -17.86 -57.33 -17.84
CA SER I 171 -18.88 -56.33 -18.15
C SER I 171 -18.42 -55.38 -19.24
N GLN I 172 -19.34 -54.55 -19.71
CA GLN I 172 -19.06 -53.62 -20.80
C GLN I 172 -18.15 -52.49 -20.36
N ILE I 173 -17.18 -52.19 -21.22
CA ILE I 173 -16.31 -51.05 -21.04
C ILE I 173 -16.26 -50.28 -22.35
N ALA I 174 -16.89 -49.12 -22.37
CA ALA I 174 -16.91 -48.28 -23.57
C ALA I 174 -16.41 -46.88 -23.25
N GLY I 175 -15.42 -46.43 -24.02
CA GLY I 175 -14.82 -45.14 -23.78
C GLY I 175 -14.84 -44.32 -25.04
N PHE I 176 -15.26 -43.06 -24.90
CA PHE I 176 -15.49 -42.20 -26.05
C PHE I 176 -14.57 -41.01 -26.13
N ARG I 177 -13.72 -40.97 -27.16
CA ARG I 177 -12.86 -39.81 -27.40
C ARG I 177 -13.60 -38.68 -28.08
N TYR I 178 -14.24 -37.85 -27.27
CA TYR I 178 -14.99 -36.73 -27.78
C TYR I 178 -14.04 -35.77 -28.43
N PHE I 179 -14.46 -35.22 -29.56
CA PHE I 179 -13.68 -34.17 -30.20
C PHE I 179 -14.17 -32.81 -29.69
N ASN I 180 -14.29 -31.79 -30.53
CA ASN I 180 -14.85 -30.53 -30.05
C ASN I 180 -16.37 -30.58 -29.96
N VAL I 181 -16.91 -30.74 -28.75
CA VAL I 181 -18.35 -30.83 -28.57
C VAL I 181 -19.02 -29.47 -28.30
N TYR I 182 -20.21 -29.26 -28.85
CA TYR I 182 -20.95 -27.99 -28.69
C TYR I 182 -22.43 -28.27 -28.56
N GLY I 183 -23.17 -27.34 -27.95
CA GLY I 183 -24.59 -27.50 -27.77
C GLY I 183 -25.07 -27.00 -26.42
N PRO I 184 -26.38 -27.10 -26.16
CA PRO I 184 -26.97 -26.56 -24.92
C PRO I 184 -26.40 -27.21 -23.65
N ARG I 185 -26.45 -26.44 -22.55
CA ARG I 185 -25.98 -26.82 -21.21
C ARG I 185 -24.46 -26.68 -20.99
N GLU I 186 -23.84 -25.79 -21.75
CA GLU I 186 -22.44 -25.49 -21.52
C GLU I 186 -22.21 -24.05 -21.04
N SER I 187 -23.28 -23.37 -20.64
CA SER I 187 -23.19 -21.97 -20.19
C SER I 187 -22.24 -21.72 -19.03
N HIS I 188 -22.01 -22.75 -18.22
CA HIS I 188 -21.24 -22.61 -17.00
C HIS I 188 -19.74 -22.81 -17.24
N LYS I 189 -19.33 -23.06 -18.48
CA LYS I 189 -17.97 -23.58 -18.70
C LYS I 189 -16.90 -22.51 -18.80
N GLY I 190 -17.31 -21.26 -18.91
CA GLY I 190 -16.36 -20.16 -18.97
C GLY I 190 -15.46 -20.18 -20.18
N ARG I 191 -14.15 -20.06 -19.94
CA ARG I 191 -13.20 -20.02 -21.04
C ARG I 191 -13.09 -21.41 -21.71
N MET I 192 -13.69 -22.42 -21.08
CA MET I 192 -13.65 -23.80 -21.57
C MET I 192 -14.89 -24.16 -22.40
N ALA I 193 -15.88 -23.27 -22.44
CA ALA I 193 -17.04 -23.53 -23.29
C ALA I 193 -16.64 -23.49 -24.77
N SER I 194 -17.46 -24.10 -25.62
CA SER I 194 -17.19 -24.17 -27.06
C SER I 194 -17.05 -22.76 -27.65
N VAL I 195 -16.26 -22.66 -28.71
CA VAL I 195 -16.10 -21.42 -29.44
C VAL I 195 -17.44 -20.89 -29.98
N ALA I 196 -18.32 -21.79 -30.38
CA ALA I 196 -19.63 -21.38 -30.86
C ALA I 196 -20.36 -20.61 -29.78
N PHE I 197 -20.26 -21.09 -28.54
CA PHE I 197 -20.87 -20.40 -27.40
C PHE I 197 -20.19 -19.05 -27.13
N HIS I 198 -18.86 -19.03 -27.13
CA HIS I 198 -18.12 -17.79 -26.94
C HIS I 198 -18.51 -16.74 -27.97
N ASN I 199 -18.52 -17.12 -29.25
CA ASN I 199 -18.88 -16.17 -30.32
C ASN I 199 -20.28 -15.59 -30.13
N PHE I 200 -21.22 -16.43 -29.73
CA PHE I 200 -22.59 -16.01 -29.51
C PHE I 200 -22.65 -14.87 -28.50
N ASN I 201 -21.99 -15.04 -27.37
CA ASN I 201 -21.94 -14.01 -26.32
C ASN I 201 -21.06 -12.83 -26.68
N GLN I 202 -20.03 -13.09 -27.49
CA GLN I 202 -19.18 -12.02 -27.96
C GLN I 202 -19.98 -11.13 -28.88
N PHE I 203 -20.78 -11.76 -29.73
CA PHE I 203 -21.54 -11.01 -30.70
C PHE I 203 -22.67 -10.23 -30.05
N ARG I 204 -23.38 -10.89 -29.13
CA ARG I 204 -24.49 -10.25 -28.44
C ARG I 204 -24.02 -9.05 -27.63
N ALA I 205 -22.76 -9.09 -27.18
CA ALA I 205 -22.26 -8.03 -26.33
C ALA I 205 -21.57 -6.92 -27.09
N GLU I 206 -21.08 -7.22 -28.28
CA GLU I 206 -20.25 -6.27 -29.00
C GLU I 206 -20.43 -6.23 -30.51
N GLY I 207 -21.36 -7.02 -31.03
CA GLY I 207 -21.60 -7.09 -32.46
C GLY I 207 -20.39 -7.50 -33.29
N LYS I 208 -19.57 -8.38 -32.71
CA LYS I 208 -18.38 -8.92 -33.37
C LYS I 208 -17.85 -10.13 -32.57
N VAL I 209 -17.11 -11.03 -33.23
CA VAL I 209 -16.59 -12.24 -32.61
C VAL I 209 -15.05 -12.35 -32.66
N LYS I 210 -14.48 -13.11 -31.72
CA LYS I 210 -13.03 -13.20 -31.60
C LYS I 210 -12.52 -14.62 -31.80
N LEU I 211 -11.39 -14.74 -32.49
CA LEU I 211 -10.71 -16.02 -32.69
C LEU I 211 -9.20 -15.78 -32.55
N PHE I 212 -8.44 -16.86 -32.44
CA PHE I 212 -6.98 -16.76 -32.34
C PHE I 212 -6.40 -16.47 -33.70
N GLY I 213 -5.34 -15.66 -33.74
CA GLY I 213 -4.64 -15.34 -34.96
C GLY I 213 -3.70 -16.46 -35.38
N GLU I 214 -2.62 -16.10 -36.08
CA GLU I 214 -1.66 -17.10 -36.52
C GLU I 214 -0.97 -17.81 -35.35
N TYR I 215 -0.83 -19.12 -35.47
CA TYR I 215 -0.01 -19.92 -34.57
C TYR I 215 0.48 -21.16 -35.29
N SER I 216 1.80 -21.35 -35.24
CA SER I 216 2.45 -22.58 -35.70
C SER I 216 2.04 -22.96 -37.14
N GLY I 217 2.14 -22.00 -38.05
CA GLY I 217 1.87 -22.26 -39.46
C GLY I 217 0.40 -22.30 -39.87
N TYR I 218 -0.51 -22.14 -38.92
CA TYR I 218 -1.91 -21.97 -39.29
C TYR I 218 -2.30 -20.49 -39.23
N GLY I 219 -2.89 -19.99 -40.32
CA GLY I 219 -3.29 -18.60 -40.38
C GLY I 219 -4.36 -18.30 -39.36
N PRO I 220 -4.65 -17.00 -39.17
CA PRO I 220 -5.76 -16.48 -38.36
C PRO I 220 -7.06 -17.29 -38.54
N GLY I 221 -7.44 -18.04 -37.50
CA GLY I 221 -8.70 -18.77 -37.48
C GLY I 221 -8.71 -20.06 -38.26
N GLU I 222 -7.54 -20.45 -38.78
CA GLU I 222 -7.43 -21.59 -39.70
C GLU I 222 -7.22 -22.93 -39.03
N GLN I 223 -6.73 -22.93 -37.79
CA GLN I 223 -6.66 -24.14 -37.00
C GLN I 223 -8.01 -24.86 -37.10
N THR I 224 -7.99 -26.16 -37.36
CA THR I 224 -9.24 -26.85 -37.63
C THR I 224 -9.56 -27.91 -36.57
N ARG I 225 -10.85 -28.17 -36.37
CA ARG I 225 -11.27 -29.18 -35.41
C ARG I 225 -12.38 -30.00 -35.99
N ASP I 226 -12.68 -31.10 -35.32
CA ASP I 226 -13.82 -31.92 -35.64
C ASP I 226 -14.94 -31.52 -34.67
N PHE I 227 -15.90 -30.75 -35.15
CA PHE I 227 -16.96 -30.27 -34.28
C PHE I 227 -18.17 -31.21 -34.26
N VAL I 228 -18.56 -31.67 -33.06
CA VAL I 228 -19.67 -32.61 -32.88
C VAL I 228 -20.72 -32.10 -31.89
N SER I 229 -22.00 -32.16 -32.28
CA SER I 229 -23.07 -31.72 -31.39
C SER I 229 -23.25 -32.74 -30.25
N VAL I 230 -23.69 -32.26 -29.09
CA VAL I 230 -23.93 -33.15 -27.95
C VAL I 230 -25.07 -34.11 -28.21
N GLU I 231 -25.93 -33.75 -29.17
CA GLU I 231 -27.08 -34.59 -29.50
C GLU I 231 -26.59 -35.91 -30.07
N ASP I 232 -25.61 -35.83 -30.97
CA ASP I 232 -24.90 -37.00 -31.46
C ASP I 232 -24.12 -37.69 -30.35
N VAL I 233 -23.54 -36.90 -29.45
CA VAL I 233 -22.80 -37.46 -28.34
C VAL I 233 -23.72 -38.31 -27.48
N ALA I 234 -24.89 -37.76 -27.19
CA ALA I 234 -25.87 -38.47 -26.38
C ALA I 234 -26.35 -39.70 -27.14
N LYS I 235 -26.46 -39.59 -28.46
CA LYS I 235 -26.95 -40.68 -29.29
C LYS I 235 -25.99 -41.87 -29.32
N VAL I 236 -24.69 -41.61 -29.52
CA VAL I 236 -23.68 -42.67 -29.45
C VAL I 236 -23.66 -43.32 -28.08
N ASN I 237 -23.80 -42.51 -27.04
CA ASN I 237 -23.78 -43.04 -25.68
C ASN I 237 -24.94 -44.00 -25.45
N LEU I 238 -26.14 -43.55 -25.82
CA LEU I 238 -27.34 -44.36 -25.67
C LEU I 238 -27.26 -45.66 -26.47
N TYR I 239 -26.63 -45.59 -27.64
CA TYR I 239 -26.43 -46.78 -28.46
C TYR I 239 -25.65 -47.89 -27.75
N PHE I 240 -24.47 -47.56 -27.21
CA PHE I 240 -23.69 -48.56 -26.48
C PHE I 240 -24.33 -48.94 -25.16
N PHE I 241 -25.10 -48.02 -24.57
CA PHE I 241 -25.87 -48.35 -23.38
C PHE I 241 -26.81 -49.53 -23.70
N ASP I 242 -27.31 -49.52 -24.93
CA ASP I 242 -28.25 -50.53 -25.42
C ASP I 242 -27.58 -51.84 -25.80
N HIS I 243 -26.27 -51.81 -25.99
CA HIS I 243 -25.55 -52.97 -26.48
C HIS I 243 -24.35 -53.33 -25.60
N PRO I 244 -24.62 -53.89 -24.41
CA PRO I 244 -23.61 -54.26 -23.40
C PRO I 244 -22.59 -55.26 -23.94
N GLU I 245 -22.92 -55.88 -25.06
CA GLU I 245 -22.04 -56.82 -25.72
C GLU I 245 -20.86 -56.12 -26.39
N LYS I 246 -21.03 -54.83 -26.72
CA LYS I 246 -19.96 -54.06 -27.36
C LYS I 246 -19.07 -53.33 -26.34
N SER I 247 -17.78 -53.60 -26.41
CA SER I 247 -16.80 -52.92 -25.56
C SER I 247 -15.80 -52.29 -26.49
N GLY I 248 -14.98 -51.39 -25.97
CA GLY I 248 -13.93 -50.76 -26.75
C GLY I 248 -13.71 -49.28 -26.47
N ILE I 249 -12.76 -48.70 -27.19
CA ILE I 249 -12.46 -47.27 -27.13
C ILE I 249 -12.66 -46.70 -28.52
N PHE I 250 -13.57 -45.74 -28.65
CA PHE I 250 -13.93 -45.20 -29.97
C PHE I 250 -13.83 -43.67 -30.09
N ASN I 251 -13.28 -43.21 -31.20
CA ASN I 251 -13.42 -41.82 -31.62
C ASN I 251 -14.88 -41.41 -31.69
N LEU I 252 -15.24 -40.28 -31.08
CA LEU I 252 -16.57 -39.72 -31.26
C LEU I 252 -16.46 -38.33 -31.87
N GLY I 253 -16.35 -38.28 -33.19
CA GLY I 253 -16.35 -37.06 -33.96
C GLY I 253 -17.14 -37.27 -35.24
N THR I 254 -17.18 -36.27 -36.12
CA THR I 254 -18.00 -36.43 -37.32
C THR I 254 -17.25 -37.05 -38.49
N GLY I 255 -15.92 -37.00 -38.43
CA GLY I 255 -15.10 -37.41 -39.55
C GLY I 255 -14.77 -36.23 -40.44
N ARG I 256 -15.37 -35.08 -40.15
CA ARG I 256 -15.22 -33.89 -40.99
C ARG I 256 -14.63 -32.73 -40.18
N ALA I 257 -13.54 -32.16 -40.67
CA ALA I 257 -12.87 -31.10 -39.94
C ALA I 257 -13.02 -29.71 -40.60
N GLN I 258 -13.46 -28.72 -39.83
CA GLN I 258 -13.56 -27.35 -40.34
C GLN I 258 -12.67 -26.41 -39.52
N PRO I 259 -12.27 -25.27 -40.12
CA PRO I 259 -11.53 -24.25 -39.34
C PRO I 259 -12.48 -23.43 -38.44
N PHE I 260 -11.92 -22.83 -37.39
CA PHE I 260 -12.73 -22.08 -36.42
C PHE I 260 -13.53 -20.99 -37.13
N ASN I 261 -12.93 -20.43 -38.20
CA ASN I 261 -13.60 -19.42 -39.02
C ASN I 261 -15.01 -19.84 -39.42
N ASP I 262 -15.16 -21.12 -39.77
CA ASP I 262 -16.47 -21.66 -40.11
C ASP I 262 -17.47 -21.46 -38.98
N ILE I 263 -17.04 -21.72 -37.76
CA ILE I 263 -17.88 -21.54 -36.58
C ILE I 263 -18.20 -20.06 -36.40
N ALA I 264 -17.17 -19.23 -36.44
CA ALA I 264 -17.33 -17.79 -36.27
C ALA I 264 -18.36 -17.27 -37.26
N ALA I 265 -18.06 -17.43 -38.54
CA ALA I 265 -18.92 -16.97 -39.64
C ALA I 265 -20.34 -17.56 -39.63
N THR I 266 -20.46 -18.83 -39.28
CA THR I 266 -21.77 -19.46 -39.15
C THR I 266 -22.57 -18.83 -38.00
N VAL I 267 -21.86 -18.44 -36.93
CA VAL I 267 -22.54 -17.83 -35.78
C VAL I 267 -22.99 -16.42 -36.16
N VAL I 268 -22.10 -15.65 -36.78
CA VAL I 268 -22.45 -14.31 -37.24
C VAL I 268 -23.63 -14.35 -38.22
N ASN I 269 -23.52 -15.17 -39.27
CA ASN I 269 -24.56 -15.19 -40.29
C ASN I 269 -25.91 -15.61 -39.74
N THR I 270 -25.89 -16.49 -38.73
CA THR I 270 -27.12 -17.01 -38.15
C THR I 270 -27.77 -15.96 -37.29
N LEU I 271 -26.96 -15.17 -36.59
CA LEU I 271 -27.48 -14.10 -35.76
C LEU I 271 -27.98 -12.97 -36.65
N ARG I 272 -27.27 -12.74 -37.75
CA ARG I 272 -27.68 -11.75 -38.73
C ARG I 272 -29.02 -12.12 -39.36
N ALA I 273 -29.16 -13.38 -39.72
CA ALA I 273 -30.40 -13.88 -40.30
C ALA I 273 -31.62 -13.70 -39.37
N LEU I 274 -31.36 -13.66 -38.06
CA LEU I 274 -32.43 -13.48 -37.07
C LEU I 274 -32.80 -12.00 -36.94
N GLU I 275 -31.84 -11.12 -37.21
CA GLU I 275 -32.11 -9.69 -37.29
C GLU I 275 -32.37 -9.24 -38.74
N GLY I 276 -32.72 -10.19 -39.61
CA GLY I 276 -33.11 -9.89 -40.98
C GLY I 276 -31.99 -9.63 -41.97
N GLN I 277 -30.78 -9.40 -41.48
CA GLN I 277 -29.63 -9.01 -42.31
C GLN I 277 -29.13 -10.14 -43.25
N PRO I 278 -28.46 -9.77 -44.36
CA PRO I 278 -28.04 -10.81 -45.29
C PRO I 278 -26.75 -11.53 -44.86
N ALA I 279 -26.60 -12.78 -45.28
CA ALA I 279 -25.39 -13.56 -44.99
C ALA I 279 -24.13 -12.98 -45.66
N LEU I 280 -23.01 -12.97 -44.92
CA LEU I 280 -21.72 -12.51 -45.47
C LEU I 280 -20.71 -13.64 -45.55
N THR I 281 -19.67 -13.44 -46.37
CA THR I 281 -18.59 -14.40 -46.45
C THR I 281 -17.60 -14.11 -45.33
N LEU I 282 -16.66 -15.03 -45.09
CA LEU I 282 -15.69 -14.81 -44.03
C LEU I 282 -14.86 -13.55 -44.24
N ALA I 283 -14.43 -13.31 -45.48
CA ALA I 283 -13.61 -12.14 -45.80
C ALA I 283 -14.39 -10.84 -45.68
N GLU I 284 -15.69 -10.90 -45.99
CA GLU I 284 -16.57 -9.76 -45.77
C GLU I 284 -16.68 -9.43 -44.27
N GLN I 285 -17.02 -10.45 -43.47
CA GLN I 285 -17.09 -10.30 -42.02
C GLN I 285 -15.77 -9.80 -41.43
N VAL I 286 -14.64 -10.27 -41.95
CA VAL I 286 -13.33 -9.83 -41.45
C VAL I 286 -13.07 -8.36 -41.81
N GLU I 287 -13.49 -7.96 -43.00
CA GLU I 287 -13.23 -6.59 -43.47
C GLU I 287 -14.12 -5.61 -42.72
N GLN I 288 -15.33 -6.04 -42.40
CA GLN I 288 -16.26 -5.20 -41.68
C GLN I 288 -15.98 -5.16 -40.16
N GLY I 289 -15.05 -5.98 -39.70
CA GLY I 289 -14.67 -5.97 -38.30
C GLY I 289 -15.53 -6.88 -37.42
N LEU I 290 -16.44 -7.62 -38.06
CA LEU I 290 -17.32 -8.59 -37.40
C LEU I 290 -16.53 -9.77 -36.84
N VAL I 291 -15.35 -10.01 -37.40
CA VAL I 291 -14.48 -11.06 -36.95
C VAL I 291 -13.13 -10.42 -36.73
N GLU I 292 -12.62 -10.51 -35.51
CA GLU I 292 -11.26 -10.04 -35.27
C GLU I 292 -10.41 -11.14 -34.65
N TYR I 293 -9.09 -10.92 -34.67
CA TYR I 293 -8.17 -11.98 -34.31
C TYR I 293 -7.25 -11.59 -33.15
N VAL I 294 -7.27 -12.43 -32.13
CA VAL I 294 -6.54 -12.20 -30.89
C VAL I 294 -5.19 -12.91 -30.97
N PRO I 295 -4.11 -12.24 -30.54
CA PRO I 295 -2.78 -12.88 -30.58
C PRO I 295 -2.75 -14.17 -29.76
N PHE I 296 -2.15 -15.22 -30.32
CA PHE I 296 -2.15 -16.53 -29.66
C PHE I 296 -1.45 -16.42 -28.33
N PRO I 297 -2.09 -16.90 -27.25
CA PRO I 297 -1.59 -16.72 -25.89
C PRO I 297 -0.38 -17.61 -25.62
N ASP I 298 0.74 -17.04 -25.16
CA ASP I 298 1.95 -17.82 -24.86
C ASP I 298 1.70 -19.07 -24.03
N ALA I 299 0.76 -18.97 -23.08
CA ALA I 299 0.44 -20.07 -22.18
C ALA I 299 -0.05 -21.32 -22.92
N LEU I 300 -0.34 -21.18 -24.21
CA LEU I 300 -0.83 -22.29 -24.99
C LEU I 300 0.21 -22.85 -25.97
N ARG I 301 1.28 -22.09 -26.21
CA ARG I 301 2.32 -22.53 -27.13
C ARG I 301 2.82 -23.92 -26.78
N GLY I 302 2.72 -24.85 -27.73
CA GLY I 302 3.23 -26.20 -27.54
C GLY I 302 2.27 -27.11 -26.80
N LYS I 303 1.10 -26.58 -26.45
CA LYS I 303 0.12 -27.35 -25.68
C LYS I 303 -1.21 -27.36 -26.42
N TYR I 304 -1.18 -27.03 -27.71
CA TYR I 304 -2.40 -26.73 -28.46
C TYR I 304 -2.55 -27.47 -29.81
N GLN I 305 -3.57 -28.31 -29.91
CA GLN I 305 -3.90 -29.02 -31.15
C GLN I 305 -4.39 -28.10 -32.28
N CYS I 306 -3.65 -28.05 -33.39
CA CYS I 306 -4.05 -27.19 -34.52
C CYS I 306 -4.94 -27.91 -35.51
N PHE I 307 -5.10 -29.21 -35.31
CA PHE I 307 -5.83 -30.04 -36.25
C PHE I 307 -6.34 -31.30 -35.56
N THR I 308 -7.64 -31.56 -35.69
CA THR I 308 -8.20 -32.84 -35.27
C THR I 308 -9.28 -33.27 -36.25
N GLN I 309 -9.39 -34.58 -36.47
CA GLN I 309 -10.41 -35.15 -37.35
C GLN I 309 -10.56 -36.64 -37.03
N ALA I 310 -11.76 -37.03 -36.63
CA ALA I 310 -12.00 -38.40 -36.20
C ALA I 310 -11.98 -39.41 -37.36
N ASP I 311 -11.21 -40.48 -37.20
CA ASP I 311 -11.30 -41.63 -38.08
C ASP I 311 -12.46 -42.51 -37.59
N GLN I 312 -13.50 -42.59 -38.41
CA GLN I 312 -14.75 -43.21 -37.98
C GLN I 312 -14.82 -44.71 -38.16
N THR I 313 -13.74 -45.29 -38.72
CA THR I 313 -13.68 -46.71 -39.03
C THR I 313 -14.13 -47.60 -37.87
N LYS I 314 -13.55 -47.39 -36.70
CA LYS I 314 -13.82 -48.24 -35.55
C LYS I 314 -15.25 -48.07 -35.03
N LEU I 315 -15.76 -46.83 -35.09
CA LEU I 315 -17.10 -46.52 -34.62
C LEU I 315 -18.16 -47.17 -35.52
N ARG I 316 -17.98 -47.01 -36.83
CA ARG I 316 -18.86 -47.63 -37.82
C ARG I 316 -18.90 -49.13 -37.62
N ALA I 317 -17.74 -49.78 -37.82
CA ALA I 317 -17.57 -51.21 -37.59
C ALA I 317 -18.19 -51.78 -36.31
N ALA I 318 -18.54 -50.91 -35.35
CA ALA I 318 -19.15 -51.35 -34.10
C ALA I 318 -20.67 -51.32 -34.22
N GLY I 319 -21.16 -50.71 -35.30
CA GLY I 319 -22.59 -50.67 -35.53
C GLY I 319 -23.20 -49.30 -35.64
N TYR I 320 -22.50 -48.28 -35.18
CA TYR I 320 -23.05 -46.93 -35.23
C TYR I 320 -22.97 -46.33 -36.64
N ASP I 321 -24.06 -46.45 -37.39
CA ASP I 321 -24.09 -46.08 -38.80
C ASP I 321 -24.79 -44.76 -39.07
N ALA I 322 -25.35 -44.15 -38.03
CA ALA I 322 -26.12 -42.91 -38.16
C ALA I 322 -25.34 -41.73 -38.76
N PRO I 323 -26.07 -40.78 -39.37
CA PRO I 323 -25.40 -39.56 -39.82
C PRO I 323 -25.20 -38.56 -38.67
N PHE I 324 -24.11 -37.80 -38.74
CA PHE I 324 -23.81 -36.79 -37.75
C PHE I 324 -24.19 -35.43 -38.29
N LEU I 325 -24.82 -34.62 -37.45
CA LEU I 325 -25.06 -33.22 -37.76
C LEU I 325 -23.74 -32.56 -38.17
N THR I 326 -23.77 -31.77 -39.24
CA THR I 326 -22.60 -31.04 -39.67
C THR I 326 -22.57 -29.71 -38.94
N VAL I 327 -21.50 -28.95 -39.15
CA VAL I 327 -21.40 -27.64 -38.50
C VAL I 327 -22.58 -26.73 -38.88
N GLN I 328 -22.89 -26.63 -40.17
CA GLN I 328 -23.97 -25.76 -40.61
C GLN I 328 -25.33 -26.11 -39.97
N GLU I 329 -25.72 -27.38 -39.95
CA GLU I 329 -27.00 -27.73 -39.31
C GLU I 329 -26.94 -27.54 -37.78
N GLY I 330 -25.92 -28.10 -37.14
CA GLY I 330 -25.78 -28.06 -35.69
C GLY I 330 -25.59 -26.69 -35.07
N VAL I 331 -24.62 -25.92 -35.59
CA VAL I 331 -24.35 -24.59 -35.08
C VAL I 331 -25.53 -23.67 -35.28
N ASP I 332 -26.20 -23.78 -36.42
CA ASP I 332 -27.41 -22.99 -36.69
C ASP I 332 -28.49 -23.25 -35.63
N ARG I 333 -28.72 -24.51 -35.30
CA ARG I 333 -29.72 -24.83 -34.30
C ARG I 333 -29.28 -24.38 -32.90
N TYR I 334 -27.99 -24.54 -32.62
CA TYR I 334 -27.44 -24.11 -31.34
C TYR I 334 -27.63 -22.60 -31.18
N VAL I 335 -27.37 -21.86 -32.25
CA VAL I 335 -27.52 -20.41 -32.22
C VAL I 335 -28.98 -19.95 -32.04
N ARG I 336 -29.91 -20.57 -32.78
CA ARG I 336 -31.34 -20.26 -32.61
C ARG I 336 -31.86 -20.58 -31.21
N TRP I 337 -31.47 -21.74 -30.68
CA TRP I 337 -31.83 -22.13 -29.33
C TRP I 337 -31.26 -21.13 -28.30
N LEU I 338 -29.99 -20.80 -28.45
CA LEU I 338 -29.33 -19.83 -27.58
C LEU I 338 -30.05 -18.50 -27.60
N PHE I 339 -30.52 -18.11 -28.79
CA PHE I 339 -31.24 -16.85 -28.99
C PHE I 339 -32.58 -16.83 -28.24
N GLY I 340 -33.14 -18.02 -27.98
CA GLY I 340 -34.29 -18.17 -27.10
C GLY I 340 -33.97 -17.87 -25.63
N GLN I 341 -33.90 -16.58 -25.31
CA GLN I 341 -33.82 -16.08 -23.95
C GLN I 341 -34.42 -14.68 -23.99
N LEU I 342 -34.92 -14.34 -25.19
CA LEU I 342 -35.56 -13.05 -25.48
C LEU I 342 -36.64 -13.22 -26.56
N MET J 13 7.60 -59.93 -12.46
CA MET J 13 7.49 -59.20 -13.72
C MET J 13 7.00 -57.75 -13.51
N THR J 14 6.22 -57.52 -12.45
CA THR J 14 5.79 -56.16 -12.10
C THR J 14 6.96 -55.30 -11.57
N LEU J 15 7.12 -54.10 -12.14
CA LEU J 15 8.23 -53.23 -11.79
C LEU J 15 7.75 -51.87 -11.26
N ILE J 16 8.49 -51.33 -10.30
CA ILE J 16 8.16 -50.01 -9.78
C ILE J 16 9.31 -48.99 -9.95
N VAL J 17 8.98 -47.83 -10.51
CA VAL J 17 9.89 -46.71 -10.49
C VAL J 17 9.27 -45.55 -9.70
N THR J 18 9.92 -45.16 -8.61
CA THR J 18 9.55 -43.95 -7.93
C THR J 18 10.30 -42.78 -8.60
N GLY J 19 9.70 -41.60 -8.60
CA GLY J 19 10.30 -40.47 -9.27
C GLY J 19 10.33 -40.72 -10.77
N ALA J 20 9.28 -41.39 -11.23
CA ALA J 20 9.17 -41.88 -12.59
C ALA J 20 8.93 -40.77 -13.60
N ALA J 21 8.35 -39.66 -13.16
CA ALA J 21 8.11 -38.57 -14.10
C ALA J 21 9.31 -37.64 -14.10
N GLY J 22 10.22 -37.87 -13.17
CA GLY J 22 11.42 -37.07 -13.08
C GLY J 22 12.49 -37.48 -14.09
N PHE J 23 13.62 -36.81 -13.98
CA PHE J 23 14.74 -36.95 -14.91
C PHE J 23 15.27 -38.39 -15.01
N ILE J 24 15.99 -38.84 -13.99
CA ILE J 24 16.55 -40.18 -13.99
C ILE J 24 15.48 -41.28 -14.08
N GLY J 25 14.37 -41.09 -13.37
CA GLY J 25 13.34 -42.09 -13.30
C GLY J 25 12.71 -42.35 -14.67
N ALA J 26 12.39 -41.27 -15.38
CA ALA J 26 11.79 -41.43 -16.70
C ALA J 26 12.76 -42.16 -17.65
N ASN J 27 14.04 -41.82 -17.55
CA ASN J 27 15.04 -42.50 -18.36
C ASN J 27 15.09 -43.97 -18.01
N LEU J 28 14.86 -44.29 -16.74
CA LEU J 28 14.81 -45.69 -16.37
C LEU J 28 13.56 -46.36 -16.98
N VAL J 29 12.43 -45.64 -17.00
CA VAL J 29 11.21 -46.21 -17.55
C VAL J 29 11.42 -46.51 -19.03
N LYS J 30 11.99 -45.56 -19.76
CA LYS J 30 12.28 -45.72 -21.17
C LYS J 30 13.24 -46.89 -21.44
N ALA J 31 14.32 -46.95 -20.66
CA ALA J 31 15.31 -48.01 -20.84
C ALA J 31 14.73 -49.40 -20.53
N LEU J 32 13.82 -49.47 -19.57
CA LEU J 32 13.11 -50.71 -19.32
C LEU J 32 12.09 -51.00 -20.42
N ASN J 33 11.52 -49.95 -21.00
CA ASN J 33 10.58 -50.12 -22.10
C ASN J 33 11.33 -50.72 -23.30
N GLU J 34 12.52 -50.16 -23.56
CA GLU J 34 13.32 -50.55 -24.71
C GLU J 34 13.81 -51.99 -24.64
N ARG J 35 13.64 -52.64 -23.50
CA ARG J 35 14.00 -54.05 -23.39
C ARG J 35 12.79 -54.91 -23.07
N GLY J 36 11.61 -54.38 -23.40
CA GLY J 36 10.38 -55.17 -23.33
C GLY J 36 9.68 -55.16 -21.99
N GLU J 37 10.25 -54.48 -21.01
CA GLU J 37 9.58 -54.36 -19.71
C GLU J 37 8.54 -53.22 -19.74
N THR J 38 7.28 -53.56 -19.50
CA THR J 38 6.19 -52.57 -19.58
C THR J 38 5.18 -52.67 -18.43
N ARG J 39 5.32 -53.69 -17.59
CA ARG J 39 4.49 -53.81 -16.41
C ARG J 39 5.10 -52.97 -15.28
N ILE J 40 5.03 -51.66 -15.45
CA ILE J 40 5.66 -50.71 -14.54
C ILE J 40 4.67 -49.82 -13.81
N ILE J 41 4.72 -49.86 -12.48
CA ILE J 41 4.04 -48.87 -11.65
C ILE J 41 4.91 -47.60 -11.51
N ALA J 42 4.32 -46.46 -11.82
CA ALA J 42 5.01 -45.18 -11.81
C ALA J 42 4.57 -44.36 -10.61
N VAL J 43 5.52 -43.93 -9.80
CA VAL J 43 5.20 -43.09 -8.65
C VAL J 43 5.93 -41.74 -8.78
N ASP J 44 5.21 -40.65 -8.54
CA ASP J 44 5.81 -39.33 -8.60
C ASP J 44 4.82 -38.34 -8.03
N ASN J 45 5.07 -37.07 -8.26
CA ASN J 45 4.21 -36.00 -7.80
C ASN J 45 4.10 -34.99 -8.93
N LEU J 46 2.97 -35.02 -9.64
CA LEU J 46 2.81 -34.15 -10.79
C LEU J 46 2.30 -32.75 -10.47
N THR J 47 2.39 -32.31 -9.21
CA THR J 47 1.97 -30.96 -8.82
C THR J 47 2.45 -29.91 -9.83
N ARG J 48 3.72 -29.97 -10.18
CA ARG J 48 4.22 -29.26 -11.34
C ARG J 48 3.99 -30.16 -12.55
N ALA J 49 3.02 -29.78 -13.37
CA ALA J 49 2.47 -30.67 -14.36
C ALA J 49 3.40 -30.99 -15.52
N ASP J 50 4.31 -30.08 -15.85
CA ASP J 50 5.12 -30.24 -17.07
C ASP J 50 5.91 -31.58 -17.12
N LYS J 51 6.24 -32.14 -15.95
CA LYS J 51 6.92 -33.45 -15.86
C LYS J 51 6.28 -34.59 -16.64
N PHE J 52 4.96 -34.53 -16.84
CA PHE J 52 4.25 -35.59 -17.58
C PHE J 52 4.87 -35.85 -18.95
N LYS J 53 5.39 -34.80 -19.58
CA LYS J 53 6.10 -34.95 -20.86
C LYS J 53 7.18 -36.07 -20.86
N ASN J 54 7.82 -36.32 -19.72
CA ASN J 54 8.86 -37.36 -19.67
C ASN J 54 8.28 -38.76 -19.73
N LEU J 55 6.96 -38.88 -19.64
CA LEU J 55 6.31 -40.20 -19.64
C LEU J 55 5.39 -40.44 -20.86
N VAL J 56 5.31 -39.45 -21.73
CA VAL J 56 4.42 -39.54 -22.90
C VAL J 56 4.81 -40.67 -23.87
N ASP J 57 6.10 -40.82 -24.11
CA ASP J 57 6.57 -41.87 -25.01
C ASP J 57 6.90 -43.18 -24.29
N CYS J 58 6.33 -43.37 -23.10
CA CYS J 58 6.63 -44.57 -22.31
C CYS J 58 5.44 -45.47 -22.07
N GLU J 59 5.72 -46.65 -21.55
CA GLU J 59 4.66 -47.61 -21.29
C GLU J 59 4.68 -48.04 -19.85
N ILE J 60 3.63 -47.67 -19.12
CA ILE J 60 3.52 -48.01 -17.71
C ILE J 60 2.13 -48.58 -17.47
N ASP J 61 2.01 -49.39 -16.42
CA ASP J 61 0.74 -50.02 -16.07
C ASP J 61 -0.11 -49.10 -15.22
N ASP J 62 0.55 -48.24 -14.45
CA ASP J 62 -0.16 -47.44 -13.45
C ASP J 62 0.58 -46.16 -13.05
N TYR J 63 -0.16 -45.22 -12.46
CA TYR J 63 0.42 -44.00 -11.86
C TYR J 63 -0.14 -43.75 -10.47
N LEU J 64 0.76 -43.40 -9.55
CA LEU J 64 0.39 -43.03 -8.19
C LEU J 64 1.17 -41.80 -7.73
N ASP J 65 0.50 -40.94 -6.97
CA ASP J 65 1.19 -39.92 -6.21
C ASP J 65 2.07 -40.55 -5.14
N LYS J 66 3.22 -39.94 -4.88
CA LYS J 66 4.09 -40.39 -3.80
C LYS J 66 3.37 -40.51 -2.47
N THR J 67 2.34 -39.70 -2.25
CA THR J 67 1.62 -39.71 -0.96
C THR J 67 0.72 -40.92 -0.76
N GLU J 68 0.37 -41.63 -1.82
CA GLU J 68 -0.55 -42.74 -1.66
C GLU J 68 0.14 -44.08 -1.82
N PHE J 69 1.44 -44.05 -2.05
CA PHE J 69 2.15 -45.21 -2.55
C PHE J 69 2.62 -46.24 -1.52
N VAL J 70 3.32 -45.77 -0.49
CA VAL J 70 3.92 -46.68 0.48
C VAL J 70 2.88 -47.60 1.14
N GLU J 71 1.79 -47.00 1.64
CA GLU J 71 0.68 -47.75 2.21
C GLU J 71 0.16 -48.84 1.26
N ARG J 72 -0.08 -48.46 0.01
CA ARG J 72 -0.57 -49.41 -0.99
C ARG J 72 0.46 -50.48 -1.35
N PHE J 73 1.74 -50.12 -1.34
CA PHE J 73 2.83 -51.06 -1.63
C PHE J 73 3.03 -52.09 -0.51
N ALA J 74 2.99 -51.63 0.73
CA ALA J 74 3.18 -52.52 1.87
C ALA J 74 2.04 -53.51 1.99
N ARG J 75 0.84 -53.08 1.62
CA ARG J 75 -0.36 -53.88 1.74
C ARG J 75 -0.32 -55.08 0.81
N GLY J 76 0.30 -54.91 -0.35
CA GLY J 76 0.38 -55.97 -1.35
C GLY J 76 -0.46 -55.69 -2.59
N ASP J 77 -0.91 -54.44 -2.70
CA ASP J 77 -1.81 -54.05 -3.77
C ASP J 77 -1.27 -54.30 -5.17
N PHE J 78 0.06 -54.28 -5.35
CA PHE J 78 0.63 -54.40 -6.70
C PHE J 78 1.02 -55.82 -7.10
N GLY J 79 0.62 -56.79 -6.29
CA GLY J 79 0.95 -58.17 -6.56
C GLY J 79 2.42 -58.45 -6.32
N LYS J 80 2.96 -59.38 -7.11
CA LYS J 80 4.35 -59.79 -6.96
C LYS J 80 5.26 -58.80 -7.66
N VAL J 81 6.11 -58.13 -6.89
CA VAL J 81 6.97 -57.11 -7.44
C VAL J 81 8.42 -57.59 -7.47
N ARG J 82 9.01 -57.59 -8.66
CA ARG J 82 10.38 -58.06 -8.79
C ARG J 82 11.40 -57.04 -8.26
N ALA J 83 11.34 -55.80 -8.74
CA ALA J 83 12.30 -54.77 -8.34
C ALA J 83 11.67 -53.39 -8.19
N VAL J 84 12.19 -52.60 -7.26
CA VAL J 84 11.83 -51.19 -7.19
C VAL J 84 13.05 -50.32 -7.48
N PHE J 85 12.91 -49.41 -8.42
CA PHE J 85 13.93 -48.39 -8.65
C PHE J 85 13.53 -47.11 -7.91
N HIS J 86 14.17 -46.85 -6.78
CA HIS J 86 13.76 -45.76 -5.93
C HIS J 86 14.46 -44.47 -6.29
N GLU J 87 13.88 -43.70 -7.21
CA GLU J 87 14.51 -42.48 -7.70
C GLU J 87 13.84 -41.21 -7.17
N GLY J 88 12.65 -41.35 -6.62
CA GLY J 88 11.90 -40.21 -6.11
C GLY J 88 12.50 -39.66 -4.82
N ALA J 89 12.81 -38.37 -4.84
CA ALA J 89 13.35 -37.65 -3.68
C ALA J 89 13.26 -36.17 -3.99
N CYS J 90 13.23 -35.34 -2.95
CA CYS J 90 13.39 -33.92 -3.15
C CYS J 90 14.82 -33.71 -3.56
N SER J 91 15.01 -33.18 -4.75
CA SER J 91 16.34 -33.12 -5.34
C SER J 91 16.88 -31.69 -5.29
N ASP J 92 16.21 -30.85 -4.51
CA ASP J 92 16.55 -29.41 -4.42
C ASP J 92 17.52 -29.12 -3.28
N THR J 93 18.78 -28.91 -3.66
CA THR J 93 19.87 -28.63 -2.73
C THR J 93 19.66 -27.39 -1.86
N MET J 94 18.73 -26.52 -2.25
CA MET J 94 18.55 -25.25 -1.55
C MET J 94 17.25 -25.15 -0.77
N GLU J 95 16.56 -26.28 -0.68
CA GLU J 95 15.35 -26.40 0.14
C GLU J 95 15.72 -26.33 1.63
N THR J 96 14.99 -25.50 2.37
CA THR J 96 15.38 -25.18 3.75
C THR J 96 14.54 -25.85 4.84
N ASP J 97 13.39 -26.41 4.48
CA ASP J 97 12.62 -27.19 5.43
C ASP J 97 13.24 -28.60 5.58
N GLY J 98 14.05 -28.79 6.62
CA GLY J 98 14.76 -30.03 6.82
C GLY J 98 13.86 -31.15 7.33
N ARG J 99 12.76 -30.77 7.97
CA ARG J 99 11.78 -31.74 8.41
C ARG J 99 11.12 -32.40 7.20
N TYR J 100 10.72 -31.59 6.23
CA TYR J 100 10.24 -32.11 4.94
C TYR J 100 11.27 -32.99 4.25
N MET J 101 12.50 -32.48 4.14
CA MET J 101 13.60 -33.21 3.52
C MET J 101 13.87 -34.60 4.16
N MET J 102 13.96 -34.67 5.49
CA MET J 102 14.17 -35.96 6.14
C MET J 102 12.97 -36.89 5.92
N ASP J 103 11.79 -36.30 5.80
CA ASP J 103 10.58 -37.09 5.73
C ASP J 103 10.41 -37.69 4.36
N ASN J 104 10.59 -36.84 3.36
CA ASN J 104 10.30 -37.18 1.98
C ASN J 104 11.45 -38.00 1.37
N ASN J 105 12.67 -37.75 1.86
CA ASN J 105 13.84 -38.45 1.36
C ASN J 105 14.16 -39.65 2.26
N PHE J 106 14.57 -39.38 3.50
CA PHE J 106 15.02 -40.42 4.42
C PHE J 106 13.93 -41.40 4.90
N ARG J 107 12.92 -40.90 5.62
CA ARG J 107 11.87 -41.78 6.17
C ARG J 107 11.13 -42.52 5.06
N TYR J 108 10.93 -41.85 3.93
CA TYR J 108 10.23 -42.45 2.82
C TYR J 108 11.06 -43.61 2.25
N SER J 109 12.35 -43.37 2.03
CA SER J 109 13.27 -44.43 1.62
C SER J 109 13.27 -45.62 2.58
N ARG J 110 13.35 -45.36 3.88
CA ARG J 110 13.26 -46.45 4.87
C ARG J 110 12.01 -47.29 4.67
N ALA J 111 10.87 -46.60 4.51
CA ALA J 111 9.61 -47.28 4.35
C ALA J 111 9.58 -48.15 3.09
N VAL J 112 10.06 -47.60 1.98
CA VAL J 112 10.11 -48.38 0.74
C VAL J 112 11.03 -49.57 0.92
N LEU J 113 12.14 -49.34 1.63
CA LEU J 113 13.13 -50.38 1.88
C LEU J 113 12.52 -51.53 2.69
N ASP J 114 11.91 -51.20 3.81
CA ASP J 114 11.24 -52.19 4.65
C ASP J 114 10.26 -53.04 3.83
N ALA J 115 9.48 -52.40 2.96
CA ALA J 115 8.55 -53.16 2.13
C ALA J 115 9.26 -54.07 1.13
N CYS J 116 10.37 -53.60 0.57
CA CYS J 116 11.11 -54.44 -0.37
C CYS J 116 11.74 -55.65 0.31
N LEU J 117 12.14 -55.49 1.57
CA LEU J 117 12.74 -56.60 2.31
C LEU J 117 11.68 -57.64 2.62
N ALA J 118 10.54 -57.17 3.10
CA ALA J 118 9.46 -58.03 3.51
C ALA J 118 8.92 -58.89 2.36
N GLN J 119 8.97 -58.36 1.14
CA GLN J 119 8.42 -59.04 -0.04
C GLN J 119 9.47 -59.72 -0.88
N GLY J 120 10.74 -59.54 -0.51
CA GLY J 120 11.85 -60.14 -1.24
C GLY J 120 12.08 -59.52 -2.59
N ALA J 121 11.70 -58.25 -2.72
CA ALA J 121 11.91 -57.51 -3.96
C ALA J 121 13.27 -56.80 -4.02
N GLN J 122 13.85 -56.77 -5.20
CA GLN J 122 15.09 -56.04 -5.43
C GLN J 122 14.87 -54.57 -5.15
N PHE J 123 15.86 -53.93 -4.54
CA PHE J 123 15.78 -52.52 -4.16
C PHE J 123 17.00 -51.79 -4.67
N LEU J 124 16.81 -51.04 -5.75
CA LEU J 124 17.86 -50.20 -6.31
C LEU J 124 17.43 -48.75 -6.13
N TYR J 125 18.27 -47.93 -5.50
CA TYR J 125 17.88 -46.57 -5.14
C TYR J 125 18.95 -45.55 -5.47
N ALA J 126 18.53 -44.30 -5.62
CA ALA J 126 19.46 -43.20 -5.89
C ALA J 126 20.03 -42.67 -4.59
N SER J 127 21.34 -42.65 -4.50
CA SER J 127 22.02 -41.89 -3.47
C SER J 127 22.48 -40.61 -4.17
N SER J 128 23.60 -40.03 -3.74
CA SER J 128 24.08 -38.78 -4.31
C SER J 128 25.51 -38.47 -3.91
N ALA J 129 26.30 -37.92 -4.85
CA ALA J 129 27.69 -37.56 -4.54
C ALA J 129 27.79 -36.39 -3.55
N ALA J 130 26.69 -35.64 -3.40
CA ALA J 130 26.61 -34.58 -2.40
C ALA J 130 27.01 -35.05 -0.99
N ILE J 131 26.94 -36.36 -0.77
CA ILE J 131 27.35 -36.98 0.50
C ILE J 131 28.82 -36.70 0.80
N TYR J 132 29.61 -36.57 -0.26
CA TYR J 132 31.04 -36.37 -0.11
C TYR J 132 31.35 -34.97 0.42
N GLY J 133 30.60 -33.99 -0.06
CA GLY J 133 30.71 -32.63 0.43
C GLY J 133 32.09 -32.07 0.17
N GLY J 134 32.69 -31.50 1.20
CA GLY J 134 34.04 -30.95 1.09
C GLY J 134 35.09 -32.01 1.33
N SER J 135 34.86 -33.20 0.80
CA SER J 135 35.83 -34.27 0.93
C SER J 135 36.94 -34.07 -0.08
N SER J 136 38.04 -34.80 0.09
CA SER J 136 39.13 -34.82 -0.89
C SER J 136 39.21 -36.18 -1.58
N ARG J 137 38.79 -37.22 -0.88
CA ARG J 137 38.68 -38.55 -1.48
C ARG J 137 37.22 -38.84 -1.73
N PHE J 138 36.95 -39.76 -2.65
CA PHE J 138 35.56 -40.07 -3.00
C PHE J 138 35.29 -41.56 -3.03
N VAL J 139 35.61 -42.21 -1.92
CA VAL J 139 35.39 -43.65 -1.82
C VAL J 139 34.24 -44.00 -0.88
N GLU J 140 33.47 -45.01 -1.27
CA GLU J 140 32.32 -45.44 -0.51
C GLU J 140 32.68 -45.85 0.93
N GLU J 141 33.20 -44.87 1.68
CA GLU J 141 33.61 -45.06 3.07
C GLU J 141 33.10 -43.93 3.95
N ARG J 142 32.56 -44.28 5.11
CA ARG J 142 32.10 -43.34 6.14
C ARG J 142 33.08 -42.19 6.42
N GLU J 143 34.37 -42.51 6.45
CA GLU J 143 35.42 -41.57 6.85
C GLU J 143 35.48 -40.31 6.01
N VAL J 144 35.19 -40.43 4.73
CA VAL J 144 35.33 -39.28 3.84
C VAL J 144 34.00 -38.60 3.59
N GLU J 145 32.93 -39.15 4.15
CA GLU J 145 31.58 -38.61 3.99
C GLU J 145 31.28 -37.44 4.95
N ALA J 146 31.12 -36.24 4.40
CA ALA J 146 30.73 -35.05 5.18
C ALA J 146 29.84 -34.08 4.39
N PRO J 147 28.51 -34.32 4.38
CA PRO J 147 27.56 -33.56 3.57
C PRO J 147 27.41 -32.11 4.03
N LEU J 148 27.14 -31.20 3.08
CA LEU J 148 27.17 -29.76 3.35
C LEU J 148 25.81 -29.07 3.49
N ASN J 149 24.75 -29.78 3.11
CA ASN J 149 23.38 -29.24 3.21
C ASN J 149 22.42 -30.33 3.65
N VAL J 150 21.18 -29.98 3.94
CA VAL J 150 20.26 -30.96 4.50
C VAL J 150 19.86 -32.04 3.47
N TYR J 151 19.88 -31.66 2.21
CA TYR J 151 19.59 -32.61 1.14
C TYR J 151 20.62 -33.73 1.18
N GLY J 152 21.88 -33.34 1.29
CA GLY J 152 22.97 -34.29 1.30
C GLY J 152 22.92 -35.11 2.57
N TYR J 153 22.47 -34.49 3.65
CA TYR J 153 22.40 -35.23 4.90
C TYR J 153 21.30 -36.28 4.80
N SER J 154 20.21 -35.97 4.12
CA SER J 154 19.14 -36.97 3.94
C SER J 154 19.62 -38.20 3.14
N LYS J 155 20.42 -37.98 2.10
CA LYS J 155 21.05 -39.08 1.37
C LYS J 155 22.10 -39.81 2.21
N PHE J 156 22.97 -39.03 2.85
CA PHE J 156 24.01 -39.58 3.72
C PHE J 156 23.45 -40.54 4.77
N LEU J 157 22.38 -40.12 5.44
CA LEU J 157 21.90 -40.89 6.57
C LEU J 157 21.25 -42.15 6.08
N PHE J 158 20.63 -42.10 4.91
CA PHE J 158 19.97 -43.29 4.44
C PHE J 158 21.04 -44.36 4.17
N ASP J 159 22.12 -43.95 3.51
CA ASP J 159 23.26 -44.84 3.26
C ASP J 159 23.85 -45.49 4.52
N GLN J 160 23.89 -44.74 5.63
CA GLN J 160 24.34 -45.33 6.90
C GLN J 160 23.43 -46.47 7.31
N VAL J 161 22.13 -46.31 7.07
CA VAL J 161 21.16 -47.34 7.44
C VAL J 161 21.32 -48.57 6.55
N ILE J 162 21.55 -48.31 5.26
CA ILE J 162 21.77 -49.37 4.28
C ILE J 162 22.97 -50.26 4.67
N ARG J 163 24.06 -49.64 5.13
CA ARG J 163 25.23 -50.39 5.59
C ARG J 163 24.90 -51.26 6.79
N ARG J 164 24.05 -50.75 7.67
CA ARG J 164 23.64 -51.49 8.86
C ARG J 164 22.74 -52.68 8.55
N VAL J 165 22.02 -52.62 7.43
CA VAL J 165 20.93 -53.58 7.12
C VAL J 165 21.34 -54.60 6.05
N MET J 166 22.18 -54.17 5.12
CA MET J 166 22.65 -55.00 4.01
C MET J 166 23.25 -56.38 4.35
N PRO J 167 24.07 -56.47 5.44
CA PRO J 167 24.69 -57.76 5.77
C PRO J 167 23.68 -58.86 6.15
N GLY J 168 22.46 -58.46 6.51
CA GLY J 168 21.44 -59.42 6.91
C GLY J 168 20.26 -59.48 5.96
N ALA J 169 20.44 -58.92 4.78
CA ALA J 169 19.37 -58.83 3.80
C ALA J 169 19.38 -59.99 2.81
N LYS J 170 18.19 -60.55 2.58
CA LYS J 170 18.01 -61.70 1.69
C LYS J 170 17.62 -61.32 0.25
N SER J 171 17.43 -60.02 -0.01
CA SER J 171 17.13 -59.53 -1.36
C SER J 171 18.11 -58.42 -1.76
N GLN J 172 18.12 -58.05 -3.03
CA GLN J 172 19.09 -57.05 -3.52
C GLN J 172 18.90 -55.68 -2.89
N ILE J 173 20.04 -55.07 -2.54
CA ILE J 173 20.08 -53.66 -2.13
C ILE J 173 21.24 -53.01 -2.88
N ALA J 174 20.89 -52.26 -3.92
CA ALA J 174 21.90 -51.55 -4.71
C ALA J 174 21.64 -50.04 -4.73
N GLY J 175 22.55 -49.28 -4.12
CA GLY J 175 22.43 -47.83 -4.13
C GLY J 175 23.47 -47.15 -4.99
N PHE J 176 23.07 -46.11 -5.72
CA PHE J 176 24.00 -45.43 -6.62
C PHE J 176 24.22 -43.94 -6.34
N ARG J 177 25.38 -43.60 -5.78
CA ARG J 177 25.76 -42.20 -5.64
C ARG J 177 26.04 -41.58 -7.01
N TYR J 178 25.02 -41.01 -7.62
CA TYR J 178 25.20 -40.34 -8.89
C TYR J 178 26.06 -39.11 -8.65
N PHE J 179 26.80 -38.71 -9.68
CA PHE J 179 27.55 -37.46 -9.65
C PHE J 179 26.77 -36.42 -10.47
N ASN J 180 27.43 -35.66 -11.31
CA ASN J 180 26.72 -34.66 -12.11
C ASN J 180 26.06 -35.24 -13.35
N VAL J 181 24.87 -35.80 -13.15
CA VAL J 181 24.11 -36.40 -14.22
C VAL J 181 23.59 -35.32 -15.17
N TYR J 182 23.55 -35.64 -16.46
CA TYR J 182 23.03 -34.75 -17.50
C TYR J 182 22.45 -35.59 -18.61
N GLY J 183 21.55 -35.00 -19.39
CA GLY J 183 20.89 -35.72 -20.47
C GLY J 183 19.41 -35.39 -20.64
N PRO J 184 18.76 -36.05 -21.61
CA PRO J 184 17.35 -35.87 -21.95
C PRO J 184 16.39 -36.08 -20.78
N ARG J 185 15.32 -35.27 -20.74
CA ARG J 185 14.22 -35.34 -19.77
C ARG J 185 14.51 -34.66 -18.43
N GLU J 186 15.26 -33.56 -18.46
CA GLU J 186 15.48 -32.78 -17.25
C GLU J 186 14.95 -31.35 -17.43
N SER J 187 14.37 -31.07 -18.60
CA SER J 187 13.79 -29.76 -18.94
C SER J 187 12.98 -29.07 -17.83
N HIS J 188 12.43 -29.88 -16.94
CA HIS J 188 11.50 -29.45 -15.92
C HIS J 188 12.24 -29.10 -14.63
N LYS J 189 13.56 -29.26 -14.60
CA LYS J 189 14.29 -29.17 -13.33
C LYS J 189 14.64 -27.75 -12.91
N GLY J 190 14.45 -26.80 -13.84
CA GLY J 190 14.74 -25.40 -13.58
C GLY J 190 16.18 -25.12 -13.13
N ARG J 191 16.33 -24.54 -11.95
CA ARG J 191 17.64 -24.23 -11.40
C ARG J 191 18.45 -25.47 -11.00
N MET J 192 17.77 -26.56 -10.64
CA MET J 192 18.47 -27.80 -10.29
C MET J 192 18.90 -28.59 -11.54
N ALA J 193 18.50 -28.11 -12.72
CA ALA J 193 18.90 -28.76 -13.98
C ALA J 193 20.42 -28.65 -14.22
N SER J 194 20.95 -29.47 -15.12
CA SER J 194 22.40 -29.49 -15.32
C SER J 194 22.89 -28.17 -15.93
N VAL J 195 24.21 -27.95 -15.85
CA VAL J 195 24.80 -26.75 -16.41
C VAL J 195 24.81 -26.83 -17.93
N ALA J 196 25.00 -28.02 -18.47
CA ALA J 196 24.87 -28.24 -19.90
C ALA J 196 23.53 -27.70 -20.40
N PHE J 197 22.44 -28.09 -19.74
CA PHE J 197 21.11 -27.70 -20.17
C PHE J 197 20.85 -26.20 -20.02
N HIS J 198 21.34 -25.62 -18.91
CA HIS J 198 21.28 -24.17 -18.70
C HIS J 198 21.97 -23.38 -19.81
N ASN J 199 23.21 -23.77 -20.11
CA ASN J 199 24.03 -23.11 -21.13
C ASN J 199 23.37 -23.17 -22.51
N PHE J 200 22.70 -24.28 -22.78
CA PHE J 200 21.94 -24.42 -24.03
C PHE J 200 20.89 -23.32 -24.17
N ASN J 201 20.06 -23.17 -23.14
CA ASN J 201 18.99 -22.16 -23.14
C ASN J 201 19.51 -20.73 -23.04
N GLN J 202 20.44 -20.51 -22.11
CA GLN J 202 21.13 -19.23 -21.97
C GLN J 202 21.66 -18.74 -23.31
N PHE J 203 22.17 -19.69 -24.10
CA PHE J 203 22.78 -19.34 -25.39
C PHE J 203 21.74 -19.13 -26.50
N ARG J 204 20.62 -19.83 -26.41
CA ARG J 204 19.54 -19.61 -27.36
C ARG J 204 18.90 -18.23 -27.13
N ALA J 205 19.15 -17.66 -25.94
CA ALA J 205 18.45 -16.46 -25.49
C ALA J 205 19.31 -15.19 -25.48
N GLU J 206 20.53 -15.28 -24.95
CA GLU J 206 21.39 -14.11 -24.86
C GLU J 206 22.75 -14.30 -25.57
N GLY J 207 22.87 -15.36 -26.36
CA GLY J 207 24.09 -15.63 -27.12
C GLY J 207 25.34 -15.87 -26.29
N LYS J 208 25.17 -16.05 -24.98
CA LYS J 208 26.30 -16.25 -24.07
C LYS J 208 25.93 -17.12 -22.85
N VAL J 209 26.88 -17.93 -22.41
CA VAL J 209 26.66 -18.79 -21.25
C VAL J 209 27.13 -18.12 -19.96
N LYS J 210 26.72 -18.67 -18.82
CA LYS J 210 27.02 -18.10 -17.50
C LYS J 210 27.48 -19.16 -16.49
N LEU J 211 28.48 -18.79 -15.68
CA LEU J 211 29.05 -19.69 -14.68
C LEU J 211 29.46 -18.93 -13.42
N PHE J 212 29.91 -19.66 -12.40
CA PHE J 212 30.34 -19.01 -11.15
C PHE J 212 31.77 -18.44 -11.23
N GLY J 213 32.03 -17.41 -10.43
CA GLY J 213 33.34 -16.79 -10.33
C GLY J 213 34.19 -17.49 -9.30
N GLU J 214 35.21 -16.80 -8.80
CA GLU J 214 36.12 -17.40 -7.81
C GLU J 214 35.45 -17.69 -6.47
N TYR J 215 35.68 -18.91 -5.97
CA TYR J 215 35.23 -19.33 -4.65
C TYR J 215 36.19 -20.38 -4.10
N SER J 216 36.67 -20.14 -2.88
CA SER J 216 37.54 -21.07 -2.14
C SER J 216 38.84 -21.45 -2.86
N GLY J 217 39.36 -20.52 -3.67
CA GLY J 217 40.63 -20.74 -4.35
C GLY J 217 40.50 -21.39 -5.72
N TYR J 218 39.26 -21.50 -6.20
CA TYR J 218 39.01 -21.99 -7.55
C TYR J 218 38.64 -20.81 -8.45
N GLY J 219 39.50 -20.51 -9.42
CA GLY J 219 39.26 -19.42 -10.35
C GLY J 219 37.94 -19.56 -11.10
N PRO J 220 37.53 -18.50 -11.81
CA PRO J 220 36.28 -18.44 -12.58
C PRO J 220 36.04 -19.65 -13.51
N GLY J 221 35.16 -20.56 -13.08
CA GLY J 221 34.74 -21.69 -13.89
C GLY J 221 35.66 -22.90 -13.81
N GLU J 222 36.60 -22.85 -12.87
CA GLU J 222 37.61 -23.90 -12.76
C GLU J 222 37.23 -24.99 -11.77
N GLN J 223 36.14 -24.79 -11.03
CA GLN J 223 35.62 -25.86 -10.18
C GLN J 223 35.30 -27.06 -11.07
N THR J 224 35.59 -28.26 -10.57
CA THR J 224 35.48 -29.45 -11.41
C THR J 224 34.47 -30.48 -10.87
N ARG J 225 33.81 -31.16 -11.80
CA ARG J 225 32.83 -32.19 -11.48
C ARG J 225 32.97 -33.41 -12.39
N ASP J 226 32.48 -34.54 -11.92
CA ASP J 226 32.43 -35.74 -12.71
C ASP J 226 31.08 -35.77 -13.44
N PHE J 227 31.10 -35.53 -14.74
CA PHE J 227 29.85 -35.46 -15.50
C PHE J 227 29.50 -36.80 -16.17
N VAL J 228 28.46 -37.47 -15.68
CA VAL J 228 27.94 -38.71 -16.28
C VAL J 228 26.67 -38.43 -17.05
N SER J 229 26.46 -39.12 -18.17
CA SER J 229 25.20 -38.98 -18.89
C SER J 229 24.18 -39.97 -18.33
N VAL J 230 22.88 -39.66 -18.50
CA VAL J 230 21.82 -40.56 -18.05
C VAL J 230 21.90 -41.89 -18.76
N GLU J 231 22.41 -41.87 -20.00
CA GLU J 231 22.60 -43.10 -20.75
C GLU J 231 23.43 -44.09 -19.92
N ASP J 232 24.52 -43.61 -19.34
CA ASP J 232 25.33 -44.49 -18.51
C ASP J 232 24.61 -44.88 -17.22
N VAL J 233 23.99 -43.92 -16.56
CA VAL J 233 23.20 -44.19 -15.36
C VAL J 233 22.13 -45.28 -15.62
N ALA J 234 21.43 -45.17 -16.74
CA ALA J 234 20.46 -46.18 -17.15
C ALA J 234 21.12 -47.53 -17.32
N LYS J 235 22.30 -47.55 -17.93
CA LYS J 235 23.01 -48.81 -18.17
C LYS J 235 23.44 -49.48 -16.87
N VAL J 236 24.09 -48.72 -15.97
CA VAL J 236 24.52 -49.28 -14.70
C VAL J 236 23.34 -49.84 -13.93
N ASN J 237 22.25 -49.07 -13.87
CA ASN J 237 21.05 -49.51 -13.19
C ASN J 237 20.53 -50.84 -13.74
N LEU J 238 20.45 -50.94 -15.06
CA LEU J 238 19.98 -52.15 -15.73
C LEU J 238 20.91 -53.33 -15.45
N TYR J 239 22.21 -53.06 -15.49
CA TYR J 239 23.18 -54.09 -15.11
C TYR J 239 22.84 -54.72 -13.75
N PHE J 240 22.77 -53.92 -12.70
CA PHE J 240 22.47 -54.45 -11.36
C PHE J 240 21.09 -55.08 -11.29
N PHE J 241 20.17 -54.57 -12.08
CA PHE J 241 18.86 -55.18 -12.20
C PHE J 241 19.00 -56.63 -12.69
N ASP J 242 19.85 -56.82 -13.70
CA ASP J 242 20.14 -58.15 -14.23
C ASP J 242 20.94 -59.04 -13.27
N HIS J 243 21.58 -58.45 -12.25
CA HIS J 243 22.37 -59.23 -11.30
C HIS J 243 21.87 -59.11 -9.86
N PRO J 244 20.72 -59.71 -9.55
CA PRO J 244 20.14 -59.68 -8.20
C PRO J 244 21.11 -60.06 -7.10
N GLU J 245 22.12 -60.86 -7.45
CA GLU J 245 23.06 -61.40 -6.46
C GLU J 245 24.07 -60.36 -5.94
N LYS J 246 24.19 -59.23 -6.65
CA LYS J 246 25.10 -58.14 -6.26
C LYS J 246 24.41 -57.02 -5.47
N SER J 247 24.88 -56.76 -4.26
CA SER J 247 24.40 -55.65 -3.43
C SER J 247 25.52 -54.64 -3.16
N GLY J 248 25.17 -53.49 -2.60
CA GLY J 248 26.20 -52.52 -2.27
C GLY J 248 25.87 -51.10 -2.65
N ILE J 249 26.64 -50.17 -2.09
CA ILE J 249 26.58 -48.77 -2.44
C ILE J 249 27.76 -48.48 -3.37
N PHE J 250 27.47 -47.97 -4.56
CA PHE J 250 28.51 -47.72 -5.55
C PHE J 250 28.47 -46.29 -6.05
N ASN J 251 29.64 -45.66 -6.16
CA ASN J 251 29.78 -44.42 -6.92
C ASN J 251 29.32 -44.69 -8.34
N LEU J 252 28.63 -43.73 -8.94
CA LEU J 252 28.32 -43.82 -10.36
C LEU J 252 28.72 -42.52 -11.00
N GLY J 253 29.97 -42.48 -11.45
CA GLY J 253 30.48 -41.36 -12.22
C GLY J 253 31.30 -41.90 -13.38
N THR J 254 31.98 -41.03 -14.12
CA THR J 254 32.85 -41.47 -15.20
C THR J 254 34.24 -41.82 -14.69
N GLY J 255 34.70 -41.12 -13.67
CA GLY J 255 36.03 -41.34 -13.13
C GLY J 255 36.99 -40.25 -13.52
N ARG J 256 36.54 -39.37 -14.43
CA ARG J 256 37.37 -38.27 -14.91
C ARG J 256 36.75 -36.89 -14.68
N ALA J 257 37.28 -36.15 -13.71
CA ALA J 257 36.79 -34.80 -13.39
C ALA J 257 37.24 -33.75 -14.42
N GLN J 258 36.27 -33.00 -14.95
CA GLN J 258 36.55 -31.86 -15.83
C GLN J 258 35.99 -30.60 -15.18
N PRO J 259 36.53 -29.43 -15.53
CA PRO J 259 35.92 -28.20 -14.96
C PRO J 259 34.67 -27.75 -15.70
N PHE J 260 33.90 -26.87 -15.07
CA PHE J 260 32.68 -26.33 -15.69
C PHE J 260 32.96 -25.63 -17.01
N ASN J 261 34.16 -25.04 -17.12
CA ASN J 261 34.65 -24.48 -18.38
C ASN J 261 34.53 -25.49 -19.53
N ASP J 262 34.76 -26.78 -19.24
CA ASP J 262 34.68 -27.85 -20.25
C ASP J 262 33.27 -27.99 -20.81
N ILE J 263 32.28 -27.85 -19.94
CA ILE J 263 30.88 -27.94 -20.36
C ILE J 263 30.52 -26.71 -21.19
N ALA J 264 30.64 -25.54 -20.56
CA ALA J 264 30.32 -24.24 -21.17
C ALA J 264 30.88 -24.12 -22.58
N ALA J 265 32.17 -24.45 -22.72
CA ALA J 265 32.85 -24.46 -24.01
C ALA J 265 32.28 -25.50 -24.98
N THR J 266 32.00 -26.70 -24.49
CA THR J 266 31.51 -27.76 -25.37
C THR J 266 30.11 -27.42 -25.91
N VAL J 267 29.33 -26.66 -25.14
CA VAL J 267 27.97 -26.26 -25.56
C VAL J 267 28.01 -25.19 -26.65
N VAL J 268 28.54 -24.02 -26.28
CA VAL J 268 28.76 -22.90 -27.19
C VAL J 268 29.36 -23.38 -28.52
N ASN J 269 30.43 -24.16 -28.45
CA ASN J 269 31.04 -24.73 -29.66
C ASN J 269 30.08 -25.62 -30.43
N THR J 270 29.39 -26.53 -29.75
CA THR J 270 28.46 -27.43 -30.42
C THR J 270 27.34 -26.59 -31.04
N LEU J 271 26.76 -25.70 -30.23
CA LEU J 271 25.72 -24.79 -30.72
C LEU J 271 26.21 -23.83 -31.81
N ARG J 272 27.53 -23.64 -31.89
CA ARG J 272 28.15 -22.88 -32.97
C ARG J 272 28.27 -23.76 -34.20
N ALA J 273 28.82 -24.97 -34.03
CA ALA J 273 28.99 -25.92 -35.13
C ALA J 273 27.64 -26.51 -35.61
N LEU J 274 26.57 -25.79 -35.30
CA LEU J 274 25.25 -26.03 -35.86
C LEU J 274 24.85 -24.74 -36.57
N GLU J 275 25.85 -23.87 -36.74
CA GLU J 275 25.73 -22.62 -37.49
C GLU J 275 26.96 -22.41 -38.41
N GLY J 276 27.68 -23.50 -38.68
CA GLY J 276 28.89 -23.44 -39.49
C GLY J 276 30.10 -22.92 -38.72
N GLN J 277 29.84 -21.99 -37.82
CA GLN J 277 30.83 -21.34 -36.95
C GLN J 277 31.88 -22.30 -36.37
N PRO J 278 33.17 -21.96 -36.54
CA PRO J 278 34.31 -22.76 -36.07
C PRO J 278 34.45 -22.84 -34.54
N ALA J 279 35.41 -23.63 -34.07
CA ALA J 279 35.59 -23.90 -32.64
C ALA J 279 36.60 -22.98 -31.97
N LEU J 280 36.27 -22.55 -30.75
CA LEU J 280 37.13 -21.65 -29.96
C LEU J 280 37.76 -22.36 -28.78
N THR J 281 38.92 -21.87 -28.35
CA THR J 281 39.49 -22.27 -27.08
C THR J 281 38.71 -21.54 -26.00
N LEU J 282 38.98 -21.86 -24.73
CA LEU J 282 38.29 -21.18 -23.61
C LEU J 282 38.57 -19.68 -23.53
N ALA J 283 39.86 -19.30 -23.62
CA ALA J 283 40.25 -17.89 -23.53
C ALA J 283 39.70 -17.01 -24.67
N GLU J 284 39.44 -17.62 -25.83
CA GLU J 284 38.84 -16.92 -26.97
C GLU J 284 37.35 -16.62 -26.73
N GLN J 285 36.67 -17.56 -26.08
CA GLN J 285 35.25 -17.40 -25.74
C GLN J 285 35.00 -16.36 -24.65
N VAL J 286 35.94 -16.18 -23.72
CA VAL J 286 35.84 -15.13 -22.70
C VAL J 286 35.94 -13.71 -23.27
N GLU J 287 36.99 -13.47 -24.06
CA GLU J 287 37.21 -12.17 -24.69
C GLU J 287 36.05 -11.74 -25.60
N GLN J 288 35.45 -12.71 -26.28
CA GLN J 288 34.30 -12.45 -27.14
C GLN J 288 32.99 -12.43 -26.32
N GLY J 289 33.12 -12.55 -25.00
CA GLY J 289 32.00 -12.44 -24.07
C GLY J 289 31.05 -13.64 -24.04
N LEU J 290 31.40 -14.69 -24.78
CA LEU J 290 30.57 -15.91 -24.86
C LEU J 290 30.60 -16.74 -23.57
N VAL J 291 31.40 -16.30 -22.61
CA VAL J 291 31.51 -16.94 -21.29
C VAL J 291 31.75 -15.86 -20.24
N GLU J 292 30.68 -15.41 -19.58
CA GLU J 292 30.85 -14.42 -18.51
C GLU J 292 30.65 -15.04 -17.13
N TYR J 293 31.23 -14.44 -16.11
CA TYR J 293 31.11 -15.03 -14.78
C TYR J 293 30.22 -14.23 -13.83
N VAL J 294 29.56 -14.96 -12.94
CA VAL J 294 28.60 -14.39 -12.02
C VAL J 294 29.21 -14.46 -10.63
N PRO J 295 29.06 -13.37 -9.86
CA PRO J 295 29.61 -13.39 -8.49
C PRO J 295 28.96 -14.51 -7.68
N PHE J 296 29.80 -15.32 -7.06
CA PHE J 296 29.32 -16.45 -6.26
C PHE J 296 28.34 -15.97 -5.18
N PRO J 297 27.17 -16.64 -5.10
CA PRO J 297 26.08 -16.35 -4.15
C PRO J 297 26.50 -16.62 -2.71
N ASP J 298 26.29 -15.64 -1.83
CA ASP J 298 26.58 -15.78 -0.41
C ASP J 298 25.71 -16.86 0.25
N ALA J 299 24.50 -17.06 -0.29
CA ALA J 299 23.56 -18.05 0.22
C ALA J 299 24.03 -19.48 -0.05
N LEU J 300 25.11 -19.60 -0.82
CA LEU J 300 25.62 -20.92 -1.21
C LEU J 300 26.98 -21.24 -0.58
N ARG J 301 27.53 -20.29 0.18
CA ARG J 301 28.88 -20.43 0.76
C ARG J 301 28.99 -21.41 1.95
N GLY J 302 29.94 -22.34 1.86
CA GLY J 302 30.11 -23.39 2.85
C GLY J 302 29.15 -24.55 2.60
N LYS J 303 28.52 -24.54 1.43
CA LYS J 303 27.50 -25.52 1.05
C LYS J 303 27.65 -25.95 -0.42
N TYR J 304 28.81 -25.65 -1.01
CA TYR J 304 29.08 -25.93 -2.42
C TYR J 304 30.35 -26.77 -2.60
N GLN J 305 30.24 -27.89 -3.32
CA GLN J 305 31.38 -28.73 -3.65
C GLN J 305 32.19 -28.12 -4.79
N CYS J 306 33.49 -27.94 -4.58
CA CYS J 306 34.35 -27.34 -5.59
C CYS J 306 35.11 -28.39 -6.43
N PHE J 307 35.14 -29.63 -5.92
CA PHE J 307 35.77 -30.74 -6.62
C PHE J 307 35.05 -32.06 -6.35
N THR J 308 34.67 -32.78 -7.42
CA THR J 308 34.28 -34.19 -7.35
C THR J 308 34.97 -35.01 -8.45
N GLN J 309 35.25 -36.26 -8.13
CA GLN J 309 35.70 -37.25 -9.11
C GLN J 309 35.46 -38.63 -8.53
N ALA J 310 34.66 -39.44 -9.22
CA ALA J 310 34.30 -40.74 -8.69
C ALA J 310 35.49 -41.70 -8.65
N ASP J 311 35.51 -42.53 -7.62
CA ASP J 311 36.43 -43.64 -7.55
C ASP J 311 35.71 -44.91 -7.96
N GLN J 312 35.98 -45.36 -9.18
CA GLN J 312 35.20 -46.44 -9.79
C GLN J 312 35.63 -47.83 -9.34
N THR J 313 36.57 -47.90 -8.40
CA THR J 313 37.14 -49.19 -7.99
C THR J 313 36.09 -50.21 -7.58
N LYS J 314 35.21 -49.82 -6.66
CA LYS J 314 34.20 -50.74 -6.15
C LYS J 314 33.17 -51.14 -7.24
N LEU J 315 33.00 -50.27 -8.23
CA LEU J 315 32.04 -50.45 -9.32
C LEU J 315 32.59 -51.44 -10.36
N ARG J 316 33.84 -51.21 -10.74
CA ARG J 316 34.54 -52.10 -11.66
C ARG J 316 34.64 -53.48 -11.01
N ALA J 317 35.09 -53.52 -9.77
CA ALA J 317 35.16 -54.76 -9.00
C ALA J 317 33.85 -55.56 -8.95
N ALA J 318 32.74 -54.90 -9.21
CA ALA J 318 31.43 -55.56 -9.13
C ALA J 318 31.04 -56.13 -10.48
N GLY J 319 31.82 -55.81 -11.50
CA GLY J 319 31.53 -56.35 -12.81
C GLY J 319 31.11 -55.35 -13.87
N TYR J 320 30.71 -54.14 -13.48
CA TYR J 320 30.42 -53.15 -14.51
C TYR J 320 31.72 -52.67 -15.17
N ASP J 321 32.10 -53.33 -16.27
CA ASP J 321 33.35 -53.02 -16.95
C ASP J 321 33.21 -52.11 -18.17
N ALA J 322 31.97 -51.87 -18.60
CA ALA J 322 31.70 -51.04 -19.76
C ALA J 322 32.30 -49.65 -19.60
N PRO J 323 32.68 -49.02 -20.74
CA PRO J 323 33.23 -47.65 -20.67
C PRO J 323 32.14 -46.62 -20.40
N PHE J 324 32.54 -45.38 -20.13
CA PHE J 324 31.62 -44.29 -19.87
C PHE J 324 31.82 -43.20 -20.88
N LEU J 325 30.74 -42.62 -21.39
CA LEU J 325 30.82 -41.48 -22.30
C LEU J 325 31.61 -40.34 -21.68
N THR J 326 32.52 -39.74 -22.45
CA THR J 326 33.20 -38.53 -21.99
C THR J 326 32.26 -37.33 -22.12
N VAL J 327 32.66 -36.22 -21.50
CA VAL J 327 31.93 -34.96 -21.60
C VAL J 327 31.79 -34.57 -23.06
N GLN J 328 32.88 -34.70 -23.80
CA GLN J 328 32.91 -34.32 -25.19
C GLN J 328 31.89 -35.07 -26.05
N GLU J 329 31.78 -36.39 -25.88
CA GLU J 329 30.80 -37.17 -26.65
C GLU J 329 29.38 -36.85 -26.18
N GLY J 330 29.15 -37.06 -24.89
CA GLY J 330 27.82 -36.94 -24.28
C GLY J 330 27.14 -35.58 -24.42
N VAL J 331 27.79 -34.53 -23.90
CA VAL J 331 27.27 -33.17 -24.01
C VAL J 331 26.99 -32.78 -25.45
N ASP J 332 27.78 -33.31 -26.38
CA ASP J 332 27.51 -33.12 -27.81
C ASP J 332 26.19 -33.77 -28.22
N ARG J 333 26.05 -35.06 -27.96
CA ARG J 333 24.84 -35.80 -28.34
C ARG J 333 23.61 -35.15 -27.73
N TYR J 334 23.78 -34.64 -26.51
CA TYR J 334 22.72 -33.99 -25.75
C TYR J 334 22.31 -32.66 -26.40
N VAL J 335 23.28 -31.79 -26.64
CA VAL J 335 23.03 -30.51 -27.31
C VAL J 335 22.30 -30.72 -28.63
N ARG J 336 22.74 -31.70 -29.41
CA ARG J 336 22.11 -32.02 -30.69
C ARG J 336 20.69 -32.52 -30.51
N TRP J 337 20.45 -33.32 -29.47
CA TRP J 337 19.10 -33.79 -29.16
C TRP J 337 18.22 -32.62 -28.70
N LEU J 338 18.82 -31.75 -27.88
CA LEU J 338 18.18 -30.52 -27.43
C LEU J 338 17.90 -29.59 -28.61
N PHE J 339 18.77 -29.61 -29.61
CA PHE J 339 18.58 -28.80 -30.81
C PHE J 339 17.35 -29.29 -31.59
N GLY J 340 17.08 -30.59 -31.53
CA GLY J 340 15.87 -31.16 -32.06
C GLY J 340 14.62 -30.57 -31.40
N GLN J 341 14.12 -29.50 -31.98
CA GLN J 341 12.92 -28.81 -31.51
C GLN J 341 12.44 -27.74 -32.54
N LEU J 342 13.33 -27.37 -33.46
CA LEU J 342 13.05 -26.39 -34.52
C LEU J 342 13.95 -26.63 -35.74
#